data_6FO2
#
_entry.id   6FO2
#
_cell.length_a   1.000
_cell.length_b   1.000
_cell.length_c   1.000
_cell.angle_alpha   90.00
_cell.angle_beta   90.00
_cell.angle_gamma   90.00
#
_symmetry.space_group_name_H-M   'P 1'
#
loop_
_entity.id
_entity.type
_entity.pdbx_description
1 polymer 'Cytochrome b-c1 complex subunit 1, mitochondrial'
2 polymer 'Cytochrome b-c1 complex subunit 2, mitochondrial'
3 polymer 'Cytochrome b'
4 polymer 'Cytochrome c1, heme protein, mitochondrial'
5 polymer 'Cytochrome b-c1 complex subunit Rieske, mitochondrial'
6 polymer 'Cytochrome b-c1 complex subunit 7'
7 polymer 'Cytochrome b-c1 complex subunit 8'
8 polymer 'Cytochrome b-c1 complex subunit 6, mitochondrial'
9 polymer 'Cytochrome b-c1 complex subunit Rieske, mitochondrial'
10 polymer 'Cytochrome b-c1 complex subunit 9'
11 non-polymer 'PROTOPORPHYRIN IX CONTAINING FE'
12 non-polymer 'HEME C'
#
loop_
_entity_poly.entity_id
_entity_poly.type
_entity_poly.pdbx_seq_one_letter_code
_entity_poly.pdbx_strand_id
1 'polypeptide(L)'
;MAASAVCRAAGAGTRVLLRTRRSPALLRSSDLRGTATYAQALQSVPETQVSQLDNGLRVASEQSSQPTCTVGVWIDAGSR
YESEKNNGAGYFVEHLAFKGTKNRPGNALEKEVESMGAHLNAYSTREHTAYYIKALSKDLPKAVELLADIVQNCSLEDSQ
IEKERDVILQELQENDTSMRDVVFNYLHATAFQGTPLAQSVEGPSENVRKLSRADLTEYLSRHYKAPRMVLAAAGGLEHR
QLLDLAQKHFSGLSGTYDEDAVPTLSPCRFTGSQICHREDGLPLAHVAIAVEGPGWAHPDNVALQVANAIIGHYDCTYGG
GAHLSSPLASIAATNKLCQSFQTFNICYADTGLLGAHFVCDHMSIDDMMFVLQGQWMRLCTSATESEVLRGKNLLRNALV
SHLDGTTPVCEDIGRSLLTYGRRIPLAEWESRIAEVDARVVREVCSKYFYDQCPAVAGFGPIEQLPDYNRIRSGMFWLRF
;
N,A
2 'polypeptide(L)'
;MKLLTRAGSLSRFYSLKVAPKVKATEAPAGVPPHPQDLEFTRLPNGLVIASLENYAPASRIGLFIKAGSRYENSNNLGTS
HLLRLASSLTTKGASSFKITRGIEAVGGKLSVTSTRENMAYTVECLRDDVDILMEFLLNVTTAPEFRRWEVAALQPQLRI
DKAVALQNPQAHVIENLHAAAYRNALANSLYCPDYRIGKVTPVELHDYVQNHFTSARMALIGLGVSHPVLKQVAEQFLNI
RGGLGLSGAKAKYHGGEIREQNGDSLVHAALVAESAAIGSAEANAFSVLQHVLGAGPHVKRGSNATSSLYQAVAKGVHEP
FDVSAFNASYSDSGLFGFYTISQAASAGDVIKAAYNQVKTIAQGNLSNPDVQAAKNKLKAGYLMSVESSEGFLDEVGSQA
LAAGSYTPPSTVLQQIDAVADADVINAAKKFVSGRKSMAASGNLGHTPFIDEL
;
O,B
3 'polypeptide(L)'
;MTNIRKSHPLMKIVNNAFIDLPAPSNISSWWNFGSLLGICLILQILTGLFLAMHYTSDTTTAFSSVTHICRDVNYGWIIR
YMHANGASMFFICLYMHVGRGLYYGSYTFLETWNIGVILLLTVMATAFMGYVLPWGQMSFWGATVITNLLSAIPYIGTNL
VEWIWGGFSVDKATLTRFFAFHFILPFIIMAIAMVHLLFLHETGSNNPTGISSDVDKIPFHPYYTIKDILGALLLILALM
LLVLFAPDLLGDPDNYTPANPLNTPPHIKPEWYFLFAYAILRSIPNKLGGVLALAFSILILALIPLLHTSKQRSMMFRPL
SQCLFWALVADLLTLTWIGGQPVEHPYITIGQLASVLYFLLILVLMPTAGTIENKLLKW
;
P,C
4 'polypeptide(L)'
;MAAAAATLRGAMVGPRGAGLPGARARGLLCGARPGQLPLRTPQAVSLSSKSGLSRGRKVILSALGMLAAGGAGLAVALHS
AVSASDLELHPPSYPWSHRGLLSSLDHTSIRRGFQVYKQVCSSCHSMDYVAYRHLVGVCYTEDEAKALAEEVEVQDGPNE
DGEMFMRPGKLSDYFPKPYPNPEAARAANNGALPPDLSYIVRARHGGEDYVFSLLTGYCEPPTGVSLREGLYFNPYFPGQ
AIGMAPPIYNEVLEFDDGTPATMSQVAKDVCTFLRWAAEPEHDHRKRMGLKMLLMMGLLLPLVYAMKRHKWSVLKSRKLA
YRPPK
;
Q,D
5 'polypeptide(L)'
;MLSVAARSGPFAPVLSATSRGVAGALRPLVQAAVPATSESPVLDLKRSVLCRESLRGQAAGRPLVASVSLNVPASVRYSH
TDIKVPDFSDYRRPEVLDSTKSSKESSEARKGFSYLVTATTTVGVAYAAKNVVSQFVSSMSASADVLAMSKIEIKLSDIP
EGKNMAFKWRGKPLFVRHRTKKEIDQEAAVEVSQLRDPQHDLERVKKPEWVILIGVCTHLGCVPIANAGDFGGYYCPCHG
SHYDASGRIRKGPAPLNLEVPSYEFTSDDMVIVG
;
R,E
6 'polypeptide(L)'
;MAGRPAVSASSRWLEGIRKWYYNAAGFNKLGLMRDDTIHENDDVKEAIRRLPENLYDDRVFRIKRALDLSMRQQILPKEQ
WTKYEEDKSYLEPYLKEVIRERKEREEWAKK
;
S,F
7 'polypeptide(L)'
;MGRQFGHLTRVRHVITYSLSPFEQRAFPHYFSKGIPNVLRRTRACILRVAPPFVAFYLVYTWGTQEFEKSKRKNPAAYEN
DR
;
T,G
8 'polypeptide(L)'
;MGLEDEQRMLTGSGDPKEEEEEEEELVDPLTTVREQCEQLEKCVKARERLELCDERVSSRSQTEEDCTEELLDFLHARDH
CVAHKLFNSLK
;
U,H
9 'polypeptide(L)' RPVVASVSLNVPASVR V,I
10 'polypeptide(L)' MVAPTLTARLYSLLFRRTSTFALTIVVGALFFERAFDQGADAIYEHINEGKLWKHIKHKYENKE W,J
#
loop_
_chem_comp.id
_chem_comp.type
_chem_comp.name
_chem_comp.formula
HEC non-polymer 'HEME C' 'C34 H34 Fe N4 O4'
HEM non-polymer 'PROTOPORPHYRIN IX CONTAINING FE' 'C34 H32 Fe N4 O4'
#
# COMPACT_ATOMS: atom_id res chain seq x y z
N ALA A 36 20.70 53.75 30.72
CA ALA A 36 21.37 52.74 31.53
C ALA A 36 21.34 51.38 30.83
N THR A 37 21.78 50.34 31.53
CA THR A 37 22.00 49.03 30.95
C THR A 37 21.35 47.95 31.80
N TYR A 38 21.48 46.72 31.34
CA TYR A 38 20.87 45.58 32.01
C TYR A 38 21.58 45.28 33.31
N ALA A 39 22.90 45.11 33.26
CA ALA A 39 23.64 44.72 34.45
C ALA A 39 23.56 45.78 35.53
N GLN A 40 23.59 47.05 35.14
CA GLN A 40 23.39 48.12 36.11
C GLN A 40 22.02 48.04 36.74
N ALA A 41 21.02 47.58 35.98
CA ALA A 41 19.66 47.53 36.50
C ALA A 41 19.53 46.50 37.60
N LEU A 42 20.17 45.34 37.44
CA LEU A 42 20.05 44.30 38.43
C LEU A 42 20.69 44.68 39.75
N GLN A 43 21.77 45.46 39.71
CA GLN A 43 22.38 45.95 40.94
C GLN A 43 21.48 46.96 41.63
N SER A 44 20.66 47.69 40.86
CA SER A 44 19.78 48.69 41.43
C SER A 44 18.54 48.09 42.09
N VAL A 45 18.38 46.77 42.04
CA VAL A 45 17.17 46.12 42.54
C VAL A 45 17.14 46.29 44.05
N PRO A 46 15.96 46.36 44.69
CA PRO A 46 15.93 46.29 46.15
C PRO A 46 16.42 44.94 46.64
N GLU A 47 17.59 44.91 47.26
CA GLU A 47 18.07 43.67 47.83
C GLU A 47 17.26 43.33 49.07
N THR A 48 16.77 42.09 49.12
CA THR A 48 15.86 41.71 50.18
C THR A 48 16.55 41.79 51.54
N GLN A 49 15.74 41.72 52.58
CA GLN A 49 16.20 41.75 53.95
C GLN A 49 15.59 40.58 54.69
N VAL A 50 16.40 39.94 55.52
CA VAL A 50 16.04 38.71 56.21
C VAL A 50 16.11 38.96 57.71
N SER A 51 15.23 38.28 58.44
CA SER A 51 15.18 38.34 59.88
C SER A 51 15.03 36.92 60.39
N GLN A 52 14.90 36.79 61.70
CA GLN A 52 14.78 35.49 62.35
C GLN A 52 14.32 35.74 63.78
N LEU A 53 13.69 34.74 64.36
CA LEU A 53 13.07 34.85 65.67
C LEU A 53 13.51 33.71 66.57
N ASP A 54 13.28 33.91 67.86
CA ASP A 54 13.62 32.91 68.85
C ASP A 54 12.82 31.64 68.66
N ASN A 55 11.58 31.76 68.21
CA ASN A 55 10.75 30.58 68.00
C ASN A 55 11.29 29.71 66.87
N GLY A 56 11.73 30.35 65.78
CA GLY A 56 12.24 29.65 64.61
C GLY A 56 11.72 30.18 63.29
N LEU A 57 10.78 31.13 63.33
CA LEU A 57 10.15 31.59 62.11
C LEU A 57 11.10 32.50 61.35
N ARG A 58 11.53 32.05 60.17
CA ARG A 58 12.18 32.95 59.24
C ARG A 58 11.22 34.05 58.82
N VAL A 59 11.76 35.24 58.62
CA VAL A 59 10.98 36.36 58.10
C VAL A 59 11.89 37.14 57.16
N ALA A 60 11.29 37.66 56.09
CA ALA A 60 12.01 38.50 55.15
C ALA A 60 11.00 39.36 54.42
N SER A 61 11.50 40.20 53.53
CA SER A 61 10.65 41.14 52.79
C SER A 61 11.49 41.74 51.68
N GLU A 62 10.86 42.64 50.92
CA GLU A 62 11.57 43.46 49.96
C GLU A 62 10.79 44.75 49.76
N GLN A 63 11.41 45.86 50.12
CA GLN A 63 10.81 47.16 49.88
C GLN A 63 10.73 47.45 48.39
N SER A 64 9.74 48.25 48.01
CA SER A 64 9.61 48.71 46.64
C SER A 64 8.75 49.96 46.64
N SER A 65 8.75 50.63 45.49
CA SER A 65 7.95 51.84 45.31
C SER A 65 6.48 51.55 45.04
N GLN A 66 6.06 50.30 45.09
CA GLN A 66 4.66 49.98 44.85
C GLN A 66 3.83 50.39 46.06
N PRO A 67 2.77 51.20 45.90
CA PRO A 67 1.95 51.50 47.08
C PRO A 67 1.21 50.29 47.60
N THR A 68 0.88 49.33 46.74
CA THR A 68 0.24 48.11 47.16
C THR A 68 1.24 47.22 47.89
N CYS A 69 0.77 46.07 48.33
CA CYS A 69 1.65 45.10 48.96
C CYS A 69 0.94 43.76 49.04
N THR A 70 1.70 42.74 49.39
CA THR A 70 1.18 41.40 49.58
C THR A 70 2.03 40.71 50.63
N VAL A 71 1.42 39.73 51.29
CA VAL A 71 2.09 38.95 52.31
C VAL A 71 1.56 37.53 52.24
N GLY A 72 2.42 36.58 52.58
CA GLY A 72 2.02 35.20 52.57
C GLY A 72 2.85 34.37 53.51
N VAL A 73 2.46 33.10 53.60
CA VAL A 73 3.05 32.18 54.55
C VAL A 73 3.36 30.88 53.83
N TRP A 74 4.58 30.76 53.33
CA TRP A 74 5.03 29.56 52.63
C TRP A 74 5.77 28.69 53.63
N ILE A 75 5.45 27.39 53.63
CA ILE A 75 5.84 26.49 54.70
C ILE A 75 6.26 25.15 54.10
N ASP A 76 6.66 24.24 54.98
CA ASP A 76 7.02 22.87 54.62
C ASP A 76 5.86 21.98 55.05
N ALA A 77 4.94 21.72 54.13
CA ALA A 77 3.89 20.77 54.41
C ALA A 77 3.12 20.42 53.14
N GLY A 78 2.83 19.15 52.97
CA GLY A 78 2.06 18.70 51.84
C GLY A 78 1.76 17.23 51.95
N SER A 79 1.36 16.65 50.82
CA SER A 79 1.06 15.23 50.81
C SER A 79 2.32 14.37 50.94
N ARG A 80 3.50 14.96 50.82
CA ARG A 80 4.73 14.21 50.99
C ARG A 80 4.87 13.67 52.40
N TYR A 81 4.19 14.26 53.37
CA TYR A 81 4.34 13.90 54.77
C TYR A 81 3.11 13.20 55.34
N GLU A 82 1.96 13.38 54.71
CA GLU A 82 0.79 12.61 55.12
C GLU A 82 0.98 11.16 54.71
N SER A 83 0.43 10.26 55.52
CA SER A 83 0.35 8.85 55.20
C SER A 83 -1.00 8.58 54.56
N GLU A 84 -1.25 7.30 54.26
CA GLU A 84 -2.51 6.91 53.67
C GLU A 84 -3.67 7.19 54.61
N LYS A 85 -3.43 7.13 55.92
CA LYS A 85 -4.50 7.38 56.87
C LYS A 85 -4.93 8.83 56.89
N ASN A 86 -4.00 9.75 56.65
CA ASN A 86 -4.26 11.18 56.67
C ASN A 86 -4.01 11.83 55.31
N ASN A 87 -4.02 11.05 54.24
CA ASN A 87 -3.78 11.60 52.91
C ASN A 87 -4.90 12.57 52.54
N GLY A 88 -4.54 13.55 51.71
CA GLY A 88 -5.48 14.56 51.30
C GLY A 88 -5.83 15.59 52.37
N ALA A 89 -5.29 15.44 53.58
CA ALA A 89 -5.76 16.24 54.69
C ALA A 89 -5.38 17.70 54.54
N GLY A 90 -4.12 17.96 54.17
CA GLY A 90 -3.66 19.33 54.06
C GLY A 90 -4.44 20.15 53.07
N TYR A 91 -5.01 19.50 52.06
CA TYR A 91 -5.95 20.18 51.18
C TYR A 91 -7.25 20.45 51.91
N PHE A 92 -7.69 19.51 52.74
CA PHE A 92 -8.89 19.71 53.52
C PHE A 92 -8.71 20.82 54.55
N VAL A 93 -7.46 21.05 54.97
CA VAL A 93 -7.17 22.18 55.83
C VAL A 93 -7.44 23.48 55.10
N GLU A 94 -7.21 23.49 53.78
CA GLU A 94 -7.29 24.73 53.02
C GLU A 94 -8.68 25.33 53.06
N HIS A 95 -9.71 24.49 53.21
CA HIS A 95 -11.07 24.95 53.02
C HIS A 95 -11.76 25.36 54.31
N LEU A 96 -11.23 24.95 55.46
CA LEU A 96 -11.80 25.31 56.75
C LEU A 96 -11.04 26.41 57.45
N ALA A 97 -9.79 26.66 57.07
CA ALA A 97 -8.99 27.67 57.74
C ALA A 97 -9.60 29.06 57.61
N PHE A 98 -10.35 29.30 56.54
CA PHE A 98 -11.05 30.56 56.33
C PHE A 98 -12.53 30.46 56.66
N LYS A 99 -12.93 29.44 57.42
CA LYS A 99 -14.34 29.18 57.69
C LYS A 99 -14.53 28.84 59.16
N GLY A 100 -13.88 29.60 60.05
CA GLY A 100 -14.03 29.42 61.47
C GLY A 100 -12.75 29.58 62.25
N THR A 101 -12.77 30.46 63.25
CA THR A 101 -11.63 30.72 64.12
C THR A 101 -12.14 30.93 65.53
N LYS A 102 -11.23 31.29 66.44
CA LYS A 102 -11.56 31.46 67.85
C LYS A 102 -11.96 32.89 68.19
N ASN A 103 -11.51 33.87 67.40
CA ASN A 103 -11.78 35.28 67.64
C ASN A 103 -12.53 35.95 66.49
N ARG A 104 -12.65 35.30 65.34
CA ARG A 104 -13.35 35.86 64.18
C ARG A 104 -14.12 34.73 63.52
N PRO A 105 -15.12 34.19 64.20
CA PRO A 105 -15.75 32.96 63.73
C PRO A 105 -16.58 33.17 62.47
N GLY A 106 -16.76 32.07 61.76
CA GLY A 106 -17.60 32.07 60.58
C GLY A 106 -17.08 33.00 59.51
N ASN A 107 -18.00 33.64 58.80
CA ASN A 107 -17.67 34.57 57.73
C ASN A 107 -17.16 35.92 58.24
N ALA A 108 -17.08 36.11 59.56
CA ALA A 108 -16.51 37.34 60.10
C ALA A 108 -15.09 37.55 59.60
N LEU A 109 -14.29 36.47 59.58
CA LEU A 109 -12.95 36.54 59.02
C LEU A 109 -12.99 36.94 57.55
N GLU A 110 -13.75 36.19 56.75
CA GLU A 110 -13.93 36.51 55.35
C GLU A 110 -14.44 37.94 55.17
N LYS A 111 -15.23 38.43 56.12
CA LYS A 111 -15.82 39.75 56.00
C LYS A 111 -14.78 40.85 56.07
N GLU A 112 -13.84 40.74 57.02
CA GLU A 112 -12.93 41.84 57.28
C GLU A 112 -12.02 42.17 56.12
N VAL A 113 -11.77 41.22 55.22
CA VAL A 113 -10.98 41.50 54.03
C VAL A 113 -11.78 42.34 53.06
N GLU A 114 -12.99 41.87 52.75
CA GLU A 114 -13.85 42.57 51.82
C GLU A 114 -14.17 43.96 52.32
N SER A 115 -14.25 44.13 53.64
CA SER A 115 -14.36 45.47 54.20
C SER A 115 -13.10 46.27 53.98
N MET A 116 -11.95 45.60 53.97
CA MET A 116 -10.67 46.24 53.73
C MET A 116 -10.40 46.45 52.25
N GLY A 117 -11.08 45.72 51.38
CA GLY A 117 -10.94 45.88 49.95
C GLY A 117 -9.90 44.98 49.30
N ALA A 118 -9.32 44.05 50.04
CA ALA A 118 -8.24 43.21 49.55
C ALA A 118 -8.77 41.90 48.99
N HIS A 119 -7.87 41.17 48.33
CA HIS A 119 -8.14 39.81 47.89
C HIS A 119 -7.60 38.84 48.92
N LEU A 120 -7.91 37.56 48.70
CA LEU A 120 -7.36 36.48 49.50
C LEU A 120 -7.30 35.24 48.64
N ASN A 121 -6.22 34.49 48.78
CA ASN A 121 -5.97 33.35 47.90
C ASN A 121 -5.05 32.39 48.63
N ALA A 122 -5.08 31.14 48.17
CA ALA A 122 -4.32 30.08 48.80
C ALA A 122 -4.10 28.96 47.80
N TYR A 123 -3.10 28.14 48.09
CA TYR A 123 -2.91 26.90 47.35
C TYR A 123 -2.02 25.98 48.14
N SER A 124 -2.00 24.72 47.71
CA SER A 124 -1.18 23.69 48.30
C SER A 124 -0.42 22.95 47.22
N THR A 125 0.67 22.33 47.63
CA THR A 125 1.48 21.51 46.74
C THR A 125 1.84 20.24 47.48
N ARG A 126 2.61 19.38 46.82
CA ARG A 126 2.99 18.12 47.41
C ARG A 126 4.02 18.30 48.51
N GLU A 127 4.72 19.43 48.54
CA GLU A 127 5.68 19.76 49.59
C GLU A 127 5.30 21.03 50.32
N HIS A 128 4.76 22.01 49.62
CA HIS A 128 4.59 23.36 50.15
C HIS A 128 3.14 23.79 50.08
N THR A 129 2.76 24.63 51.03
CA THR A 129 1.42 25.16 51.10
C THR A 129 1.54 26.64 51.45
N ALA A 130 0.58 27.42 50.98
CA ALA A 130 0.71 28.86 51.03
C ALA A 130 -0.65 29.53 51.14
N TYR A 131 -0.78 30.38 52.15
CA TYR A 131 -1.83 31.37 52.25
C TYR A 131 -1.22 32.74 52.03
N TYR A 132 -1.96 33.64 51.38
CA TYR A 132 -1.40 34.97 51.15
C TYR A 132 -2.48 35.96 50.80
N ILE A 133 -2.12 37.23 50.94
CA ILE A 133 -3.02 38.37 50.81
C ILE A 133 -2.43 39.36 49.82
N LYS A 134 -3.31 40.06 49.12
CA LYS A 134 -2.94 41.25 48.35
C LYS A 134 -3.74 42.42 48.91
N ALA A 135 -3.04 43.43 49.39
CA ALA A 135 -3.69 44.56 50.04
C ALA A 135 -2.84 45.81 49.85
N LEU A 136 -3.20 46.86 50.56
CA LEU A 136 -2.49 48.13 50.51
C LEU A 136 -1.54 48.26 51.69
N SER A 137 -0.69 49.26 51.62
CA SER A 137 0.41 49.39 52.57
C SER A 137 -0.11 49.74 53.96
N LYS A 138 -0.98 50.74 54.05
CA LYS A 138 -1.36 51.26 55.38
C LYS A 138 -2.19 50.26 56.16
N ASP A 139 -3.02 49.47 55.49
CA ASP A 139 -3.85 48.48 56.16
C ASP A 139 -3.11 47.18 56.42
N LEU A 140 -1.81 47.14 56.15
CA LEU A 140 -1.03 45.91 56.37
C LEU A 140 -1.09 45.39 57.79
N PRO A 141 -1.02 46.21 58.85
CA PRO A 141 -1.00 45.63 60.21
C PRO A 141 -2.21 44.79 60.53
N LYS A 142 -3.38 45.15 60.01
CA LYS A 142 -4.57 44.34 60.22
C LYS A 142 -4.41 42.96 59.61
N ALA A 143 -3.58 42.85 58.56
CA ALA A 143 -3.44 41.58 57.87
C ALA A 143 -2.73 40.56 58.74
N VAL A 144 -1.59 40.94 59.29
CA VAL A 144 -0.76 40.00 60.05
C VAL A 144 -1.51 39.52 61.28
N GLU A 145 -2.39 40.36 61.82
CA GLU A 145 -3.19 39.96 62.97
C GLU A 145 -4.10 38.80 62.63
N LEU A 146 -4.47 38.65 61.36
CA LEU A 146 -5.39 37.59 60.98
C LEU A 146 -4.68 36.25 60.94
N LEU A 147 -3.53 36.19 60.30
CA LEU A 147 -2.86 34.92 60.04
C LEU A 147 -2.46 34.22 61.32
N ALA A 148 -2.34 34.95 62.42
CA ALA A 148 -2.23 34.30 63.72
C ALA A 148 -3.56 33.69 64.13
N ASP A 149 -4.67 34.36 63.79
CA ASP A 149 -5.99 33.82 64.07
C ASP A 149 -6.38 32.71 63.12
N ILE A 150 -5.62 32.52 62.03
CA ILE A 150 -5.93 31.54 61.01
C ILE A 150 -5.06 30.32 61.24
N VAL A 151 -3.75 30.52 61.14
CA VAL A 151 -2.80 29.43 61.29
C VAL A 151 -2.93 28.79 62.66
N GLN A 152 -2.69 29.58 63.71
CA GLN A 152 -2.67 29.03 65.07
C GLN A 152 -4.07 28.65 65.53
N ASN A 153 -4.99 29.61 65.50
CA ASN A 153 -6.25 29.53 66.24
C ASN A 153 -7.42 29.13 65.34
N CYS A 154 -7.20 28.22 64.41
CA CYS A 154 -8.30 27.70 63.62
C CYS A 154 -9.25 26.90 64.50
N SER A 155 -10.56 27.03 64.23
CA SER A 155 -11.58 26.42 65.07
C SER A 155 -12.10 25.10 64.52
N LEU A 156 -12.29 25.00 63.20
CA LEU A 156 -12.66 23.76 62.54
C LEU A 156 -14.01 23.23 63.06
N GLU A 157 -15.05 24.00 62.77
CA GLU A 157 -16.39 23.65 63.20
C GLU A 157 -16.85 22.37 62.50
N ASP A 158 -17.44 21.46 63.28
CA ASP A 158 -17.83 20.15 62.78
C ASP A 158 -18.84 20.25 61.64
N SER A 159 -19.70 21.26 61.67
CA SER A 159 -20.62 21.48 60.56
C SER A 159 -19.86 21.70 59.27
N GLN A 160 -18.94 22.66 59.26
CA GLN A 160 -18.16 22.93 58.07
C GLN A 160 -17.27 21.75 57.70
N ILE A 161 -16.81 20.99 58.70
CA ILE A 161 -16.06 19.77 58.42
C ILE A 161 -16.90 18.84 57.57
N GLU A 162 -18.20 18.74 57.87
CA GLU A 162 -19.06 17.83 57.14
C GLU A 162 -19.52 18.44 55.83
N LYS A 163 -19.77 19.75 55.81
CA LYS A 163 -20.16 20.40 54.57
C LYS A 163 -19.04 20.32 53.54
N GLU A 164 -17.83 20.70 53.95
CA GLU A 164 -16.71 20.67 53.02
C GLU A 164 -16.41 19.25 52.57
N ARG A 165 -16.61 18.27 53.47
CA ARG A 165 -16.43 16.87 53.12
C ARG A 165 -17.29 16.46 51.92
N ASP A 166 -18.37 17.19 51.65
CA ASP A 166 -19.11 17.05 50.40
C ASP A 166 -18.50 17.87 49.28
N VAL A 167 -17.98 19.05 49.62
CA VAL A 167 -17.38 19.92 48.61
C VAL A 167 -16.20 19.22 47.96
N ILE A 168 -15.42 18.49 48.75
CA ILE A 168 -14.27 17.79 48.21
C ILE A 168 -14.73 16.75 47.20
N LEU A 169 -15.67 15.91 47.61
CA LEU A 169 -16.17 14.86 46.75
C LEU A 169 -16.87 15.42 45.52
N GLN A 170 -17.33 16.67 45.57
CA GLN A 170 -17.81 17.32 44.38
C GLN A 170 -16.67 17.58 43.40
N GLU A 171 -15.48 17.87 43.91
CA GLU A 171 -14.38 18.29 43.05
C GLU A 171 -13.68 17.11 42.40
N LEU A 172 -13.55 15.99 43.11
CA LEU A 172 -12.93 14.82 42.50
C LEU A 172 -13.74 14.31 41.33
N GLN A 173 -15.01 14.70 41.23
CA GLN A 173 -15.74 14.55 39.99
C GLN A 173 -15.31 15.60 38.98
N GLU A 174 -15.06 16.82 39.44
CA GLU A 174 -14.68 17.89 38.54
C GLU A 174 -13.32 17.62 37.90
N ASN A 175 -12.35 17.23 38.71
CA ASN A 175 -11.00 17.04 38.20
C ASN A 175 -10.89 15.88 37.22
N ASP A 176 -11.92 15.03 37.12
CA ASP A 176 -11.99 14.12 35.98
C ASP A 176 -11.95 14.90 34.67
N THR A 177 -12.55 16.09 34.67
CA THR A 177 -12.51 16.95 33.49
C THR A 177 -11.16 17.63 33.33
N SER A 178 -10.45 17.88 34.43
CA SER A 178 -9.17 18.58 34.39
C SER A 178 -8.08 17.61 33.95
N MET A 179 -8.15 17.24 32.67
CA MET A 179 -7.34 16.16 32.13
C MET A 179 -5.85 16.41 32.33
N ARG A 180 -5.43 17.66 32.26
CA ARG A 180 -4.02 17.95 32.53
C ARG A 180 -3.66 17.55 33.94
N ASP A 181 -4.51 17.91 34.91
CA ASP A 181 -4.23 17.55 36.29
C ASP A 181 -4.35 16.05 36.52
N VAL A 182 -5.09 15.34 35.68
CA VAL A 182 -5.15 13.90 35.79
C VAL A 182 -3.78 13.31 35.56
N VAL A 183 -3.07 13.83 34.57
CA VAL A 183 -1.84 13.20 34.11
C VAL A 183 -0.77 13.33 35.17
N PHE A 184 -0.47 14.56 35.57
CA PHE A 184 0.56 14.80 36.57
C PHE A 184 0.26 14.07 37.87
N ASN A 185 -1.03 13.91 38.19
CA ASN A 185 -1.38 13.08 39.33
C ASN A 185 -0.99 11.63 39.08
N TYR A 186 -1.27 11.11 37.88
CA TYR A 186 -0.82 9.77 37.55
C TYR A 186 0.69 9.71 37.54
N LEU A 187 1.32 10.71 36.94
CA LEU A 187 2.76 10.66 36.71
C LEU A 187 3.53 10.58 38.02
N HIS A 188 3.22 11.50 38.94
CA HIS A 188 3.85 11.45 40.25
C HIS A 188 3.55 10.14 40.96
N ALA A 189 2.41 9.52 40.65
CA ALA A 189 2.01 8.29 41.31
C ALA A 189 2.79 7.07 40.82
N THR A 190 3.48 7.19 39.68
CA THR A 190 4.23 6.07 39.13
C THR A 190 5.70 6.10 39.55
N ALA A 191 6.39 7.16 39.17
CA ALA A 191 7.83 7.23 39.38
C ALA A 191 8.18 7.14 40.86
N PHE A 192 7.30 7.65 41.70
CA PHE A 192 7.51 7.70 43.14
C PHE A 192 6.61 6.71 43.87
N GLN A 193 6.26 5.62 43.18
CA GLN A 193 5.38 4.60 43.73
C GLN A 193 5.96 4.01 45.01
N GLY A 194 5.06 3.67 45.93
CA GLY A 194 5.44 3.15 47.23
C GLY A 194 5.85 4.19 48.23
N THR A 195 6.16 5.40 47.78
CA THR A 195 6.58 6.49 48.65
C THR A 195 5.40 7.36 48.98
N PRO A 196 5.57 8.30 49.93
CA PRO A 196 4.50 9.26 50.19
C PRO A 196 4.19 10.13 49.00
N LEU A 197 5.21 10.43 48.20
CA LEU A 197 5.04 11.42 47.14
C LEU A 197 4.12 10.95 46.04
N ALA A 198 3.93 9.64 45.89
CA ALA A 198 2.97 9.14 44.92
C ALA A 198 1.55 9.53 45.27
N GLN A 199 1.30 9.92 46.52
CA GLN A 199 -0.01 10.39 46.93
C GLN A 199 -0.42 11.60 46.09
N SER A 200 -1.73 11.77 45.96
CA SER A 200 -2.26 13.02 45.42
C SER A 200 -2.18 14.08 46.51
N VAL A 201 -2.66 15.27 46.21
CA VAL A 201 -2.66 16.37 47.15
C VAL A 201 -4.03 16.51 47.82
N GLU A 202 -5.08 16.19 47.08
CA GLU A 202 -6.42 16.20 47.62
C GLU A 202 -6.79 14.87 48.25
N GLY A 203 -6.16 13.78 47.82
CA GLY A 203 -6.28 12.50 48.45
C GLY A 203 -7.40 11.65 47.88
N PRO A 204 -7.42 10.37 48.24
CA PRO A 204 -8.54 9.52 47.83
C PRO A 204 -9.85 9.95 48.46
N SER A 205 -10.95 9.58 47.79
CA SER A 205 -12.27 9.78 48.34
C SER A 205 -12.44 9.10 49.68
N GLU A 206 -11.84 7.93 49.84
CA GLU A 206 -12.05 7.13 51.04
C GLU A 206 -11.58 7.87 52.29
N ASN A 207 -10.33 8.33 52.28
CA ASN A 207 -9.78 9.01 53.44
C ASN A 207 -10.54 10.29 53.73
N VAL A 208 -11.08 10.92 52.69
CA VAL A 208 -11.88 12.12 52.91
C VAL A 208 -13.20 11.76 53.56
N ARG A 209 -13.66 10.53 53.39
CA ARG A 209 -14.84 10.02 54.06
C ARG A 209 -14.52 9.25 55.34
N LYS A 210 -13.29 9.39 55.84
CA LYS A 210 -12.90 8.85 57.13
C LYS A 210 -12.12 9.82 57.99
N LEU A 211 -11.79 11.00 57.45
CA LEU A 211 -10.95 11.97 58.13
C LEU A 211 -11.57 12.42 59.44
N SER A 212 -10.72 12.91 60.34
CA SER A 212 -11.10 13.31 61.68
C SER A 212 -10.59 14.70 61.99
N ARG A 213 -11.24 15.31 62.98
CA ARG A 213 -10.73 16.53 63.57
C ARG A 213 -9.36 16.30 64.19
N ALA A 214 -9.13 15.11 64.74
CA ALA A 214 -7.93 14.85 65.53
C ALA A 214 -6.71 14.63 64.64
N ASP A 215 -6.88 13.89 63.53
CA ASP A 215 -5.77 13.72 62.61
C ASP A 215 -5.29 15.06 62.08
N LEU A 216 -6.22 15.98 61.87
CA LEU A 216 -5.86 17.35 61.49
C LEU A 216 -5.20 18.06 62.65
N THR A 217 -5.72 17.86 63.86
CA THR A 217 -5.08 18.42 65.04
C THR A 217 -3.64 17.95 65.15
N GLU A 218 -3.42 16.65 65.01
CA GLU A 218 -2.06 16.12 65.01
C GLU A 218 -1.27 16.68 63.85
N TYR A 219 -1.85 16.66 62.66
CA TYR A 219 -1.18 17.19 61.48
C TYR A 219 -0.85 18.66 61.67
N LEU A 220 -1.80 19.42 62.17
CA LEU A 220 -1.53 20.80 62.54
C LEU A 220 -0.50 20.89 63.65
N SER A 221 -0.53 19.95 64.58
CA SER A 221 0.29 20.04 65.77
C SER A 221 1.75 19.73 65.53
N ARG A 222 2.12 19.36 64.31
CA ARG A 222 3.47 18.90 64.00
C ARG A 222 4.14 19.71 62.89
N HIS A 223 3.39 20.13 61.88
CA HIS A 223 3.96 20.75 60.71
C HIS A 223 3.99 22.27 60.80
N TYR A 224 2.94 22.88 61.32
CA TYR A 224 2.93 24.32 61.52
C TYR A 224 3.80 24.69 62.72
N LYS A 225 5.10 24.83 62.49
CA LYS A 225 6.05 25.17 63.53
C LYS A 225 7.08 26.15 62.99
N ALA A 226 7.49 27.08 63.85
CA ALA A 226 8.35 28.19 63.44
C ALA A 226 9.61 27.78 62.69
N PRO A 227 10.38 26.77 63.12
CA PRO A 227 11.62 26.45 62.41
C PRO A 227 11.44 26.00 60.97
N ARG A 228 10.21 25.72 60.53
CA ARG A 228 9.92 25.21 59.20
C ARG A 228 8.83 26.04 58.52
N MET A 229 8.83 27.33 58.79
CA MET A 229 7.83 28.25 58.25
C MET A 229 8.54 29.51 57.80
N VAL A 230 7.88 30.24 56.90
CA VAL A 230 8.44 31.46 56.34
C VAL A 230 7.32 32.48 56.20
N LEU A 231 7.66 33.73 56.48
CA LEU A 231 6.85 34.89 56.16
C LEU A 231 7.60 35.72 55.14
N ALA A 232 6.86 36.29 54.20
CA ALA A 232 7.48 37.16 53.20
C ALA A 232 6.44 38.13 52.69
N ALA A 233 6.93 39.26 52.19
CA ALA A 233 6.05 40.30 51.68
C ALA A 233 6.86 41.21 50.77
N ALA A 234 6.14 42.00 49.99
CA ALA A 234 6.75 42.96 49.08
C ALA A 234 5.80 44.13 48.91
N GLY A 235 6.34 45.23 48.39
CA GLY A 235 5.57 46.44 48.13
C GLY A 235 6.10 47.64 48.88
N GLY A 236 5.24 48.65 49.02
CA GLY A 236 5.61 49.86 49.73
C GLY A 236 5.49 49.68 51.23
N LEU A 237 6.45 48.98 51.81
CA LEU A 237 6.52 48.78 53.25
C LEU A 237 7.96 48.92 53.69
N GLU A 238 8.20 48.62 54.95
CA GLU A 238 9.55 48.52 55.50
C GLU A 238 9.68 47.23 56.27
N HIS A 239 10.90 46.69 56.26
CA HIS A 239 11.19 45.42 56.89
C HIS A 239 11.02 45.46 58.41
N ARG A 240 11.01 46.65 59.01
CA ARG A 240 10.91 46.80 60.45
C ARG A 240 9.49 47.08 60.92
N GLN A 241 8.64 47.68 60.08
CA GLN A 241 7.21 47.69 60.35
C GLN A 241 6.71 46.28 60.57
N LEU A 242 7.22 45.34 59.78
CA LEU A 242 6.84 43.95 59.79
C LEU A 242 7.44 43.20 60.95
N LEU A 243 8.68 43.49 61.28
CA LEU A 243 9.40 42.71 62.28
C LEU A 243 8.72 42.77 63.63
N ASP A 244 8.06 43.89 63.94
CA ASP A 244 7.36 43.99 65.21
C ASP A 244 6.10 43.13 65.20
N LEU A 245 5.41 43.06 64.05
CA LEU A 245 4.16 42.31 63.98
C LEU A 245 4.41 40.82 64.16
N ALA A 246 5.52 40.31 63.62
CA ALA A 246 5.87 38.92 63.88
C ALA A 246 6.26 38.74 65.33
N GLN A 247 7.00 39.71 65.88
CA GLN A 247 7.31 39.70 67.30
C GLN A 247 6.07 39.98 68.14
N LYS A 248 5.02 40.54 67.54
CA LYS A 248 3.76 40.74 68.24
C LYS A 248 2.93 39.46 68.22
N HIS A 249 2.56 39.00 67.03
CA HIS A 249 1.56 37.95 66.87
C HIS A 249 2.18 36.56 66.90
N PHE A 250 3.08 36.29 65.96
CA PHE A 250 3.68 34.97 65.84
C PHE A 250 4.75 34.70 66.90
N SER A 251 5.06 35.68 67.75
CA SER A 251 5.97 35.41 68.85
C SER A 251 5.37 34.39 69.81
N GLY A 252 4.04 34.31 69.87
CA GLY A 252 3.37 33.28 70.65
C GLY A 252 3.34 31.92 70.01
N LEU A 253 3.96 31.78 68.83
CA LEU A 253 3.98 30.49 68.15
C LEU A 253 4.81 29.48 68.94
N SER A 254 4.45 28.22 68.79
CA SER A 254 5.21 27.12 69.37
C SER A 254 6.49 26.89 68.58
N GLY A 255 7.61 27.41 69.08
CA GLY A 255 8.88 27.32 68.37
C GLY A 255 9.69 26.10 68.74
N THR A 256 9.04 24.95 68.80
CA THR A 256 9.73 23.70 69.11
C THR A 256 8.87 22.50 68.72
N VAL A 262 9.00 16.02 64.77
CA VAL A 262 9.51 16.76 63.62
C VAL A 262 10.48 15.84 62.87
N PRO A 263 9.96 14.94 62.03
CA PRO A 263 10.83 14.06 61.26
C PRO A 263 11.47 14.79 60.08
N THR A 264 12.55 14.19 59.59
CA THR A 264 13.26 14.65 58.42
C THR A 264 12.85 13.76 57.24
N LEU A 265 13.54 13.94 56.11
CA LEU A 265 13.11 13.33 54.86
C LEU A 265 13.66 11.93 54.68
N SER A 266 12.85 11.09 54.07
CA SER A 266 13.32 9.89 53.41
C SER A 266 13.67 10.24 51.97
N PRO A 267 14.85 9.86 51.45
CA PRO A 267 15.09 10.13 50.03
C PRO A 267 14.11 9.41 49.13
N CYS A 268 13.25 10.18 48.49
CA CYS A 268 12.25 9.62 47.60
C CYS A 268 12.93 9.17 46.31
N ARG A 269 12.91 7.88 46.05
CA ARG A 269 13.62 7.33 44.91
C ARG A 269 12.92 7.72 43.62
N PHE A 270 13.44 7.22 42.52
CA PHE A 270 12.84 7.38 41.22
C PHE A 270 12.66 6.01 40.59
N THR A 271 11.61 5.89 39.78
CA THR A 271 11.33 4.68 39.04
C THR A 271 11.14 5.04 37.57
N GLY A 272 11.55 4.12 36.72
CA GLY A 272 11.17 4.15 35.33
C GLY A 272 10.06 3.14 35.07
N SER A 273 8.84 3.63 34.97
CA SER A 273 7.67 2.78 34.82
C SER A 273 6.68 3.44 33.88
N GLN A 274 5.80 2.62 33.32
CA GLN A 274 4.79 3.06 32.39
C GLN A 274 3.42 2.86 33.00
N ILE A 275 2.54 3.80 32.71
CA ILE A 275 1.14 3.73 33.08
C ILE A 275 0.33 4.21 31.89
N CYS A 276 -0.86 3.68 31.76
CA CYS A 276 -1.68 3.92 30.58
C CYS A 276 -3.13 3.67 30.92
N HIS A 277 -3.93 4.74 30.91
CA HIS A 277 -5.37 4.64 31.15
C HIS A 277 -6.05 4.78 29.80
N ARG A 278 -6.10 3.66 29.09
CA ARG A 278 -6.66 3.61 27.76
C ARG A 278 -8.12 4.02 27.77
N GLU A 279 -8.49 4.93 26.87
CA GLU A 279 -9.85 5.42 26.80
C GLU A 279 -10.09 5.98 25.40
N ASP A 280 -10.75 5.20 24.55
CA ASP A 280 -10.96 5.58 23.16
C ASP A 280 -12.16 6.49 22.96
N GLY A 281 -13.03 6.62 23.95
CA GLY A 281 -14.23 7.39 23.75
C GLY A 281 -14.07 8.88 23.79
N LEU A 282 -12.87 9.39 23.94
CA LEU A 282 -12.61 10.82 24.06
C LEU A 282 -12.14 11.40 22.73
N PRO A 283 -12.11 12.73 22.62
CA PRO A 283 -11.56 13.33 21.40
C PRO A 283 -10.08 13.07 21.25
N LEU A 284 -9.32 13.39 22.29
CA LEU A 284 -7.87 13.44 22.22
C LEU A 284 -7.29 12.75 23.44
N ALA A 285 -5.96 12.77 23.52
CA ALA A 285 -5.23 12.10 24.58
C ALA A 285 -4.16 13.03 25.11
N HIS A 286 -4.35 13.52 26.33
CA HIS A 286 -3.26 14.15 27.04
C HIS A 286 -2.22 13.12 27.41
N VAL A 287 -0.96 13.47 27.16
CA VAL A 287 0.16 12.55 27.32
C VAL A 287 1.27 13.26 28.06
N ALA A 288 2.06 12.48 28.79
CA ALA A 288 3.20 13.02 29.49
C ALA A 288 4.30 11.99 29.54
N ILE A 289 5.53 12.48 29.66
CA ILE A 289 6.69 11.63 29.84
C ILE A 289 7.75 12.46 30.55
N ALA A 290 8.53 11.79 31.38
CA ALA A 290 9.52 12.51 32.17
C ALA A 290 10.51 11.52 32.73
N VAL A 291 11.54 12.08 33.38
CA VAL A 291 12.66 11.34 33.91
C VAL A 291 12.96 11.85 35.31
N GLU A 292 14.01 11.32 35.90
CA GLU A 292 14.51 11.85 37.16
C GLU A 292 14.96 13.28 36.99
N GLY A 293 14.60 14.11 37.97
CA GLY A 293 15.15 15.44 38.09
C GLY A 293 16.20 15.46 39.18
N PRO A 294 17.14 16.40 39.13
CA PRO A 294 18.17 16.43 40.17
C PRO A 294 17.67 16.96 41.50
N GLY A 295 16.91 18.04 41.49
CA GLY A 295 16.41 18.68 42.68
C GLY A 295 16.76 20.15 42.72
N TRP A 296 16.56 20.75 43.88
CA TRP A 296 16.67 22.19 44.02
C TRP A 296 18.12 22.68 43.97
N ALA A 297 18.90 22.29 44.96
CA ALA A 297 20.22 22.87 45.12
C ALA A 297 21.17 22.46 44.02
N HIS A 298 20.84 21.43 43.26
CA HIS A 298 21.74 20.97 42.23
C HIS A 298 21.83 22.03 41.15
N PRO A 299 23.02 22.54 40.81
CA PRO A 299 23.07 23.76 40.00
C PRO A 299 22.68 23.57 38.57
N ASP A 300 22.77 22.36 38.03
CA ASP A 300 22.50 22.18 36.61
C ASP A 300 21.05 22.39 36.23
N ASN A 301 20.17 22.58 37.21
CA ASN A 301 18.79 22.94 36.91
C ASN A 301 18.71 24.21 36.08
N VAL A 302 19.67 25.11 36.24
CA VAL A 302 19.74 26.29 35.39
C VAL A 302 19.84 25.86 33.94
N ALA A 303 20.67 24.87 33.66
CA ALA A 303 20.87 24.43 32.29
C ALA A 303 19.62 23.81 31.72
N LEU A 304 18.90 23.04 32.55
CA LEU A 304 17.78 22.29 32.03
C LEU A 304 16.61 23.20 31.70
N GLN A 305 16.42 24.26 32.48
CA GLN A 305 15.36 25.21 32.18
C GLN A 305 15.58 25.85 30.83
N VAL A 306 16.83 25.92 30.38
CA VAL A 306 17.11 26.37 29.03
C VAL A 306 16.62 25.33 28.03
N ALA A 307 17.05 24.08 28.22
CA ALA A 307 16.77 23.04 27.24
C ALA A 307 15.28 22.82 27.08
N ASN A 308 14.52 22.94 28.17
CA ASN A 308 13.08 22.96 28.04
C ASN A 308 12.64 24.10 27.14
N ALA A 309 13.33 25.24 27.21
CA ALA A 309 13.01 26.37 26.37
C ALA A 309 13.69 26.29 25.01
N ILE A 310 14.77 25.52 24.88
CA ILE A 310 15.29 25.23 23.55
C ILE A 310 14.23 24.51 22.75
N ILE A 311 13.53 23.59 23.39
CA ILE A 311 12.43 22.89 22.76
C ILE A 311 11.17 23.73 22.83
N GLY A 312 11.01 24.46 23.92
CA GLY A 312 9.96 25.45 24.01
C GLY A 312 8.59 24.82 24.14
N HIS A 313 7.66 25.32 23.34
CA HIS A 313 6.26 24.97 23.50
C HIS A 313 5.52 25.46 22.26
N TYR A 314 4.29 24.99 22.13
CA TYR A 314 3.43 25.37 21.03
C TYR A 314 2.03 24.87 21.33
N ASP A 315 1.03 25.71 21.06
CA ASP A 315 -0.35 25.23 21.17
C ASP A 315 -1.24 26.01 20.20
N CYS A 316 -1.34 25.48 18.98
CA CYS A 316 -2.46 25.68 18.06
C CYS A 316 -2.91 27.12 17.84
N THR A 317 -2.09 28.11 18.22
CA THR A 317 -2.49 29.51 18.13
C THR A 317 -1.40 30.43 17.60
N TYR A 318 -0.14 30.00 17.58
CA TYR A 318 0.95 30.91 17.30
C TYR A 318 1.15 31.01 15.80
N GLY A 319 0.95 32.22 15.27
CA GLY A 319 1.01 32.44 13.84
C GLY A 319 2.38 32.24 13.23
N GLY A 320 3.42 32.07 14.05
CA GLY A 320 4.73 31.74 13.52
C GLY A 320 4.69 30.49 12.67
N GLY A 321 4.11 29.43 13.20
CA GLY A 321 3.87 28.23 12.44
C GLY A 321 5.15 27.65 11.89
N ALA A 322 5.24 27.63 10.56
CA ALA A 322 6.43 27.11 9.90
C ALA A 322 7.66 27.93 10.23
N HIS A 323 7.49 29.23 10.42
CA HIS A 323 8.62 30.13 10.63
C HIS A 323 9.26 30.00 12.00
N LEU A 324 8.73 29.16 12.87
CA LEU A 324 9.21 29.14 14.24
C LEU A 324 10.63 28.60 14.32
N SER A 325 11.19 28.68 15.52
CA SER A 325 12.57 28.35 15.77
C SER A 325 12.75 26.94 16.31
N SER A 326 11.93 26.53 17.28
CA SER A 326 11.96 25.17 17.77
C SER A 326 11.62 24.23 16.62
N PRO A 327 12.56 23.36 16.19
CA PRO A 327 12.22 22.46 15.08
C PRO A 327 11.04 21.57 15.37
N LEU A 328 10.86 21.18 16.63
CA LEU A 328 9.67 20.45 17.03
C LEU A 328 8.42 21.24 16.69
N ALA A 329 8.40 22.51 17.08
CA ALA A 329 7.20 23.32 16.91
C ALA A 329 6.86 23.52 15.44
N SER A 330 7.89 23.70 14.62
CA SER A 330 7.65 23.96 13.20
C SER A 330 6.99 22.78 12.54
N ILE A 331 7.44 21.56 12.86
CA ILE A 331 6.86 20.37 12.28
C ILE A 331 5.44 20.20 12.77
N ALA A 332 5.20 20.46 14.05
CA ALA A 332 3.87 20.36 14.59
C ALA A 332 2.91 21.35 13.94
N ALA A 333 3.44 22.49 13.49
CA ALA A 333 2.62 23.44 12.75
C ALA A 333 2.55 23.06 11.29
N THR A 334 3.61 22.46 10.76
CA THR A 334 3.63 22.05 9.37
C THR A 334 2.52 21.05 9.09
N ASN A 335 2.61 19.88 9.70
CA ASN A 335 1.71 18.76 9.45
C ASN A 335 0.54 18.71 10.41
N LYS A 336 0.45 19.61 11.37
CA LYS A 336 -0.65 19.66 12.33
C LYS A 336 -0.77 18.33 13.06
N LEU A 337 0.37 17.82 13.52
CA LEU A 337 0.41 16.58 14.25
C LEU A 337 -0.33 16.70 15.57
N CYS A 338 0.14 17.58 16.44
CA CYS A 338 -0.42 17.77 17.76
C CYS A 338 -1.27 19.03 17.79
N GLN A 339 -1.76 19.36 18.98
CA GLN A 339 -2.53 20.58 19.21
C GLN A 339 -1.88 21.42 20.29
N SER A 340 -1.15 20.78 21.21
CA SER A 340 -0.49 21.53 22.26
C SER A 340 0.51 20.64 22.96
N PHE A 341 1.63 21.23 23.37
CA PHE A 341 2.52 20.57 24.29
C PHE A 341 3.26 21.60 25.12
N GLN A 342 3.76 21.13 26.24
CA GLN A 342 4.49 21.96 27.18
C GLN A 342 5.60 21.14 27.80
N THR A 343 6.59 21.84 28.32
CA THR A 343 7.66 21.24 29.10
C THR A 343 7.61 21.77 30.51
N PHE A 344 8.54 21.33 31.34
CA PHE A 344 8.55 21.72 32.74
C PHE A 344 9.89 21.35 33.33
N ASN A 345 10.10 21.77 34.58
CA ASN A 345 11.20 21.28 35.37
C ASN A 345 10.79 21.43 36.84
N ILE A 346 10.32 20.36 37.40
CA ILE A 346 9.94 20.34 38.81
C ILE A 346 11.20 20.18 39.64
N CYS A 347 11.18 20.79 40.82
CA CYS A 347 12.26 20.68 41.78
C CYS A 347 11.67 20.18 43.09
N TYR A 348 12.14 19.02 43.55
CA TYR A 348 11.90 18.55 44.91
C TYR A 348 13.26 18.40 45.60
N ALA A 349 13.25 17.92 46.84
CA ALA A 349 14.40 18.07 47.72
C ALA A 349 15.66 17.46 47.13
N ASP A 350 15.67 16.14 46.96
CA ASP A 350 16.79 15.42 46.38
C ASP A 350 16.55 15.05 44.93
N THR A 351 15.42 15.45 44.35
CA THR A 351 15.07 15.05 43.00
C THR A 351 14.09 16.05 42.44
N GLY A 352 13.69 15.81 41.20
CA GLY A 352 12.65 16.59 40.58
C GLY A 352 12.01 15.77 39.50
N LEU A 353 11.42 16.43 38.51
CA LEU A 353 10.99 15.75 37.30
C LEU A 353 11.27 16.64 36.11
N LEU A 354 11.96 16.08 35.13
CA LEU A 354 12.16 16.71 33.85
C LEU A 354 11.41 15.91 32.81
N GLY A 355 10.68 16.61 31.95
CA GLY A 355 9.95 15.92 30.91
C GLY A 355 9.13 16.84 30.06
N ALA A 356 7.95 16.38 29.68
CA ALA A 356 7.07 17.20 28.87
C ALA A 356 5.68 16.61 28.87
N HIS A 357 4.73 17.42 28.43
CA HIS A 357 3.34 17.07 28.30
C HIS A 357 2.91 17.46 26.91
N PHE A 358 2.29 16.54 26.18
CA PHE A 358 1.86 16.84 24.83
C PHE A 358 0.52 16.18 24.57
N VAL A 359 -0.15 16.72 23.57
CA VAL A 359 -1.58 16.54 23.37
C VAL A 359 -1.83 16.44 21.87
N CYS A 360 -2.27 15.28 21.41
CA CYS A 360 -2.45 15.06 19.99
C CYS A 360 -3.53 14.01 19.77
N ASP A 361 -3.76 13.71 18.51
CA ASP A 361 -4.76 12.73 18.09
C ASP A 361 -4.13 11.36 17.96
N HIS A 362 -4.98 10.34 18.00
CA HIS A 362 -4.53 8.96 18.10
C HIS A 362 -3.79 8.47 16.86
N MET A 363 -3.76 9.24 15.78
CA MET A 363 -3.03 8.87 14.57
C MET A 363 -1.76 9.66 14.41
N SER A 364 -1.21 10.22 15.48
CA SER A 364 -0.03 11.06 15.40
C SER A 364 0.93 10.88 16.57
N ILE A 365 0.67 9.97 17.49
CA ILE A 365 1.43 9.93 18.74
C ILE A 365 2.86 9.50 18.48
N ASP A 366 3.02 8.45 17.69
CA ASP A 366 4.34 7.84 17.52
C ASP A 366 5.33 8.82 16.92
N ASP A 367 4.88 9.61 15.96
CA ASP A 367 5.81 10.47 15.25
C ASP A 367 6.30 11.62 16.13
N MET A 368 5.41 12.18 16.95
CA MET A 368 5.81 13.25 17.85
C MET A 368 6.91 12.77 18.78
N MET A 369 6.74 11.59 19.36
CA MET A 369 7.74 11.04 20.24
C MET A 369 9.05 10.80 19.50
N PHE A 370 8.95 10.27 18.28
CA PHE A 370 10.15 10.05 17.48
C PHE A 370 10.87 11.34 17.21
N VAL A 371 10.13 12.41 16.97
CA VAL A 371 10.73 13.72 16.79
C VAL A 371 11.19 14.26 18.14
N LEU A 372 10.40 14.02 19.18
CA LEU A 372 10.71 14.57 20.49
C LEU A 372 12.02 14.04 21.01
N GLN A 373 12.13 12.71 21.08
CA GLN A 373 13.42 12.09 21.35
C GLN A 373 14.47 12.54 20.36
N GLY A 374 14.06 12.80 19.12
CA GLY A 374 14.97 13.31 18.12
C GLY A 374 15.60 14.63 18.48
N GLN A 375 14.98 15.38 19.39
CA GLN A 375 15.54 16.64 19.87
C GLN A 375 16.45 16.43 21.06
N TRP A 376 16.07 15.54 21.97
CA TRP A 376 16.88 15.34 23.17
C TRP A 376 18.25 14.78 22.82
N MET A 377 18.27 13.75 21.98
CA MET A 377 19.55 13.18 21.56
C MET A 377 20.37 14.21 20.81
N ARG A 378 19.70 15.11 20.09
CA ARG A 378 20.42 16.16 19.37
C ARG A 378 21.19 17.03 20.34
N LEU A 379 20.58 17.36 21.48
CA LEU A 379 21.23 18.23 22.45
C LEU A 379 22.23 17.49 23.30
N CYS A 380 22.02 16.19 23.50
CA CYS A 380 23.03 15.38 24.17
C CYS A 380 24.34 15.39 23.42
N THR A 381 24.29 15.52 22.09
CA THR A 381 25.44 15.35 21.23
C THR A 381 25.79 16.60 20.45
N SER A 382 24.82 17.19 19.76
CA SER A 382 25.07 18.25 18.79
C SER A 382 24.20 19.46 19.15
N ALA A 383 24.78 20.37 19.91
CA ALA A 383 24.09 21.55 20.39
C ALA A 383 24.80 22.79 19.86
N THR A 384 24.13 23.50 18.96
CA THR A 384 24.74 24.67 18.33
C THR A 384 24.78 25.83 19.31
N GLU A 385 25.92 26.52 19.35
CA GLU A 385 26.12 27.61 20.29
C GLU A 385 25.09 28.71 20.11
N SER A 386 24.77 29.05 18.87
CA SER A 386 23.81 30.11 18.62
C SER A 386 22.43 29.73 19.16
N GLU A 387 22.08 28.46 19.07
CA GLU A 387 20.81 28.00 19.60
C GLU A 387 20.79 28.03 21.12
N VAL A 388 21.96 27.95 21.75
CA VAL A 388 22.01 28.12 23.20
C VAL A 388 21.70 29.56 23.57
N LEU A 389 22.24 30.51 22.81
CA LEU A 389 21.99 31.91 23.08
C LEU A 389 20.53 32.26 22.94
N ARG A 390 19.81 31.51 22.10
CA ARG A 390 18.37 31.63 22.03
C ARG A 390 17.77 31.42 23.41
N GLY A 391 18.04 30.26 23.99
CA GLY A 391 17.41 29.91 25.25
C GLY A 391 17.93 30.70 26.43
N LYS A 392 19.22 31.05 26.41
CA LYS A 392 19.76 31.90 27.46
C LYS A 392 19.03 33.22 27.50
N ASN A 393 18.66 33.73 26.34
CA ASN A 393 17.90 34.97 26.25
C ASN A 393 16.40 34.73 26.35
N LEU A 394 15.94 33.48 26.30
CA LEU A 394 14.57 33.19 26.70
C LEU A 394 14.43 33.23 28.21
N LEU A 395 15.36 32.61 28.91
CA LEU A 395 15.20 32.40 30.34
C LEU A 395 15.32 33.70 31.11
N ARG A 396 16.11 34.65 30.61
CA ARG A 396 16.18 35.96 31.25
C ARG A 396 14.80 36.60 31.27
N ASN A 397 14.19 36.75 30.11
CA ASN A 397 12.84 37.29 30.02
C ASN A 397 11.81 36.44 30.72
N ALA A 398 12.14 35.18 31.05
CA ALA A 398 11.19 34.36 31.79
C ALA A 398 11.13 34.79 33.24
N LEU A 399 12.26 34.72 33.94
CA LEU A 399 12.27 35.01 35.37
C LEU A 399 11.91 36.46 35.64
N VAL A 400 12.33 37.35 34.75
CA VAL A 400 12.00 38.76 34.94
C VAL A 400 10.52 38.98 34.74
N SER A 401 10.00 38.59 33.59
CA SER A 401 8.58 38.76 33.31
C SER A 401 7.73 37.96 34.27
N HIS A 402 8.25 36.82 34.75
CA HIS A 402 7.63 36.13 35.87
C HIS A 402 7.52 37.06 37.07
N LEU A 403 8.51 37.92 37.26
CA LEU A 403 8.53 38.87 38.38
C LEU A 403 8.03 40.23 37.90
N ASP A 404 6.71 40.31 37.78
CA ASP A 404 6.00 41.53 37.39
C ASP A 404 4.92 41.78 38.42
N GLY A 405 5.29 42.48 39.49
CA GLY A 405 4.37 42.77 40.58
C GLY A 405 5.01 42.52 41.94
N THR A 406 4.21 42.02 42.87
CA THR A 406 4.67 41.66 44.21
C THR A 406 4.38 40.21 44.54
N THR A 407 3.20 39.73 44.19
CA THR A 407 2.85 38.34 44.47
C THR A 407 3.83 37.34 43.87
N PRO A 408 4.25 37.47 42.60
CA PRO A 408 5.28 36.56 42.10
C PRO A 408 6.58 36.66 42.87
N VAL A 409 6.91 37.85 43.37
CA VAL A 409 8.16 38.03 44.11
C VAL A 409 8.13 37.17 45.37
N CYS A 410 7.00 37.14 46.04
CA CYS A 410 6.90 36.41 47.30
C CYS A 410 6.64 34.94 47.09
N GLU A 411 6.22 34.53 45.89
CA GLU A 411 6.26 33.12 45.54
C GLU A 411 7.69 32.62 45.59
N ASP A 412 8.59 33.34 44.93
CA ASP A 412 10.00 32.96 44.90
C ASP A 412 10.61 32.97 46.29
N ILE A 413 10.33 34.04 47.05
CA ILE A 413 10.93 34.19 48.37
C ILE A 413 10.46 33.08 49.29
N GLY A 414 9.15 32.95 49.45
CA GLY A 414 8.62 31.90 50.30
C GLY A 414 8.95 30.50 49.85
N ARG A 415 9.40 30.34 48.61
CA ARG A 415 9.82 29.06 48.09
C ARG A 415 11.33 28.85 48.22
N SER A 416 12.10 29.87 47.83
CA SER A 416 13.56 29.76 47.94
C SER A 416 14.00 29.64 49.39
N LEU A 417 13.26 30.25 50.31
CA LEU A 417 13.60 30.20 51.72
C LEU A 417 13.15 28.92 52.39
N LEU A 418 12.77 27.91 51.61
CA LEU A 418 12.61 26.56 52.10
C LEU A 418 13.42 25.56 51.30
N THR A 419 13.97 25.96 50.15
CA THR A 419 14.63 25.06 49.24
C THR A 419 16.11 25.38 49.10
N TYR A 420 16.41 26.59 48.65
CA TYR A 420 17.77 27.01 48.41
C TYR A 420 18.45 27.56 49.65
N GLY A 421 17.71 27.75 50.74
CA GLY A 421 18.25 28.45 51.88
C GLY A 421 18.03 29.92 51.71
N ARG A 422 19.04 30.60 51.18
CA ARG A 422 18.95 32.02 50.92
C ARG A 422 18.00 32.30 49.77
N ARG A 423 17.74 33.59 49.55
CA ARG A 423 17.29 34.05 48.25
C ARG A 423 18.50 34.25 47.34
N ILE A 424 18.27 34.08 46.05
CA ILE A 424 19.30 34.30 45.03
C ILE A 424 18.93 35.59 44.30
N PRO A 425 19.78 36.61 44.32
CA PRO A 425 19.49 37.80 43.51
C PRO A 425 19.59 37.52 42.03
N LEU A 426 18.95 38.39 41.25
CA LEU A 426 18.86 38.19 39.81
C LEU A 426 20.20 38.41 39.14
N ALA A 427 21.06 39.25 39.71
CA ALA A 427 22.41 39.35 39.21
C ALA A 427 23.17 38.05 39.36
N GLU A 428 22.79 37.23 40.35
CA GLU A 428 23.44 35.95 40.53
C GLU A 428 22.89 34.90 39.58
N TRP A 429 21.58 34.95 39.30
CA TRP A 429 21.01 34.05 38.30
C TRP A 429 21.66 34.27 36.95
N GLU A 430 22.03 35.52 36.65
CA GLU A 430 22.64 35.83 35.37
C GLU A 430 24.04 35.26 35.29
N SER A 431 24.84 35.49 36.33
CA SER A 431 26.24 35.06 36.30
C SER A 431 26.36 33.56 36.13
N ARG A 432 25.44 32.80 36.75
CA ARG A 432 25.42 31.36 36.54
C ARG A 432 25.17 31.02 35.09
N ILE A 433 24.23 31.72 34.47
CA ILE A 433 23.86 31.43 33.10
C ILE A 433 25.00 31.78 32.17
N ALA A 434 25.69 32.88 32.44
CA ALA A 434 26.75 33.33 31.56
C ALA A 434 27.92 32.37 31.53
N GLU A 435 28.08 31.52 32.55
CA GLU A 435 29.07 30.46 32.50
C GLU A 435 28.69 29.37 31.51
N VAL A 436 27.42 29.30 31.12
CA VAL A 436 26.94 28.16 30.35
C VAL A 436 27.45 28.23 28.92
N ASP A 437 27.70 27.07 28.34
CA ASP A 437 27.92 26.93 26.92
C ASP A 437 27.54 25.51 26.52
N ALA A 438 27.70 25.20 25.24
CA ALA A 438 27.26 23.92 24.72
C ALA A 438 28.05 22.76 25.32
N ARG A 439 29.25 23.01 25.81
CA ARG A 439 30.01 21.97 26.51
C ARG A 439 29.26 21.49 27.73
N VAL A 440 28.60 22.41 28.43
CA VAL A 440 27.88 22.02 29.64
C VAL A 440 26.68 21.17 29.26
N VAL A 441 25.95 21.58 28.24
CA VAL A 441 24.67 20.94 27.92
C VAL A 441 24.90 19.50 27.53
N ARG A 442 25.90 19.27 26.69
CA ARG A 442 26.24 17.92 26.25
C ARG A 442 26.61 17.02 27.41
N GLU A 443 27.07 17.59 28.53
CA GLU A 443 27.33 16.80 29.72
C GLU A 443 26.04 16.55 30.50
N VAL A 444 25.19 17.57 30.58
CA VAL A 444 24.00 17.46 31.42
C VAL A 444 22.98 16.55 30.78
N CYS A 445 22.63 16.83 29.52
CA CYS A 445 21.64 16.00 28.83
C CYS A 445 22.10 14.56 28.75
N SER A 446 23.40 14.34 28.58
CA SER A 446 23.94 12.99 28.61
C SER A 446 23.75 12.35 29.98
N LYS A 447 23.60 13.16 31.02
CA LYS A 447 23.52 12.64 32.37
C LYS A 447 22.10 12.27 32.76
N TYR A 448 21.09 12.97 32.22
CA TYR A 448 19.72 12.86 32.68
C TYR A 448 18.72 12.46 31.62
N PHE A 449 18.98 12.70 30.35
CA PHE A 449 18.16 12.14 29.28
C PHE A 449 18.67 10.76 28.87
N TYR A 450 19.94 10.70 28.51
CA TYR A 450 20.48 9.62 27.71
C TYR A 450 20.38 8.28 28.43
N ASP A 451 19.62 7.36 27.83
CA ASP A 451 19.58 5.95 28.21
C ASP A 451 18.96 5.73 29.57
N GLN A 452 18.37 6.74 30.18
CA GLN A 452 17.81 6.60 31.51
C GLN A 452 16.55 5.76 31.45
N CYS A 453 15.88 5.64 32.58
CA CYS A 453 14.68 4.84 32.73
C CYS A 453 13.48 5.77 32.89
N PRO A 454 12.92 6.28 31.80
CA PRO A 454 11.92 7.32 31.92
C PRO A 454 10.61 6.81 32.51
N ALA A 455 9.71 7.77 32.72
CA ALA A 455 8.39 7.52 33.26
C ALA A 455 7.37 8.09 32.28
N VAL A 456 6.32 7.31 32.02
CA VAL A 456 5.38 7.60 30.95
C VAL A 456 3.99 7.64 31.57
N ALA A 457 3.07 8.28 30.87
CA ALA A 457 1.67 8.26 31.25
C ALA A 457 0.81 8.51 30.02
N GLY A 458 -0.47 8.21 30.15
CA GLY A 458 -1.40 8.38 29.05
C GLY A 458 -2.85 8.16 29.43
N PHE A 459 -3.71 9.06 28.97
CA PHE A 459 -5.14 9.02 29.26
C PHE A 459 -5.88 9.43 28.00
N GLY A 460 -6.30 8.45 27.22
CA GLY A 460 -7.00 8.71 25.99
C GLY A 460 -6.83 7.62 24.96
N PRO A 461 -7.18 7.90 23.73
CA PRO A 461 -6.97 6.92 22.67
C PRO A 461 -5.50 6.78 22.35
N ILE A 462 -4.86 5.94 23.13
CA ILE A 462 -3.41 5.75 23.08
C ILE A 462 -3.10 4.49 22.28
N GLU A 463 -4.01 4.14 21.38
CA GLU A 463 -3.88 2.93 20.58
C GLU A 463 -2.56 2.87 19.84
N GLN A 464 -2.05 4.02 19.42
CA GLN A 464 -0.77 4.11 18.74
C GLN A 464 0.40 4.18 19.70
N LEU A 465 0.15 4.33 20.99
CA LEU A 465 1.22 4.60 21.95
C LEU A 465 2.18 3.43 22.02
N PRO A 466 3.44 3.60 21.63
CA PRO A 466 4.35 2.45 21.65
C PRO A 466 4.68 2.00 23.05
N ASP A 467 5.44 0.91 23.11
CA ASP A 467 5.84 0.30 24.36
C ASP A 467 7.05 0.99 24.94
N TYR A 468 7.14 0.94 26.27
CA TYR A 468 8.25 1.54 27.01
C TYR A 468 9.59 1.05 26.48
N ASN A 469 9.68 -0.20 26.05
CA ASN A 469 10.93 -0.72 25.52
C ASN A 469 11.32 0.01 24.25
N ARG A 470 10.40 0.08 23.28
CA ARG A 470 10.67 0.81 22.06
C ARG A 470 11.01 2.26 22.35
N ILE A 471 10.35 2.84 23.34
CA ILE A 471 10.58 4.23 23.69
C ILE A 471 12.00 4.40 24.20
N ARG A 472 12.44 3.48 25.05
CA ARG A 472 13.80 3.55 25.54
C ARG A 472 14.79 3.25 24.43
N SER A 473 14.46 2.31 23.55
CA SER A 473 15.36 2.05 22.43
C SER A 473 15.44 3.24 21.50
N GLY A 474 14.41 4.07 21.46
CA GLY A 474 14.48 5.34 20.78
C GLY A 474 15.16 6.43 21.57
N MET A 475 15.61 6.12 22.79
CA MET A 475 16.16 7.16 23.64
C MET A 475 17.62 7.46 23.31
N PHE A 476 18.39 6.45 22.92
CA PHE A 476 19.79 6.64 22.61
C PHE A 476 20.01 6.59 21.10
N TRP A 477 20.44 7.72 20.55
CA TRP A 477 20.89 7.83 19.19
C TRP A 477 21.87 6.70 18.86
N LEU A 478 21.66 6.07 17.72
CA LEU A 478 22.44 4.90 17.29
C LEU A 478 22.32 3.79 18.31
N GLN B 36 10.97 57.51 39.56
CA GLN B 36 11.04 58.28 38.33
C GLN B 36 9.65 58.63 37.84
N ASP B 37 9.54 59.76 37.16
CA ASP B 37 8.25 60.29 36.72
C ASP B 37 7.96 59.90 35.28
N LEU B 38 6.70 60.06 34.91
CA LEU B 38 6.17 59.61 33.62
C LEU B 38 6.12 60.78 32.65
N GLU B 39 7.00 60.75 31.66
CA GLU B 39 6.88 61.67 30.54
C GLU B 39 5.54 61.46 29.84
N PHE B 40 5.07 62.52 29.20
CA PHE B 40 3.81 62.46 28.45
C PHE B 40 3.77 63.66 27.54
N THR B 41 3.70 63.42 26.23
CA THR B 41 3.87 64.48 25.25
C THR B 41 2.80 64.30 24.17
N ARG B 42 2.96 65.04 23.08
CA ARG B 42 2.07 64.96 21.94
C ARG B 42 2.72 65.69 20.79
N LEU B 43 2.66 65.10 19.62
CA LEU B 43 3.17 65.72 18.43
C LEU B 43 2.08 66.52 17.72
N PRO B 44 2.45 67.40 16.78
CA PRO B 44 1.40 68.11 16.03
C PRO B 44 0.51 67.19 15.23
N ASN B 45 0.99 66.00 14.88
CA ASN B 45 0.22 65.05 14.10
C ASN B 45 -0.80 64.28 14.93
N GLY B 46 -1.01 64.66 16.20
CA GLY B 46 -1.94 63.94 17.04
C GLY B 46 -1.43 62.64 17.57
N LEU B 47 -0.11 62.44 17.56
CA LEU B 47 0.52 61.18 17.93
C LEU B 47 1.13 61.32 19.31
N VAL B 48 0.57 60.60 20.27
CA VAL B 48 1.01 60.70 21.65
C VAL B 48 2.26 59.85 21.86
N ILE B 49 3.09 60.28 22.80
CA ILE B 49 4.20 59.49 23.30
C ILE B 49 4.24 59.64 24.81
N ALA B 50 4.62 58.55 25.48
CA ALA B 50 4.97 58.58 26.89
C ALA B 50 6.15 57.64 27.10
N SER B 51 6.68 57.66 28.32
CA SER B 51 7.86 56.87 28.63
C SER B 51 8.10 56.95 30.13
N LEU B 52 8.60 55.86 30.69
CA LEU B 52 8.86 55.80 32.13
C LEU B 52 10.12 54.96 32.34
N GLU B 53 11.26 55.64 32.41
CA GLU B 53 12.54 54.98 32.64
C GLU B 53 12.64 54.61 34.11
N ASN B 54 12.05 53.47 34.45
CA ASN B 54 12.11 52.93 35.80
C ASN B 54 13.45 52.29 36.14
N TYR B 55 14.43 52.30 35.22
CA TYR B 55 15.68 51.57 35.40
C TYR B 55 15.44 50.08 35.65
N ALA B 56 14.37 49.54 35.06
CA ALA B 56 14.10 48.11 35.20
C ALA B 56 14.83 47.33 34.12
N PRO B 57 14.98 46.02 34.29
CA PRO B 57 15.60 45.22 33.23
C PRO B 57 14.72 45.03 32.02
N ALA B 58 13.45 44.71 32.25
CA ALA B 58 12.56 44.28 31.16
C ALA B 58 12.00 45.51 30.48
N SER B 59 12.56 45.85 29.34
CA SER B 59 11.92 46.84 28.50
C SER B 59 10.58 46.31 28.03
N ARG B 60 9.70 47.23 27.68
CA ARG B 60 8.34 46.87 27.32
C ARG B 60 7.72 48.03 26.57
N ILE B 61 7.07 47.70 25.46
CA ILE B 61 6.45 48.70 24.61
C ILE B 61 5.05 48.22 24.29
N GLY B 62 4.12 49.16 24.22
CA GLY B 62 2.77 48.90 23.79
C GLY B 62 2.27 50.04 22.95
N LEU B 63 1.66 49.71 21.82
CA LEU B 63 1.17 50.70 20.87
C LEU B 63 -0.35 50.61 20.85
N PHE B 64 -0.97 51.32 21.77
CA PHE B 64 -2.43 51.35 21.82
C PHE B 64 -2.99 52.17 20.68
N ILE B 65 -3.99 51.62 20.01
CA ILE B 65 -4.55 52.17 18.78
C ILE B 65 -6.06 52.04 18.87
N LYS B 66 -6.78 52.93 18.19
CA LYS B 66 -8.23 52.80 18.01
C LYS B 66 -8.47 52.01 16.73
N ALA B 67 -8.54 50.68 16.86
CA ALA B 67 -8.83 49.82 15.72
C ALA B 67 -9.74 48.66 16.09
N GLY B 68 -10.45 48.72 17.20
CA GLY B 68 -11.39 47.69 17.54
C GLY B 68 -12.47 47.56 16.49
N SER B 69 -13.23 46.47 16.60
CA SER B 69 -14.16 46.11 15.54
C SER B 69 -15.38 47.02 15.49
N ARG B 70 -15.49 48.01 16.38
CA ARG B 70 -16.53 49.00 16.22
C ARG B 70 -16.38 49.76 14.91
N TYR B 71 -15.15 49.96 14.47
CA TYR B 71 -14.88 50.63 13.22
C TYR B 71 -15.19 49.78 11.99
N GLU B 72 -15.51 48.50 12.18
CA GLU B 72 -15.92 47.65 11.08
C GLU B 72 -17.34 47.96 10.67
N ASN B 73 -17.60 47.93 9.37
CA ASN B 73 -18.96 48.01 8.85
C ASN B 73 -19.49 46.58 8.68
N SER B 74 -20.62 46.46 7.99
CA SER B 74 -21.23 45.15 7.82
C SER B 74 -20.39 44.23 6.94
N ASN B 75 -19.69 44.80 5.95
CA ASN B 75 -19.05 43.98 4.93
C ASN B 75 -17.67 43.50 5.34
N ASN B 76 -17.04 44.17 6.32
CA ASN B 76 -15.68 43.85 6.73
C ASN B 76 -15.62 43.17 8.09
N LEU B 77 -16.65 42.39 8.42
CA LEU B 77 -16.71 41.81 9.75
C LEU B 77 -15.80 40.61 9.84
N GLY B 78 -15.44 40.27 11.08
CA GLY B 78 -14.45 39.24 11.31
C GLY B 78 -13.08 39.61 10.77
N THR B 79 -12.80 40.90 10.62
CA THR B 79 -11.55 41.35 10.06
C THR B 79 -10.47 41.49 11.14
N SER B 80 -10.79 42.19 12.22
CA SER B 80 -9.82 42.39 13.28
C SER B 80 -9.38 41.07 13.88
N HIS B 81 -10.27 40.08 13.90
CA HIS B 81 -9.91 38.72 14.31
C HIS B 81 -8.80 38.18 13.43
N LEU B 82 -8.78 38.57 12.16
CA LEU B 82 -7.68 38.19 11.29
C LEU B 82 -6.49 39.09 11.48
N LEU B 83 -6.74 40.40 11.52
CA LEU B 83 -5.65 41.35 11.69
C LEU B 83 -4.94 41.13 13.01
N ARG B 84 -5.68 40.69 14.02
CA ARG B 84 -5.07 40.38 15.29
C ARG B 84 -4.08 39.23 15.19
N LEU B 85 -4.24 38.38 14.18
CA LEU B 85 -3.29 37.33 13.86
C LEU B 85 -2.42 37.66 12.66
N ALA B 86 -2.73 38.74 11.93
CA ALA B 86 -1.93 39.12 10.79
C ALA B 86 -0.53 39.57 11.17
N SER B 87 -0.27 39.77 12.46
CA SER B 87 1.09 39.91 12.93
C SER B 87 1.91 38.71 12.51
N SER B 88 3.23 38.87 12.43
CA SER B 88 4.14 37.82 12.02
C SER B 88 3.95 37.43 10.56
N LEU B 89 3.68 38.40 9.71
CA LEU B 89 3.57 38.20 8.28
C LEU B 89 4.56 39.09 7.55
N THR B 90 4.51 39.04 6.22
CA THR B 90 5.46 39.78 5.40
C THR B 90 5.35 41.27 5.65
N THR B 91 6.50 41.94 5.59
CA THR B 91 6.57 43.38 5.57
C THR B 91 7.43 43.80 4.39
N LYS B 92 7.75 45.09 4.31
CA LYS B 92 8.72 45.57 3.34
C LYS B 92 10.13 45.54 3.92
N GLY B 93 10.29 46.10 5.11
CA GLY B 93 11.58 46.11 5.77
C GLY B 93 12.03 44.77 6.28
N ALA B 94 11.18 43.75 6.24
CA ALA B 94 11.55 42.44 6.73
C ALA B 94 10.55 41.41 6.24
N SER B 95 10.91 40.16 6.43
CA SER B 95 10.07 39.02 6.08
C SER B 95 9.38 38.49 7.32
N SER B 96 8.39 37.63 7.08
CA SER B 96 7.72 36.95 8.19
C SER B 96 8.69 36.07 8.95
N PHE B 97 9.57 35.38 8.23
CA PHE B 97 10.48 34.44 8.87
C PHE B 97 11.43 35.16 9.81
N LYS B 98 12.11 36.18 9.30
CA LYS B 98 13.17 36.85 10.06
C LYS B 98 12.62 37.42 11.36
N ILE B 99 11.40 37.92 11.34
CA ILE B 99 10.83 38.52 12.52
C ILE B 99 10.54 37.45 13.56
N THR B 100 10.06 36.29 13.09
CA THR B 100 9.77 35.20 14.00
C THR B 100 11.03 34.75 14.74
N ARG B 101 12.17 34.80 14.07
CA ARG B 101 13.42 34.36 14.68
C ARG B 101 14.13 35.51 15.38
N GLY B 102 14.08 36.70 14.81
CA GLY B 102 14.79 37.83 15.38
C GLY B 102 14.31 38.18 16.77
N ILE B 103 13.08 37.82 17.09
CA ILE B 103 12.54 38.07 18.43
C ILE B 103 12.99 36.98 19.38
N GLU B 104 12.83 35.73 18.95
CA GLU B 104 13.15 34.61 19.82
C GLU B 104 14.65 34.47 20.05
N ALA B 105 15.47 35.09 19.20
CA ALA B 105 16.90 35.14 19.49
C ALA B 105 17.16 35.95 20.75
N VAL B 106 16.68 37.19 20.78
CA VAL B 106 16.72 37.97 22.00
C VAL B 106 15.72 37.45 23.03
N GLY B 107 14.78 36.62 22.61
CA GLY B 107 13.89 35.96 23.53
C GLY B 107 12.72 36.80 23.98
N GLY B 108 12.29 37.72 23.14
CA GLY B 108 11.19 38.60 23.47
C GLY B 108 9.85 37.98 23.26
N LYS B 109 8.88 38.83 22.91
CA LYS B 109 7.52 38.40 22.66
C LYS B 109 6.91 39.32 21.63
N LEU B 110 5.73 38.94 21.17
CA LEU B 110 4.90 39.84 20.39
C LEU B 110 3.45 39.46 20.66
N SER B 111 2.86 40.10 21.65
CA SER B 111 1.50 39.83 22.06
C SER B 111 0.60 40.96 21.59
N VAL B 112 -0.68 40.61 21.43
CA VAL B 112 -1.65 41.51 20.82
C VAL B 112 -2.93 41.45 21.62
N THR B 113 -3.19 42.51 22.36
CA THR B 113 -4.48 42.72 22.98
C THR B 113 -5.36 43.49 22.00
N SER B 114 -6.64 43.19 22.03
CA SER B 114 -7.58 43.87 21.15
C SER B 114 -8.95 43.89 21.78
N THR B 115 -9.56 45.08 21.77
CA THR B 115 -10.86 45.32 22.35
C THR B 115 -11.81 45.80 21.27
N ARG B 116 -13.07 45.95 21.64
CA ARG B 116 -14.06 46.51 20.73
C ARG B 116 -13.72 47.93 20.35
N GLU B 117 -12.97 48.64 21.20
CA GLU B 117 -12.44 49.95 20.87
C GLU B 117 -11.08 49.86 20.22
N ASN B 118 -10.16 49.16 20.87
CA ASN B 118 -8.74 49.35 20.65
C ASN B 118 -8.06 48.09 20.13
N MET B 119 -6.78 48.23 19.82
CA MET B 119 -5.98 47.14 19.27
C MET B 119 -4.52 47.44 19.61
N ALA B 120 -3.99 46.69 20.57
CA ALA B 120 -2.66 46.94 21.11
C ALA B 120 -1.65 45.95 20.56
N TYR B 121 -0.45 46.44 20.29
CA TYR B 121 0.69 45.60 19.91
C TYR B 121 1.70 45.70 21.05
N THR B 122 1.50 44.87 22.05
CA THR B 122 2.42 44.75 23.17
C THR B 122 3.61 43.89 22.78
N VAL B 123 4.75 44.20 23.37
CA VAL B 123 5.97 43.41 23.20
C VAL B 123 6.70 43.33 24.54
N GLU B 124 7.80 42.61 24.53
CA GLU B 124 8.67 42.49 25.68
C GLU B 124 10.07 42.17 25.19
N CYS B 125 11.06 42.60 25.96
CA CYS B 125 12.45 42.27 25.67
C CYS B 125 13.29 42.76 26.84
N LEU B 126 14.58 42.50 26.75
CA LEU B 126 15.55 43.11 27.63
C LEU B 126 16.01 44.42 27.02
N ARG B 127 16.36 45.37 27.89
CA ARG B 127 16.64 46.72 27.42
C ARG B 127 17.87 46.81 26.53
N ASP B 128 18.70 45.78 26.50
CA ASP B 128 19.93 45.84 25.72
C ASP B 128 19.70 45.72 24.21
N ASP B 129 18.49 45.36 23.77
CA ASP B 129 18.24 45.07 22.35
C ASP B 129 16.92 45.69 21.90
N VAL B 130 16.54 46.82 22.49
CA VAL B 130 15.28 47.45 22.15
C VAL B 130 15.31 47.95 20.72
N ASP B 131 16.47 48.41 20.24
CA ASP B 131 16.55 49.04 18.94
C ASP B 131 16.15 48.07 17.83
N ILE B 132 16.47 46.80 17.99
CA ILE B 132 16.12 45.80 16.98
C ILE B 132 14.62 45.59 16.98
N LEU B 133 14.07 45.29 18.15
CA LEU B 133 12.67 44.93 18.26
C LEU B 133 11.76 46.08 17.88
N MET B 134 12.23 47.32 18.08
CA MET B 134 11.50 48.48 17.59
C MET B 134 11.23 48.35 16.10
N GLU B 135 12.28 48.06 15.34
CA GLU B 135 12.17 48.01 13.88
C GLU B 135 11.22 46.90 13.45
N PHE B 136 11.21 45.78 14.17
CA PHE B 136 10.31 44.70 13.83
C PHE B 136 8.86 45.12 13.98
N LEU B 137 8.58 45.91 15.02
CA LEU B 137 7.20 46.31 15.29
C LEU B 137 6.64 47.14 14.15
N LEU B 138 7.27 48.28 13.88
CA LEU B 138 6.71 49.28 12.99
C LEU B 138 6.51 48.71 11.60
N ASN B 139 7.36 47.78 11.20
CA ASN B 139 7.20 47.16 9.89
C ASN B 139 5.91 46.36 9.80
N VAL B 140 5.39 45.89 10.94
CA VAL B 140 4.10 45.22 10.94
C VAL B 140 3.00 46.23 10.66
N THR B 141 3.07 47.39 11.31
CA THR B 141 2.01 48.36 11.26
C THR B 141 2.19 49.36 10.12
N THR B 142 3.42 49.65 9.75
CA THR B 142 3.70 50.73 8.80
C THR B 142 3.90 50.23 7.39
N ALA B 143 4.57 49.10 7.22
CA ALA B 143 4.75 48.47 5.90
C ALA B 143 4.34 47.01 5.95
N PRO B 144 3.06 46.72 6.20
CA PRO B 144 2.55 45.37 5.91
C PRO B 144 2.07 45.26 4.48
N GLU B 145 2.55 44.25 3.77
CA GLU B 145 2.10 44.03 2.40
C GLU B 145 0.72 43.37 2.37
N PHE B 146 0.48 42.45 3.30
CA PHE B 146 -0.73 41.61 3.27
C PHE B 146 -0.87 40.96 1.91
N ARG B 147 0.08 40.09 1.60
CA ARG B 147 0.04 39.35 0.36
C ARG B 147 -1.09 38.33 0.39
N ARG B 148 -1.20 37.57 -0.68
CA ARG B 148 -2.33 36.66 -0.83
C ARG B 148 -2.11 35.37 -0.08
N TRP B 149 -1.01 34.67 -0.38
CA TRP B 149 -0.92 33.26 0.01
C TRP B 149 -0.72 33.08 1.50
N GLU B 150 0.01 33.99 2.14
CA GLU B 150 0.20 33.88 3.59
C GLU B 150 -1.12 33.99 4.31
N VAL B 151 -2.06 34.77 3.75
CA VAL B 151 -3.35 34.94 4.38
C VAL B 151 -4.15 33.65 4.30
N ALA B 152 -4.17 33.02 3.12
CA ALA B 152 -4.98 31.83 2.90
C ALA B 152 -4.61 30.73 3.87
N ALA B 153 -3.33 30.61 4.19
CA ALA B 153 -2.93 29.67 5.22
C ALA B 153 -3.39 30.13 6.60
N LEU B 154 -3.51 31.44 6.79
CA LEU B 154 -3.81 31.99 8.09
C LEU B 154 -5.30 32.12 8.36
N GLN B 155 -6.15 32.11 7.32
CA GLN B 155 -7.59 32.15 7.54
C GLN B 155 -8.09 30.98 8.39
N PRO B 156 -7.87 29.72 8.01
CA PRO B 156 -8.49 28.62 8.78
C PRO B 156 -8.03 28.54 10.22
N GLN B 157 -6.97 29.25 10.58
CA GLN B 157 -6.63 29.43 11.99
C GLN B 157 -7.78 30.04 12.78
N LEU B 158 -8.61 30.85 12.12
CA LEU B 158 -9.72 31.50 12.80
C LEU B 158 -10.68 30.49 13.40
N ARG B 159 -10.92 29.39 12.69
CA ARG B 159 -11.79 28.35 13.22
C ARG B 159 -11.25 27.80 14.52
N ILE B 160 -9.94 27.73 14.63
CA ILE B 160 -9.32 27.26 15.86
C ILE B 160 -9.51 28.29 16.96
N ASP B 161 -9.00 29.50 16.73
CA ASP B 161 -9.03 30.55 17.75
C ASP B 161 -10.47 30.86 18.17
N LYS B 162 -11.40 30.80 17.22
CA LYS B 162 -12.79 31.05 17.56
C LYS B 162 -13.32 30.04 18.55
N ALA B 163 -12.81 28.82 18.50
CA ALA B 163 -13.34 27.74 19.31
C ALA B 163 -12.63 27.60 20.65
N VAL B 164 -11.39 28.08 20.75
CA VAL B 164 -10.70 28.02 22.02
C VAL B 164 -11.44 28.86 23.05
N ALA B 165 -11.93 30.02 22.62
CA ALA B 165 -12.71 30.86 23.51
C ALA B 165 -13.98 30.16 23.94
N LEU B 166 -14.72 29.62 22.97
CA LEU B 166 -16.04 29.07 23.25
C LEU B 166 -15.99 27.73 23.97
N GLN B 167 -14.80 27.17 24.20
CA GLN B 167 -14.66 26.23 25.30
C GLN B 167 -14.93 26.94 26.61
N ASN B 168 -14.61 28.22 26.70
CA ASN B 168 -14.96 29.06 27.84
C ASN B 168 -16.27 29.73 27.44
N PRO B 169 -17.43 29.20 27.84
CA PRO B 169 -18.69 29.53 27.15
C PRO B 169 -19.12 30.99 27.24
N GLN B 170 -18.44 31.81 28.04
CA GLN B 170 -18.87 33.19 28.21
C GLN B 170 -18.84 33.97 26.91
N ALA B 171 -17.97 33.60 25.99
CA ALA B 171 -17.55 34.48 24.91
C ALA B 171 -18.44 34.41 23.67
N HIS B 172 -19.62 33.82 23.79
CA HIS B 172 -20.69 34.05 22.83
C HIS B 172 -21.96 34.52 23.48
N VAL B 173 -22.16 34.22 24.77
CA VAL B 173 -23.14 34.93 25.55
C VAL B 173 -22.84 36.42 25.50
N ILE B 174 -21.60 36.78 25.84
CA ILE B 174 -21.27 38.17 26.07
C ILE B 174 -21.29 38.95 24.77
N GLU B 175 -20.87 38.34 23.68
CA GLU B 175 -20.94 39.01 22.39
C GLU B 175 -22.38 39.33 22.03
N ASN B 176 -23.30 38.44 22.38
CA ASN B 176 -24.69 38.61 22.00
C ASN B 176 -25.34 39.80 22.69
N LEU B 177 -24.84 40.19 23.86
CA LEU B 177 -25.35 41.39 24.52
C LEU B 177 -25.17 42.60 23.63
N HIS B 178 -23.92 42.84 23.23
CA HIS B 178 -23.63 43.92 22.30
C HIS B 178 -24.47 43.78 21.05
N ALA B 179 -24.51 42.58 20.49
CA ALA B 179 -25.30 42.34 19.30
C ALA B 179 -26.79 42.42 19.56
N ALA B 180 -27.21 42.29 20.80
CA ALA B 180 -28.62 42.46 21.16
C ALA B 180 -28.92 43.91 21.50
N ALA B 181 -28.14 44.50 22.39
CA ALA B 181 -28.40 45.85 22.87
C ALA B 181 -28.07 46.87 21.79
N TYR B 182 -26.80 46.94 21.44
CA TYR B 182 -26.32 47.87 20.44
C TYR B 182 -26.49 47.26 19.06
N ARG B 183 -26.33 48.11 18.04
CA ARG B 183 -26.72 47.78 16.69
C ARG B 183 -25.54 47.66 15.74
N ASN B 184 -24.79 48.75 15.59
CA ASN B 184 -23.92 48.94 14.44
C ASN B 184 -22.45 48.66 14.76
N ALA B 185 -21.90 49.39 15.73
CA ALA B 185 -20.46 49.36 15.94
C ALA B 185 -20.06 48.33 17.00
N LEU B 186 -20.50 48.54 18.23
CA LEU B 186 -20.08 47.64 19.30
C LEU B 186 -20.74 46.29 19.21
N ALA B 187 -21.86 46.21 18.50
CA ALA B 187 -22.49 44.92 18.24
C ALA B 187 -21.56 43.98 17.51
N ASN B 188 -20.65 44.52 16.72
CA ASN B 188 -19.71 43.70 15.99
C ASN B 188 -18.76 43.01 16.94
N SER B 189 -18.73 41.69 16.90
CA SER B 189 -17.89 40.93 17.79
C SER B 189 -16.42 41.11 17.44
N LEU B 190 -15.58 40.85 18.44
CA LEU B 190 -14.15 40.75 18.19
C LEU B 190 -13.88 39.67 17.17
N TYR B 191 -14.45 38.50 17.39
CA TYR B 191 -14.16 37.33 16.58
C TYR B 191 -14.91 37.41 15.26
N CYS B 192 -14.75 36.36 14.47
CA CYS B 192 -15.16 36.31 13.10
C CYS B 192 -16.27 35.29 12.90
N PRO B 193 -17.36 35.62 12.22
CA PRO B 193 -18.33 34.59 11.87
C PRO B 193 -17.71 33.53 10.96
N ASP B 194 -18.41 32.39 10.88
CA ASP B 194 -17.92 31.27 10.10
C ASP B 194 -17.82 31.63 8.63
N TYR B 195 -18.94 32.02 8.04
CA TYR B 195 -19.04 32.24 6.60
C TYR B 195 -18.02 33.23 6.08
N ARG B 196 -17.64 34.22 6.90
CA ARG B 196 -16.64 35.19 6.48
C ARG B 196 -15.32 34.51 6.13
N ILE B 197 -15.05 33.36 6.76
CA ILE B 197 -13.82 32.64 6.49
C ILE B 197 -13.85 32.17 5.05
N GLY B 198 -12.67 32.15 4.43
CA GLY B 198 -12.58 31.79 3.04
C GLY B 198 -13.13 32.83 2.09
N LYS B 199 -13.48 34.02 2.59
CA LYS B 199 -14.02 35.09 1.78
C LYS B 199 -13.30 36.42 2.01
N VAL B 200 -12.32 36.45 2.89
CA VAL B 200 -11.64 37.69 3.22
C VAL B 200 -10.60 38.06 2.17
N THR B 201 -10.46 39.35 1.95
CA THR B 201 -9.63 39.93 0.91
C THR B 201 -8.48 40.71 1.53
N PRO B 202 -7.29 40.71 0.92
CA PRO B 202 -6.22 41.58 1.43
C PRO B 202 -6.46 43.04 1.17
N VAL B 203 -6.97 43.38 -0.01
CA VAL B 203 -7.36 44.76 -0.34
C VAL B 203 -8.28 45.30 0.74
N GLU B 204 -9.19 44.46 1.22
CA GLU B 204 -10.13 44.84 2.26
C GLU B 204 -9.44 45.28 3.53
N LEU B 205 -8.18 44.90 3.73
CA LEU B 205 -7.41 45.35 4.88
C LEU B 205 -6.74 46.69 4.62
N HIS B 206 -6.14 46.87 3.44
CA HIS B 206 -5.45 48.11 3.13
C HIS B 206 -6.36 49.31 3.29
N ASP B 207 -7.63 49.17 2.88
CA ASP B 207 -8.61 50.20 3.18
C ASP B 207 -8.77 50.35 4.69
N TYR B 208 -8.79 49.23 5.42
CA TYR B 208 -8.95 49.28 6.86
C TYR B 208 -7.71 49.84 7.53
N VAL B 209 -6.54 49.48 7.03
CA VAL B 209 -5.30 49.91 7.67
C VAL B 209 -5.06 51.38 7.40
N GLN B 210 -5.14 51.78 6.13
CA GLN B 210 -4.87 53.16 5.76
C GLN B 210 -5.84 54.13 6.39
N ASN B 211 -7.00 53.67 6.85
CA ASN B 211 -8.00 54.52 7.45
C ASN B 211 -7.91 54.58 8.97
N HIS B 212 -7.18 53.68 9.61
CA HIS B 212 -7.30 53.51 11.07
C HIS B 212 -5.99 53.35 11.81
N PHE B 213 -4.86 53.07 11.14
CA PHE B 213 -3.55 53.10 11.77
C PHE B 213 -2.92 54.42 11.35
N THR B 214 -3.29 55.45 12.10
CA THR B 214 -3.14 56.83 11.68
C THR B 214 -2.53 57.66 12.80
N SER B 215 -1.62 58.55 12.43
CA SER B 215 -0.86 59.33 13.41
C SER B 215 -1.73 60.21 14.30
N ALA B 216 -3.00 60.40 13.95
CA ALA B 216 -3.90 61.21 14.75
C ALA B 216 -4.56 60.45 15.89
N ARG B 217 -4.64 59.12 15.79
CA ARG B 217 -5.43 58.31 16.72
C ARG B 217 -4.61 57.10 17.17
N MET B 218 -3.37 57.35 17.58
CA MET B 218 -2.48 56.32 18.05
C MET B 218 -1.75 56.81 19.30
N ALA B 219 -0.97 55.91 19.91
CA ALA B 219 -0.31 56.23 21.16
C ALA B 219 0.91 55.32 21.30
N LEU B 220 2.09 55.88 21.04
CA LEU B 220 3.33 55.11 21.07
C LEU B 220 3.89 55.10 22.50
N ILE B 221 3.19 54.36 23.35
CA ILE B 221 3.64 54.20 24.71
C ILE B 221 4.87 53.31 24.72
N GLY B 222 5.74 53.52 25.71
CA GLY B 222 6.87 52.65 25.96
C GLY B 222 7.06 52.47 27.45
N LEU B 223 8.13 51.75 27.80
CA LEU B 223 8.44 51.50 29.20
C LEU B 223 9.82 50.90 29.27
N GLY B 224 10.48 51.11 30.41
CA GLY B 224 11.87 50.70 30.54
C GLY B 224 12.77 51.31 29.51
N VAL B 225 12.47 52.54 29.09
CA VAL B 225 13.13 53.14 27.94
C VAL B 225 13.05 54.66 28.08
N SER B 226 14.01 55.34 27.48
CA SER B 226 14.05 56.79 27.53
C SER B 226 13.12 57.40 26.50
N HIS B 227 12.76 58.65 26.73
CA HIS B 227 11.78 59.37 25.94
C HIS B 227 12.32 59.87 24.59
N PRO B 228 13.52 60.46 24.53
CA PRO B 228 13.98 60.98 23.22
C PRO B 228 14.13 59.92 22.16
N VAL B 229 14.38 58.67 22.56
CA VAL B 229 14.47 57.58 21.59
C VAL B 229 13.16 57.44 20.85
N LEU B 230 12.07 57.22 21.59
CA LEU B 230 10.75 57.12 21.00
C LEU B 230 10.41 58.37 20.19
N LYS B 231 10.87 59.53 20.66
CA LYS B 231 10.67 60.74 19.89
C LYS B 231 11.39 60.68 18.55
N GLN B 232 12.50 59.95 18.49
CA GLN B 232 13.22 59.82 17.24
C GLN B 232 12.56 58.83 16.30
N VAL B 233 11.95 57.78 16.86
CA VAL B 233 11.44 56.71 16.03
C VAL B 233 10.22 57.18 15.25
N ALA B 234 9.23 57.74 15.95
CA ALA B 234 7.96 58.05 15.35
C ALA B 234 8.11 59.08 14.24
N GLU B 235 8.98 60.07 14.46
CA GLU B 235 9.17 61.14 13.49
C GLU B 235 9.74 60.62 12.17
N GLN B 236 10.32 59.43 12.16
CA GLN B 236 10.90 58.85 10.96
C GLN B 236 9.98 57.87 10.25
N PHE B 237 9.19 57.12 10.99
CA PHE B 237 8.45 55.99 10.47
C PHE B 237 6.94 56.15 10.56
N LEU B 238 6.44 56.61 11.70
CA LEU B 238 5.02 56.93 11.84
C LEU B 238 4.67 58.32 11.34
N ASN B 239 5.59 58.97 10.62
CA ASN B 239 5.34 60.29 10.04
C ASN B 239 4.40 60.12 8.84
N ILE B 240 3.13 59.87 9.16
CA ILE B 240 2.06 59.72 8.18
C ILE B 240 0.87 60.50 8.70
N ARG B 241 -0.26 60.40 8.01
CA ARG B 241 -1.47 61.14 8.40
C ARG B 241 -1.89 60.80 9.82
N GLY B 248 -16.24 56.16 12.46
CA GLY B 248 -17.32 55.22 12.64
C GLY B 248 -18.49 55.83 13.39
N ALA B 249 -19.62 55.13 13.37
CA ALA B 249 -20.85 55.66 13.94
C ALA B 249 -20.85 55.52 15.46
N LYS B 250 -21.98 55.87 16.05
CA LYS B 250 -22.20 55.76 17.48
C LYS B 250 -22.86 54.44 17.83
N ALA B 251 -22.90 54.15 19.13
CA ALA B 251 -23.51 52.92 19.64
C ALA B 251 -24.94 53.23 20.04
N LYS B 252 -25.83 53.24 19.06
CA LYS B 252 -27.24 53.49 19.32
C LYS B 252 -27.82 52.33 20.11
N TYR B 253 -28.11 52.57 21.39
CA TYR B 253 -28.80 51.58 22.18
C TYR B 253 -30.24 51.43 21.72
N HIS B 254 -30.71 50.20 21.65
CA HIS B 254 -32.06 49.89 21.19
C HIS B 254 -32.87 49.10 22.20
N GLY B 255 -32.26 48.13 22.86
CA GLY B 255 -32.99 47.18 23.67
C GLY B 255 -33.29 45.92 22.91
N GLY B 256 -32.54 44.85 23.17
CA GLY B 256 -32.66 43.62 22.44
C GLY B 256 -32.57 42.42 23.35
N GLU B 257 -32.79 41.24 22.78
CA GLU B 257 -32.87 40.03 23.56
C GLU B 257 -32.53 38.84 22.66
N ILE B 258 -31.65 37.97 23.15
CA ILE B 258 -31.16 36.82 22.40
C ILE B 258 -31.20 35.61 23.32
N ARG B 259 -31.41 34.45 22.73
CA ARG B 259 -31.55 33.21 23.48
C ARG B 259 -30.86 32.09 22.72
N GLU B 260 -30.26 31.17 23.48
CA GLU B 260 -29.44 30.10 22.90
C GLU B 260 -29.72 28.81 23.67
N GLN B 261 -30.70 28.05 23.20
CA GLN B 261 -30.93 26.71 23.70
C GLN B 261 -29.88 25.82 23.07
N ASN B 262 -28.79 25.57 23.80
CA ASN B 262 -27.64 24.84 23.29
C ASN B 262 -27.54 23.43 23.83
N GLY B 263 -28.45 23.02 24.71
CA GLY B 263 -28.36 21.72 25.35
C GLY B 263 -27.32 21.61 26.43
N ASP B 264 -26.53 22.63 26.69
CA ASP B 264 -25.55 22.57 27.75
C ASP B 264 -26.27 22.48 29.09
N SER B 265 -25.75 21.62 29.97
CA SER B 265 -26.43 21.33 31.22
C SER B 265 -26.58 22.57 32.09
N LEU B 266 -25.58 23.43 32.11
CA LEU B 266 -25.57 24.60 32.96
C LEU B 266 -26.05 25.82 32.19
N VAL B 267 -26.32 26.88 32.96
CA VAL B 267 -26.91 28.10 32.44
C VAL B 267 -25.91 29.22 32.51
N HIS B 268 -26.02 30.13 31.56
CA HIS B 268 -25.30 31.39 31.58
C HIS B 268 -26.24 32.46 31.07
N ALA B 269 -26.34 33.56 31.82
CA ALA B 269 -27.29 34.60 31.48
C ALA B 269 -26.79 35.94 31.96
N ALA B 270 -27.38 36.99 31.39
CA ALA B 270 -26.98 38.35 31.70
C ALA B 270 -28.14 39.28 31.40
N LEU B 271 -28.38 40.21 32.33
CA LEU B 271 -29.34 41.28 32.15
C LEU B 271 -28.62 42.57 32.47
N VAL B 272 -28.81 43.57 31.61
CA VAL B 272 -28.05 44.80 31.67
C VAL B 272 -29.00 45.98 31.42
N ALA B 273 -28.43 47.18 31.46
CA ALA B 273 -29.13 48.37 31.05
C ALA B 273 -28.12 49.34 30.49
N GLU B 274 -28.62 50.34 29.78
CA GLU B 274 -27.76 51.36 29.19
C GLU B 274 -27.01 52.10 30.29
N SER B 275 -25.69 51.96 30.28
CA SER B 275 -24.81 52.63 31.22
C SER B 275 -24.35 53.96 30.64
N ALA B 276 -23.34 54.54 31.29
CA ALA B 276 -22.70 55.77 30.85
C ALA B 276 -21.26 55.49 30.44
N ALA B 277 -20.71 56.39 29.62
CA ALA B 277 -19.35 56.25 29.15
C ALA B 277 -18.37 56.70 30.22
N ILE B 278 -17.09 56.42 29.97
CA ILE B 278 -16.02 56.76 30.90
C ILE B 278 -15.82 58.27 30.90
N GLY B 279 -15.01 58.75 31.82
CA GLY B 279 -14.75 60.17 31.98
C GLY B 279 -15.71 60.80 32.93
N SER B 280 -17.00 60.56 32.73
CA SER B 280 -18.00 61.00 33.69
C SER B 280 -17.78 60.32 35.03
N ALA B 281 -17.87 61.09 36.11
CA ALA B 281 -17.86 60.51 37.43
C ALA B 281 -19.05 59.59 37.64
N GLU B 282 -20.12 59.77 36.87
CA GLU B 282 -21.23 58.82 36.88
C GLU B 282 -20.75 57.42 36.55
N ALA B 283 -19.73 57.30 35.71
CA ALA B 283 -19.17 55.98 35.40
C ALA B 283 -18.64 55.32 36.65
N ASN B 284 -17.87 56.06 37.44
CA ASN B 284 -17.35 55.50 38.68
C ASN B 284 -18.47 55.16 39.65
N ALA B 285 -19.61 55.84 39.54
CA ALA B 285 -20.73 55.53 40.41
C ALA B 285 -21.22 54.11 40.19
N PHE B 286 -21.13 53.63 38.95
CA PHE B 286 -21.41 52.22 38.70
C PHE B 286 -20.26 51.36 39.21
N SER B 287 -19.03 51.77 38.92
CA SER B 287 -17.87 50.95 39.27
C SER B 287 -17.71 50.80 40.77
N VAL B 288 -18.28 51.71 41.56
CA VAL B 288 -18.35 51.49 43.00
C VAL B 288 -19.56 50.62 43.34
N LEU B 289 -20.68 50.85 42.63
CA LEU B 289 -21.85 50.02 42.82
C LEU B 289 -21.55 48.57 42.50
N GLN B 290 -20.68 48.35 41.52
CA GLN B 290 -20.13 47.04 41.21
C GLN B 290 -19.66 46.33 42.46
N HIS B 291 -18.88 47.03 43.28
CA HIS B 291 -18.34 46.43 44.49
C HIS B 291 -19.38 46.38 45.60
N VAL B 292 -20.33 47.30 45.61
CA VAL B 292 -21.44 47.22 46.56
C VAL B 292 -22.20 45.93 46.34
N LEU B 293 -22.48 45.63 45.09
CA LEU B 293 -23.41 44.59 44.69
C LEU B 293 -22.75 43.22 44.66
N GLY B 294 -21.65 43.11 43.94
CA GLY B 294 -20.83 41.92 43.93
C GLY B 294 -19.74 42.08 42.89
N ALA B 295 -18.51 41.79 43.25
CA ALA B 295 -17.37 41.99 42.37
C ALA B 295 -16.60 40.71 42.08
N GLY B 296 -17.18 39.55 42.37
CA GLY B 296 -16.49 38.30 42.26
C GLY B 296 -15.76 37.99 43.55
N PRO B 297 -15.23 36.79 43.66
CA PRO B 297 -14.58 36.40 44.92
C PRO B 297 -13.25 37.09 45.13
N HIS B 298 -13.22 38.06 46.04
CA HIS B 298 -11.96 38.53 46.60
C HIS B 298 -11.29 37.42 47.39
N VAL B 299 -12.07 36.48 47.91
CA VAL B 299 -11.59 35.38 48.72
C VAL B 299 -11.76 34.10 47.94
N LYS B 300 -10.72 33.27 47.92
CA LYS B 300 -10.84 31.95 47.32
C LYS B 300 -11.82 31.11 48.13
N ARG B 301 -12.79 30.52 47.44
CA ARG B 301 -13.82 29.68 48.06
C ARG B 301 -14.63 30.46 49.08
N GLY B 302 -14.73 31.77 48.89
CA GLY B 302 -15.45 32.61 49.82
C GLY B 302 -16.93 32.69 49.49
N SER B 303 -17.73 32.80 50.54
CA SER B 303 -19.18 32.89 50.40
C SER B 303 -19.66 34.29 50.03
N ASN B 304 -18.74 35.24 49.81
CA ASN B 304 -19.07 36.57 49.31
C ASN B 304 -20.16 37.22 50.17
N ALA B 305 -20.06 37.02 51.49
CA ALA B 305 -21.14 37.38 52.39
C ALA B 305 -21.44 38.87 52.34
N THR B 306 -20.40 39.70 52.23
CA THR B 306 -20.62 41.14 52.16
C THR B 306 -21.34 41.55 50.89
N SER B 307 -21.20 40.79 49.81
CA SER B 307 -21.88 41.14 48.58
C SER B 307 -23.37 41.04 48.78
N SER B 308 -24.07 42.16 48.54
CA SER B 308 -25.50 42.22 48.79
C SER B 308 -26.27 41.27 47.89
N LEU B 309 -25.70 40.91 46.74
CA LEU B 309 -26.43 40.07 45.80
C LEU B 309 -26.34 38.60 46.18
N TYR B 310 -25.12 38.05 46.15
CA TYR B 310 -24.95 36.62 46.40
C TYR B 310 -25.48 36.22 47.76
N GLN B 311 -25.38 37.13 48.74
CA GLN B 311 -26.06 36.94 50.00
C GLN B 311 -27.57 36.83 49.81
N ALA B 312 -28.13 37.67 48.93
CA ALA B 312 -29.57 37.75 48.81
C ALA B 312 -30.16 36.50 48.20
N VAL B 313 -29.38 35.76 47.41
CA VAL B 313 -29.86 34.51 46.84
C VAL B 313 -29.58 33.33 47.76
N ALA B 314 -28.63 33.47 48.68
CA ALA B 314 -28.27 32.38 49.58
C ALA B 314 -29.47 31.87 50.37
N LYS B 315 -30.47 32.72 50.60
CA LYS B 315 -31.72 32.28 51.20
C LYS B 315 -32.58 31.57 50.17
N GLY B 316 -33.29 30.55 50.63
CA GLY B 316 -34.21 29.83 49.75
C GLY B 316 -33.53 28.86 48.82
N VAL B 317 -32.54 29.32 48.06
CA VAL B 317 -31.74 28.43 47.24
C VAL B 317 -30.94 27.51 48.15
N HIS B 318 -30.76 26.27 47.69
CA HIS B 318 -30.00 25.26 48.42
C HIS B 318 -29.10 24.47 47.49
N GLU B 319 -28.61 25.12 46.44
CA GLU B 319 -27.79 24.45 45.44
C GLU B 319 -26.76 25.43 44.91
N PRO B 320 -25.77 24.97 44.14
CA PRO B 320 -24.73 25.88 43.66
C PRO B 320 -25.28 26.91 42.71
N PHE B 321 -24.59 28.04 42.64
CA PHE B 321 -24.79 29.08 41.65
C PHE B 321 -23.68 30.09 41.83
N ASP B 322 -23.42 30.85 40.79
CA ASP B 322 -22.35 31.83 40.82
C ASP B 322 -22.79 33.02 39.98
N VAL B 323 -22.48 34.22 40.47
CA VAL B 323 -23.04 35.42 39.89
C VAL B 323 -22.26 36.62 40.42
N SER B 324 -22.17 37.67 39.62
CA SER B 324 -21.46 38.87 40.01
C SER B 324 -21.93 40.03 39.14
N ALA B 325 -21.49 41.21 39.51
CA ALA B 325 -21.82 42.40 38.75
C ALA B 325 -21.09 42.39 37.42
N PHE B 326 -21.72 43.02 36.43
CA PHE B 326 -21.13 43.22 35.11
C PHE B 326 -21.02 44.72 34.88
N ASN B 327 -19.81 45.19 34.66
CA ASN B 327 -19.55 46.60 34.39
C ASN B 327 -18.68 46.71 33.16
N ALA B 328 -19.17 47.42 32.16
CA ALA B 328 -18.44 47.74 30.96
C ALA B 328 -18.57 49.23 30.70
N SER B 329 -17.50 49.84 30.21
CA SER B 329 -17.47 51.29 30.06
C SER B 329 -16.57 51.62 28.87
N TYR B 330 -17.20 51.85 27.73
CA TYR B 330 -16.51 52.21 26.50
C TYR B 330 -16.46 53.73 26.38
N SER B 331 -16.09 54.22 25.19
CA SER B 331 -15.95 55.65 24.97
C SER B 331 -17.29 56.30 24.65
N ASP B 332 -18.02 55.76 23.68
CA ASP B 332 -19.33 56.29 23.35
C ASP B 332 -20.31 56.06 24.49
N SER B 333 -20.20 54.93 25.16
CA SER B 333 -21.15 54.51 26.17
C SER B 333 -20.49 53.43 27.01
N GLY B 334 -21.31 52.74 27.79
CA GLY B 334 -20.85 51.59 28.53
C GLY B 334 -21.95 50.55 28.60
N LEU B 335 -21.82 49.60 29.51
CA LEU B 335 -22.92 48.71 29.84
C LEU B 335 -22.76 48.28 31.29
N PHE B 336 -23.90 48.03 31.94
CA PHE B 336 -23.92 47.65 33.33
C PHE B 336 -25.02 46.64 33.58
N GLY B 337 -24.74 45.71 34.49
CA GLY B 337 -25.70 44.70 34.87
C GLY B 337 -25.06 43.61 35.69
N PHE B 338 -25.31 42.35 35.33
CA PHE B 338 -24.71 41.23 36.03
C PHE B 338 -24.66 40.03 35.10
N TYR B 339 -24.02 38.97 35.56
CA TYR B 339 -23.80 37.75 34.79
C TYR B 339 -24.08 36.57 35.67
N THR B 340 -24.97 35.69 35.21
CA THR B 340 -25.55 34.65 36.03
C THR B 340 -24.99 33.29 35.66
N ILE B 341 -24.88 32.42 36.66
CA ILE B 341 -24.63 31.00 36.46
C ILE B 341 -25.53 30.24 37.40
N SER B 342 -26.18 29.20 36.91
CA SER B 342 -27.07 28.38 37.72
C SER B 342 -27.43 27.13 36.93
N GLN B 343 -28.35 26.35 37.49
CA GLN B 343 -28.95 25.22 36.81
C GLN B 343 -30.10 25.70 35.91
N ALA B 344 -30.69 24.76 35.19
CA ALA B 344 -31.75 25.11 34.25
C ALA B 344 -32.99 25.60 34.97
N ALA B 345 -33.52 24.78 35.88
CA ALA B 345 -34.76 25.13 36.56
C ALA B 345 -34.60 26.33 37.49
N SER B 346 -33.38 26.70 37.83
CA SER B 346 -33.09 27.72 38.83
C SER B 346 -32.50 28.99 38.22
N ALA B 347 -32.98 29.35 37.03
CA ALA B 347 -32.53 30.59 36.40
C ALA B 347 -33.32 31.79 36.90
N GLY B 348 -34.62 31.81 36.61
CA GLY B 348 -35.44 32.93 37.02
C GLY B 348 -35.64 33.00 38.51
N ASP B 349 -35.58 31.85 39.18
CA ASP B 349 -35.62 31.83 40.63
C ASP B 349 -34.47 32.62 41.24
N VAL B 350 -33.36 32.74 40.53
CA VAL B 350 -32.21 33.49 41.00
C VAL B 350 -32.25 34.93 40.53
N ILE B 351 -32.59 35.12 39.25
CA ILE B 351 -32.58 36.45 38.67
C ILE B 351 -33.57 37.34 39.36
N LYS B 352 -34.71 36.78 39.79
CA LYS B 352 -35.73 37.55 40.45
C LYS B 352 -35.37 37.91 41.89
N ALA B 353 -34.20 37.48 42.36
CA ALA B 353 -33.58 38.11 43.51
C ALA B 353 -32.78 39.33 43.09
N ALA B 354 -31.97 39.18 42.03
CA ALA B 354 -31.12 40.26 41.58
C ALA B 354 -31.94 41.44 41.11
N TYR B 355 -32.91 41.19 40.23
CA TYR B 355 -33.76 42.25 39.74
C TYR B 355 -34.57 42.88 40.86
N ASN B 356 -34.78 42.15 41.95
CA ASN B 356 -35.40 42.73 43.14
C ASN B 356 -34.38 43.41 44.02
N GLN B 357 -33.20 42.81 44.16
CA GLN B 357 -32.17 43.35 45.06
C GLN B 357 -31.76 44.74 44.63
N VAL B 358 -31.65 44.96 43.33
CA VAL B 358 -31.28 46.28 42.84
C VAL B 358 -32.38 47.27 43.13
N LYS B 359 -33.63 46.84 43.06
CA LYS B 359 -34.74 47.74 43.34
C LYS B 359 -34.72 48.19 44.78
N THR B 360 -34.29 47.31 45.69
CA THR B 360 -34.12 47.70 47.08
C THR B 360 -33.15 48.86 47.19
N ILE B 361 -32.07 48.81 46.44
CA ILE B 361 -31.12 49.90 46.43
C ILE B 361 -31.75 51.15 45.86
N ALA B 362 -32.45 51.02 44.74
CA ALA B 362 -33.08 52.16 44.10
C ALA B 362 -34.15 52.78 44.97
N GLN B 363 -34.73 52.02 45.89
CA GLN B 363 -35.71 52.53 46.84
C GLN B 363 -35.06 53.16 48.07
N GLY B 364 -33.76 53.43 48.03
CA GLY B 364 -33.08 54.12 49.11
C GLY B 364 -32.53 53.23 50.19
N ASN B 365 -32.98 51.98 50.28
CA ASN B 365 -32.52 51.08 51.33
C ASN B 365 -31.03 50.80 51.13
N LEU B 366 -30.21 51.34 52.02
CA LEU B 366 -28.76 51.26 51.88
C LEU B 366 -28.11 51.76 53.15
N SER B 367 -26.86 51.32 53.38
CA SER B 367 -26.03 51.79 54.46
C SER B 367 -24.72 52.34 53.90
N ASN B 368 -24.05 53.16 54.71
CA ASN B 368 -22.83 53.83 54.32
C ASN B 368 -21.58 52.96 54.40
N PRO B 369 -21.38 52.14 55.44
CA PRO B 369 -20.14 51.34 55.49
C PRO B 369 -19.99 50.38 54.32
N ASP B 370 -21.08 49.81 53.83
CA ASP B 370 -21.01 48.99 52.62
C ASP B 370 -20.46 49.80 51.45
N VAL B 371 -20.85 51.07 51.37
CA VAL B 371 -20.37 51.93 50.31
C VAL B 371 -18.88 52.17 50.47
N GLN B 372 -18.47 52.69 51.63
CA GLN B 372 -17.06 52.91 51.89
C GLN B 372 -16.27 51.60 51.81
N ALA B 373 -16.90 50.50 52.20
CA ALA B 373 -16.31 49.20 51.94
C ALA B 373 -16.16 48.97 50.44
N ALA B 374 -17.23 49.26 49.69
CA ALA B 374 -17.20 49.05 48.25
C ALA B 374 -16.19 49.98 47.60
N LYS B 375 -16.07 51.21 48.11
CA LYS B 375 -15.05 52.10 47.62
C LYS B 375 -13.66 51.52 47.86
N ASN B 376 -13.42 51.04 49.08
CA ASN B 376 -12.13 50.46 49.41
C ASN B 376 -11.81 49.27 48.52
N LYS B 377 -12.83 48.54 48.10
CA LYS B 377 -12.63 47.51 47.10
C LYS B 377 -12.19 48.12 45.78
N LEU B 378 -12.88 49.18 45.35
CA LEU B 378 -12.54 49.82 44.09
C LEU B 378 -11.15 50.41 44.12
N LYS B 379 -10.83 51.14 45.20
CA LYS B 379 -9.52 51.74 45.34
C LYS B 379 -8.42 50.69 45.31
N ALA B 380 -8.73 49.48 45.75
CA ALA B 380 -7.75 48.41 45.74
C ALA B 380 -7.53 47.88 44.34
N GLY B 381 -8.60 47.47 43.67
CA GLY B 381 -8.47 46.75 42.42
C GLY B 381 -7.81 47.57 41.33
N TYR B 382 -7.93 48.90 41.41
CA TYR B 382 -7.26 49.75 40.45
C TYR B 382 -5.76 49.63 40.59
N LEU B 383 -5.25 49.87 41.80
CA LEU B 383 -3.82 49.79 42.04
C LEU B 383 -3.32 48.37 41.84
N MET B 384 -4.10 47.38 42.29
CA MET B 384 -3.69 46.00 42.14
C MET B 384 -3.65 45.60 40.68
N SER B 385 -4.47 46.22 39.84
CA SER B 385 -4.42 45.93 38.41
C SER B 385 -3.15 46.47 37.80
N VAL B 386 -2.74 47.68 38.20
CA VAL B 386 -1.57 48.33 37.62
C VAL B 386 -0.31 48.02 38.42
N GLU B 387 -0.43 47.13 39.41
CA GLU B 387 0.76 46.63 40.10
C GLU B 387 1.73 46.04 39.10
N SER B 388 1.21 45.29 38.13
CA SER B 388 2.05 44.74 37.08
C SER B 388 2.28 45.77 35.99
N SER B 389 3.46 45.70 35.38
CA SER B 389 3.78 46.59 34.28
C SER B 389 2.79 46.44 33.14
N GLU B 390 2.42 45.20 32.83
CA GLU B 390 1.43 44.96 31.78
C GLU B 390 0.11 45.62 32.13
N GLY B 391 -0.45 45.27 33.28
CA GLY B 391 -1.68 45.90 33.71
C GLY B 391 -1.51 47.39 33.94
N PHE B 392 -0.31 47.81 34.34
CA PHE B 392 -0.02 49.24 34.37
C PHE B 392 -0.14 49.81 32.97
N LEU B 393 0.58 49.22 32.02
CA LEU B 393 0.57 49.67 30.64
C LEU B 393 -0.85 49.71 30.09
N ASP B 394 -1.68 48.75 30.48
CA ASP B 394 -3.05 48.68 29.99
C ASP B 394 -3.85 49.94 30.34
N GLU B 395 -3.44 50.67 31.36
CA GLU B 395 -4.11 51.89 31.78
C GLU B 395 -3.51 53.14 31.18
N VAL B 396 -2.22 53.11 30.85
CA VAL B 396 -1.52 54.34 30.50
C VAL B 396 -2.09 54.93 29.23
N GLY B 397 -2.08 54.17 28.15
CA GLY B 397 -2.48 54.70 26.86
C GLY B 397 -3.97 54.65 26.64
N SER B 398 -4.66 53.76 27.35
CA SER B 398 -6.11 53.71 27.28
C SER B 398 -6.71 55.07 27.64
N GLN B 399 -6.09 55.77 28.58
CA GLN B 399 -6.47 57.14 28.85
C GLN B 399 -5.99 58.06 27.74
N ALA B 400 -4.81 57.78 27.19
CA ALA B 400 -4.25 58.62 26.15
C ALA B 400 -5.07 58.62 24.88
N LEU B 401 -5.88 57.58 24.67
CA LEU B 401 -6.76 57.53 23.51
C LEU B 401 -8.10 58.18 23.80
N ALA B 402 -8.78 57.71 24.84
CA ALA B 402 -10.05 58.31 25.23
C ALA B 402 -9.85 59.76 25.62
N ALA B 403 -8.95 60.01 26.56
CA ALA B 403 -8.52 61.35 26.91
C ALA B 403 -7.26 61.67 26.11
N GLY B 404 -6.59 62.76 26.49
CA GLY B 404 -5.26 63.05 26.01
C GLY B 404 -4.37 63.37 27.19
N SER B 405 -4.61 62.68 28.30
CA SER B 405 -3.92 62.95 29.55
C SER B 405 -3.90 61.71 30.40
N TYR B 406 -2.80 61.50 31.11
CA TYR B 406 -2.69 60.43 32.08
C TYR B 406 -3.04 60.95 33.47
N THR B 407 -3.90 60.23 34.17
CA THR B 407 -4.25 60.54 35.54
C THR B 407 -3.47 59.61 36.45
N PRO B 408 -2.56 60.08 37.29
CA PRO B 408 -1.94 59.18 38.27
C PRO B 408 -2.99 58.63 39.23
N PRO B 409 -2.71 57.49 39.86
CA PRO B 409 -3.76 56.86 40.68
C PRO B 409 -4.22 57.69 41.85
N SER B 410 -3.35 58.55 42.38
CA SER B 410 -3.73 59.37 43.54
C SER B 410 -4.92 60.25 43.22
N THR B 411 -4.88 60.90 42.06
CA THR B 411 -6.00 61.73 41.63
C THR B 411 -7.24 60.90 41.41
N VAL B 412 -7.07 59.65 40.97
CA VAL B 412 -8.22 58.78 40.76
C VAL B 412 -8.94 58.54 42.07
N LEU B 413 -8.18 58.32 43.14
CA LEU B 413 -8.78 57.99 44.42
C LEU B 413 -9.57 59.16 44.98
N GLN B 414 -9.19 60.39 44.64
CA GLN B 414 -9.92 61.55 45.12
C GLN B 414 -11.29 61.63 44.47
N GLN B 415 -11.36 61.34 43.17
CA GLN B 415 -12.66 61.29 42.49
C GLN B 415 -13.53 60.17 43.04
N ILE B 416 -12.91 59.09 43.52
CA ILE B 416 -13.66 58.06 44.20
C ILE B 416 -14.13 58.56 45.55
N ASP B 417 -13.31 59.37 46.23
CA ASP B 417 -13.68 59.91 47.52
C ASP B 417 -14.88 60.84 47.41
N ALA B 418 -15.07 61.49 46.25
CA ALA B 418 -16.09 62.50 46.06
C ALA B 418 -17.36 61.95 45.45
N VAL B 419 -17.69 60.69 45.71
CA VAL B 419 -18.87 60.04 45.14
C VAL B 419 -20.03 60.15 46.13
N ALA B 420 -21.24 60.26 45.59
CA ALA B 420 -22.45 60.51 46.35
C ALA B 420 -23.34 59.28 46.35
N ASP B 421 -23.87 58.95 47.53
CA ASP B 421 -24.85 57.88 47.63
C ASP B 421 -26.09 58.17 46.80
N ALA B 422 -26.46 59.44 46.70
CA ALA B 422 -27.58 59.85 45.86
C ALA B 422 -27.29 59.69 44.37
N ASP B 423 -26.04 59.39 43.99
CA ASP B 423 -25.71 58.97 42.64
C ASP B 423 -25.62 57.46 42.52
N VAL B 424 -25.25 56.78 43.59
CA VAL B 424 -25.20 55.32 43.58
C VAL B 424 -26.60 54.75 43.54
N ILE B 425 -27.60 55.50 43.99
CA ILE B 425 -28.96 55.01 43.98
C ILE B 425 -29.45 54.88 42.54
CA ASN B 426 -29.95 57.43 40.25
C ASN B 426 -29.33 56.33 39.39
N ALA B 427 -28.20 55.82 39.86
CA ALA B 427 -27.50 54.77 39.13
C ALA B 427 -28.37 53.54 38.97
N ALA B 428 -28.67 52.88 40.09
CA ALA B 428 -29.55 51.72 40.04
C ALA B 428 -30.94 52.11 39.56
N LYS B 429 -31.35 53.35 39.83
CA LYS B 429 -32.61 53.80 39.30
C LYS B 429 -32.55 53.88 37.78
N LYS B 430 -31.43 54.36 37.24
CA LYS B 430 -31.25 54.34 35.79
C LYS B 430 -31.28 52.91 35.27
N PHE B 431 -30.71 51.99 36.04
CA PHE B 431 -30.73 50.59 35.65
C PHE B 431 -32.17 50.07 35.62
N VAL B 432 -32.87 50.20 36.73
CA VAL B 432 -34.23 49.69 36.82
C VAL B 432 -35.16 50.49 35.91
N SER B 433 -35.12 51.81 36.03
CA SER B 433 -36.00 52.64 35.22
C SER B 433 -35.62 52.61 33.74
N GLY B 434 -34.38 52.20 33.42
CA GLY B 434 -33.93 52.24 32.06
C GLY B 434 -34.37 51.04 31.24
N ARG B 435 -34.32 51.22 29.93
CA ARG B 435 -34.56 50.14 28.99
C ARG B 435 -33.54 49.03 29.21
N LYS B 436 -33.91 47.82 28.80
CA LYS B 436 -33.19 46.62 29.17
C LYS B 436 -32.75 45.83 27.95
N SER B 437 -31.67 45.08 28.14
CA SER B 437 -31.18 44.13 27.16
C SER B 437 -30.68 42.90 27.90
N MET B 438 -30.83 41.75 27.26
CA MET B 438 -30.68 40.48 27.95
C MET B 438 -30.15 39.44 26.98
N ALA B 439 -29.50 38.43 27.53
CA ALA B 439 -29.05 37.31 26.73
C ALA B 439 -28.73 36.17 27.68
N ALA B 440 -28.76 34.96 27.13
CA ALA B 440 -28.44 33.80 27.93
C ALA B 440 -28.24 32.60 27.05
N SER B 441 -27.71 31.54 27.66
CA SER B 441 -27.41 30.30 26.98
C SER B 441 -27.50 29.18 27.98
N GLY B 442 -27.36 27.95 27.49
CA GLY B 442 -27.55 26.76 28.29
C GLY B 442 -28.86 26.11 27.92
N ASN B 443 -29.47 25.39 28.86
CA ASN B 443 -30.86 25.00 28.75
C ASN B 443 -31.72 26.17 29.21
N LEU B 444 -32.92 26.27 28.64
CA LEU B 444 -33.80 27.40 28.85
C LEU B 444 -35.21 26.94 29.10
N GLY B 445 -35.37 25.78 29.74
CA GLY B 445 -36.70 25.29 30.06
C GLY B 445 -37.44 26.12 31.07
N HIS B 446 -36.74 26.95 31.84
CA HIS B 446 -37.35 27.78 32.88
C HIS B 446 -36.73 29.18 32.92
N THR B 447 -36.18 29.65 31.82
CA THR B 447 -35.63 30.99 31.77
C THR B 447 -36.72 31.97 31.36
N PRO B 448 -37.04 32.99 32.17
CA PRO B 448 -38.00 34.01 31.74
C PRO B 448 -37.36 35.12 30.91
N PHE B 449 -38.22 35.99 30.40
CA PHE B 449 -37.81 37.12 29.60
C PHE B 449 -37.64 38.35 30.50
N ILE B 450 -37.45 39.51 29.88
CA ILE B 450 -37.33 40.76 30.62
C ILE B 450 -38.62 41.04 31.40
N ASP B 451 -39.72 41.20 30.67
CA ASP B 451 -40.96 41.69 31.25
C ASP B 451 -41.49 40.77 32.34
N GLU B 452 -41.14 39.49 32.30
CA GLU B 452 -41.58 38.55 33.31
C GLU B 452 -40.82 38.78 34.61
N LEU C 10 11.72 5.63 -0.47
CA LEU C 10 10.71 5.33 0.53
C LEU C 10 10.06 3.98 0.25
N MET C 11 10.87 2.92 0.29
CA MET C 11 10.38 1.56 0.46
C MET C 11 10.53 1.11 1.91
N LYS C 12 10.57 2.09 2.82
CA LYS C 12 10.68 1.86 4.24
C LYS C 12 9.33 1.64 4.89
N ILE C 13 8.23 1.91 4.18
CA ILE C 13 6.89 1.79 4.76
C ILE C 13 6.34 0.38 4.63
N VAL C 14 6.77 -0.37 3.61
CA VAL C 14 6.36 -1.76 3.46
C VAL C 14 7.05 -2.67 4.46
N ASN C 15 8.27 -2.34 4.88
CA ASN C 15 8.98 -3.13 5.88
C ASN C 15 8.60 -2.76 7.30
N ASN C 16 7.44 -2.15 7.49
CA ASN C 16 6.86 -2.03 8.81
C ASN C 16 6.13 -3.29 9.21
N ALA C 17 5.68 -4.08 8.23
CA ALA C 17 5.02 -5.35 8.51
C ALA C 17 5.93 -6.30 9.27
N PHE C 18 7.25 -6.11 9.18
CA PHE C 18 8.21 -6.89 9.94
C PHE C 18 8.86 -6.10 11.05
N ILE C 19 8.38 -4.88 11.32
CA ILE C 19 8.95 -4.04 12.37
C ILE C 19 7.87 -3.53 13.30
N ASP C 20 6.87 -2.83 12.73
CA ASP C 20 5.87 -2.12 13.50
C ASP C 20 4.49 -2.71 13.27
N LEU C 21 4.40 -4.03 13.21
CA LEU C 21 3.16 -4.68 12.84
C LEU C 21 2.37 -5.01 14.10
N PRO C 22 1.07 -4.79 14.12
CA PRO C 22 0.27 -5.29 15.23
C PRO C 22 0.25 -6.81 15.24
N ALA C 23 0.38 -7.37 16.43
CA ALA C 23 0.27 -8.82 16.58
C ALA C 23 -0.02 -9.13 18.03
N PRO C 24 -0.58 -10.30 18.33
CA PRO C 24 -1.02 -10.58 19.69
C PRO C 24 0.09 -10.68 20.72
N SER C 25 -0.30 -11.04 21.94
CA SER C 25 0.61 -11.12 23.06
C SER C 25 0.52 -12.43 23.83
N ASN C 26 -0.46 -13.29 23.55
CA ASN C 26 -0.62 -14.56 24.23
C ASN C 26 0.10 -15.67 23.50
N ILE C 27 1.19 -15.35 22.85
CA ILE C 27 1.75 -16.19 21.82
C ILE C 27 2.73 -17.16 22.43
N SER C 28 2.66 -18.40 21.98
CA SER C 28 3.46 -19.49 22.51
C SER C 28 4.86 -19.42 21.92
N SER C 29 5.62 -20.49 22.11
CA SER C 29 6.84 -20.72 21.39
C SER C 29 6.61 -21.45 20.08
N TRP C 30 5.38 -21.88 19.79
CA TRP C 30 5.12 -22.60 18.55
C TRP C 30 5.40 -21.71 17.34
N TRP C 31 5.03 -20.44 17.43
CA TRP C 31 5.09 -19.58 16.27
C TRP C 31 6.49 -19.09 15.97
N ASN C 32 7.49 -19.53 16.73
CA ASN C 32 8.84 -19.51 16.22
C ASN C 32 8.88 -20.21 14.88
N PHE C 33 8.21 -21.36 14.78
CA PHE C 33 8.29 -22.20 13.59
C PHE C 33 7.73 -21.49 12.38
N GLY C 34 6.82 -20.54 12.58
CA GLY C 34 6.23 -19.85 11.46
C GLY C 34 7.21 -19.04 10.65
N SER C 35 8.33 -18.66 11.25
CA SER C 35 9.34 -17.85 10.59
C SER C 35 10.65 -18.59 10.37
N LEU C 36 10.85 -19.72 11.03
CA LEU C 36 12.07 -20.49 10.78
C LEU C 36 12.18 -20.92 9.34
N LEU C 37 11.06 -21.11 8.66
CA LEU C 37 11.10 -21.47 7.25
C LEU C 37 11.78 -20.38 6.45
N GLY C 38 11.51 -19.13 6.80
CA GLY C 38 12.24 -18.04 6.19
C GLY C 38 13.73 -18.15 6.42
N ILE C 39 14.11 -18.77 7.53
CA ILE C 39 15.52 -18.99 7.83
C ILE C 39 15.99 -20.30 7.24
N CYS C 40 15.14 -21.33 7.25
CA CYS C 40 15.49 -22.58 6.60
C CYS C 40 15.66 -22.34 5.11
N LEU C 41 14.70 -21.64 4.53
CA LEU C 41 14.66 -21.47 3.09
C LEU C 41 15.86 -20.67 2.62
N ILE C 42 16.12 -19.54 3.27
CA ILE C 42 17.25 -18.70 2.89
C ILE C 42 18.55 -19.45 3.12
N LEU C 43 18.67 -20.06 4.29
CA LEU C 43 19.85 -20.87 4.58
C LEU C 43 20.00 -21.99 3.58
N GLN C 44 18.92 -22.75 3.36
CA GLN C 44 18.99 -23.87 2.46
C GLN C 44 19.38 -23.44 1.06
N ILE C 45 18.77 -22.35 0.59
CA ILE C 45 19.14 -21.77 -0.70
C ILE C 45 20.59 -21.36 -0.68
N LEU C 46 20.97 -20.61 0.35
CA LEU C 46 22.34 -20.14 0.48
C LEU C 46 23.31 -21.31 0.46
N THR C 47 23.00 -22.36 1.22
CA THR C 47 23.83 -23.55 1.21
C THR C 47 23.88 -24.16 -0.19
N GLY C 48 22.71 -24.52 -0.71
CA GLY C 48 22.65 -25.21 -1.98
C GLY C 48 23.28 -24.42 -3.11
N LEU C 49 23.22 -23.09 -3.03
CA LEU C 49 23.75 -22.28 -4.09
C LEU C 49 25.27 -22.40 -4.14
N PHE C 50 25.92 -22.16 -3.01
CA PHE C 50 27.33 -22.46 -2.91
C PHE C 50 27.60 -23.92 -3.20
N LEU C 51 26.63 -24.79 -2.92
CA LEU C 51 26.84 -26.22 -3.12
C LEU C 51 26.90 -26.55 -4.59
N ALA C 52 26.04 -25.94 -5.39
CA ALA C 52 26.00 -26.24 -6.81
C ALA C 52 27.17 -25.65 -7.58
N MET C 53 28.07 -24.94 -6.90
CA MET C 53 29.30 -24.51 -7.53
C MET C 53 30.17 -25.66 -7.99
N HIS C 54 29.93 -26.89 -7.50
CA HIS C 54 30.71 -28.04 -7.87
C HIS C 54 29.87 -29.26 -8.22
N TYR C 55 28.55 -29.12 -8.26
CA TYR C 55 27.74 -30.20 -8.78
C TYR C 55 27.89 -30.26 -10.29
N THR C 56 27.63 -31.45 -10.83
CA THR C 56 27.65 -31.68 -12.26
C THR C 56 26.42 -32.48 -12.62
N SER C 57 25.80 -32.10 -13.74
CA SER C 57 24.52 -32.66 -14.16
C SER C 57 24.69 -33.79 -15.16
N ASP C 58 25.76 -34.58 -15.02
CA ASP C 58 26.02 -35.70 -15.91
C ASP C 58 26.14 -36.97 -15.10
N THR C 59 25.57 -38.04 -15.65
CA THR C 59 25.54 -39.33 -14.97
C THR C 59 26.94 -39.82 -14.65
N THR C 60 27.85 -39.66 -15.61
CA THR C 60 29.17 -40.25 -15.50
C THR C 60 30.03 -39.58 -14.45
N THR C 61 29.60 -38.43 -13.91
CA THR C 61 30.43 -37.64 -13.01
C THR C 61 29.69 -37.09 -11.80
N ALA C 62 28.36 -37.12 -11.78
CA ALA C 62 27.60 -36.45 -10.73
C ALA C 62 27.92 -37.03 -9.36
N PHE C 63 27.75 -38.34 -9.23
CA PHE C 63 28.08 -39.01 -7.98
C PHE C 63 29.52 -38.73 -7.58
N SER C 64 30.43 -38.77 -8.55
CA SER C 64 31.80 -38.38 -8.28
C SER C 64 31.87 -36.90 -7.91
N SER C 65 31.07 -36.08 -8.59
CA SER C 65 31.11 -34.64 -8.35
C SER C 65 30.66 -34.30 -6.94
N VAL C 66 29.86 -35.16 -6.33
CA VAL C 66 29.61 -35.03 -4.90
C VAL C 66 30.89 -35.31 -4.13
N THR C 67 31.61 -36.34 -4.54
CA THR C 67 32.85 -36.70 -3.84
C THR C 67 33.90 -35.63 -4.02
N HIS C 68 33.83 -34.88 -5.11
CA HIS C 68 34.67 -33.70 -5.29
C HIS C 68 34.50 -32.73 -4.13
N ILE C 69 33.31 -32.72 -3.54
CA ILE C 69 33.03 -31.81 -2.44
C ILE C 69 33.56 -32.40 -1.14
N CYS C 70 33.00 -33.54 -0.75
CA CYS C 70 33.19 -34.05 0.61
C CYS C 70 34.63 -34.35 0.94
N ARG C 71 35.51 -34.43 -0.06
CA ARG C 71 36.91 -34.75 0.14
C ARG C 71 37.81 -33.54 -0.09
N ASP C 72 37.69 -32.89 -1.25
CA ASP C 72 38.72 -31.99 -1.72
C ASP C 72 38.43 -30.53 -1.47
N VAL C 73 37.21 -30.19 -1.11
CA VAL C 73 36.84 -28.79 -0.89
C VAL C 73 37.14 -28.41 0.55
N ASN C 74 37.58 -27.18 0.75
CA ASN C 74 37.92 -26.66 2.07
C ASN C 74 36.64 -26.40 2.83
N TYR C 75 36.33 -27.27 3.77
CA TYR C 75 35.15 -27.18 4.63
C TYR C 75 33.86 -27.21 3.84
N GLY C 76 33.89 -27.71 2.61
CA GLY C 76 32.68 -27.84 1.84
C GLY C 76 31.89 -29.07 2.21
N TRP C 77 32.54 -30.06 2.81
CA TRP C 77 31.87 -31.30 3.14
C TRP C 77 30.70 -31.07 4.08
N ILE C 78 30.79 -30.03 4.90
CA ILE C 78 29.70 -29.66 5.78
C ILE C 78 28.47 -29.29 4.96
N ILE C 79 28.70 -28.67 3.79
CA ILE C 79 27.59 -28.07 3.07
C ILE C 79 26.66 -29.13 2.52
N ARG C 80 27.17 -30.35 2.31
CA ARG C 80 26.28 -31.42 1.87
C ARG C 80 25.21 -31.72 2.89
N TYR C 81 25.50 -31.43 4.16
CA TYR C 81 24.67 -31.87 5.27
C TYR C 81 23.87 -30.74 5.90
N MET C 82 24.46 -29.54 5.99
CA MET C 82 23.67 -28.36 6.32
C MET C 82 22.50 -28.23 5.37
N HIS C 83 22.71 -28.60 4.12
CA HIS C 83 21.65 -28.55 3.14
C HIS C 83 20.75 -29.76 3.26
N ALA C 84 21.33 -30.96 3.21
CA ALA C 84 20.55 -32.18 3.12
C ALA C 84 19.72 -32.38 4.37
N ASN C 85 20.38 -32.58 5.51
CA ASN C 85 19.65 -32.72 6.75
C ASN C 85 18.94 -31.44 7.12
N GLY C 86 19.36 -30.30 6.58
CA GLY C 86 18.57 -29.10 6.70
C GLY C 86 17.18 -29.30 6.14
N ALA C 87 17.07 -30.03 5.04
CA ALA C 87 15.77 -30.30 4.44
C ALA C 87 14.92 -31.17 5.34
N SER C 88 15.52 -31.93 6.25
CA SER C 88 14.72 -32.67 7.21
C SER C 88 14.20 -31.74 8.30
N MET C 89 15.08 -30.89 8.83
CA MET C 89 14.65 -29.90 9.81
C MET C 89 13.60 -28.97 9.23
N PHE C 90 13.67 -28.75 7.91
CA PHE C 90 12.65 -27.99 7.22
C PHE C 90 11.27 -28.62 7.44
N PHE C 91 11.14 -29.90 7.07
CA PHE C 91 9.87 -30.58 7.21
C PHE C 91 9.45 -30.72 8.65
N ILE C 92 10.41 -30.80 9.58
CA ILE C 92 10.03 -30.88 10.98
C ILE C 92 9.30 -29.63 11.40
N CYS C 93 9.60 -28.50 10.77
CA CYS C 93 8.86 -27.29 11.07
C CYS C 93 7.44 -27.38 10.57
N LEU C 94 7.27 -27.87 9.34
CA LEU C 94 5.98 -27.79 8.66
C LEU C 94 4.91 -28.56 9.41
N TYR C 95 5.13 -29.85 9.62
CA TYR C 95 4.15 -30.63 10.35
C TYR C 95 4.13 -30.32 11.83
N MET C 96 4.94 -29.35 12.30
CA MET C 96 4.67 -28.63 13.51
C MET C 96 4.07 -27.26 13.24
N HIS C 97 4.23 -26.75 12.02
CA HIS C 97 3.60 -25.51 11.60
C HIS C 97 2.16 -25.70 11.19
N VAL C 98 1.81 -26.87 10.67
CA VAL C 98 0.51 -27.04 10.01
C VAL C 98 -0.51 -27.64 10.94
N GLY C 99 -0.14 -28.72 11.63
CA GLY C 99 -1.03 -29.30 12.62
C GLY C 99 -1.43 -28.27 13.67
N ARG C 100 -0.54 -27.32 13.94
CA ARG C 100 -0.86 -26.10 14.64
C ARG C 100 -2.18 -25.50 14.18
N GLY C 101 -2.25 -25.17 12.89
CA GLY C 101 -3.43 -24.50 12.35
C GLY C 101 -4.72 -25.25 12.60
N LEU C 102 -4.62 -26.56 12.78
CA LEU C 102 -5.75 -27.38 13.17
C LEU C 102 -5.99 -27.30 14.67
N TYR C 103 -4.92 -27.40 15.45
CA TYR C 103 -5.02 -27.35 16.90
C TYR C 103 -5.38 -25.95 17.41
N TYR C 104 -5.26 -24.93 16.57
CA TYR C 104 -5.62 -23.57 16.92
C TYR C 104 -6.67 -22.96 16.03
N GLY C 105 -6.81 -23.41 14.79
CA GLY C 105 -7.83 -22.90 13.92
C GLY C 105 -7.36 -21.79 13.02
N SER C 106 -6.16 -21.96 12.46
CA SER C 106 -5.72 -21.06 11.41
C SER C 106 -6.55 -21.22 10.16
N TYR C 107 -7.12 -22.40 9.95
CA TYR C 107 -7.62 -22.78 8.63
C TYR C 107 -8.88 -22.03 8.25
N THR C 108 -9.47 -21.24 9.13
CA THR C 108 -10.59 -20.41 8.72
C THR C 108 -10.17 -19.35 7.72
N PHE C 109 -8.91 -18.92 7.75
CA PHE C 109 -8.40 -17.96 6.79
C PHE C 109 -8.24 -18.67 5.45
N LEU C 110 -9.37 -18.81 4.76
CA LEU C 110 -9.44 -19.62 3.55
C LEU C 110 -8.50 -19.12 2.48
N GLU C 111 -8.33 -17.80 2.38
CA GLU C 111 -7.46 -17.25 1.35
C GLU C 111 -6.00 -17.58 1.61
N THR C 112 -5.65 -17.88 2.85
CA THR C 112 -4.29 -18.21 3.22
C THR C 112 -4.04 -19.70 3.24
N TRP C 113 -5.00 -20.46 3.73
CA TRP C 113 -4.79 -21.88 3.94
C TRP C 113 -4.51 -22.60 2.63
N ASN C 114 -5.17 -22.16 1.56
CA ASN C 114 -4.91 -22.77 0.27
C ASN C 114 -3.48 -22.51 -0.19
N ILE C 115 -2.97 -21.32 0.11
CA ILE C 115 -1.58 -21.01 -0.20
C ILE C 115 -0.67 -21.95 0.54
N GLY C 116 -1.04 -22.28 1.78
CA GLY C 116 -0.26 -23.20 2.58
C GLY C 116 -0.19 -24.59 2.00
N VAL C 117 -1.08 -24.91 1.07
CA VAL C 117 -1.05 -26.20 0.40
C VAL C 117 -0.09 -26.16 -0.77
N ILE C 118 -0.22 -25.13 -1.60
CA ILE C 118 0.50 -25.08 -2.87
C ILE C 118 2.00 -25.04 -2.60
N LEU C 119 2.41 -24.48 -1.48
CA LEU C 119 3.78 -24.63 -1.03
C LEU C 119 4.13 -26.09 -0.85
N LEU C 120 3.26 -26.83 -0.17
CA LEU C 120 3.61 -28.18 0.24
C LEU C 120 3.79 -29.08 -0.96
N LEU C 121 2.88 -29.00 -1.92
CA LEU C 121 3.03 -29.76 -3.14
C LEU C 121 4.16 -29.20 -3.98
N THR C 122 4.47 -27.92 -3.83
CA THR C 122 5.63 -27.38 -4.51
C THR C 122 6.90 -27.98 -3.92
N VAL C 123 6.92 -28.14 -2.61
CA VAL C 123 8.11 -28.63 -1.95
C VAL C 123 8.23 -30.14 -2.09
N MET C 124 7.17 -30.85 -1.75
CA MET C 124 7.24 -32.30 -1.76
C MET C 124 7.45 -32.86 -3.16
N ALA C 125 7.15 -32.08 -4.19
CA ALA C 125 7.58 -32.38 -5.54
C ALA C 125 8.95 -31.81 -5.84
N THR C 126 9.34 -30.76 -5.13
CA THR C 126 10.70 -30.27 -5.23
C THR C 126 11.67 -31.26 -4.62
N ALA C 127 11.52 -31.52 -3.32
CA ALA C 127 12.43 -32.40 -2.58
C ALA C 127 12.60 -33.74 -3.27
N PHE C 128 11.53 -34.23 -3.89
CA PHE C 128 11.61 -35.44 -4.69
C PHE C 128 12.66 -35.31 -5.78
N MET C 129 12.87 -34.10 -6.28
CA MET C 129 13.91 -33.87 -7.27
C MET C 129 15.26 -33.59 -6.65
N GLY C 130 15.34 -33.53 -5.33
CA GLY C 130 16.59 -33.19 -4.65
C GLY C 130 17.31 -34.39 -4.10
N TYR C 131 16.57 -35.42 -3.75
CA TYR C 131 17.18 -36.65 -3.29
C TYR C 131 17.79 -37.44 -4.45
N VAL C 132 17.44 -37.10 -5.67
CA VAL C 132 17.76 -37.95 -6.80
C VAL C 132 19.08 -37.59 -7.46
N LEU C 133 19.53 -36.36 -7.29
CA LEU C 133 20.74 -35.90 -7.97
C LEU C 133 21.98 -36.77 -7.79
N PRO C 134 22.30 -37.30 -6.61
CA PRO C 134 23.59 -37.97 -6.46
C PRO C 134 23.65 -39.39 -6.99
N TRP C 135 22.56 -39.95 -7.50
CA TRP C 135 22.56 -41.29 -8.10
C TRP C 135 22.98 -42.34 -7.08
N GLY C 136 22.20 -42.44 -6.03
CA GLY C 136 22.54 -43.20 -4.86
C GLY C 136 22.15 -44.66 -4.88
N GLN C 137 21.52 -45.14 -5.96
CA GLN C 137 20.87 -46.44 -6.08
C GLN C 137 19.52 -46.46 -5.35
N MET C 138 19.23 -45.41 -4.58
CA MET C 138 17.89 -45.08 -4.14
C MET C 138 17.36 -43.84 -4.81
N SER C 139 18.26 -42.99 -5.31
CA SER C 139 17.86 -41.93 -6.23
C SER C 139 17.09 -42.52 -7.40
N PHE C 140 17.71 -43.45 -8.09
CA PHE C 140 17.15 -44.04 -9.30
C PHE C 140 15.80 -44.67 -9.02
N TRP C 141 15.79 -45.70 -8.19
CA TRP C 141 14.56 -46.38 -7.87
C TRP C 141 13.61 -45.48 -7.09
N GLY C 142 14.15 -44.55 -6.29
CA GLY C 142 13.30 -43.58 -5.65
C GLY C 142 12.58 -42.70 -6.64
N ALA C 143 13.18 -42.52 -7.82
CA ALA C 143 12.53 -41.79 -8.89
C ALA C 143 11.70 -42.70 -9.76
N THR C 144 12.09 -43.97 -9.85
CA THR C 144 11.37 -44.90 -10.69
C THR C 144 9.97 -45.14 -10.14
N VAL C 145 9.91 -45.61 -8.89
CA VAL C 145 8.66 -46.12 -8.32
C VAL C 145 7.60 -45.03 -8.34
N ILE C 146 7.94 -43.89 -7.74
CA ILE C 146 6.97 -42.80 -7.60
C ILE C 146 6.51 -42.34 -8.98
N THR C 147 7.46 -42.08 -9.86
CA THR C 147 7.10 -41.58 -11.18
C THR C 147 6.40 -42.64 -12.00
N ASN C 148 6.70 -43.92 -11.76
CA ASN C 148 6.05 -44.99 -12.49
C ASN C 148 4.55 -44.99 -12.26
N LEU C 149 4.13 -44.55 -11.07
CA LEU C 149 2.72 -44.60 -10.71
C LEU C 149 1.86 -43.79 -11.66
N LEU C 150 2.42 -42.73 -12.24
CA LEU C 150 1.63 -41.88 -13.12
C LEU C 150 1.27 -42.60 -14.42
N SER C 151 1.81 -43.79 -14.65
CA SER C 151 1.27 -44.71 -15.63
C SER C 151 -0.08 -45.28 -15.21
N ALA C 152 -0.50 -45.07 -13.96
CA ALA C 152 -1.76 -45.62 -13.50
C ALA C 152 -2.94 -45.07 -14.28
N ILE C 153 -2.82 -43.83 -14.77
CA ILE C 153 -3.90 -43.20 -15.52
C ILE C 153 -4.09 -44.00 -16.82
N PRO C 154 -5.31 -44.17 -17.33
CA PRO C 154 -5.46 -44.79 -18.65
C PRO C 154 -5.27 -43.78 -19.78
N TYR C 155 -4.60 -44.24 -20.83
CA TYR C 155 -4.52 -43.57 -22.13
C TYR C 155 -3.63 -42.33 -22.16
N ILE C 156 -3.14 -41.87 -21.00
CA ILE C 156 -2.16 -40.80 -20.99
C ILE C 156 -1.00 -41.09 -20.04
N GLY C 157 -1.18 -42.04 -19.12
CA GLY C 157 -0.16 -42.30 -18.12
C GLY C 157 1.17 -42.70 -18.75
N THR C 158 1.11 -43.51 -19.79
CA THR C 158 2.34 -43.91 -20.46
C THR C 158 2.99 -42.73 -21.17
N ASN C 159 2.19 -41.73 -21.56
CA ASN C 159 2.74 -40.63 -22.34
C ASN C 159 3.52 -39.67 -21.45
N LEU C 160 2.85 -39.10 -20.45
CA LEU C 160 3.49 -38.11 -19.57
C LEU C 160 4.71 -38.68 -18.87
N VAL C 161 4.68 -39.96 -18.55
CA VAL C 161 5.79 -40.57 -17.84
C VAL C 161 6.99 -40.71 -18.76
N GLU C 162 6.77 -41.32 -19.92
CA GLU C 162 7.81 -41.34 -20.95
C GLU C 162 8.22 -39.92 -21.32
N TRP C 163 7.26 -39.01 -21.30
CA TRP C 163 7.54 -37.63 -21.64
C TRP C 163 8.46 -36.98 -20.63
N ILE C 164 8.31 -37.31 -19.36
CA ILE C 164 9.17 -36.74 -18.33
C ILE C 164 10.47 -37.50 -18.20
N TRP C 165 10.47 -38.80 -18.46
CA TRP C 165 11.69 -39.59 -18.44
C TRP C 165 12.63 -39.24 -19.57
N GLY C 166 12.20 -38.43 -20.53
CA GLY C 166 13.05 -38.12 -21.65
C GLY C 166 13.42 -39.34 -22.46
N GLY C 167 12.46 -40.24 -22.65
CA GLY C 167 12.73 -41.49 -23.31
C GLY C 167 11.72 -42.53 -22.93
N PHE C 168 12.21 -43.70 -22.56
CA PHE C 168 11.39 -44.78 -22.06
C PHE C 168 11.73 -45.17 -20.65
N SER C 169 12.74 -44.56 -20.04
CA SER C 169 13.16 -44.89 -18.70
C SER C 169 14.16 -43.85 -18.26
N VAL C 170 14.45 -43.85 -16.97
CA VAL C 170 15.31 -42.84 -16.41
C VAL C 170 16.71 -42.94 -17.00
N ASP C 171 17.34 -41.79 -17.14
CA ASP C 171 18.61 -41.67 -17.87
C ASP C 171 19.16 -40.29 -17.55
N LYS C 172 20.34 -40.00 -18.11
CA LYS C 172 20.93 -38.68 -18.05
C LYS C 172 19.93 -37.59 -18.37
N ALA C 173 19.10 -37.81 -19.37
CA ALA C 173 18.14 -36.78 -19.74
C ALA C 173 17.13 -36.55 -18.63
N THR C 174 16.88 -37.54 -17.80
CA THR C 174 15.98 -37.33 -16.68
C THR C 174 16.60 -36.42 -15.63
N LEU C 175 17.91 -36.47 -15.49
CA LEU C 175 18.60 -35.79 -14.42
C LEU C 175 18.52 -34.28 -14.57
N THR C 176 19.12 -33.78 -15.65
CA THR C 176 19.25 -32.35 -15.87
C THR C 176 17.90 -31.67 -15.83
N ARG C 177 16.88 -32.37 -16.31
CA ARG C 177 15.53 -31.80 -16.32
C ARG C 177 15.03 -31.56 -14.92
N PHE C 178 15.52 -32.30 -13.93
CA PHE C 178 15.16 -32.03 -12.55
C PHE C 178 16.02 -30.95 -11.95
N PHE C 179 17.32 -30.98 -12.24
CA PHE C 179 18.26 -30.08 -11.58
C PHE C 179 17.88 -28.63 -11.83
N ALA C 180 17.33 -28.34 -13.00
CA ALA C 180 16.83 -27.00 -13.25
C ALA C 180 15.49 -26.80 -12.60
N PHE C 181 14.60 -27.79 -12.70
CA PHE C 181 13.33 -27.72 -11.98
C PHE C 181 13.51 -27.68 -10.48
N HIS C 182 14.68 -28.07 -9.99
CA HIS C 182 14.92 -28.17 -8.56
C HIS C 182 15.71 -27.00 -8.00
N PHE C 183 16.51 -26.37 -8.84
CA PHE C 183 17.30 -25.22 -8.46
C PHE C 183 16.48 -23.93 -8.45
N ILE C 184 15.21 -24.01 -8.79
CA ILE C 184 14.43 -22.84 -9.21
C ILE C 184 13.24 -22.61 -8.30
N LEU C 185 12.53 -23.67 -7.95
CA LEU C 185 11.28 -23.53 -7.23
C LEU C 185 11.40 -22.82 -5.89
N PRO C 186 12.48 -22.95 -5.12
CA PRO C 186 12.60 -22.14 -3.92
C PRO C 186 12.46 -20.66 -4.17
N PHE C 187 12.97 -20.18 -5.30
CA PHE C 187 12.75 -18.80 -5.67
C PHE C 187 11.28 -18.56 -5.98
N ILE C 188 10.63 -19.52 -6.61
CA ILE C 188 9.18 -19.43 -6.78
C ILE C 188 8.52 -19.46 -5.42
N ILE C 189 9.08 -20.23 -4.49
CA ILE C 189 8.58 -20.21 -3.13
C ILE C 189 8.92 -18.90 -2.46
N MET C 190 10.09 -18.34 -2.78
CA MET C 190 10.57 -17.12 -2.14
C MET C 190 9.59 -15.97 -2.36
N ALA C 191 8.93 -15.94 -3.51
CA ALA C 191 7.95 -14.89 -3.80
C ALA C 191 6.59 -15.27 -3.26
N ILE C 192 6.22 -16.55 -3.37
CA ILE C 192 4.97 -17.03 -2.84
C ILE C 192 4.95 -16.87 -1.32
N ALA C 193 6.12 -16.92 -0.70
CA ALA C 193 6.22 -16.59 0.71
C ALA C 193 5.64 -15.22 1.00
N MET C 194 5.99 -14.24 0.17
CA MET C 194 5.45 -12.89 0.36
C MET C 194 3.95 -12.88 0.14
N VAL C 195 3.47 -13.63 -0.85
CA VAL C 195 2.05 -13.74 -1.07
C VAL C 195 1.38 -14.35 0.14
N HIS C 196 1.99 -15.38 0.71
CA HIS C 196 1.43 -16.04 1.87
C HIS C 196 1.33 -15.09 3.05
N LEU C 197 2.21 -14.11 3.11
CA LEU C 197 2.14 -13.07 4.13
C LEU C 197 1.24 -11.93 3.73
N LEU C 198 0.91 -11.79 2.45
CA LEU C 198 0.11 -10.66 2.03
C LEU C 198 -1.32 -10.80 2.50
N PHE C 199 -1.98 -11.90 2.10
CA PHE C 199 -3.35 -12.13 2.53
C PHE C 199 -3.46 -12.19 4.05
N LEU C 200 -2.38 -12.59 4.71
CA LEU C 200 -2.31 -12.42 6.15
C LEU C 200 -2.44 -10.95 6.53
N HIS C 201 -1.69 -10.09 5.85
CA HIS C 201 -1.49 -8.71 6.29
C HIS C 201 -2.80 -7.95 6.41
N GLU C 202 -3.80 -8.34 5.64
CA GLU C 202 -5.11 -7.71 5.76
C GLU C 202 -5.85 -8.13 7.03
N THR C 203 -5.40 -9.20 7.70
CA THR C 203 -6.09 -9.72 8.87
C THR C 203 -5.17 -10.05 10.03
N GLY C 204 -3.88 -10.27 9.80
CA GLY C 204 -2.99 -10.59 10.87
C GLY C 204 -3.16 -12.00 11.39
N SER C 205 -2.48 -12.26 12.50
CA SER C 205 -2.30 -13.60 13.01
C SER C 205 -3.55 -14.07 13.75
N ASN C 206 -3.42 -15.19 14.48
CA ASN C 206 -4.59 -15.93 14.95
C ASN C 206 -4.18 -16.68 16.22
N ASN C 207 -4.50 -16.12 17.37
CA ASN C 207 -4.07 -16.62 18.67
C ASN C 207 -4.38 -18.09 18.92
N PRO C 208 -3.78 -18.70 19.94
CA PRO C 208 -4.17 -20.07 20.31
C PRO C 208 -5.60 -20.17 20.76
N THR C 209 -6.11 -19.17 21.47
CA THR C 209 -7.50 -19.22 21.92
C THR C 209 -8.46 -19.20 20.77
N GLY C 210 -8.09 -18.59 19.66
CA GLY C 210 -8.95 -18.42 18.52
C GLY C 210 -9.76 -17.16 18.55
N ILE C 211 -9.63 -16.36 19.59
CA ILE C 211 -10.41 -15.15 19.75
C ILE C 211 -9.77 -14.04 18.93
N SER C 212 -10.62 -13.19 18.37
CA SER C 212 -10.14 -12.00 17.68
C SER C 212 -9.56 -11.07 18.73
N SER C 213 -8.24 -11.00 18.75
CA SER C 213 -7.51 -10.29 19.80
C SER C 213 -7.14 -8.88 19.39
N ASP C 214 -8.02 -8.20 18.65
CA ASP C 214 -7.73 -6.88 18.11
C ASP C 214 -7.31 -5.90 19.19
N VAL C 215 -7.85 -6.06 20.40
CA VAL C 215 -7.58 -5.13 21.49
C VAL C 215 -6.14 -5.18 21.97
N ASP C 216 -5.46 -6.31 21.80
CA ASP C 216 -4.18 -6.58 22.44
C ASP C 216 -3.14 -6.93 21.41
N LYS C 217 -3.05 -6.10 20.38
CA LYS C 217 -2.04 -6.24 19.35
C LYS C 217 -0.90 -5.28 19.65
N ILE C 218 0.33 -5.77 19.51
CA ILE C 218 1.49 -5.11 20.09
C ILE C 218 2.62 -5.03 19.06
N PRO C 219 3.72 -4.33 19.35
CA PRO C 219 4.82 -4.24 18.38
C PRO C 219 5.51 -5.55 18.13
N PHE C 220 6.56 -5.47 17.31
CA PHE C 220 7.19 -6.66 16.76
C PHE C 220 8.71 -6.63 16.77
N HIS C 221 9.37 -5.47 16.78
CA HIS C 221 10.82 -5.44 16.64
C HIS C 221 11.56 -5.97 17.85
N PRO C 222 11.18 -5.62 19.08
CA PRO C 222 11.90 -6.18 20.22
C PRO C 222 11.48 -7.59 20.56
N TYR C 223 10.18 -7.84 20.47
CA TYR C 223 9.59 -8.99 21.14
C TYR C 223 9.72 -10.27 20.32
N TYR C 224 9.07 -10.32 19.17
CA TYR C 224 9.00 -11.56 18.42
C TYR C 224 10.22 -11.75 17.54
N THR C 225 10.93 -10.67 17.23
CA THR C 225 12.18 -10.77 16.51
C THR C 225 13.16 -11.67 17.25
N ILE C 226 13.51 -11.27 18.48
CA ILE C 226 14.47 -12.03 19.28
C ILE C 226 13.90 -13.40 19.61
N LYS C 227 12.59 -13.47 19.82
CA LYS C 227 11.94 -14.74 20.10
C LYS C 227 12.13 -15.71 18.95
N ASP C 228 12.01 -15.20 17.72
CA ASP C 228 12.27 -16.04 16.56
C ASP C 228 13.75 -16.39 16.48
N ILE C 229 14.62 -15.41 16.75
CA ILE C 229 16.06 -15.67 16.75
C ILE C 229 16.39 -16.75 17.76
N LEU C 230 15.73 -16.72 18.91
CA LEU C 230 15.89 -17.78 19.89
C LEU C 230 15.51 -19.12 19.29
N GLY C 231 14.45 -19.14 18.49
CA GLY C 231 14.06 -20.37 17.85
C GLY C 231 15.06 -20.76 16.77
N ALA C 232 15.55 -19.77 16.03
CA ALA C 232 16.55 -20.04 15.01
C ALA C 232 17.80 -20.64 15.62
N LEU C 233 18.13 -20.20 16.83
CA LEU C 233 19.23 -20.79 17.56
C LEU C 233 18.98 -22.27 17.79
N LEU C 234 17.80 -22.60 18.31
CA LEU C 234 17.43 -24.00 18.51
C LEU C 234 17.46 -24.75 17.19
N LEU C 235 17.04 -24.11 16.12
CA LEU C 235 17.12 -24.74 14.80
C LEU C 235 18.57 -25.00 14.43
N ILE C 236 19.40 -23.96 14.49
CA ILE C 236 20.81 -24.13 14.14
C ILE C 236 21.45 -25.15 15.07
N LEU C 237 21.05 -25.14 16.34
CA LEU C 237 21.55 -26.14 17.26
C LEU C 237 21.15 -27.53 16.78
N ALA C 238 19.85 -27.78 16.69
CA ALA C 238 19.35 -29.07 16.25
C ALA C 238 19.80 -29.41 14.84
N LEU C 239 20.27 -28.44 14.07
CA LEU C 239 20.87 -28.70 12.78
C LEU C 239 22.36 -28.98 12.90
N MET C 240 23.07 -28.14 13.66
CA MET C 240 24.50 -28.37 13.86
C MET C 240 24.75 -29.69 14.58
N LEU C 241 23.83 -30.10 15.44
CA LEU C 241 24.00 -31.38 16.13
C LEU C 241 24.07 -32.52 15.14
N LEU C 242 23.07 -32.61 14.27
CA LEU C 242 22.93 -33.77 13.39
C LEU C 242 24.12 -33.88 12.46
N VAL C 243 24.43 -32.79 11.79
CA VAL C 243 25.54 -32.78 10.84
C VAL C 243 26.85 -33.15 11.52
N LEU C 244 27.03 -32.71 12.76
CA LEU C 244 28.29 -32.95 13.45
C LEU C 244 28.32 -34.31 14.12
N PHE C 245 27.16 -34.80 14.57
CA PHE C 245 27.10 -36.00 15.39
C PHE C 245 26.37 -37.17 14.77
N ALA C 246 25.45 -36.94 13.86
CA ALA C 246 24.73 -38.07 13.26
C ALA C 246 24.21 -37.75 11.88
N PRO C 247 25.08 -37.37 10.95
CA PRO C 247 24.61 -37.01 9.62
C PRO C 247 24.06 -38.18 8.83
N ASP C 248 24.51 -39.39 9.13
CA ASP C 248 24.02 -40.60 8.48
C ASP C 248 22.68 -41.06 9.03
N LEU C 249 22.05 -40.28 9.92
CA LEU C 249 20.86 -40.74 10.60
C LEU C 249 19.70 -40.88 9.62
N LEU C 250 19.26 -39.77 9.03
CA LEU C 250 18.07 -39.76 8.19
C LEU C 250 18.40 -40.11 6.76
N GLY C 251 19.37 -39.42 6.17
CA GLY C 251 19.86 -39.76 4.86
C GLY C 251 20.31 -41.21 4.83
N ASP C 252 19.55 -42.04 4.10
CA ASP C 252 19.73 -43.47 4.17
C ASP C 252 21.13 -43.87 3.72
N PRO C 253 21.64 -45.01 4.20
CA PRO C 253 23.01 -45.38 3.83
C PRO C 253 23.15 -45.65 2.35
N ASP C 254 22.14 -46.26 1.74
CA ASP C 254 22.27 -46.75 0.37
C ASP C 254 22.64 -45.65 -0.60
N ASN C 255 22.22 -44.41 -0.33
CA ASN C 255 22.39 -43.35 -1.30
C ASN C 255 23.85 -43.01 -1.56
N TYR C 256 24.76 -43.49 -0.74
CA TYR C 256 26.18 -43.42 -1.05
C TYR C 256 26.61 -44.47 -2.05
N THR C 257 25.71 -45.34 -2.48
CA THR C 257 26.06 -46.32 -3.48
C THR C 257 25.96 -45.70 -4.88
N PRO C 258 26.79 -46.10 -5.83
CA PRO C 258 26.57 -45.66 -7.19
C PRO C 258 25.30 -46.24 -7.76
N ALA C 259 24.81 -45.59 -8.82
CA ALA C 259 23.59 -46.02 -9.45
C ALA C 259 23.86 -47.20 -10.37
N ASN C 260 22.92 -48.13 -10.38
CA ASN C 260 22.97 -49.27 -11.28
C ASN C 260 21.55 -49.79 -11.46
N PRO C 261 20.95 -49.69 -12.65
CA PRO C 261 19.59 -50.21 -12.81
C PRO C 261 19.50 -51.72 -12.70
N LEU C 262 20.60 -52.45 -12.89
CA LEU C 262 20.56 -53.90 -12.95
C LEU C 262 20.64 -54.55 -11.58
N ASN C 263 20.36 -53.81 -10.52
CA ASN C 263 20.29 -54.41 -9.19
C ASN C 263 19.55 -53.46 -8.27
N THR C 264 18.71 -54.03 -7.45
CA THR C 264 17.93 -53.30 -6.47
C THR C 264 18.37 -53.67 -5.07
N PRO C 265 18.05 -52.85 -4.08
CA PRO C 265 18.16 -53.29 -2.71
C PRO C 265 17.02 -54.23 -2.36
N PRO C 266 17.18 -55.10 -1.36
CA PRO C 266 16.03 -55.91 -0.93
C PRO C 266 14.88 -55.07 -0.42
N HIS C 267 15.19 -53.98 0.28
CA HIS C 267 14.19 -53.10 0.85
C HIS C 267 14.28 -51.73 0.19
N ILE C 268 13.13 -51.22 -0.21
CA ILE C 268 13.01 -49.89 -0.79
C ILE C 268 12.24 -49.02 0.19
N LYS C 269 12.68 -47.80 0.32
CA LYS C 269 11.86 -46.77 0.91
C LYS C 269 12.45 -45.43 0.48
N PRO C 270 11.64 -44.46 0.09
CA PRO C 270 12.18 -43.12 -0.08
C PRO C 270 12.53 -42.49 1.25
N GLU C 271 12.91 -41.23 1.24
CA GLU C 271 13.25 -40.53 2.48
C GLU C 271 12.07 -40.56 3.43
N TRP C 272 12.40 -40.41 4.72
CA TRP C 272 11.46 -40.69 5.80
C TRP C 272 10.16 -39.92 5.69
N TYR C 273 10.20 -38.74 5.10
CA TYR C 273 9.07 -37.83 5.22
C TYR C 273 7.91 -38.19 4.31
N PHE C 274 8.17 -38.82 3.16
CA PHE C 274 7.06 -39.36 2.36
C PHE C 274 6.24 -40.37 3.14
N LEU C 275 6.86 -41.07 4.10
CA LEU C 275 6.43 -42.39 4.48
C LEU C 275 5.01 -42.41 5.03
N PHE C 276 4.55 -41.32 5.63
CA PHE C 276 3.15 -41.30 6.05
C PHE C 276 2.24 -41.40 4.84
N ALA C 277 2.68 -40.84 3.71
CA ALA C 277 1.89 -40.77 2.50
C ALA C 277 2.12 -41.98 1.61
N TYR C 278 3.38 -42.39 1.47
CA TYR C 278 3.70 -43.55 0.66
C TYR C 278 3.02 -44.80 1.21
N ALA C 279 2.87 -44.88 2.52
CA ALA C 279 2.25 -46.05 3.12
C ALA C 279 0.79 -46.14 2.75
N ILE C 280 0.14 -45.00 2.54
CA ILE C 280 -1.28 -45.01 2.19
C ILE C 280 -1.47 -45.71 0.86
N LEU C 281 -0.61 -45.41 -0.09
CA LEU C 281 -0.67 -46.06 -1.38
C LEU C 281 -0.32 -47.53 -1.26
N ARG C 282 0.80 -47.82 -0.58
CA ARG C 282 1.27 -49.19 -0.42
C ARG C 282 0.22 -50.06 0.26
N SER C 283 -0.67 -49.46 1.05
CA SER C 283 -1.76 -50.22 1.65
C SER C 283 -2.67 -50.80 0.58
N ILE C 284 -3.01 -50.00 -0.42
CA ILE C 284 -3.97 -50.41 -1.42
C ILE C 284 -3.33 -51.45 -2.33
N PRO C 285 -3.87 -52.66 -2.46
CA PRO C 285 -3.32 -53.57 -3.47
C PRO C 285 -3.57 -53.09 -4.87
N ASN C 286 -4.72 -52.47 -5.11
CA ASN C 286 -4.99 -51.88 -6.41
C ASN C 286 -3.97 -50.79 -6.70
N LYS C 287 -3.76 -50.53 -7.99
CA LYS C 287 -2.77 -49.53 -8.37
C LYS C 287 -3.35 -48.13 -8.28
N LEU C 288 -4.37 -47.85 -9.09
CA LEU C 288 -4.93 -46.51 -9.16
C LEU C 288 -5.74 -46.18 -7.93
N GLY C 289 -6.39 -47.19 -7.34
CA GLY C 289 -7.31 -46.96 -6.24
C GLY C 289 -6.69 -46.31 -5.02
N GLY C 290 -5.36 -46.28 -4.94
CA GLY C 290 -4.66 -45.62 -3.86
C GLY C 290 -4.01 -44.32 -4.27
N VAL C 291 -3.73 -44.16 -5.56
CA VAL C 291 -3.06 -42.95 -6.03
C VAL C 291 -3.93 -41.74 -5.77
N LEU C 292 -5.18 -41.81 -6.18
CA LEU C 292 -6.10 -40.70 -5.93
C LEU C 292 -6.29 -40.46 -4.45
N ALA C 293 -6.13 -41.50 -3.62
CA ALA C 293 -6.18 -41.29 -2.18
C ALA C 293 -4.96 -40.52 -1.69
N LEU C 294 -3.83 -40.66 -2.38
CA LEU C 294 -2.60 -40.01 -1.95
C LEU C 294 -2.75 -38.49 -1.98
N ALA C 295 -2.95 -37.93 -3.16
CA ALA C 295 -3.12 -36.49 -3.28
C ALA C 295 -4.36 -36.03 -2.54
N PHE C 296 -5.37 -36.88 -2.47
CA PHE C 296 -6.54 -36.56 -1.65
C PHE C 296 -6.16 -36.43 -0.19
N SER C 297 -5.21 -37.25 0.28
CA SER C 297 -4.75 -37.16 1.65
C SER C 297 -4.08 -35.82 1.92
N ILE C 298 -3.46 -35.24 0.90
CA ILE C 298 -2.87 -33.93 1.02
C ILE C 298 -3.90 -32.84 0.74
N LEU C 299 -4.59 -32.97 -0.38
CA LEU C 299 -5.56 -31.97 -0.79
C LEU C 299 -6.82 -31.96 0.06
N ILE C 300 -6.94 -32.88 1.01
CA ILE C 300 -8.00 -32.78 2.00
C ILE C 300 -7.88 -31.48 2.77
N LEU C 301 -6.66 -30.97 2.93
CA LEU C 301 -6.46 -29.73 3.66
C LEU C 301 -7.23 -28.59 3.04
N ALA C 302 -7.28 -28.53 1.71
CA ALA C 302 -8.15 -27.56 1.07
C ALA C 302 -9.61 -27.82 1.37
N LEU C 303 -9.96 -29.06 1.71
CA LEU C 303 -11.33 -29.47 1.93
C LEU C 303 -11.77 -29.35 3.39
N ILE C 304 -10.82 -29.21 4.32
CA ILE C 304 -11.18 -29.08 5.75
C ILE C 304 -12.05 -27.85 5.99
N PRO C 305 -11.70 -26.65 5.57
CA PRO C 305 -12.39 -25.45 6.07
C PRO C 305 -13.87 -25.39 5.77
N LEU C 306 -14.38 -26.27 4.92
CA LEU C 306 -15.82 -26.51 4.84
C LEU C 306 -16.30 -27.48 5.91
N LEU C 307 -15.47 -27.79 6.90
CA LEU C 307 -15.81 -28.70 7.98
C LEU C 307 -15.45 -28.10 9.33
N HIS C 308 -15.61 -26.79 9.45
CA HIS C 308 -15.44 -26.09 10.72
C HIS C 308 -16.81 -26.01 11.38
N THR C 309 -17.23 -27.12 11.96
CA THR C 309 -18.60 -27.23 12.46
C THR C 309 -18.80 -26.35 13.68
N SER C 310 -17.84 -26.36 14.59
CA SER C 310 -17.97 -25.56 15.80
C SER C 310 -17.96 -24.07 15.45
N LYS C 311 -18.88 -23.33 16.07
CA LYS C 311 -18.81 -21.88 15.99
C LYS C 311 -17.79 -21.31 16.96
N GLN C 312 -17.02 -22.15 17.64
CA GLN C 312 -15.75 -21.73 18.19
C GLN C 312 -14.70 -21.83 17.10
N ARG C 313 -13.45 -21.51 17.45
CA ARG C 313 -12.33 -21.65 16.53
C ARG C 313 -11.32 -22.67 17.02
N SER C 314 -10.78 -22.48 18.21
CA SER C 314 -9.59 -23.20 18.64
C SER C 314 -9.95 -24.60 19.09
N MET C 315 -8.98 -25.26 19.72
CA MET C 315 -9.15 -26.55 20.34
C MET C 315 -8.58 -26.59 21.75
N MET C 316 -7.95 -25.51 22.21
CA MET C 316 -7.69 -25.37 23.62
C MET C 316 -8.98 -25.33 24.41
N PHE C 317 -10.07 -24.88 23.78
CA PHE C 317 -11.40 -24.86 24.37
C PHE C 317 -12.33 -25.84 23.68
N ARG C 318 -11.80 -26.96 23.23
CA ARG C 318 -12.61 -28.07 22.72
C ARG C 318 -11.91 -29.35 23.12
N PRO C 319 -12.06 -29.79 24.37
CA PRO C 319 -11.27 -30.93 24.86
C PRO C 319 -11.44 -32.19 24.04
N LEU C 320 -12.64 -32.44 23.51
CA LEU C 320 -12.84 -33.63 22.72
C LEU C 320 -12.02 -33.59 21.43
N SER C 321 -11.87 -32.40 20.85
CA SER C 321 -11.07 -32.27 19.65
C SER C 321 -9.63 -32.70 19.92
N GLN C 322 -9.14 -32.41 21.13
CA GLN C 322 -7.79 -32.79 21.49
C GLN C 322 -7.65 -34.30 21.56
N CYS C 323 -8.71 -34.98 21.97
CA CYS C 323 -8.67 -36.44 22.01
C CYS C 323 -8.50 -37.02 20.62
N LEU C 324 -9.13 -36.39 19.63
CA LEU C 324 -8.99 -36.85 18.26
C LEU C 324 -7.68 -36.39 17.64
N PHE C 325 -7.34 -35.13 17.88
CA PHE C 325 -6.24 -34.50 17.16
C PHE C 325 -4.93 -35.21 17.44
N TRP C 326 -4.60 -35.36 18.73
CA TRP C 326 -3.40 -36.09 19.08
C TRP C 326 -3.50 -37.56 18.70
N ALA C 327 -4.70 -38.07 18.46
CA ALA C 327 -4.84 -39.42 17.93
C ALA C 327 -4.45 -39.46 16.47
N LEU C 328 -4.71 -38.37 15.74
CA LEU C 328 -4.28 -38.30 14.34
C LEU C 328 -2.77 -38.40 14.24
N VAL C 329 -2.06 -37.79 15.19
CA VAL C 329 -0.61 -37.81 15.16
C VAL C 329 -0.09 -39.23 15.28
N ALA C 330 -0.79 -40.06 16.06
CA ALA C 330 -0.43 -41.46 16.13
C ALA C 330 -0.48 -42.10 14.76
N ASP C 331 -1.51 -41.79 13.99
CA ASP C 331 -1.67 -42.40 12.68
C ASP C 331 -0.54 -41.97 11.75
N LEU C 332 -0.26 -40.66 11.70
CA LEU C 332 0.82 -40.18 10.84
C LEU C 332 2.15 -40.77 11.28
N LEU C 333 2.48 -40.61 12.55
CA LEU C 333 3.73 -41.14 13.06
C LEU C 333 3.78 -42.65 12.93
N THR C 334 2.61 -43.30 12.90
CA THR C 334 2.58 -44.73 12.59
C THR C 334 2.88 -44.98 11.13
N LEU C 335 2.08 -44.37 10.24
CA LEU C 335 2.29 -44.53 8.80
C LEU C 335 3.69 -44.13 8.40
N THR C 336 4.27 -43.17 9.11
CA THR C 336 5.69 -42.86 8.96
C THR C 336 6.53 -44.12 9.12
N TRP C 337 6.33 -44.83 10.22
CA TRP C 337 7.15 -46.01 10.50
C TRP C 337 6.69 -47.19 9.68
N ILE C 338 5.38 -47.39 9.60
CA ILE C 338 4.84 -48.51 8.85
C ILE C 338 5.19 -48.37 7.37
N GLY C 339 5.30 -47.14 6.88
CA GLY C 339 5.67 -46.94 5.51
C GLY C 339 7.10 -47.37 5.23
N GLY C 340 8.01 -47.04 6.14
CA GLY C 340 9.40 -47.35 5.96
C GLY C 340 9.77 -48.79 6.20
N GLN C 341 8.78 -49.63 6.47
CA GLN C 341 8.99 -51.05 6.70
C GLN C 341 8.31 -51.85 5.59
N PRO C 342 8.71 -53.11 5.39
CA PRO C 342 8.27 -53.82 4.20
C PRO C 342 6.87 -54.37 4.27
N VAL C 343 6.50 -55.13 3.24
CA VAL C 343 5.15 -55.61 3.02
C VAL C 343 5.08 -57.01 3.62
N GLU C 344 4.52 -57.12 4.82
CA GLU C 344 4.27 -58.43 5.41
C GLU C 344 3.02 -58.37 6.24
N HIS C 345 2.55 -59.55 6.65
CA HIS C 345 1.21 -59.68 7.21
C HIS C 345 1.00 -58.84 8.48
N PRO C 346 1.92 -58.76 9.43
CA PRO C 346 1.67 -57.93 10.60
C PRO C 346 1.54 -56.45 10.29
N TYR C 347 2.03 -56.01 9.14
CA TYR C 347 2.03 -54.60 8.79
C TYR C 347 0.94 -54.23 7.79
N ILE C 348 0.57 -55.15 6.90
CA ILE C 348 -0.50 -54.86 5.97
C ILE C 348 -1.80 -54.64 6.73
N THR C 349 -2.02 -55.43 7.78
CA THR C 349 -3.22 -55.30 8.60
C THR C 349 -3.32 -53.90 9.20
N ILE C 350 -2.19 -53.24 9.38
CA ILE C 350 -2.18 -51.91 9.98
C ILE C 350 -2.60 -50.87 8.96
N GLY C 351 -1.88 -50.80 7.84
CA GLY C 351 -2.11 -49.73 6.88
C GLY C 351 -3.49 -49.79 6.26
N GLN C 352 -4.09 -50.98 6.19
CA GLN C 352 -5.46 -51.07 5.74
C GLN C 352 -6.41 -50.37 6.72
N LEU C 353 -6.00 -50.23 7.98
CA LEU C 353 -6.75 -49.47 8.96
C LEU C 353 -6.26 -48.04 9.08
N ALA C 354 -4.94 -47.87 9.19
CA ALA C 354 -4.36 -46.57 9.44
C ALA C 354 -4.69 -45.59 8.33
N SER C 355 -4.67 -46.07 7.09
CA SER C 355 -5.06 -45.24 5.96
C SER C 355 -6.50 -44.79 6.11
N VAL C 356 -7.37 -45.72 6.51
CA VAL C 356 -8.78 -45.38 6.65
C VAL C 356 -8.97 -44.48 7.85
N LEU C 357 -8.20 -44.72 8.91
CA LEU C 357 -8.30 -43.88 10.10
C LEU C 357 -8.00 -42.43 9.78
N TYR C 358 -7.00 -42.19 8.93
CA TYR C 358 -6.62 -40.84 8.55
C TYR C 358 -7.79 -40.09 7.95
N PHE C 359 -8.35 -40.64 6.87
CA PHE C 359 -9.54 -40.05 6.27
C PHE C 359 -10.71 -40.04 7.25
N LEU C 360 -10.75 -41.00 8.18
CA LEU C 360 -11.90 -41.11 9.05
C LEU C 360 -11.89 -40.03 10.12
N LEU C 361 -10.74 -39.82 10.77
CA LEU C 361 -10.66 -38.83 11.83
C LEU C 361 -10.98 -37.44 11.32
N ILE C 362 -10.64 -37.17 10.06
CA ILE C 362 -10.73 -35.82 9.54
C ILE C 362 -12.16 -35.50 9.14
N LEU C 363 -12.81 -36.42 8.45
CA LEU C 363 -14.05 -36.14 7.74
C LEU C 363 -15.29 -36.59 8.47
N VAL C 364 -15.16 -37.15 9.67
CA VAL C 364 -16.30 -37.71 10.38
C VAL C 364 -16.34 -37.13 11.79
N LEU C 365 -15.21 -37.24 12.50
CA LEU C 365 -15.21 -37.05 13.93
C LEU C 365 -14.87 -35.64 14.37
N MET C 366 -13.95 -34.97 13.67
CA MET C 366 -13.75 -33.55 13.94
C MET C 366 -15.00 -32.74 13.61
N PRO C 367 -15.68 -32.95 12.48
CA PRO C 367 -16.98 -32.30 12.29
C PRO C 367 -17.98 -32.68 13.36
N THR C 368 -18.06 -33.98 13.67
CA THR C 368 -18.99 -34.48 14.66
C THR C 368 -18.82 -33.78 16.00
N ALA C 369 -17.61 -33.33 16.31
CA ALA C 369 -17.35 -32.69 17.58
C ALA C 369 -18.15 -31.40 17.71
N GLY C 370 -17.95 -30.48 16.77
CA GLY C 370 -18.61 -29.19 16.87
C GLY C 370 -20.12 -29.29 16.80
N THR C 371 -20.62 -30.27 16.05
CA THR C 371 -22.05 -30.51 16.03
C THR C 371 -22.55 -30.92 17.41
N ILE C 372 -21.69 -31.56 18.19
CA ILE C 372 -22.02 -31.96 19.55
C ILE C 372 -21.70 -30.85 20.53
N GLU C 373 -20.49 -30.30 20.44
CA GLU C 373 -20.05 -29.30 21.39
C GLU C 373 -20.92 -28.06 21.35
N ASN C 374 -21.45 -27.73 20.17
CA ASN C 374 -22.49 -26.72 20.11
C ASN C 374 -23.70 -27.14 20.92
N LYS C 375 -24.08 -28.41 20.82
CA LYS C 375 -25.24 -28.90 21.55
C LYS C 375 -24.95 -29.05 23.03
N LEU C 376 -23.70 -29.34 23.38
CA LEU C 376 -23.34 -29.40 24.79
C LEU C 376 -23.44 -28.05 25.47
N LEU C 377 -23.43 -26.96 24.69
CA LEU C 377 -23.49 -25.61 25.25
C LEU C 377 -24.49 -24.74 24.52
N LYS C 378 -25.40 -25.34 23.75
CA LYS C 378 -26.61 -24.69 23.29
C LYS C 378 -26.32 -23.50 22.38
N TRP C 379 -25.74 -23.78 21.23
CA TRP C 379 -25.87 -22.90 20.07
C TRP C 379 -25.61 -23.69 18.79
N GLU D 88 17.96 -61.34 7.90
CA GLU D 88 19.02 -60.42 8.27
C GLU D 88 19.73 -60.90 9.53
N LEU D 89 20.82 -60.24 9.86
CA LEU D 89 21.46 -60.40 11.16
C LEU D 89 22.00 -59.06 11.59
N HIS D 90 21.69 -58.66 12.82
CA HIS D 90 22.10 -57.38 13.32
C HIS D 90 23.48 -57.51 13.99
N PRO D 91 24.51 -56.81 13.52
CA PRO D 91 25.77 -56.85 14.24
C PRO D 91 25.64 -56.16 15.59
N PRO D 92 26.50 -56.45 16.54
CA PRO D 92 26.47 -55.73 17.81
C PRO D 92 27.05 -54.33 17.65
N SER D 93 27.09 -53.62 18.78
CA SER D 93 27.70 -52.30 18.87
C SER D 93 29.06 -52.47 19.52
N TYR D 94 30.03 -52.88 18.72
CA TYR D 94 31.38 -53.00 19.25
C TYR D 94 31.93 -51.61 19.57
N PRO D 95 32.61 -51.42 20.69
CA PRO D 95 33.19 -50.11 20.97
C PRO D 95 34.32 -49.83 20.01
N TRP D 96 34.80 -48.60 20.06
CA TRP D 96 35.91 -48.18 19.22
C TRP D 96 36.68 -47.10 19.95
N SER D 97 37.80 -46.71 19.36
CA SER D 97 38.52 -45.54 19.81
C SER D 97 37.89 -44.25 19.32
N HIS D 98 36.78 -44.32 18.57
CA HIS D 98 36.16 -43.14 17.97
C HIS D 98 34.65 -43.13 18.14
N ARG D 99 34.06 -44.07 18.88
CA ARG D 99 32.61 -44.08 19.03
C ARG D 99 32.13 -42.90 19.84
N GLY D 100 32.94 -42.42 20.77
CA GLY D 100 32.52 -41.31 21.61
C GLY D 100 32.30 -40.05 20.80
N LEU D 101 31.28 -39.30 21.19
CA LEU D 101 30.86 -38.13 20.43
C LEU D 101 31.86 -36.99 20.47
N LEU D 102 32.98 -37.15 21.17
CA LEU D 102 34.16 -36.31 20.99
C LEU D 102 35.41 -37.17 20.85
N SER D 103 35.25 -38.38 20.35
CA SER D 103 36.36 -39.30 20.17
C SER D 103 36.82 -39.24 18.73
N SER D 104 38.13 -39.40 18.53
CA SER D 104 38.75 -39.32 17.22
C SER D 104 39.29 -40.70 16.83
N LEU D 105 39.96 -40.75 15.68
CA LEU D 105 40.54 -41.99 15.18
C LEU D 105 41.99 -42.13 15.62
N ASP D 106 42.35 -43.35 15.99
CA ASP D 106 43.73 -43.68 16.30
C ASP D 106 44.50 -43.76 14.99
N HIS D 107 45.21 -42.68 14.67
CA HIS D 107 45.90 -42.60 13.40
C HIS D 107 47.00 -43.65 13.30
N THR D 108 47.55 -44.08 14.42
CA THR D 108 48.49 -45.19 14.40
C THR D 108 47.81 -46.44 13.88
N SER D 109 46.54 -46.63 14.23
CA SER D 109 45.81 -47.79 13.73
C SER D 109 45.58 -47.67 12.23
N ILE D 110 45.42 -46.44 11.74
CA ILE D 110 45.23 -46.23 10.32
C ILE D 110 46.49 -46.58 9.56
N ARG D 111 47.65 -46.26 10.15
CA ARG D 111 48.92 -46.41 9.45
C ARG D 111 49.16 -47.85 9.07
N ARG D 112 48.82 -48.78 9.96
CA ARG D 112 48.90 -50.19 9.63
C ARG D 112 47.73 -50.63 8.78
N GLY D 113 46.60 -49.94 8.90
CA GLY D 113 45.43 -50.31 8.11
C GLY D 113 45.67 -50.15 6.63
N PHE D 114 46.40 -49.12 6.23
CA PHE D 114 46.65 -48.88 4.81
C PHE D 114 47.52 -49.98 4.21
N GLN D 115 48.41 -50.56 5.01
CA GLN D 115 49.23 -51.68 4.54
C GLN D 115 48.34 -52.79 4.05
N VAL D 116 47.21 -52.99 4.71
CA VAL D 116 46.35 -54.13 4.42
C VAL D 116 45.73 -53.99 3.05
N TYR D 117 45.21 -52.81 2.74
CA TYR D 117 44.51 -52.61 1.48
C TYR D 117 45.43 -52.85 0.31
N LYS D 118 46.70 -52.50 0.45
CA LYS D 118 47.63 -52.63 -0.65
C LYS D 118 48.07 -54.09 -0.80
N GLN D 119 48.25 -54.78 0.32
CA GLN D 119 48.77 -56.14 0.26
C GLN D 119 47.68 -57.16 -0.02
N VAL D 120 46.43 -56.82 0.28
CA VAL D 120 45.35 -57.79 0.31
C VAL D 120 44.23 -57.38 -0.62
N CYS D 121 43.62 -56.24 -0.33
CA CYS D 121 42.34 -55.91 -0.92
C CYS D 121 42.49 -55.24 -2.27
N SER D 122 43.62 -54.61 -2.54
CA SER D 122 43.82 -53.92 -3.80
C SER D 122 43.98 -54.85 -4.99
N SER D 123 43.90 -56.17 -4.80
CA SER D 123 43.89 -57.08 -5.93
C SER D 123 42.53 -57.14 -6.60
N CYS D 124 41.46 -56.85 -5.87
CA CYS D 124 40.11 -57.00 -6.40
C CYS D 124 39.14 -55.92 -5.95
N HIS D 125 39.59 -54.90 -5.23
CA HIS D 125 38.72 -53.81 -4.79
C HIS D 125 39.18 -52.50 -5.41
N SER D 126 38.24 -51.80 -6.03
CA SER D 126 38.53 -50.63 -6.86
C SER D 126 38.11 -49.38 -6.09
N MET D 127 39.01 -48.89 -5.26
CA MET D 127 38.80 -47.63 -4.56
C MET D 127 39.22 -46.49 -5.47
N ASP D 128 38.25 -45.84 -6.09
CA ASP D 128 38.51 -44.84 -7.12
C ASP D 128 38.39 -43.40 -6.62
N TYR D 129 37.90 -43.20 -5.41
CA TYR D 129 37.58 -41.86 -4.91
C TYR D 129 38.62 -41.35 -3.93
N VAL D 130 39.86 -41.83 -4.03
CA VAL D 130 40.90 -41.54 -3.05
C VAL D 130 42.22 -41.41 -3.77
N ALA D 131 43.13 -40.62 -3.20
CA ALA D 131 44.51 -40.55 -3.66
C ALA D 131 45.45 -40.57 -2.47
N TYR D 132 46.72 -40.86 -2.77
CA TYR D 132 47.75 -40.91 -1.73
C TYR D 132 47.87 -39.60 -1.00
N ARG D 133 47.57 -38.48 -1.66
CA ARG D 133 47.76 -37.18 -1.03
C ARG D 133 46.85 -37.01 0.18
N HIS D 134 45.65 -37.57 0.12
CA HIS D 134 44.74 -37.47 1.26
C HIS D 134 45.28 -38.16 2.50
N LEU D 135 46.26 -39.05 2.34
CA LEU D 135 46.88 -39.68 3.50
C LEU D 135 47.80 -38.73 4.25
N VAL D 136 48.17 -37.61 3.64
CA VAL D 136 49.01 -36.65 4.32
C VAL D 136 48.29 -36.07 5.51
N GLY D 137 49.02 -35.83 6.58
CA GLY D 137 48.42 -35.35 7.82
C GLY D 137 47.55 -36.36 8.51
N VAL D 138 47.56 -37.61 8.06
CA VAL D 138 46.66 -38.64 8.56
C VAL D 138 47.46 -39.84 9.04
N CYS D 139 48.19 -40.49 8.12
CA CYS D 139 48.99 -41.67 8.45
C CYS D 139 50.42 -41.58 7.95
N TYR D 140 50.64 -41.01 6.77
CA TYR D 140 51.95 -40.89 6.16
C TYR D 140 52.25 -39.43 5.88
N THR D 141 53.48 -39.19 5.45
CA THR D 141 53.98 -37.87 5.13
C THR D 141 53.96 -37.67 3.63
N GLU D 142 54.49 -36.54 3.19
CA GLU D 142 54.58 -36.26 1.76
C GLU D 142 55.54 -37.22 1.07
N ASP D 143 56.81 -37.18 1.49
CA ASP D 143 57.84 -37.95 0.82
C ASP D 143 57.60 -39.44 0.95
N GLU D 144 57.17 -39.87 2.14
CA GLU D 144 57.00 -41.29 2.38
C GLU D 144 55.89 -41.85 1.52
N ALA D 145 54.71 -41.26 1.60
CA ALA D 145 53.59 -41.70 0.78
C ALA D 145 53.91 -41.57 -0.70
N LYS D 146 54.71 -40.56 -1.05
CA LYS D 146 55.15 -40.42 -2.42
C LYS D 146 56.00 -41.61 -2.86
N ALA D 147 56.70 -42.24 -1.92
CA ALA D 147 57.48 -43.43 -2.26
C ALA D 147 56.60 -44.54 -2.78
N LEU D 148 55.32 -44.56 -2.39
CA LEU D 148 54.39 -45.54 -2.91
C LEU D 148 53.87 -45.15 -4.28
N ALA D 149 53.80 -43.86 -4.55
CA ALA D 149 53.44 -43.43 -5.90
C ALA D 149 54.54 -43.79 -6.88
N GLU D 150 55.80 -43.73 -6.45
CA GLU D 150 56.90 -44.22 -7.26
C GLU D 150 56.85 -45.72 -7.44
N GLU D 151 56.16 -46.44 -6.55
CA GLU D 151 56.19 -47.89 -6.58
C GLU D 151 55.37 -48.43 -7.73
N VAL D 152 54.17 -47.89 -7.94
CA VAL D 152 53.20 -48.45 -8.86
C VAL D 152 53.21 -47.66 -10.17
N GLU D 153 53.01 -48.37 -11.27
CA GLU D 153 52.90 -47.73 -12.57
C GLU D 153 51.46 -47.30 -12.83
N VAL D 154 51.31 -46.21 -13.58
CA VAL D 154 50.00 -45.65 -13.87
C VAL D 154 49.93 -45.28 -15.34
N GLN D 155 48.78 -45.53 -15.96
CA GLN D 155 48.57 -45.19 -17.36
C GLN D 155 48.16 -43.73 -17.46
N ASP D 156 49.08 -42.90 -17.96
CA ASP D 156 48.82 -41.48 -18.15
C ASP D 156 49.62 -40.99 -19.35
N GLY D 157 49.10 -39.96 -19.99
CA GLY D 157 49.88 -39.20 -20.93
C GLY D 157 49.72 -39.70 -22.36
N PRO D 158 49.08 -38.90 -23.21
CA PRO D 158 49.21 -39.16 -24.65
C PRO D 158 50.57 -38.77 -25.19
N ASN D 159 51.33 -39.77 -25.60
CA ASN D 159 52.62 -39.56 -26.23
C ASN D 159 52.48 -38.68 -27.47
N GLU D 160 53.56 -37.99 -27.83
CA GLU D 160 53.53 -37.19 -29.05
C GLU D 160 53.37 -38.05 -30.28
N ASP D 161 53.76 -39.33 -30.21
CA ASP D 161 53.44 -40.26 -31.27
C ASP D 161 51.93 -40.41 -31.46
N GLY D 162 51.15 -40.15 -30.41
CA GLY D 162 49.73 -40.40 -30.43
C GLY D 162 49.29 -41.63 -29.68
N GLU D 163 50.14 -42.15 -28.80
CA GLU D 163 49.87 -43.35 -28.03
C GLU D 163 49.92 -43.00 -26.55
N MET D 164 49.63 -43.99 -25.72
CA MET D 164 49.68 -43.86 -24.28
C MET D 164 50.67 -44.85 -23.70
N PHE D 165 51.06 -44.61 -22.46
CA PHE D 165 52.17 -45.32 -21.86
C PHE D 165 51.89 -45.51 -20.37
N MET D 166 52.93 -45.91 -19.64
CA MET D 166 52.89 -46.09 -18.20
C MET D 166 53.99 -45.25 -17.57
N ARG D 167 53.68 -44.64 -16.44
CA ARG D 167 54.65 -43.89 -15.64
C ARG D 167 54.51 -44.27 -14.18
N PRO D 168 55.51 -43.96 -13.36
CA PRO D 168 55.29 -43.97 -11.92
C PRO D 168 54.33 -42.88 -11.52
N GLY D 169 53.40 -43.24 -10.66
CA GLY D 169 52.37 -42.30 -10.24
C GLY D 169 52.92 -41.20 -9.36
N LYS D 170 52.00 -40.37 -8.90
CA LYS D 170 52.33 -39.28 -7.98
C LYS D 170 51.22 -39.10 -6.96
N LEU D 171 51.32 -38.04 -6.15
CA LEU D 171 50.38 -37.84 -5.05
C LEU D 171 49.01 -37.42 -5.57
N SER D 172 48.95 -36.77 -6.72
CA SER D 172 47.68 -36.43 -7.32
C SER D 172 46.95 -37.65 -7.84
N ASP D 173 47.66 -38.71 -8.14
CA ASP D 173 47.05 -39.87 -8.76
C ASP D 173 46.22 -40.64 -7.75
N TYR D 174 45.00 -40.99 -8.14
CA TYR D 174 44.17 -41.85 -7.32
C TYR D 174 44.77 -43.24 -7.25
N PHE D 175 44.16 -44.10 -6.45
CA PHE D 175 44.71 -45.42 -6.21
C PHE D 175 44.75 -46.22 -7.51
N PRO D 176 45.63 -47.22 -7.61
CA PRO D 176 45.60 -48.11 -8.76
C PRO D 176 44.30 -48.91 -8.77
N LYS D 177 43.52 -48.73 -9.80
CA LYS D 177 42.36 -49.56 -9.98
C LYS D 177 42.81 -50.99 -10.28
N PRO D 178 42.26 -52.02 -9.63
CA PRO D 178 42.70 -53.38 -9.93
C PRO D 178 42.42 -53.79 -11.35
N TYR D 179 41.16 -53.67 -11.76
CA TYR D 179 40.69 -54.12 -13.04
C TYR D 179 40.09 -52.97 -13.84
N PRO D 180 40.21 -52.97 -15.16
CA PRO D 180 39.79 -51.80 -15.94
C PRO D 180 38.30 -51.57 -15.92
N ASN D 181 37.51 -52.60 -15.70
CA ASN D 181 36.06 -52.49 -15.76
C ASN D 181 35.44 -53.51 -14.82
N PRO D 182 34.15 -53.35 -14.49
CA PRO D 182 33.52 -54.33 -13.59
C PRO D 182 33.50 -55.74 -14.14
N GLU D 183 33.25 -55.88 -15.44
CA GLU D 183 33.02 -57.20 -16.02
C GLU D 183 34.22 -58.10 -15.85
N ALA D 184 35.42 -57.54 -15.95
CA ALA D 184 36.63 -58.32 -15.72
C ALA D 184 36.66 -58.88 -14.31
N ALA D 185 36.14 -58.13 -13.35
CA ALA D 185 36.11 -58.60 -11.98
C ALA D 185 35.12 -59.76 -11.84
N ARG D 186 33.97 -59.65 -12.50
CA ARG D 186 33.05 -60.77 -12.52
C ARG D 186 33.70 -61.98 -13.18
N ALA D 187 34.52 -61.74 -14.20
CA ALA D 187 35.20 -62.84 -14.87
C ALA D 187 36.30 -63.42 -13.99
N ALA D 188 36.97 -62.59 -13.22
CA ALA D 188 38.00 -63.07 -12.29
C ALA D 188 37.42 -63.80 -11.11
N ASN D 189 36.09 -63.73 -10.92
CA ASN D 189 35.43 -64.39 -9.80
C ASN D 189 34.40 -65.36 -10.35
N ASN D 190 33.63 -65.98 -9.47
CA ASN D 190 32.61 -66.94 -9.86
C ASN D 190 31.32 -66.20 -10.25
N GLY D 191 31.48 -65.32 -11.25
CA GLY D 191 30.39 -64.49 -11.71
C GLY D 191 30.06 -63.31 -10.82
N ALA D 192 30.70 -63.18 -9.67
CA ALA D 192 30.34 -62.18 -8.68
C ALA D 192 31.28 -60.98 -8.76
N LEU D 193 30.78 -59.85 -8.32
CA LEU D 193 31.45 -58.57 -8.38
C LEU D 193 31.95 -58.14 -7.00
N PRO D 194 33.18 -57.64 -6.88
CA PRO D 194 33.55 -56.91 -5.67
C PRO D 194 32.98 -55.50 -5.71
N PRO D 195 32.30 -55.06 -4.66
CA PRO D 195 31.94 -53.65 -4.58
C PRO D 195 33.14 -52.78 -4.30
N ASP D 196 32.97 -51.49 -4.58
CA ASP D 196 33.92 -50.52 -4.13
C ASP D 196 33.90 -50.47 -2.61
N LEU D 197 34.97 -49.92 -2.04
CA LEU D 197 35.10 -49.80 -0.59
C LEU D 197 35.37 -48.37 -0.16
N SER D 198 35.13 -47.40 -1.04
CA SER D 198 35.23 -46.01 -0.64
C SER D 198 34.20 -45.65 0.41
N TYR D 199 32.92 -45.76 0.04
CA TYR D 199 31.80 -45.37 0.90
C TYR D 199 30.98 -46.57 1.35
N ILE D 200 31.57 -47.76 1.33
CA ILE D 200 30.81 -48.96 1.66
C ILE D 200 30.37 -48.94 3.11
N VAL D 201 31.17 -48.33 3.99
CA VAL D 201 30.84 -48.33 5.41
C VAL D 201 29.53 -47.61 5.63
N ARG D 202 29.45 -46.37 5.14
CA ARG D 202 28.25 -45.59 5.30
C ARG D 202 27.12 -46.05 4.39
N ALA D 203 27.39 -46.99 3.48
CA ALA D 203 26.39 -47.55 2.59
C ALA D 203 25.97 -48.95 3.00
N ARG D 204 26.18 -49.32 4.26
CA ARG D 204 25.78 -50.62 4.77
C ARG D 204 25.42 -50.44 6.24
N HIS D 205 24.28 -50.98 6.63
CA HIS D 205 23.77 -50.77 7.98
C HIS D 205 24.78 -51.26 9.01
N GLY D 206 25.01 -50.44 10.03
CA GLY D 206 25.99 -50.72 11.04
C GLY D 206 27.39 -50.28 10.70
N GLY D 207 27.70 -50.16 9.42
CA GLY D 207 29.01 -49.72 9.01
C GLY D 207 30.13 -50.62 9.45
N GLU D 208 30.98 -50.12 10.35
CA GLU D 208 32.15 -50.86 10.80
C GLU D 208 31.75 -52.21 11.39
N ASP D 209 30.80 -52.18 12.32
CA ASP D 209 30.49 -53.36 13.10
C ASP D 209 29.98 -54.49 12.22
N TYR D 210 29.34 -54.15 11.11
CA TYR D 210 29.05 -55.13 10.09
C TYR D 210 30.34 -55.77 9.60
N VAL D 211 31.29 -54.93 9.21
CA VAL D 211 32.45 -55.41 8.48
C VAL D 211 33.35 -56.24 9.38
N PHE D 212 33.59 -55.75 10.59
CA PHE D 212 34.50 -56.44 11.48
C PHE D 212 33.97 -57.81 11.84
N SER D 213 32.65 -57.89 12.07
CA SER D 213 32.03 -59.17 12.34
C SER D 213 31.82 -59.98 11.08
N LEU D 214 31.89 -59.35 9.91
CA LEU D 214 31.74 -60.09 8.67
C LEU D 214 32.91 -61.03 8.46
N LEU D 215 34.12 -60.49 8.49
CA LEU D 215 35.31 -61.30 8.33
C LEU D 215 35.42 -62.33 9.43
N THR D 216 35.11 -61.94 10.66
CA THR D 216 35.20 -62.81 11.81
C THR D 216 33.89 -63.53 12.10
N GLY D 217 33.08 -63.74 11.07
CA GLY D 217 31.87 -64.52 11.16
C GLY D 217 31.94 -65.78 10.33
N TYR D 218 33.08 -66.03 9.70
CA TYR D 218 33.26 -67.28 8.98
C TYR D 218 33.18 -68.45 9.94
N CYS D 219 32.47 -69.49 9.52
CA CYS D 219 32.38 -70.71 10.28
C CYS D 219 31.98 -71.83 9.33
N GLU D 220 31.95 -73.03 9.86
CA GLU D 220 31.49 -74.15 9.07
C GLU D 220 30.01 -73.95 8.73
N PRO D 221 29.54 -74.34 7.55
CA PRO D 221 28.12 -74.26 7.27
C PRO D 221 27.33 -75.13 8.22
N PRO D 222 26.05 -74.84 8.44
CA PRO D 222 25.24 -75.72 9.30
C PRO D 222 24.72 -76.92 8.54
N THR D 223 24.08 -77.82 9.27
CA THR D 223 23.50 -79.01 8.66
C THR D 223 22.37 -78.60 7.72
N GLY D 224 22.23 -79.37 6.64
CA GLY D 224 21.15 -79.17 5.70
C GLY D 224 21.33 -78.01 4.75
N VAL D 225 22.55 -77.52 4.57
CA VAL D 225 22.85 -76.42 3.67
C VAL D 225 23.80 -76.91 2.59
N SER D 226 23.65 -76.34 1.40
CA SER D 226 24.45 -76.69 0.24
C SER D 226 24.79 -75.42 -0.52
N LEU D 227 25.99 -75.37 -1.08
CA LEU D 227 26.48 -74.19 -1.76
C LEU D 227 27.32 -74.58 -2.96
N ARG D 228 27.15 -73.83 -4.05
CA ARG D 228 27.99 -74.01 -5.21
C ARG D 228 29.44 -73.72 -4.86
N GLU D 229 30.34 -74.16 -5.73
CA GLU D 229 31.73 -73.82 -5.57
C GLU D 229 31.92 -72.32 -5.77
N GLY D 230 32.91 -71.78 -5.07
CA GLY D 230 33.18 -70.35 -5.08
C GLY D 230 32.38 -69.61 -4.04
N LEU D 231 31.12 -69.98 -3.87
CA LEU D 231 30.34 -69.43 -2.78
C LEU D 231 30.91 -69.91 -1.44
N TYR D 232 30.59 -69.16 -0.39
CA TYR D 232 31.01 -69.50 0.96
C TYR D 232 29.92 -69.06 1.91
N PHE D 233 30.09 -69.43 3.17
CA PHE D 233 29.11 -69.15 4.21
C PHE D 233 29.60 -68.02 5.09
N ASN D 234 28.69 -67.10 5.40
CA ASN D 234 28.96 -66.05 6.35
C ASN D 234 27.61 -65.50 6.79
N PRO D 235 27.25 -65.56 8.07
CA PRO D 235 25.87 -65.21 8.44
C PRO D 235 25.52 -63.76 8.23
N TYR D 236 26.50 -62.86 8.32
CA TYR D 236 26.19 -61.44 8.29
C TYR D 236 25.79 -60.97 6.90
N PHE D 237 26.22 -61.68 5.89
CA PHE D 237 25.85 -61.28 4.55
C PHE D 237 24.40 -61.68 4.27
N PRO D 238 23.61 -60.85 3.58
CA PRO D 238 22.23 -61.25 3.29
C PRO D 238 22.17 -62.49 2.43
N GLY D 239 21.28 -63.39 2.79
CA GLY D 239 21.21 -64.69 2.16
C GLY D 239 22.20 -65.68 2.71
N GLN D 240 23.18 -65.24 3.50
CA GLN D 240 24.16 -66.13 4.12
C GLN D 240 24.90 -66.94 3.09
N ALA D 241 25.08 -66.36 1.91
CA ALA D 241 25.69 -67.05 0.78
C ALA D 241 26.44 -66.01 -0.02
N ILE D 242 27.73 -66.22 -0.22
CA ILE D 242 28.60 -65.19 -0.77
C ILE D 242 29.77 -65.82 -1.48
N GLY D 243 30.21 -65.17 -2.55
CA GLY D 243 31.38 -65.58 -3.29
C GLY D 243 32.65 -64.96 -2.75
N MET D 244 32.66 -64.71 -1.45
CA MET D 244 33.78 -64.09 -0.78
C MET D 244 34.79 -65.17 -0.42
N ALA D 245 35.87 -65.23 -1.17
CA ALA D 245 36.98 -66.06 -0.73
C ALA D 245 37.49 -65.49 0.60
N PRO D 246 37.90 -66.34 1.54
CA PRO D 246 38.44 -65.80 2.78
C PRO D 246 39.69 -64.99 2.53
N PRO D 247 39.65 -63.66 2.75
CA PRO D 247 40.80 -62.84 2.39
C PRO D 247 41.86 -62.80 3.46
N ILE D 248 41.41 -62.99 4.69
CA ILE D 248 42.18 -62.67 5.89
C ILE D 248 42.37 -63.93 6.70
N TYR D 249 43.56 -64.07 7.29
CA TYR D 249 43.80 -65.10 8.27
C TYR D 249 45.04 -64.72 9.06
N ASN D 250 45.19 -65.38 10.20
CA ASN D 250 46.32 -65.12 11.08
C ASN D 250 47.63 -65.39 10.36
N GLU D 251 48.56 -64.43 10.46
CA GLU D 251 49.87 -64.55 9.83
C GLU D 251 49.73 -64.66 8.32
N VAL D 252 48.88 -63.80 7.76
CA VAL D 252 48.78 -63.69 6.31
C VAL D 252 49.79 -62.67 5.78
N LEU D 253 50.18 -61.70 6.59
CA LEU D 253 51.29 -60.82 6.24
C LEU D 253 51.94 -60.32 7.52
N GLU D 254 52.76 -59.28 7.38
CA GLU D 254 53.45 -58.65 8.49
C GLU D 254 53.38 -57.14 8.29
N PHE D 255 53.48 -56.41 9.39
CA PHE D 255 53.37 -54.97 9.41
C PHE D 255 54.70 -54.33 9.82
N ASP D 256 54.73 -53.00 9.75
CA ASP D 256 55.99 -52.26 9.83
C ASP D 256 56.56 -52.28 11.24
N ASP D 257 55.84 -51.69 12.20
CA ASP D 257 56.35 -51.58 13.55
C ASP D 257 56.50 -52.94 14.22
N GLY D 258 55.74 -53.93 13.77
CA GLY D 258 55.87 -55.29 14.22
C GLY D 258 54.77 -55.77 15.16
N THR D 259 53.63 -55.11 15.20
CA THR D 259 52.53 -55.56 16.04
C THR D 259 52.02 -56.90 15.53
N PRO D 260 51.24 -57.62 16.33
CA PRO D 260 50.77 -58.94 15.91
C PRO D 260 49.87 -58.87 14.68
N ALA D 261 50.12 -59.78 13.74
CA ALA D 261 49.31 -59.90 12.53
C ALA D 261 48.21 -60.94 12.74
N THR D 262 47.46 -60.77 13.82
CA THR D 262 46.33 -61.64 14.07
C THR D 262 45.20 -61.33 13.12
N MET D 263 44.25 -62.25 13.04
CA MET D 263 43.05 -62.00 12.27
C MET D 263 42.21 -60.87 12.87
N SER D 264 42.45 -60.51 14.12
CA SER D 264 41.62 -59.53 14.82
C SER D 264 42.17 -58.11 14.72
N GLN D 265 43.42 -57.91 15.15
CA GLN D 265 44.01 -56.57 15.10
C GLN D 265 44.02 -56.04 13.68
N VAL D 266 44.28 -56.91 12.72
CA VAL D 266 44.21 -56.52 11.32
C VAL D 266 42.79 -56.10 10.99
N ALA D 267 41.82 -56.85 11.49
CA ALA D 267 40.43 -56.50 11.26
C ALA D 267 40.04 -55.21 11.95
N LYS D 268 40.82 -54.78 12.95
CA LYS D 268 40.53 -53.51 13.61
C LYS D 268 41.02 -52.34 12.77
N ASP D 269 42.28 -52.38 12.34
CA ASP D 269 42.86 -51.27 11.61
C ASP D 269 42.13 -51.05 10.30
N VAL D 270 41.68 -52.14 9.67
CA VAL D 270 41.07 -52.02 8.36
C VAL D 270 39.72 -51.33 8.46
N CYS D 271 38.94 -51.64 9.49
CA CYS D 271 37.66 -51.00 9.62
C CYS D 271 37.82 -49.57 10.08
N THR D 272 38.84 -49.32 10.90
CA THR D 272 39.24 -47.95 11.19
C THR D 272 39.61 -47.23 9.92
N PHE D 273 40.22 -47.93 8.97
CA PHE D 273 40.69 -47.31 7.75
C PHE D 273 39.52 -46.90 6.87
N LEU D 274 38.50 -47.75 6.79
CA LEU D 274 37.42 -47.51 5.85
C LEU D 274 36.50 -46.40 6.33
N ARG D 275 36.31 -46.28 7.63
CA ARG D 275 35.55 -45.16 8.16
C ARG D 275 36.18 -43.84 7.76
N TRP D 276 37.52 -43.82 7.72
CA TRP D 276 38.20 -42.62 7.25
C TRP D 276 37.92 -42.36 5.79
N ALA D 277 37.67 -43.43 5.02
CA ALA D 277 37.41 -43.27 3.59
C ALA D 277 36.22 -42.37 3.35
N ALA D 278 35.07 -42.76 3.92
CA ALA D 278 33.86 -41.97 3.81
C ALA D 278 33.76 -40.92 4.90
N GLU D 279 34.85 -40.64 5.57
CA GLU D 279 34.90 -39.49 6.47
C GLU D 279 36.34 -39.03 6.60
N PRO D 280 36.87 -38.28 5.65
CA PRO D 280 38.14 -37.59 5.83
C PRO D 280 38.09 -36.39 6.75
N GLU D 281 36.96 -36.16 7.41
CA GLU D 281 36.70 -34.97 8.20
C GLU D 281 36.52 -35.25 9.69
N HIS D 282 36.67 -36.50 10.10
CA HIS D 282 36.37 -36.89 11.47
C HIS D 282 37.18 -36.09 12.46
N ASP D 283 38.47 -35.92 12.17
CA ASP D 283 39.34 -35.14 13.04
C ASP D 283 38.84 -33.71 13.20
N HIS D 284 38.18 -33.19 12.17
CA HIS D 284 37.69 -31.81 12.18
C HIS D 284 36.22 -31.71 12.52
N ARG D 285 35.42 -32.74 12.25
CA ARG D 285 34.00 -32.67 12.57
C ARG D 285 33.80 -32.49 14.06
N LYS D 286 34.56 -33.22 14.86
CA LYS D 286 34.45 -33.09 16.30
C LYS D 286 34.97 -31.77 16.79
N ARG D 287 35.95 -31.20 16.09
CA ARG D 287 36.48 -29.91 16.48
C ARG D 287 35.39 -28.85 16.41
N MET D 288 34.73 -28.73 15.27
CA MET D 288 33.51 -27.94 15.22
C MET D 288 32.40 -28.61 16.03
N GLY D 289 32.50 -29.93 16.19
CA GLY D 289 31.62 -30.64 17.11
C GLY D 289 31.67 -30.12 18.52
N LEU D 290 32.80 -29.53 18.92
CA LEU D 290 33.01 -29.04 20.27
C LEU D 290 32.88 -27.53 20.37
N LYS D 291 33.46 -26.81 19.40
CA LYS D 291 33.31 -25.36 19.34
C LYS D 291 31.86 -24.96 19.39
N MET D 292 30.98 -25.75 18.77
CA MET D 292 29.56 -25.41 18.71
C MET D 292 28.96 -25.33 20.10
N LEU D 293 29.25 -26.33 20.94
CA LEU D 293 28.55 -26.45 22.21
C LEU D 293 28.90 -25.31 23.14
N LEU D 294 30.19 -25.07 23.35
CA LEU D 294 30.61 -24.04 24.28
C LEU D 294 30.31 -22.62 23.77
N MET D 295 29.81 -22.50 22.54
CA MET D 295 29.17 -21.28 22.08
C MET D 295 27.66 -21.35 22.30
N MET D 296 27.02 -22.35 21.68
CA MET D 296 25.56 -22.41 21.70
C MET D 296 25.06 -22.69 23.11
N GLY D 297 25.81 -23.49 23.85
CA GLY D 297 25.48 -23.66 25.26
C GLY D 297 25.70 -22.38 26.05
N LEU D 298 26.56 -21.49 25.57
CA LEU D 298 26.83 -20.23 26.24
C LEU D 298 25.91 -19.11 25.76
N LEU D 299 25.56 -19.10 24.48
CA LEU D 299 24.67 -18.08 23.95
C LEU D 299 23.25 -18.29 24.45
N LEU D 300 22.76 -19.50 24.30
CA LEU D 300 21.38 -19.89 24.49
C LEU D 300 20.79 -19.38 25.80
N PRO D 301 21.51 -19.42 26.93
CA PRO D 301 20.99 -18.72 28.11
C PRO D 301 20.89 -17.23 27.90
N LEU D 302 21.91 -16.63 27.29
CA LEU D 302 21.97 -15.18 27.18
C LEU D 302 20.83 -14.66 26.32
N VAL D 303 20.60 -15.29 25.18
CA VAL D 303 19.48 -14.90 24.34
C VAL D 303 18.18 -15.18 25.07
N TYR D 304 18.11 -16.32 25.76
CA TYR D 304 16.95 -16.64 26.57
C TYR D 304 16.73 -15.63 27.68
N ALA D 305 17.79 -14.93 28.08
CA ALA D 305 17.65 -13.85 29.05
C ALA D 305 17.20 -12.57 28.37
N MET D 306 17.82 -12.22 27.23
CA MET D 306 17.41 -11.04 26.49
C MET D 306 15.96 -11.16 26.08
N LYS D 307 15.51 -12.37 25.75
CA LYS D 307 14.09 -12.61 25.60
C LYS D 307 13.37 -12.22 26.87
N ARG D 308 13.65 -12.94 27.95
CA ARG D 308 13.00 -12.67 29.23
C ARG D 308 13.25 -11.26 29.72
N HIS D 309 14.30 -10.61 29.23
CA HIS D 309 14.53 -9.22 29.56
C HIS D 309 13.42 -8.34 28.99
N LYS D 310 13.24 -8.39 27.67
CA LYS D 310 12.26 -7.52 27.03
C LYS D 310 10.85 -7.88 27.44
N TRP D 311 10.53 -9.17 27.41
CA TRP D 311 9.18 -9.61 27.78
C TRP D 311 8.83 -9.34 29.23
N SER D 312 9.80 -8.97 30.07
CA SER D 312 9.54 -8.80 31.49
C SER D 312 8.50 -7.71 31.75
N VAL D 313 8.34 -6.78 30.81
CA VAL D 313 7.29 -5.78 30.94
C VAL D 313 5.93 -6.44 31.02
N LEU D 314 5.76 -7.52 30.27
CA LEU D 314 4.47 -8.19 30.14
C LEU D 314 4.37 -9.42 31.01
N LYS D 315 5.49 -10.04 31.32
CA LYS D 315 5.52 -11.02 32.39
C LYS D 315 5.16 -10.38 33.73
N SER D 316 5.33 -9.07 33.85
CA SER D 316 4.80 -8.30 34.98
C SER D 316 4.00 -7.12 34.41
N ARG D 317 2.75 -7.38 34.05
CA ARG D 317 1.82 -6.33 33.66
C ARG D 317 0.48 -6.59 34.30
N LYS D 318 -0.04 -5.58 34.96
CA LYS D 318 -1.31 -5.65 35.68
C LYS D 318 -2.34 -4.74 35.03
N LEU D 319 -3.60 -4.99 35.34
CA LEU D 319 -4.72 -4.30 34.75
C LEU D 319 -5.76 -4.01 35.82
N ALA D 320 -6.86 -3.38 35.40
CA ALA D 320 -7.98 -3.08 36.26
C ALA D 320 -9.12 -2.59 35.38
N TYR D 321 -10.23 -2.22 36.01
CA TYR D 321 -11.47 -1.96 35.29
C TYR D 321 -12.28 -0.99 36.14
N ARG D 322 -12.20 0.30 35.81
CA ARG D 322 -12.78 1.36 36.61
C ARG D 322 -13.76 2.22 35.83
N PRO D 323 -14.87 1.66 35.37
CA PRO D 323 -15.97 2.49 34.91
C PRO D 323 -16.85 2.88 36.07
N PRO D 324 -17.79 3.81 35.87
CA PRO D 324 -18.70 4.21 36.95
C PRO D 324 -19.75 3.15 37.27
N SER E 79 -12.14 7.24 41.89
CA SER E 79 -11.90 8.09 40.73
C SER E 79 -10.48 7.92 40.22
N HIS E 80 -10.00 8.93 39.50
CA HIS E 80 -8.62 8.97 39.04
C HIS E 80 -7.62 9.35 40.14
N THR E 81 -8.05 9.47 41.39
CA THR E 81 -7.16 9.71 42.52
C THR E 81 -7.25 8.63 43.59
N ASP E 82 -8.44 8.05 43.77
CA ASP E 82 -8.55 6.81 44.54
C ASP E 82 -7.69 5.71 43.96
N ILE E 83 -7.36 5.80 42.67
CA ILE E 83 -6.42 4.94 41.97
C ILE E 83 -5.15 4.73 42.79
N LYS E 84 -4.63 3.50 42.76
CA LYS E 84 -3.42 3.16 43.48
C LYS E 84 -2.60 2.19 42.65
N VAL E 85 -1.29 2.25 42.83
CA VAL E 85 -0.36 1.37 42.14
C VAL E 85 -0.04 0.20 43.07
N PRO E 86 -0.13 -1.06 42.61
CA PRO E 86 0.29 -2.17 43.46
C PRO E 86 1.79 -2.27 43.62
N ASP E 87 2.24 -3.32 44.28
CA ASP E 87 3.64 -3.53 44.60
C ASP E 87 4.21 -4.61 43.71
N PHE E 88 5.41 -4.37 43.18
CA PHE E 88 6.15 -5.33 42.40
C PHE E 88 7.32 -5.92 43.17
N SER E 89 7.31 -5.79 44.50
CA SER E 89 8.43 -6.26 45.31
C SER E 89 8.65 -7.76 45.17
N ASP E 90 7.65 -8.49 44.72
CA ASP E 90 7.84 -9.88 44.37
C ASP E 90 8.66 -10.06 43.10
N TYR E 91 8.80 -9.00 42.29
CA TYR E 91 9.47 -9.08 41.00
C TYR E 91 10.69 -8.19 40.88
N ARG E 92 10.76 -7.08 41.60
CA ARG E 92 11.83 -6.11 41.43
C ARG E 92 13.19 -6.73 41.72
N ARG E 93 14.24 -5.96 41.40
CA ARG E 93 15.58 -6.32 41.78
C ARG E 93 15.79 -6.05 43.26
N PRO E 94 16.67 -6.80 43.93
CA PRO E 94 16.91 -6.54 45.35
C PRO E 94 17.48 -5.16 45.63
N GLU E 95 18.16 -4.56 44.65
CA GLU E 95 18.90 -3.33 44.89
C GLU E 95 18.02 -2.09 44.96
N VAL E 96 16.72 -2.23 44.72
CA VAL E 96 15.81 -1.09 44.67
C VAL E 96 14.61 -1.26 45.58
N LEU E 97 14.52 -2.38 46.30
CA LEU E 97 13.34 -2.64 47.11
C LEU E 97 13.17 -1.65 48.25
N ASP E 98 14.25 -0.99 48.67
CA ASP E 98 14.18 -0.03 49.77
C ASP E 98 13.74 1.30 49.18
N SER E 99 12.45 1.60 49.32
CA SER E 99 11.91 2.83 48.77
C SER E 99 12.54 4.06 49.40
N THR E 100 13.01 3.93 50.65
CA THR E 100 13.62 5.06 51.34
C THR E 100 14.95 5.46 50.73
N LYS E 101 15.62 4.55 50.02
CA LYS E 101 16.87 4.88 49.35
C LYS E 101 16.54 5.65 48.07
N SER E 102 17.53 5.81 47.20
CA SER E 102 17.34 6.40 45.90
C SER E 102 18.07 5.57 44.86
N SER E 103 17.61 5.71 43.62
CA SER E 103 18.34 5.16 42.48
C SER E 103 19.51 6.09 42.17
N LYS E 104 20.13 5.90 41.01
CA LYS E 104 21.35 6.56 40.53
C LYS E 104 22.59 6.00 41.21
N GLU E 105 22.46 5.16 42.23
CA GLU E 105 23.58 4.49 42.85
C GLU E 105 23.74 3.06 42.36
N SER E 106 22.68 2.47 41.81
CA SER E 106 22.72 1.17 41.18
C SER E 106 22.32 1.20 39.72
N SER E 107 21.71 2.30 39.25
CA SER E 107 21.26 2.38 37.86
C SER E 107 22.42 2.18 36.90
N GLU E 108 23.55 2.80 37.21
CA GLU E 108 24.74 2.62 36.38
C GLU E 108 25.15 1.16 36.29
N ALA E 109 24.89 0.39 37.34
CA ALA E 109 25.16 -1.04 37.31
C ALA E 109 24.05 -1.81 36.65
N ARG E 110 22.80 -1.48 36.97
CA ARG E 110 21.67 -2.20 36.42
C ARG E 110 21.62 -2.08 34.92
N LYS E 111 22.04 -0.93 34.39
CA LYS E 111 22.12 -0.75 32.96
C LYS E 111 23.34 -1.42 32.36
N GLY E 112 24.31 -1.81 33.19
CA GLY E 112 25.52 -2.42 32.70
C GLY E 112 25.40 -3.92 32.57
N PHE E 113 24.79 -4.56 33.57
CA PHE E 113 24.72 -6.01 33.57
C PHE E 113 23.89 -6.53 32.41
N SER E 114 22.88 -5.77 31.99
CA SER E 114 22.00 -6.26 30.94
C SER E 114 22.58 -6.00 29.56
N TYR E 115 23.14 -4.82 29.34
CA TYR E 115 23.83 -4.58 28.08
C TYR E 115 25.05 -5.46 27.93
N LEU E 116 25.63 -5.89 29.06
CA LEU E 116 26.69 -6.88 29.00
C LEU E 116 26.20 -8.15 28.33
N VAL E 117 24.98 -8.55 28.63
CA VAL E 117 24.40 -9.70 27.96
C VAL E 117 24.21 -9.40 26.50
N THR E 118 23.76 -8.18 26.18
CA THR E 118 23.59 -7.79 24.79
C THR E 118 24.92 -7.80 24.07
N ALA E 119 25.96 -7.31 24.73
CA ALA E 119 27.27 -7.28 24.10
C ALA E 119 27.84 -8.68 23.98
N THR E 120 27.87 -9.40 25.10
CA THR E 120 28.42 -10.75 25.12
C THR E 120 27.74 -11.65 24.11
N THR E 121 26.43 -11.45 23.94
CA THR E 121 25.72 -12.08 22.85
C THR E 121 26.34 -11.70 21.52
N THR E 122 26.57 -10.40 21.33
CA THR E 122 27.05 -9.91 20.04
C THR E 122 28.46 -10.40 19.76
N VAL E 123 29.23 -10.71 20.81
CA VAL E 123 30.56 -11.27 20.61
C VAL E 123 30.46 -12.58 19.86
N GLY E 124 29.74 -13.54 20.46
CA GLY E 124 29.77 -14.89 19.95
C GLY E 124 29.15 -15.02 18.57
N VAL E 125 28.16 -14.18 18.27
CA VAL E 125 27.60 -14.14 16.93
C VAL E 125 28.68 -13.76 15.94
N ALA E 126 29.52 -12.79 16.30
CA ALA E 126 30.62 -12.40 15.42
C ALA E 126 31.62 -13.53 15.29
N TYR E 127 31.84 -14.29 16.37
CA TYR E 127 32.69 -15.46 16.27
C TYR E 127 32.11 -16.46 15.30
N ALA E 128 30.78 -16.61 15.30
CA ALA E 128 30.15 -17.51 14.36
C ALA E 128 30.36 -17.03 12.93
N ALA E 129 30.28 -15.72 12.73
CA ALA E 129 30.27 -15.19 11.37
C ALA E 129 31.61 -15.38 10.69
N LYS E 130 32.69 -15.16 11.42
CA LYS E 130 34.02 -15.24 10.83
C LYS E 130 34.31 -16.65 10.34
N ASN E 131 33.82 -17.66 11.06
CA ASN E 131 34.12 -19.03 10.71
C ASN E 131 33.16 -19.55 9.66
N VAL E 132 31.87 -19.31 9.85
CA VAL E 132 30.87 -19.91 8.99
C VAL E 132 30.99 -19.37 7.58
N VAL E 133 31.33 -18.10 7.45
CA VAL E 133 31.43 -17.48 6.14
C VAL E 133 32.68 -17.95 5.43
N SER E 134 33.79 -18.00 6.16
CA SER E 134 35.06 -18.40 5.59
C SER E 134 35.00 -19.82 5.04
N GLN E 135 34.12 -20.66 5.59
CA GLN E 135 33.88 -21.95 4.98
C GLN E 135 33.37 -21.80 3.55
N PHE E 136 32.30 -21.01 3.39
CA PHE E 136 31.73 -20.78 2.07
C PHE E 136 32.76 -20.14 1.16
N VAL E 137 33.43 -19.11 1.66
CA VAL E 137 34.40 -18.39 0.86
C VAL E 137 35.55 -19.30 0.48
N SER E 138 36.04 -20.08 1.44
CA SER E 138 37.10 -21.03 1.14
C SER E 138 36.62 -22.17 0.26
N SER E 139 35.31 -22.34 0.11
CA SER E 139 34.80 -23.28 -0.88
C SER E 139 34.92 -22.71 -2.28
N MET E 140 34.64 -21.41 -2.42
CA MET E 140 34.88 -20.73 -3.68
C MET E 140 36.35 -20.78 -4.06
N SER E 141 37.24 -20.90 -3.08
CA SER E 141 38.66 -20.92 -3.34
C SER E 141 39.03 -22.15 -4.14
N ALA E 142 40.29 -22.24 -4.52
CA ALA E 142 40.76 -23.41 -5.24
C ALA E 142 40.64 -24.64 -4.37
N SER E 143 40.11 -25.71 -4.95
CA SER E 143 39.93 -26.95 -4.24
C SER E 143 41.30 -27.57 -3.93
N ALA E 144 41.24 -28.70 -3.22
CA ALA E 144 42.47 -29.44 -2.94
C ALA E 144 42.97 -30.16 -4.18
N ASP E 145 42.06 -30.54 -5.08
CA ASP E 145 42.44 -31.29 -6.26
C ASP E 145 43.39 -30.51 -7.15
N VAL E 146 43.28 -29.19 -7.15
CA VAL E 146 44.05 -28.38 -8.09
C VAL E 146 45.45 -28.16 -7.57
N LEU E 147 45.59 -27.96 -6.27
CA LEU E 147 46.91 -27.72 -5.70
C LEU E 147 47.84 -28.90 -5.90
N ALA E 148 47.28 -30.11 -6.02
CA ALA E 148 48.10 -31.27 -6.33
C ALA E 148 48.77 -31.14 -7.69
N MET E 149 48.10 -30.48 -8.63
CA MET E 149 48.62 -30.27 -9.97
C MET E 149 49.42 -28.99 -10.11
N SER E 150 49.55 -28.21 -9.05
CA SER E 150 50.05 -26.84 -9.19
C SER E 150 51.57 -26.80 -9.29
N LYS E 151 52.24 -27.19 -8.21
CA LYS E 151 53.68 -27.02 -8.14
C LYS E 151 54.44 -28.07 -8.94
N ILE E 152 53.77 -29.15 -9.32
CA ILE E 152 54.46 -30.34 -9.83
C ILE E 152 54.28 -30.45 -11.32
N PHE E 167 53.99 -27.42 -22.88
CA PHE E 167 53.05 -28.38 -22.33
C PHE E 167 51.95 -27.67 -21.54
N LYS E 168 50.88 -28.39 -21.22
CA LYS E 168 49.81 -27.83 -20.42
C LYS E 168 50.14 -27.95 -18.94
N TRP E 169 49.91 -26.87 -18.21
CA TRP E 169 50.33 -26.81 -16.81
C TRP E 169 49.68 -25.66 -16.08
N ARG E 170 49.13 -25.92 -14.89
CA ARG E 170 48.28 -24.97 -14.18
C ARG E 170 47.15 -24.47 -15.06
N GLY E 171 46.67 -25.33 -15.96
CA GLY E 171 45.76 -24.91 -17.01
C GLY E 171 46.32 -23.85 -17.93
N LYS E 172 47.63 -23.64 -17.94
CA LYS E 172 48.31 -22.68 -18.77
C LYS E 172 49.38 -23.42 -19.57
N PRO E 173 49.89 -22.82 -20.64
CA PRO E 173 50.91 -23.49 -21.44
C PRO E 173 52.24 -23.55 -20.71
N LEU E 174 53.16 -24.32 -21.29
CA LEU E 174 54.52 -24.48 -20.76
C LEU E 174 55.47 -24.54 -21.95
N PHE E 175 56.05 -23.40 -22.29
CA PHE E 175 57.03 -23.35 -23.36
C PHE E 175 58.39 -23.79 -22.84
N VAL E 176 58.95 -24.81 -23.47
CA VAL E 176 60.26 -25.33 -23.11
C VAL E 176 61.05 -25.62 -24.40
N ILE E 184 71.79 -20.48 -27.48
CA ILE E 184 72.94 -20.43 -26.58
C ILE E 184 74.16 -19.95 -27.35
N ASP E 185 74.37 -20.56 -28.52
CA ASP E 185 75.48 -20.15 -29.38
C ASP E 185 75.34 -18.69 -29.78
N GLN E 186 74.19 -18.32 -30.32
CA GLN E 186 73.88 -16.94 -30.70
C GLN E 186 72.94 -16.26 -29.71
N GLU E 187 72.31 -17.01 -28.81
CA GLU E 187 71.42 -16.41 -27.83
C GLU E 187 72.17 -15.44 -26.93
N ALA E 188 73.40 -15.78 -26.55
CA ALA E 188 74.22 -14.88 -25.75
C ALA E 188 74.70 -13.67 -26.54
N ALA E 189 74.62 -13.72 -27.87
CA ALA E 189 75.02 -12.59 -28.70
C ALA E 189 74.09 -11.39 -28.58
N VAL E 190 72.95 -11.53 -27.92
CA VAL E 190 72.00 -10.43 -27.82
C VAL E 190 72.55 -9.36 -26.88
N GLU E 191 72.53 -8.12 -27.34
CA GLU E 191 72.99 -6.99 -26.53
C GLU E 191 71.87 -6.55 -25.60
N VAL E 192 72.08 -6.71 -24.29
CA VAL E 192 71.01 -6.53 -23.33
C VAL E 192 70.58 -5.07 -23.25
N SER E 193 71.55 -4.14 -23.25
CA SER E 193 71.22 -2.73 -23.11
C SER E 193 70.40 -2.23 -24.29
N GLN E 194 70.68 -2.76 -25.49
CA GLN E 194 69.92 -2.39 -26.67
C GLN E 194 68.47 -2.86 -26.59
N LEU E 195 68.19 -3.88 -25.78
CA LEU E 195 66.84 -4.40 -25.69
C LEU E 195 65.95 -3.50 -24.84
N ARG E 196 64.65 -3.78 -24.88
CA ARG E 196 63.69 -3.05 -24.07
C ARG E 196 63.91 -3.33 -22.60
N ASP E 197 63.72 -4.58 -22.19
CA ASP E 197 63.98 -5.00 -20.82
C ASP E 197 65.43 -5.44 -20.73
N PRO E 198 66.35 -4.66 -20.13
CA PRO E 198 67.76 -5.10 -20.10
C PRO E 198 67.91 -6.34 -19.24
N GLN E 199 68.12 -7.48 -19.89
CA GLN E 199 67.99 -8.76 -19.21
C GLN E 199 68.85 -9.79 -19.94
N HIS E 200 70.00 -10.12 -19.36
CA HIS E 200 70.84 -11.17 -19.89
C HIS E 200 70.09 -12.50 -19.84
N ASP E 201 70.47 -13.41 -20.74
CA ASP E 201 69.76 -14.68 -20.87
C ASP E 201 69.84 -15.51 -19.60
N LEU E 202 71.07 -15.82 -19.16
CA LEU E 202 71.25 -16.71 -18.02
C LEU E 202 70.71 -16.15 -16.71
N GLU E 203 70.33 -14.87 -16.67
CA GLU E 203 69.53 -14.39 -15.55
C GLU E 203 68.16 -15.05 -15.52
N ARG E 204 67.68 -15.52 -16.68
CA ARG E 204 66.35 -16.11 -16.80
C ARG E 204 66.35 -17.61 -16.56
N VAL E 205 67.49 -18.29 -16.69
CA VAL E 205 67.57 -19.73 -16.52
C VAL E 205 68.67 -20.07 -15.53
N LYS E 206 68.64 -21.33 -15.07
CA LYS E 206 69.70 -21.92 -14.29
C LYS E 206 70.65 -22.72 -15.17
N LYS E 207 70.11 -23.58 -16.02
CA LYS E 207 70.87 -24.24 -17.07
C LYS E 207 70.78 -23.42 -18.36
N PRO E 208 71.87 -23.24 -19.13
CA PRO E 208 71.72 -22.52 -20.39
C PRO E 208 70.86 -23.24 -21.41
N GLU E 209 71.02 -24.55 -21.54
CA GLU E 209 70.39 -25.31 -22.62
C GLU E 209 69.05 -25.92 -22.21
N TRP E 210 68.37 -25.31 -21.23
CA TRP E 210 67.02 -25.73 -20.83
C TRP E 210 66.24 -24.46 -20.55
N VAL E 211 65.40 -24.07 -21.48
CA VAL E 211 64.68 -22.80 -21.42
C VAL E 211 63.29 -23.05 -20.86
N ILE E 212 62.83 -22.12 -20.03
CA ILE E 212 61.52 -22.21 -19.39
C ILE E 212 60.92 -20.82 -19.36
N LEU E 213 59.60 -20.76 -19.52
CA LEU E 213 58.85 -19.54 -19.26
C LEU E 213 57.36 -19.86 -19.31
N ILE E 214 56.58 -19.03 -18.62
CA ILE E 214 55.13 -19.06 -18.77
C ILE E 214 54.80 -18.45 -20.13
N GLY E 215 54.29 -19.28 -21.03
CA GLY E 215 54.02 -18.86 -22.39
C GLY E 215 52.77 -18.02 -22.54
N VAL E 216 52.86 -16.76 -22.14
CA VAL E 216 51.73 -15.83 -22.20
C VAL E 216 52.25 -14.50 -22.72
N CYS E 217 51.65 -14.01 -23.81
CA CYS E 217 52.07 -12.74 -24.40
C CYS E 217 51.87 -11.61 -23.40
N THR E 218 52.94 -10.86 -23.14
CA THR E 218 52.95 -9.88 -22.06
C THR E 218 51.92 -8.79 -22.28
N HIS E 219 51.63 -8.45 -23.53
CA HIS E 219 50.77 -7.30 -23.83
C HIS E 219 49.36 -7.52 -23.30
N LEU E 220 48.67 -8.54 -23.81
CA LEU E 220 47.25 -8.72 -23.54
C LEU E 220 46.91 -10.13 -23.09
N GLY E 221 47.87 -11.04 -23.02
CA GLY E 221 47.61 -12.38 -22.53
C GLY E 221 47.07 -13.35 -23.58
N CYS E 222 47.89 -13.64 -24.58
CA CYS E 222 47.60 -14.65 -25.59
C CYS E 222 48.75 -15.64 -25.64
N VAL E 223 48.78 -16.50 -26.66
CA VAL E 223 49.79 -17.54 -26.81
C VAL E 223 50.77 -17.09 -27.90
N PRO E 224 52.00 -16.71 -27.55
CA PRO E 224 53.03 -16.59 -28.58
C PRO E 224 53.33 -17.93 -29.22
N ILE E 225 53.77 -17.87 -30.48
CA ILE E 225 54.18 -19.06 -31.21
C ILE E 225 55.70 -19.11 -31.21
N ALA E 226 56.23 -20.32 -31.25
CA ALA E 226 57.66 -20.54 -31.13
C ALA E 226 58.32 -20.43 -32.50
N ASN E 227 59.21 -19.46 -32.65
CA ASN E 227 60.02 -19.29 -33.86
C ASN E 227 59.16 -19.16 -35.11
N TYR E 235 56.65 -15.83 -30.08
CA TYR E 235 56.25 -14.81 -31.04
C TYR E 235 54.75 -14.49 -30.94
N CYS E 236 54.42 -13.36 -30.36
CA CYS E 236 53.03 -13.00 -30.09
C CYS E 236 52.31 -12.80 -31.42
N PRO E 237 51.44 -13.72 -31.85
CA PRO E 237 50.90 -13.58 -33.21
C PRO E 237 49.92 -12.43 -33.37
N CYS E 238 49.03 -12.23 -32.39
CA CYS E 238 48.02 -11.19 -32.51
C CYS E 238 48.60 -9.78 -32.43
N HIS E 239 49.88 -9.64 -32.10
CA HIS E 239 50.58 -8.37 -32.15
C HIS E 239 51.93 -8.46 -32.84
N GLY E 240 52.39 -9.65 -33.20
CA GLY E 240 53.64 -9.81 -33.91
C GLY E 240 54.83 -9.31 -33.11
N SER E 241 55.10 -9.96 -31.97
CA SER E 241 56.13 -9.52 -31.04
C SER E 241 57.30 -10.49 -31.14
N HIS E 242 58.40 -10.04 -31.73
CA HIS E 242 59.52 -10.92 -32.01
C HIS E 242 60.26 -11.31 -30.72
N TYR E 243 60.30 -12.62 -30.45
CA TYR E 243 61.02 -13.18 -29.31
C TYR E 243 62.18 -14.03 -29.78
N ASP E 244 63.06 -14.37 -28.84
CA ASP E 244 64.12 -15.33 -29.05
C ASP E 244 63.59 -16.74 -28.86
N ALA E 245 64.44 -17.74 -29.13
CA ALA E 245 64.14 -19.09 -28.66
C ALA E 245 64.14 -19.12 -27.14
N SER E 246 64.96 -18.29 -26.50
CA SER E 246 64.93 -18.12 -25.06
C SER E 246 63.68 -17.38 -24.60
N GLY E 247 63.03 -16.65 -25.50
CA GLY E 247 61.80 -15.95 -25.20
C GLY E 247 61.97 -14.49 -24.85
N ARG E 248 63.16 -13.94 -25.04
CA ARG E 248 63.37 -12.52 -24.77
C ARG E 248 62.85 -11.70 -25.94
N ILE E 249 62.09 -10.65 -25.63
CA ILE E 249 61.53 -9.80 -26.66
C ILE E 249 62.64 -9.07 -27.40
N ARG E 250 62.54 -9.04 -28.73
CA ARG E 250 63.32 -8.17 -29.57
C ARG E 250 62.50 -6.99 -30.07
N LYS E 251 61.35 -7.25 -30.67
CA LYS E 251 60.47 -6.23 -31.22
C LYS E 251 59.04 -6.61 -30.92
N GLY E 252 58.23 -5.63 -30.54
CA GLY E 252 56.82 -5.85 -30.35
C GLY E 252 56.23 -4.94 -29.28
N PRO E 253 54.90 -4.86 -29.21
CA PRO E 253 54.28 -4.13 -28.09
C PRO E 253 54.52 -4.77 -26.74
N ALA E 254 54.90 -6.05 -26.70
CA ALA E 254 55.17 -6.74 -25.44
C ALA E 254 56.20 -6.04 -24.56
N PRO E 255 55.81 -5.45 -23.43
CA PRO E 255 56.78 -4.60 -22.70
C PRO E 255 57.95 -5.36 -22.10
N LEU E 256 57.72 -6.58 -21.61
CA LEU E 256 58.74 -7.35 -20.91
C LEU E 256 59.08 -8.62 -21.67
N ASN E 257 60.28 -9.13 -21.41
CA ASN E 257 60.55 -10.52 -21.71
C ASN E 257 59.62 -11.37 -20.86
N LEU E 258 59.31 -12.56 -21.36
CA LEU E 258 58.17 -13.32 -20.86
C LEU E 258 58.43 -13.81 -19.43
N GLU E 259 57.42 -14.44 -18.87
CA GLU E 259 57.43 -14.79 -17.44
C GLU E 259 58.24 -16.05 -17.21
N VAL E 260 59.30 -15.92 -16.41
CA VAL E 260 60.04 -17.07 -15.91
C VAL E 260 59.38 -17.51 -14.62
N PRO E 261 58.86 -18.73 -14.53
CA PRO E 261 58.43 -19.26 -13.23
C PRO E 261 59.60 -19.80 -12.43
N SER E 262 59.39 -19.88 -11.12
CA SER E 262 60.36 -20.52 -10.25
C SER E 262 60.28 -22.03 -10.40
N TYR E 263 61.39 -22.71 -10.12
CA TYR E 263 61.45 -24.15 -10.33
C TYR E 263 62.72 -24.68 -9.67
N GLU E 264 62.93 -25.99 -9.86
CA GLU E 264 64.11 -26.68 -9.37
C GLU E 264 64.23 -27.99 -10.13
N PHE E 265 65.46 -28.37 -10.45
CA PHE E 265 65.76 -29.62 -11.14
C PHE E 265 66.28 -30.60 -10.10
N THR E 266 65.48 -31.63 -9.82
CA THR E 266 65.96 -32.69 -8.93
C THR E 266 67.15 -33.40 -9.53
N SER E 267 67.19 -33.52 -10.86
CA SER E 267 68.24 -34.25 -11.54
C SER E 267 68.45 -33.63 -12.92
N ASP E 268 69.30 -34.27 -13.71
CA ASP E 268 69.59 -33.83 -15.07
C ASP E 268 68.55 -34.31 -16.08
N ASP E 269 67.44 -34.88 -15.63
CA ASP E 269 66.41 -35.37 -16.53
C ASP E 269 64.99 -35.12 -16.02
N MET E 270 64.82 -34.43 -14.90
CA MET E 270 63.51 -34.20 -14.30
C MET E 270 63.42 -32.77 -13.81
N VAL E 271 62.18 -32.33 -13.57
CA VAL E 271 61.89 -30.93 -13.29
C VAL E 271 60.82 -30.85 -12.22
N ILE E 272 60.90 -29.78 -11.41
CA ILE E 272 59.84 -29.37 -10.51
C ILE E 272 59.53 -27.91 -10.85
N VAL E 273 58.49 -27.70 -11.66
CA VAL E 273 58.13 -26.37 -12.13
C VAL E 273 57.27 -25.72 -11.05
N GLY E 274 57.84 -24.78 -10.32
CA GLY E 274 57.11 -24.07 -9.30
C GLY E 274 58.00 -23.46 -8.24
N TRP F 13 -28.27 -39.91 32.97
CA TRP F 13 -28.64 -38.53 33.25
C TRP F 13 -27.72 -37.57 32.51
N LEU F 14 -28.27 -36.44 32.09
CA LEU F 14 -27.54 -35.48 31.27
C LEU F 14 -26.87 -34.39 32.08
N GLU F 15 -27.66 -33.57 32.77
CA GLU F 15 -27.26 -32.21 33.17
C GLU F 15 -25.95 -32.18 33.94
N GLY F 16 -25.56 -33.28 34.57
CA GLY F 16 -24.25 -33.34 35.19
C GLY F 16 -23.11 -33.20 34.19
N ILE F 17 -23.34 -33.49 32.91
CA ILE F 17 -22.26 -33.49 31.94
C ILE F 17 -21.99 -32.09 31.41
N ARG F 18 -23.04 -31.30 31.16
CA ARG F 18 -22.84 -29.94 30.69
C ARG F 18 -22.03 -29.15 31.70
N LYS F 19 -22.31 -29.34 32.98
CA LYS F 19 -21.47 -28.76 34.02
C LYS F 19 -20.07 -29.34 33.95
N TRP F 20 -19.96 -30.63 33.66
CA TRP F 20 -18.67 -31.29 33.68
C TRP F 20 -17.82 -30.86 32.51
N TYR F 21 -18.35 -31.02 31.30
CA TYR F 21 -17.64 -30.61 30.10
C TYR F 21 -17.28 -29.13 30.16
N TYR F 22 -18.13 -28.33 30.78
CA TYR F 22 -17.84 -26.93 30.97
C TYR F 22 -16.61 -26.71 31.83
N ASN F 23 -16.26 -27.67 32.68
CA ASN F 23 -15.05 -27.55 33.48
C ASN F 23 -13.83 -28.04 32.74
N ALA F 24 -13.99 -28.90 31.74
CA ALA F 24 -12.87 -29.46 31.02
C ALA F 24 -12.39 -28.59 29.88
N ALA F 25 -13.24 -27.68 29.40
CA ALA F 25 -12.79 -26.72 28.40
C ALA F 25 -11.70 -25.83 28.98
N GLY F 26 -11.88 -25.39 30.21
CA GLY F 26 -10.89 -24.61 30.92
C GLY F 26 -11.14 -23.11 30.92
N PHE F 27 -11.97 -22.62 30.02
CA PHE F 27 -12.13 -21.18 29.91
C PHE F 27 -12.84 -20.57 31.10
N ASN F 28 -13.45 -21.38 31.96
CA ASN F 28 -13.91 -20.90 33.25
C ASN F 28 -12.77 -20.65 34.22
N LYS F 29 -11.56 -21.09 33.89
CA LYS F 29 -10.40 -20.83 34.73
C LYS F 29 -9.69 -19.54 34.36
N LEU F 30 -10.02 -18.96 33.20
CA LEU F 30 -9.42 -17.71 32.75
C LEU F 30 -10.42 -16.56 32.84
N GLY F 31 -11.41 -16.69 33.72
CA GLY F 31 -12.33 -15.59 33.94
C GLY F 31 -13.19 -15.25 32.76
N LEU F 32 -13.39 -16.20 31.85
CA LEU F 32 -14.14 -15.96 30.64
C LEU F 32 -15.53 -16.58 30.74
N MET F 33 -16.31 -16.37 29.70
CA MET F 33 -17.67 -16.86 29.60
C MET F 33 -17.80 -17.74 28.36
N ARG F 34 -19.01 -18.23 28.15
CA ARG F 34 -19.33 -19.01 26.97
C ARG F 34 -19.28 -18.16 25.72
N ASP F 35 -19.93 -17.00 25.76
CA ASP F 35 -20.08 -16.16 24.57
C ASP F 35 -18.74 -15.66 24.07
N ASP F 36 -17.79 -15.44 24.97
CA ASP F 36 -16.55 -14.76 24.60
C ASP F 36 -15.72 -15.58 23.64
N THR F 37 -15.88 -16.89 23.64
CA THR F 37 -15.04 -17.78 22.86
C THR F 37 -15.59 -18.04 21.47
N ILE F 38 -16.52 -17.25 21.01
CA ILE F 38 -17.18 -17.53 19.75
C ILE F 38 -16.30 -17.13 18.58
N HIS F 39 -16.47 -17.87 17.48
CA HIS F 39 -15.84 -17.51 16.23
C HIS F 39 -16.55 -16.33 15.61
N GLU F 40 -15.78 -15.48 14.94
CA GLU F 40 -16.28 -14.20 14.44
C GLU F 40 -16.53 -14.30 12.95
N ASN F 41 -17.78 -14.09 12.56
CA ASN F 41 -18.16 -13.90 11.17
C ASN F 41 -19.00 -12.64 11.07
N ASP F 42 -19.38 -12.29 9.85
CA ASP F 42 -20.13 -11.05 9.63
C ASP F 42 -21.46 -11.07 10.36
N ASP F 43 -22.04 -12.26 10.56
CA ASP F 43 -23.29 -12.34 11.27
C ASP F 43 -23.13 -11.90 12.72
N VAL F 44 -21.96 -12.17 13.31
CA VAL F 44 -21.75 -11.88 14.71
C VAL F 44 -21.15 -10.50 14.92
N LYS F 45 -20.35 -10.02 13.97
CA LYS F 45 -19.78 -8.68 14.07
C LYS F 45 -20.87 -7.65 14.22
N GLU F 46 -21.99 -7.85 13.53
CA GLU F 46 -23.15 -6.99 13.72
C GLU F 46 -23.63 -7.06 15.16
N ALA F 47 -23.80 -8.28 15.67
CA ALA F 47 -24.37 -8.46 17.00
C ALA F 47 -23.48 -7.83 18.06
N ILE F 48 -22.17 -8.04 17.96
CA ILE F 48 -21.24 -7.42 18.88
C ILE F 48 -21.33 -5.91 18.79
N ARG F 49 -21.36 -5.40 17.56
CA ARG F 49 -21.49 -3.97 17.34
C ARG F 49 -22.78 -3.43 17.94
N ARG F 50 -23.80 -4.27 18.06
CA ARG F 50 -25.08 -3.84 18.60
C ARG F 50 -25.11 -3.84 20.12
N LEU F 51 -24.04 -4.23 20.78
CA LEU F 51 -24.12 -4.43 22.20
C LEU F 51 -24.01 -3.12 22.96
N PRO F 52 -24.55 -3.04 24.17
CA PRO F 52 -24.45 -1.81 24.96
C PRO F 52 -23.11 -1.67 25.64
N GLU F 53 -22.79 -0.41 25.95
CA GLU F 53 -21.48 -0.08 26.49
C GLU F 53 -21.25 -0.70 27.85
N ASN F 54 -22.28 -0.68 28.71
CA ASN F 54 -22.15 -1.22 30.06
C ASN F 54 -21.76 -2.68 30.05
N LEU F 55 -22.18 -3.40 29.02
CA LEU F 55 -21.87 -4.81 28.87
C LEU F 55 -20.72 -5.04 27.90
N TYR F 56 -20.62 -4.22 26.86
CA TYR F 56 -19.58 -4.39 25.85
C TYR F 56 -18.22 -4.20 26.47
N ASP F 57 -18.04 -3.11 27.21
CA ASP F 57 -16.79 -2.88 27.90
C ASP F 57 -16.49 -4.01 28.88
N ASP F 58 -17.53 -4.60 29.44
CA ASP F 58 -17.34 -5.72 30.35
C ASP F 58 -16.88 -6.97 29.61
N ARG F 59 -17.05 -7.01 28.29
CA ARG F 59 -16.50 -8.11 27.51
C ARG F 59 -15.00 -8.03 27.46
N VAL F 60 -14.48 -6.82 27.24
CA VAL F 60 -13.08 -6.67 26.87
C VAL F 60 -12.19 -7.03 28.05
N PHE F 61 -12.52 -6.51 29.23
CA PHE F 61 -11.68 -6.76 30.39
C PHE F 61 -11.66 -8.24 30.75
N ARG F 62 -12.74 -8.95 30.49
CA ARG F 62 -12.70 -10.40 30.63
C ARG F 62 -11.69 -11.00 29.66
N ILE F 63 -11.74 -10.54 28.42
CA ILE F 63 -10.87 -11.09 27.39
C ILE F 63 -9.44 -10.64 27.64
N LYS F 64 -9.26 -9.36 27.93
CA LYS F 64 -7.96 -8.74 27.95
C LYS F 64 -7.04 -9.40 28.96
N ARG F 65 -7.59 -9.85 30.08
CA ARG F 65 -6.75 -10.43 31.12
C ARG F 65 -6.47 -11.89 30.85
N ALA F 66 -7.44 -12.59 30.28
CA ALA F 66 -7.22 -13.99 29.93
C ALA F 66 -6.09 -14.13 28.93
N LEU F 67 -5.95 -13.15 28.04
CA LEU F 67 -4.83 -13.17 27.10
C LEU F 67 -3.51 -13.06 27.84
N ASP F 68 -3.41 -12.06 28.72
CA ASP F 68 -2.18 -11.84 29.47
C ASP F 68 -1.78 -13.07 30.27
N LEU F 69 -2.75 -13.89 30.66
CA LEU F 69 -2.47 -15.12 31.39
C LEU F 69 -2.16 -16.26 30.45
N SER F 70 -2.77 -16.27 29.27
CA SER F 70 -2.38 -17.23 28.25
C SER F 70 -0.96 -16.98 27.79
N MET F 71 -0.51 -15.74 27.85
CA MET F 71 0.90 -15.44 27.60
C MET F 71 1.77 -16.18 28.60
N ARG F 72 1.44 -16.04 29.88
CA ARG F 72 2.21 -16.69 30.94
C ARG F 72 1.91 -18.17 31.09
N GLN F 73 0.88 -18.67 30.40
CA GLN F 73 0.26 -19.97 30.66
C GLN F 73 -0.36 -20.06 32.05
N GLN F 74 -0.53 -18.93 32.73
CA GLN F 74 -1.09 -18.92 34.08
C GLN F 74 -2.62 -18.89 34.00
N ILE F 75 -3.23 -18.98 35.18
CA ILE F 75 -4.67 -18.92 35.33
C ILE F 75 -5.00 -18.06 36.53
N LEU F 76 -6.27 -18.00 36.88
CA LEU F 76 -6.73 -17.31 38.07
C LEU F 76 -6.91 -18.29 39.21
N PRO F 77 -6.96 -17.81 40.46
CA PRO F 77 -7.26 -18.69 41.58
C PRO F 77 -8.67 -19.24 41.48
N LYS F 78 -8.92 -20.23 42.33
CA LYS F 78 -10.18 -20.97 42.25
C LYS F 78 -11.38 -20.09 42.52
N GLU F 79 -11.22 -19.05 43.34
CA GLU F 79 -12.36 -18.19 43.66
C GLU F 79 -12.80 -17.40 42.44
N GLN F 80 -11.84 -16.87 41.69
CA GLN F 80 -12.14 -16.06 40.53
C GLN F 80 -12.70 -16.88 39.37
N TRP F 81 -12.64 -18.21 39.44
CA TRP F 81 -13.13 -19.02 38.34
C TRP F 81 -14.61 -18.75 38.09
N THR F 82 -15.05 -19.15 36.91
CA THR F 82 -16.43 -18.93 36.50
C THR F 82 -17.26 -20.15 36.86
N LYS F 83 -18.45 -19.89 37.38
CA LYS F 83 -19.40 -20.93 37.76
C LYS F 83 -20.36 -21.18 36.61
N TYR F 84 -20.79 -22.44 36.50
CA TYR F 84 -21.67 -22.82 35.40
C TYR F 84 -23.00 -22.09 35.47
N GLU F 85 -23.54 -21.93 36.68
CA GLU F 85 -24.83 -21.29 36.83
C GLU F 85 -24.80 -19.81 36.48
N GLU F 86 -23.63 -19.18 36.58
CA GLU F 86 -23.45 -17.78 36.23
C GLU F 86 -23.00 -17.61 34.78
N ASP F 87 -22.95 -18.69 34.00
CA ASP F 87 -22.58 -18.61 32.59
C ASP F 87 -23.76 -18.02 31.83
N LYS F 88 -23.91 -16.70 31.97
CA LYS F 88 -25.08 -16.01 31.45
C LYS F 88 -25.12 -16.06 29.94
N SER F 89 -26.32 -16.11 29.39
CA SER F 89 -26.56 -16.13 27.96
C SER F 89 -26.87 -14.73 27.45
N TYR F 90 -25.94 -13.80 27.72
CA TYR F 90 -26.21 -12.40 27.44
C TYR F 90 -26.23 -12.10 25.95
N LEU F 91 -25.66 -12.97 25.13
CA LEU F 91 -25.45 -12.67 23.72
C LEU F 91 -26.48 -13.30 22.81
N GLU F 92 -27.05 -14.43 23.21
CA GLU F 92 -28.01 -15.12 22.37
C GLU F 92 -29.21 -14.27 21.95
N PRO F 93 -29.78 -13.40 22.78
CA PRO F 93 -30.88 -12.55 22.29
C PRO F 93 -30.49 -11.69 21.12
N TYR F 94 -29.33 -11.05 21.20
CA TYR F 94 -28.87 -10.24 20.08
C TYR F 94 -28.54 -11.09 18.87
N LEU F 95 -28.12 -12.34 19.09
CA LEU F 95 -27.64 -13.14 17.97
C LEU F 95 -28.80 -13.61 17.10
N LYS F 96 -29.70 -14.41 17.67
CA LYS F 96 -30.78 -15.01 16.90
C LYS F 96 -31.64 -13.95 16.25
N GLU F 97 -31.67 -12.76 16.84
CA GLU F 97 -32.26 -11.60 16.19
C GLU F 97 -31.67 -11.38 14.82
N VAL F 98 -30.34 -11.51 14.70
CA VAL F 98 -29.67 -11.23 13.44
C VAL F 98 -30.08 -12.26 12.40
N ILE F 99 -29.99 -13.54 12.75
CA ILE F 99 -30.23 -14.58 11.77
C ILE F 99 -31.71 -14.63 11.41
N ARG F 100 -32.58 -14.12 12.28
CA ARG F 100 -33.97 -13.92 11.88
C ARG F 100 -34.06 -12.92 10.73
N GLU F 101 -33.11 -11.97 10.67
CA GLU F 101 -33.05 -11.05 9.55
C GLU F 101 -32.28 -11.63 8.37
N ARG F 102 -31.29 -12.47 8.62
CA ARG F 102 -30.55 -13.10 7.54
C ARG F 102 -31.47 -13.98 6.70
N LYS F 103 -32.16 -14.92 7.36
CA LYS F 103 -33.00 -15.86 6.63
C LYS F 103 -34.13 -15.14 5.91
N GLU F 104 -34.62 -14.05 6.48
CA GLU F 104 -35.56 -13.21 5.76
C GLU F 104 -34.89 -12.51 4.59
N ARG F 105 -33.61 -12.16 4.73
CA ARG F 105 -32.92 -11.46 3.66
C ARG F 105 -32.75 -12.34 2.43
N GLU F 106 -32.71 -13.65 2.63
CA GLU F 106 -32.41 -14.59 1.56
C GLU F 106 -33.66 -15.18 0.93
N GLU F 107 -34.51 -15.77 1.76
CA GLU F 107 -35.72 -16.41 1.25
C GLU F 107 -36.63 -15.39 0.57
N TRP F 108 -36.64 -14.16 1.06
CA TRP F 108 -37.36 -13.11 0.36
C TRP F 108 -36.75 -12.81 -0.98
N ALA F 109 -35.43 -12.93 -1.09
CA ALA F 109 -34.77 -12.73 -2.37
C ALA F 109 -35.01 -13.89 -3.32
N LYS F 110 -35.39 -15.06 -2.81
CA LYS F 110 -35.70 -16.20 -3.66
C LYS F 110 -37.03 -16.00 -4.38
N ARG G 3 -3.26 -2.20 7.59
CA ARG G 3 -3.78 -2.03 8.93
C ARG G 3 -2.66 -1.70 9.91
N GLN G 4 -3.01 -1.00 10.98
CA GLN G 4 -2.04 -0.60 11.99
C GLN G 4 -2.81 -0.19 13.23
N PHE G 5 -2.09 0.33 14.20
CA PHE G 5 -2.72 0.88 15.39
C PHE G 5 -3.48 2.14 15.04
N GLY G 6 -4.67 2.27 15.61
CA GLY G 6 -5.38 3.53 15.66
C GLY G 6 -6.85 3.41 15.36
N HIS G 7 -7.20 2.51 14.44
CA HIS G 7 -8.58 2.35 13.99
C HIS G 7 -9.02 0.90 14.10
N LEU G 8 -8.58 0.19 15.13
CA LEU G 8 -8.96 -1.21 15.27
C LEU G 8 -10.35 -1.34 15.88
N THR G 9 -10.51 -0.85 17.11
CA THR G 9 -11.72 -1.11 17.87
C THR G 9 -11.85 -0.04 18.93
N ARG G 10 -12.73 -0.29 19.89
CA ARG G 10 -13.01 0.63 20.97
C ARG G 10 -12.56 0.04 22.29
N VAL G 11 -12.12 0.92 23.18
CA VAL G 11 -11.74 0.56 24.52
C VAL G 11 -12.23 1.65 25.46
N ARG G 12 -12.72 1.25 26.63
CA ARG G 12 -13.22 2.21 27.60
C ARG G 12 -12.94 1.72 29.01
N HIS G 13 -12.44 2.62 29.84
CA HIS G 13 -12.28 2.38 31.27
C HIS G 13 -11.38 1.18 31.53
N VAL G 14 -10.15 1.31 31.07
CA VAL G 14 -9.14 0.28 31.22
C VAL G 14 -7.83 0.93 31.58
N ILE G 15 -7.16 0.35 32.56
CA ILE G 15 -5.91 0.88 33.07
C ILE G 15 -4.84 -0.18 32.89
N THR G 16 -3.63 0.27 32.57
CA THR G 16 -2.50 -0.61 32.35
C THR G 16 -1.33 -0.09 33.17
N TYR G 17 -0.80 -0.96 34.03
CA TYR G 17 0.39 -0.69 34.79
C TYR G 17 1.51 -1.56 34.26
N SER G 18 2.72 -1.00 34.19
CA SER G 18 3.86 -1.79 33.75
C SER G 18 5.14 -1.06 34.09
N LEU G 19 6.22 -1.82 34.08
CA LEU G 19 7.51 -1.39 34.57
C LEU G 19 8.59 -1.63 33.54
N SER G 20 9.65 -0.85 33.63
CA SER G 20 10.89 -1.09 32.91
C SER G 20 11.38 -2.51 33.12
N PRO G 21 12.19 -3.05 32.21
CA PRO G 21 12.85 -4.32 32.53
C PRO G 21 13.97 -4.14 33.52
N PHE G 22 14.68 -3.01 33.42
CA PHE G 22 15.87 -2.81 34.25
C PHE G 22 15.54 -2.82 35.73
N GLU G 23 14.33 -2.45 36.08
CA GLU G 23 13.91 -2.39 37.47
C GLU G 23 13.42 -3.73 37.99
N GLN G 24 13.68 -4.82 37.27
CA GLN G 24 13.29 -6.12 37.77
C GLN G 24 14.18 -7.19 37.18
N ARG G 25 14.49 -8.16 38.02
CA ARG G 25 15.22 -9.35 37.58
C ARG G 25 14.48 -10.01 36.44
N ALA G 26 15.24 -10.65 35.56
CA ALA G 26 14.65 -11.32 34.42
C ALA G 26 13.94 -12.60 34.85
N PHE G 27 14.59 -13.40 35.68
CA PHE G 27 14.10 -14.71 36.08
C PHE G 27 13.85 -14.78 37.59
N PRO G 28 12.86 -14.05 38.09
CA PRO G 28 12.44 -14.25 39.48
C PRO G 28 11.40 -15.34 39.57
N HIS G 29 11.48 -16.13 40.64
CA HIS G 29 10.49 -17.17 40.92
C HIS G 29 10.41 -18.19 39.80
N TYR G 30 11.50 -18.36 39.06
CA TYR G 30 11.53 -19.36 38.00
C TYR G 30 11.36 -20.76 38.56
N PHE G 31 12.27 -21.17 39.43
CA PHE G 31 12.11 -22.45 40.12
C PHE G 31 10.94 -22.39 41.09
N SER G 32 10.83 -21.30 41.84
CA SER G 32 9.93 -21.26 42.99
C SER G 32 8.48 -21.38 42.57
N LYS G 33 8.10 -20.67 41.50
CA LYS G 33 6.72 -20.62 41.04
C LYS G 33 6.52 -21.30 39.70
N GLY G 34 7.56 -21.37 38.87
CA GLY G 34 7.38 -21.95 37.55
C GLY G 34 7.04 -23.41 37.62
N ILE G 35 7.74 -24.15 38.47
CA ILE G 35 7.70 -25.61 38.42
C ILE G 35 6.29 -26.13 38.71
N PRO G 36 5.56 -25.62 39.70
CA PRO G 36 4.15 -26.03 39.82
C PRO G 36 3.35 -25.69 38.58
N ASN G 37 3.59 -24.52 37.99
CA ASN G 37 2.84 -24.13 36.80
C ASN G 37 3.15 -25.05 35.65
N VAL G 38 4.36 -25.59 35.60
CA VAL G 38 4.68 -26.62 34.63
C VAL G 38 3.80 -27.85 34.86
N LEU G 39 3.74 -28.29 36.11
CA LEU G 39 2.95 -29.47 36.43
C LEU G 39 1.48 -29.22 36.18
N ARG G 40 0.99 -28.03 36.56
CA ARG G 40 -0.40 -27.70 36.27
C ARG G 40 -0.66 -27.70 34.78
N ARG G 41 0.29 -27.16 34.01
CA ARG G 41 0.17 -27.23 32.56
C ARG G 41 0.18 -28.68 32.10
N THR G 42 0.90 -29.53 32.82
CA THR G 42 0.99 -30.94 32.43
C THR G 42 -0.30 -31.67 32.71
N ARG G 43 -0.86 -31.48 33.91
CA ARG G 43 -2.03 -32.23 34.32
C ARG G 43 -3.26 -31.93 33.48
N ALA G 44 -3.24 -30.85 32.71
CA ALA G 44 -4.37 -30.48 31.88
C ALA G 44 -4.27 -31.01 30.46
N CYS G 45 -3.13 -31.60 30.08
CA CYS G 45 -2.87 -31.99 28.70
C CYS G 45 -2.48 -33.45 28.53
N ILE G 46 -1.91 -34.10 29.55
CA ILE G 46 -1.32 -35.42 29.36
C ILE G 46 -2.38 -36.44 28.97
N LEU G 47 -3.57 -36.32 29.54
CA LEU G 47 -4.58 -37.35 29.38
C LEU G 47 -5.15 -37.37 27.96
N ARG G 48 -5.00 -36.27 27.22
CA ARG G 48 -5.50 -36.16 25.86
C ARG G 48 -4.39 -36.17 24.84
N VAL G 49 -3.18 -36.55 25.25
CA VAL G 49 -2.01 -36.53 24.39
C VAL G 49 -1.31 -37.88 24.47
N ALA G 50 -1.07 -38.33 25.70
CA ALA G 50 -0.35 -39.58 25.91
C ALA G 50 -1.03 -40.80 25.29
N PRO G 51 -2.30 -41.10 25.60
CA PRO G 51 -2.86 -42.44 25.31
C PRO G 51 -2.75 -42.84 23.85
N PRO G 52 -2.84 -41.90 22.90
CA PRO G 52 -2.40 -42.24 21.54
C PRO G 52 -0.98 -42.77 21.49
N PHE G 53 -0.04 -42.02 22.06
CA PHE G 53 1.35 -42.46 22.04
C PHE G 53 1.55 -43.71 22.88
N VAL G 54 0.70 -43.93 23.88
CA VAL G 54 0.78 -45.17 24.65
C VAL G 54 0.51 -46.36 23.74
N ALA G 55 -0.57 -46.28 22.96
CA ALA G 55 -0.89 -47.36 22.05
C ALA G 55 0.18 -47.50 20.98
N PHE G 56 0.72 -46.36 20.53
CA PHE G 56 1.78 -46.37 19.54
C PHE G 56 2.96 -47.20 20.00
N TYR G 57 3.36 -47.01 21.26
CA TYR G 57 4.44 -47.80 21.84
C TYR G 57 4.11 -49.28 21.84
N LEU G 58 2.84 -49.62 22.05
CA LEU G 58 2.42 -51.02 22.05
C LEU G 58 2.34 -51.56 20.63
N VAL G 59 1.70 -50.81 19.74
CA VAL G 59 1.61 -51.25 18.36
C VAL G 59 2.99 -51.27 17.74
N TYR G 60 3.88 -50.41 18.21
CA TYR G 60 5.28 -50.50 17.79
C TYR G 60 5.93 -51.74 18.37
N THR G 61 5.46 -52.19 19.53
CA THR G 61 6.00 -53.41 20.13
C THR G 61 5.47 -54.64 19.43
N TRP G 62 4.15 -54.84 19.45
CA TRP G 62 3.56 -56.01 18.83
C TRP G 62 3.80 -56.05 17.34
N GLY G 63 4.03 -54.90 16.71
CA GLY G 63 4.35 -54.89 15.30
C GLY G 63 5.63 -55.61 14.99
N THR G 64 6.58 -55.59 15.94
CA THR G 64 7.85 -56.27 15.73
C THR G 64 7.77 -57.74 16.12
N GLN G 65 7.12 -58.02 17.25
CA GLN G 65 7.13 -59.39 17.80
C GLN G 65 6.44 -60.36 16.85
N GLU G 66 5.23 -60.01 16.41
CA GLU G 66 4.55 -60.85 15.44
C GLU G 66 5.36 -60.94 14.15
N PHE G 67 5.93 -59.82 13.71
CA PHE G 67 6.83 -59.85 12.57
C PHE G 67 8.08 -60.66 12.87
N GLU G 68 8.53 -60.61 14.12
CA GLU G 68 9.70 -61.38 14.51
C GLU G 68 9.42 -62.87 14.45
N LYS G 69 8.23 -63.28 14.90
CA LYS G 69 7.90 -64.70 14.93
C LYS G 69 7.69 -65.26 13.54
N SER G 70 7.12 -64.46 12.64
CA SER G 70 6.69 -64.97 11.35
C SER G 70 7.86 -65.48 10.53
N LYS G 71 9.01 -64.82 10.64
CA LYS G 71 10.20 -65.29 9.94
C LYS G 71 10.81 -66.50 10.62
N ARG G 72 10.57 -66.67 11.91
CA ARG G 72 10.99 -67.89 12.57
C ARG G 72 10.09 -69.03 12.14
N LYS G 73 10.67 -70.21 12.00
CA LYS G 73 10.01 -71.30 11.30
C LYS G 73 8.90 -71.90 12.15
N ASN G 74 8.14 -72.77 11.50
CA ASN G 74 7.09 -73.58 12.10
C ASN G 74 7.53 -75.03 12.20
N PRO G 75 6.91 -75.83 13.07
CA PRO G 75 7.29 -77.24 13.16
C PRO G 75 6.75 -78.08 12.01
N ALA G 76 7.47 -78.10 10.89
CA ALA G 76 7.10 -78.91 9.76
C ALA G 76 8.25 -79.00 8.76
N LEU H 26 51.93 -68.66 17.91
CA LEU H 26 51.04 -67.51 17.71
C LEU H 26 49.60 -67.93 17.98
N VAL H 27 48.74 -66.94 18.21
CA VAL H 27 47.38 -67.20 18.65
C VAL H 27 46.45 -66.10 18.14
N ASP H 28 45.20 -66.46 17.92
CA ASP H 28 44.12 -65.49 17.79
C ASP H 28 43.56 -65.18 19.17
N PRO H 29 43.62 -63.93 19.65
CA PRO H 29 42.96 -63.63 20.93
C PRO H 29 41.46 -63.80 20.88
N LEU H 30 40.85 -63.81 19.69
CA LEU H 30 39.41 -63.97 19.59
C LEU H 30 38.98 -65.34 20.09
N THR H 31 39.71 -66.39 19.68
CA THR H 31 39.37 -67.73 20.11
C THR H 31 39.46 -67.88 21.62
N THR H 32 40.39 -67.16 22.23
CA THR H 32 40.50 -67.15 23.68
C THR H 32 39.23 -66.60 24.31
N VAL H 33 38.55 -65.69 23.62
CA VAL H 33 37.35 -65.05 24.17
C VAL H 33 36.10 -65.83 23.81
N ARG H 34 36.01 -66.30 22.55
CA ARG H 34 34.90 -67.15 22.17
C ARG H 34 34.85 -68.40 23.04
N GLU H 35 36.03 -68.93 23.37
CA GLU H 35 36.11 -70.16 24.16
C GLU H 35 35.45 -69.98 25.53
N GLN H 36 35.76 -68.89 26.21
CA GLN H 36 35.20 -68.65 27.53
C GLN H 36 33.70 -68.47 27.49
N CYS H 37 33.18 -67.94 26.38
CA CYS H 37 31.79 -67.52 26.35
C CYS H 37 30.84 -68.63 25.97
N GLU H 38 31.34 -69.68 25.31
CA GLU H 38 30.52 -70.86 25.09
C GLU H 38 30.09 -71.50 26.40
N GLN H 39 30.81 -71.23 27.49
CA GLN H 39 30.44 -71.74 28.80
C GLN H 39 29.27 -70.98 29.41
N LEU H 40 29.11 -69.71 29.09
CA LEU H 40 28.07 -68.90 29.69
C LEU H 40 26.69 -69.42 29.30
N GLU H 41 25.68 -68.90 29.99
CA GLU H 41 24.36 -69.53 30.00
C GLU H 41 23.74 -69.54 28.61
N LYS H 42 23.64 -68.39 27.97
CA LYS H 42 22.88 -68.28 26.73
C LYS H 42 23.53 -69.06 25.60
N CYS H 43 24.85 -69.25 25.65
CA CYS H 43 25.52 -70.03 24.62
C CYS H 43 25.26 -71.51 24.81
N VAL H 44 25.35 -71.98 26.06
CA VAL H 44 25.14 -73.40 26.33
C VAL H 44 23.73 -73.81 25.96
N LYS H 45 22.75 -72.97 26.29
CA LYS H 45 21.37 -73.30 25.99
C LYS H 45 21.11 -73.31 24.50
N ALA H 46 21.59 -72.29 23.80
CA ALA H 46 21.48 -72.28 22.34
C ALA H 46 22.29 -73.41 21.72
N ARG H 47 23.40 -73.79 22.36
CA ARG H 47 24.18 -74.91 21.86
C ARG H 47 23.36 -76.18 21.91
N GLU H 48 22.72 -76.45 23.05
CA GLU H 48 21.92 -77.66 23.20
C GLU H 48 20.77 -77.67 22.20
N ARG H 49 20.14 -76.52 21.98
CA ARG H 49 19.09 -76.45 20.98
C ARG H 49 19.65 -76.73 19.59
N LEU H 50 20.85 -76.24 19.31
CA LEU H 50 21.47 -76.48 18.01
C LEU H 50 21.70 -77.97 17.78
N GLU H 51 22.03 -78.70 18.84
CA GLU H 51 22.34 -80.12 18.67
C GLU H 51 21.10 -80.93 18.33
N LEU H 52 19.98 -80.63 18.99
CA LEU H 52 18.74 -81.31 18.65
C LEU H 52 18.29 -80.96 17.23
N CYS H 53 18.49 -79.70 16.83
CA CYS H 53 18.28 -79.32 15.45
C CYS H 53 19.16 -80.15 14.52
N ASP H 54 20.44 -80.24 14.84
CA ASP H 54 21.38 -81.01 14.04
C ASP H 54 20.90 -82.45 13.87
N GLU H 55 20.39 -83.04 14.94
CA GLU H 55 19.84 -84.40 14.86
C GLU H 55 18.43 -84.41 14.31
N ARG H 56 17.71 -83.29 14.44
CA ARG H 56 16.41 -83.19 13.79
C ARG H 56 16.54 -83.30 12.28
N VAL H 57 17.63 -82.79 11.74
CA VAL H 57 17.85 -82.76 10.30
C VAL H 57 18.54 -84.03 9.83
N SER H 58 19.64 -84.39 10.48
CA SER H 58 20.43 -85.53 10.05
C SER H 58 19.64 -86.82 10.15
N SER H 59 18.81 -86.94 11.19
CA SER H 59 18.00 -88.14 11.35
C SER H 59 16.99 -88.29 10.21
N ARG H 60 16.40 -87.18 9.80
CA ARG H 60 15.46 -87.21 8.69
C ARG H 60 16.21 -87.31 7.37
N SER H 61 15.50 -87.81 6.35
CA SER H 61 16.11 -88.07 5.05
C SER H 61 15.94 -86.88 4.11
N GLN H 62 14.68 -86.53 3.81
CA GLN H 62 14.34 -85.44 2.91
C GLN H 62 13.78 -84.29 3.76
N THR H 63 14.50 -83.17 3.75
CA THR H 63 14.14 -82.03 4.60
C THR H 63 14.50 -80.75 3.88
N GLU H 64 13.52 -79.86 3.74
CA GLU H 64 13.78 -78.49 3.33
C GLU H 64 13.88 -77.61 4.58
N GLU H 65 14.82 -77.99 5.44
CA GLU H 65 14.99 -77.38 6.74
C GLU H 65 16.47 -77.41 7.11
N ASP H 66 16.88 -76.49 7.97
CA ASP H 66 18.27 -76.36 8.33
C ASP H 66 18.36 -75.68 9.69
N CYS H 67 19.58 -75.62 10.22
CA CYS H 67 19.84 -75.06 11.53
C CYS H 67 20.35 -73.62 11.48
N THR H 68 20.11 -72.92 10.37
CA THR H 68 20.18 -71.47 10.39
C THR H 68 19.26 -70.90 11.46
N GLU H 69 18.16 -71.59 11.73
CA GLU H 69 17.23 -71.25 12.79
C GLU H 69 17.95 -71.11 14.13
N GLU H 70 18.51 -72.21 14.63
CA GLU H 70 19.12 -72.21 15.94
C GLU H 70 20.51 -71.60 15.94
N LEU H 71 21.15 -71.51 14.77
CA LEU H 71 22.51 -71.00 14.73
C LEU H 71 22.57 -69.54 15.13
N LEU H 72 21.68 -68.72 14.58
CA LEU H 72 21.79 -67.28 14.77
C LEU H 72 21.56 -66.88 16.22
N ASP H 73 20.61 -67.54 16.89
CA ASP H 73 20.38 -67.24 18.29
C ASP H 73 21.57 -67.62 19.13
N PHE H 74 22.30 -68.66 18.75
CA PHE H 74 23.55 -68.99 19.41
C PHE H 74 24.56 -67.86 19.23
N LEU H 75 24.48 -67.16 18.11
CA LEU H 75 25.49 -66.18 17.76
C LEU H 75 25.12 -64.78 18.19
N HIS H 76 23.84 -64.41 18.09
CA HIS H 76 23.42 -63.11 18.62
C HIS H 76 23.62 -63.05 20.12
N ALA H 77 23.52 -64.20 20.79
CA ALA H 77 23.84 -64.26 22.21
C ALA H 77 25.33 -64.32 22.43
N ARG H 78 26.08 -64.96 21.52
CA ARG H 78 27.52 -65.04 21.69
C ARG H 78 28.13 -63.66 21.66
N ASP H 79 28.05 -62.99 20.53
CA ASP H 79 28.86 -61.81 20.29
C ASP H 79 28.52 -60.64 21.22
N HIS H 80 27.41 -60.72 21.95
CA HIS H 80 27.07 -59.65 22.88
C HIS H 80 28.06 -59.60 24.05
N CYS H 81 28.45 -60.77 24.56
CA CYS H 81 29.48 -60.79 25.60
C CYS H 81 30.82 -60.31 25.06
N VAL H 82 31.17 -60.76 23.85
CA VAL H 82 32.42 -60.37 23.22
C VAL H 82 32.53 -58.87 23.10
N ALA H 83 31.40 -58.20 22.87
CA ALA H 83 31.37 -56.74 22.84
C ALA H 83 31.91 -56.15 24.12
N HIS H 84 31.59 -56.76 25.26
CA HIS H 84 31.88 -56.15 26.55
C HIS H 84 33.37 -55.91 26.78
N LYS H 85 34.25 -56.78 26.28
CA LYS H 85 35.62 -56.82 26.76
C LYS H 85 36.69 -57.03 25.71
N LEU H 86 36.34 -57.25 24.44
CA LEU H 86 37.33 -57.77 23.50
C LEU H 86 38.47 -56.79 23.24
N PHE H 87 38.17 -55.51 23.10
CA PHE H 87 39.21 -54.51 22.86
C PHE H 87 39.93 -54.08 24.12
N ASN H 88 39.81 -54.84 25.21
CA ASN H 88 40.70 -54.64 26.36
C ASN H 88 42.09 -55.21 26.09
N SER H 89 42.16 -56.29 25.32
CA SER H 89 43.44 -56.91 25.01
C SER H 89 44.22 -56.05 24.03
N LEU H 90 43.55 -55.61 22.97
CA LEU H 90 44.20 -54.92 21.88
C LEU H 90 44.21 -53.41 22.09
N ARG I 1 -18.28 39.72 32.30
CA ARG I 1 -17.06 40.46 32.58
C ARG I 1 -16.60 41.24 31.34
N PRO I 2 -15.76 42.27 31.53
CA PRO I 2 -15.33 43.05 30.37
C PRO I 2 -14.34 42.30 29.51
N VAL I 3 -14.85 41.48 28.59
CA VAL I 3 -13.99 40.51 27.90
C VAL I 3 -13.08 41.23 26.93
N VAL I 4 -11.89 40.67 26.78
CA VAL I 4 -10.86 41.19 25.88
C VAL I 4 -10.11 40.00 25.30
N ALA I 5 -9.74 40.10 24.04
CA ALA I 5 -8.99 39.06 23.37
C ALA I 5 -7.50 39.27 23.57
N SER I 6 -6.75 38.19 23.34
CA SER I 6 -5.31 38.23 23.53
C SER I 6 -4.70 37.06 22.79
N VAL I 7 -3.88 37.36 21.80
CA VAL I 7 -3.07 36.39 21.10
C VAL I 7 -1.64 36.89 21.08
N SER I 8 -0.78 36.15 20.41
CA SER I 8 0.63 36.50 20.40
C SER I 8 1.36 35.62 19.40
N LEU I 9 2.67 35.77 19.40
CA LEU I 9 3.57 34.83 18.77
C LEU I 9 3.99 33.73 19.71
N ASN I 10 4.05 34.00 21.01
CA ASN I 10 4.45 33.02 22.00
C ASN I 10 3.63 33.00 23.27
N VAL I 11 2.86 34.04 23.58
CA VAL I 11 1.88 33.91 24.67
C VAL I 11 0.72 33.05 24.16
N PRO I 12 0.29 32.01 24.90
CA PRO I 12 -0.89 31.27 24.44
C PRO I 12 -2.11 32.16 24.36
N ALA I 13 -2.97 31.86 23.40
CA ALA I 13 -4.20 32.63 23.24
C ALA I 13 -5.02 32.60 24.51
N SER I 14 -5.79 33.66 24.72
CA SER I 14 -6.48 33.85 25.99
C SER I 14 -7.70 34.71 25.76
N VAL I 15 -8.56 34.76 26.79
CA VAL I 15 -9.77 35.56 26.79
C VAL I 15 -9.95 36.13 28.18
N ARG I 16 -9.92 37.45 28.28
CA ARG I 16 -9.94 38.13 29.56
C ARG I 16 -11.25 37.93 30.31
N THR J 5 30.62 -0.61 41.69
CA THR J 5 30.91 -1.97 41.27
C THR J 5 31.60 -1.99 39.92
N LEU J 6 32.09 -3.17 39.56
CA LEU J 6 32.67 -3.36 38.24
C LEU J 6 31.63 -3.15 37.15
N THR J 7 30.40 -3.59 37.39
CA THR J 7 29.35 -3.47 36.40
C THR J 7 29.11 -2.01 36.06
N ALA J 8 28.96 -1.17 37.08
CA ALA J 8 28.64 0.24 36.84
C ALA J 8 29.81 0.95 36.19
N ARG J 9 31.01 0.80 36.75
CA ARG J 9 32.18 1.46 36.18
C ARG J 9 32.42 1.05 34.75
N LEU J 10 32.04 -0.18 34.41
CA LEU J 10 32.12 -0.62 33.02
C LEU J 10 31.15 0.16 32.15
N TYR J 11 29.97 0.46 32.69
CA TYR J 11 28.92 1.07 31.88
C TYR J 11 29.32 2.45 31.40
N SER J 12 29.80 3.29 32.32
CA SER J 12 30.10 4.67 31.99
C SER J 12 31.21 4.78 30.97
N LEU J 13 32.09 3.79 30.90
CA LEU J 13 33.26 3.88 30.03
C LEU J 13 32.97 3.40 28.62
N LEU J 14 32.31 2.25 28.47
CA LEU J 14 32.24 1.56 27.20
C LEU J 14 30.82 1.41 26.66
N PHE J 15 29.92 0.81 27.43
CA PHE J 15 28.59 0.50 26.92
C PHE J 15 27.68 1.70 26.84
N ARG J 16 28.14 2.89 27.23
CA ARG J 16 27.29 4.06 27.18
C ARG J 16 27.12 4.54 25.75
N ARG J 17 28.21 4.96 25.12
CA ARG J 17 28.18 5.56 23.80
C ARG J 17 28.29 4.47 22.74
N THR J 18 27.49 4.60 21.68
CA THR J 18 27.40 3.55 20.68
C THR J 18 28.69 3.42 19.88
N SER J 19 29.30 4.55 19.52
CA SER J 19 30.56 4.51 18.78
C SER J 19 31.64 3.80 19.58
N THR J 20 31.58 3.93 20.91
CA THR J 20 32.48 3.18 21.77
C THR J 20 32.04 1.73 21.91
N PHE J 21 30.75 1.47 21.75
CA PHE J 21 30.20 0.15 22.06
C PHE J 21 30.78 -0.91 21.14
N ALA J 22 30.73 -0.67 19.83
CA ALA J 22 31.26 -1.64 18.89
C ALA J 22 32.77 -1.78 19.00
N LEU J 23 33.45 -0.79 19.58
CA LEU J 23 34.90 -0.89 19.72
C LEU J 23 35.28 -2.01 20.66
N THR J 24 34.56 -2.12 21.78
CA THR J 24 34.86 -3.16 22.76
C THR J 24 34.73 -4.53 22.14
N ILE J 25 33.75 -4.70 21.27
CA ILE J 25 33.33 -6.03 20.86
C ILE J 25 34.39 -6.66 19.97
N VAL J 26 34.76 -5.99 18.89
CA VAL J 26 35.72 -6.53 17.95
C VAL J 26 37.08 -6.70 18.62
N VAL J 27 37.40 -5.78 19.52
CA VAL J 27 38.65 -5.88 20.28
C VAL J 27 38.61 -7.12 21.17
N GLY J 28 37.63 -7.18 22.05
CA GLY J 28 37.49 -8.35 22.91
C GLY J 28 37.30 -9.61 22.12
N ALA J 29 36.57 -9.53 21.00
CA ALA J 29 36.38 -10.69 20.15
C ALA J 29 37.71 -11.17 19.58
N LEU J 30 38.55 -10.21 19.17
CA LEU J 30 39.88 -10.56 18.68
C LEU J 30 40.68 -11.27 19.78
N PHE J 31 40.74 -10.67 20.95
CA PHE J 31 41.39 -11.32 22.07
C PHE J 31 40.65 -12.59 22.49
N PHE J 32 39.35 -12.66 22.24
CA PHE J 32 38.59 -13.86 22.55
C PHE J 32 38.91 -14.98 21.58
N GLU J 33 39.10 -14.64 20.31
CA GLU J 33 39.42 -15.65 19.31
C GLU J 33 40.70 -16.39 19.65
N ARG J 34 41.73 -15.63 20.04
CA ARG J 34 43.03 -16.21 20.37
C ARG J 34 42.95 -17.24 21.48
N ALA J 35 41.96 -17.11 22.37
CA ALA J 35 41.83 -18.00 23.52
C ALA J 35 40.94 -19.20 23.23
N PHE J 36 39.85 -19.00 22.49
CA PHE J 36 38.87 -20.05 22.33
C PHE J 36 39.44 -21.22 21.55
N ASP J 37 40.19 -20.94 20.49
CA ASP J 37 40.83 -22.00 19.73
C ASP J 37 41.83 -22.76 20.59
N GLN J 38 42.63 -22.02 21.38
CA GLN J 38 43.60 -22.66 22.24
C GLN J 38 42.92 -23.48 23.32
N GLY J 39 41.76 -23.04 23.79
CA GLY J 39 41.03 -23.82 24.78
C GLY J 39 40.54 -25.13 24.21
N ALA J 40 39.94 -25.08 23.02
CA ALA J 40 39.33 -26.27 22.44
C ALA J 40 40.40 -27.28 22.03
N ASP J 41 41.39 -26.82 21.25
CA ASP J 41 42.36 -27.73 20.66
C ASP J 41 43.13 -28.51 21.72
N ALA J 42 43.59 -27.82 22.76
CA ALA J 42 44.31 -28.50 23.83
C ALA J 42 43.45 -29.55 24.48
N ILE J 43 42.17 -29.24 24.67
CA ILE J 43 41.26 -30.21 25.26
C ILE J 43 41.04 -31.36 24.29
N TYR J 44 40.88 -31.06 23.02
CA TYR J 44 40.76 -32.10 22.01
C TYR J 44 42.02 -32.96 21.97
N GLU J 45 43.17 -32.35 22.25
CA GLU J 45 44.40 -33.12 22.40
C GLU J 45 44.41 -33.85 23.74
N HIS J 46 43.88 -33.21 24.78
CA HIS J 46 43.86 -33.82 26.10
C HIS J 46 43.05 -35.10 26.11
N ILE J 47 41.95 -35.11 25.35
CA ILE J 47 41.12 -36.30 25.26
C ILE J 47 41.86 -37.39 24.50
N ASN J 48 42.24 -37.08 23.27
CA ASN J 48 42.74 -38.06 22.32
C ASN J 48 44.26 -38.09 22.29
N GLU J 49 44.86 -37.93 23.46
CA GLU J 49 46.30 -38.08 23.61
C GLU J 49 46.76 -39.41 23.00
N GLY J 50 47.98 -39.39 22.46
CA GLY J 50 48.54 -40.55 21.81
C GLY J 50 47.76 -41.05 20.60
N LYS J 51 47.11 -40.16 19.86
CA LYS J 51 46.35 -40.56 18.68
C LYS J 51 46.61 -39.67 17.47
N LEU J 52 46.96 -38.42 17.71
CA LEU J 52 47.03 -37.42 16.64
C LEU J 52 48.42 -37.36 16.01
N TRP J 53 48.51 -36.54 14.96
CA TRP J 53 49.77 -36.38 14.24
C TRP J 53 50.85 -35.82 15.15
N LYS J 54 50.54 -34.75 15.87
CA LYS J 54 51.56 -34.04 16.64
C LYS J 54 52.15 -34.90 17.74
N HIS J 55 51.51 -36.01 18.10
CA HIS J 55 52.05 -36.98 19.02
C HIS J 55 52.78 -38.11 18.31
N ILE J 56 52.85 -38.08 16.98
CA ILE J 56 53.71 -38.96 16.19
C ILE J 56 54.57 -38.13 15.23
N LYS J 57 54.55 -36.82 15.40
CA LYS J 57 55.22 -35.86 14.53
C LYS J 57 56.71 -35.77 14.83
N HIS J 58 57.22 -36.60 15.76
CA HIS J 58 58.63 -36.64 16.12
C HIS J 58 59.31 -37.92 15.63
N LYS J 59 58.57 -39.04 15.56
CA LYS J 59 59.16 -40.27 15.05
C LYS J 59 59.62 -40.11 13.62
N TYR J 60 58.85 -39.37 12.82
CA TYR J 60 59.18 -39.10 11.43
C TYR J 60 59.41 -37.61 11.22
N ALA K 36 -65.05 -2.86 -5.10
CA ALA K 36 -64.70 -3.01 -6.51
C ALA K 36 -63.21 -3.33 -6.64
N THR K 37 -62.72 -3.35 -7.88
CA THR K 37 -61.38 -3.83 -8.19
C THR K 37 -60.66 -2.83 -9.08
N TYR K 38 -59.41 -3.16 -9.40
CA TYR K 38 -58.59 -2.28 -10.21
C TYR K 38 -59.06 -2.24 -11.65
N ALA K 39 -59.22 -3.41 -12.27
CA ALA K 39 -59.57 -3.46 -13.68
C ALA K 39 -60.94 -2.86 -13.92
N GLN K 40 -61.88 -3.08 -13.01
CA GLN K 40 -63.18 -2.44 -13.12
C GLN K 40 -63.05 -0.93 -13.03
N ALA K 41 -62.08 -0.45 -12.26
CA ALA K 41 -61.93 0.99 -12.07
C ALA K 41 -61.49 1.66 -13.36
N LEU K 42 -60.57 1.03 -14.10
CA LEU K 42 -60.06 1.64 -15.31
C LEU K 42 -61.14 1.74 -16.37
N GLN K 43 -62.05 0.77 -16.43
CA GLN K 43 -63.16 0.85 -17.37
C GLN K 43 -64.12 1.97 -17.00
N SER K 44 -64.22 2.29 -15.70
CA SER K 44 -65.11 3.34 -15.24
C SER K 44 -64.58 4.74 -15.50
N VAL K 45 -63.38 4.86 -16.05
CA VAL K 45 -62.74 6.17 -16.23
C VAL K 45 -63.54 6.96 -17.26
N PRO K 46 -63.60 8.29 -17.18
CA PRO K 46 -64.16 9.04 -18.30
C PRO K 46 -63.32 8.87 -19.55
N GLU K 47 -63.85 8.17 -20.55
CA GLU K 47 -63.14 8.04 -21.81
C GLU K 47 -63.19 9.36 -22.54
N THR K 48 -62.03 9.83 -22.98
CA THR K 48 -61.93 11.15 -23.58
C THR K 48 -62.76 11.23 -24.86
N GLN K 49 -62.96 12.45 -25.31
CA GLN K 49 -63.69 12.74 -26.53
C GLN K 49 -62.84 13.64 -27.40
N VAL K 50 -62.86 13.36 -28.70
CA VAL K 50 -62.00 14.02 -29.66
C VAL K 50 -62.88 14.71 -30.69
N SER K 51 -62.40 15.84 -31.20
CA SER K 51 -63.07 16.60 -32.23
C SER K 51 -62.02 17.00 -33.26
N GLN K 52 -62.46 17.76 -34.24
CA GLN K 52 -61.59 18.20 -35.32
C GLN K 52 -62.31 19.31 -36.07
N LEU K 53 -61.53 20.16 -36.73
CA LEU K 53 -62.07 21.34 -37.39
C LEU K 53 -61.57 21.43 -38.81
N ASP K 54 -62.26 22.27 -39.58
CA ASP K 54 -61.91 22.48 -40.98
C ASP K 54 -60.52 23.09 -41.11
N ASN K 55 -60.12 23.93 -40.17
CA ASN K 55 -58.80 24.56 -40.25
C ASN K 55 -57.70 23.52 -40.07
N GLY K 56 -57.88 22.60 -39.13
CA GLY K 56 -56.89 21.58 -38.82
C GLY K 56 -56.65 21.37 -37.35
N LEU K 57 -57.25 22.19 -36.49
CA LEU K 57 -56.98 22.12 -35.06
C LEU K 57 -57.67 20.92 -34.46
N ARG K 58 -56.87 19.96 -34.00
CA ARG K 58 -57.40 18.92 -33.12
C ARG K 58 -57.93 19.54 -31.85
N VAL K 59 -59.01 18.97 -31.33
CA VAL K 59 -59.57 19.37 -30.06
C VAL K 59 -60.05 18.11 -29.35
N ALA K 60 -59.88 18.09 -28.03
CA ALA K 60 -60.38 17.00 -27.22
C ALA K 60 -60.58 17.50 -25.80
N SER K 61 -61.02 16.61 -24.93
CA SER K 61 -61.31 16.96 -23.56
C SER K 61 -61.55 15.68 -22.78
N GLU K 62 -61.84 15.84 -21.49
CA GLU K 62 -62.31 14.73 -20.66
C GLU K 62 -63.15 15.31 -19.54
N GLN K 63 -64.43 14.94 -19.52
CA GLN K 63 -65.30 15.33 -18.43
C GLN K 63 -64.88 14.65 -17.14
N SER K 64 -65.18 15.32 -16.03
CA SER K 64 -64.93 14.74 -14.70
C SER K 64 -65.81 15.47 -13.70
N SER K 65 -65.89 14.90 -12.50
CA SER K 65 -66.67 15.49 -11.43
C SER K 65 -65.94 16.63 -10.73
N GLN K 66 -64.78 17.03 -11.20
CA GLN K 66 -64.05 18.13 -10.57
C GLN K 66 -64.74 19.45 -10.92
N PRO K 67 -65.11 20.28 -9.93
CA PRO K 67 -65.68 21.58 -10.30
C PRO K 67 -64.68 22.49 -10.97
N THR K 68 -63.40 22.35 -10.67
CA THR K 68 -62.36 23.12 -11.31
C THR K 68 -62.16 22.62 -12.73
N CYS K 69 -61.23 23.26 -13.44
CA CYS K 69 -60.89 22.83 -14.78
C CYS K 69 -59.59 23.50 -15.19
N THR K 70 -59.04 23.01 -16.29
CA THR K 70 -57.83 23.58 -16.88
C THR K 70 -57.90 23.38 -18.38
N VAL K 71 -57.19 24.24 -19.10
CA VAL K 71 -57.13 24.17 -20.55
C VAL K 71 -55.73 24.59 -20.97
N GLY K 72 -55.27 24.04 -22.07
CA GLY K 72 -53.97 24.39 -22.58
C GLY K 72 -53.86 24.15 -24.06
N VAL K 73 -52.71 24.54 -24.60
CA VAL K 73 -52.46 24.51 -26.02
C VAL K 73 -51.10 23.89 -26.26
N TRP K 74 -51.08 22.59 -26.48
CA TRP K 74 -49.84 21.86 -26.75
C TRP K 74 -49.70 21.72 -28.26
N ILE K 75 -48.50 22.01 -28.76
CA ILE K 75 -48.28 22.21 -30.18
C ILE K 75 -46.96 21.56 -30.59
N ASP K 76 -46.64 21.66 -31.87
CA ASP K 76 -45.39 21.18 -32.45
C ASP K 76 -44.54 22.40 -32.72
N ALA K 77 -43.68 22.75 -31.75
CA ALA K 77 -42.71 23.81 -31.96
C ALA K 77 -41.68 23.84 -30.85
N GLY K 78 -40.43 24.03 -31.25
CA GLY K 78 -39.36 24.13 -30.28
C GLY K 78 -38.07 24.45 -30.97
N SER K 79 -36.97 24.24 -30.24
CA SER K 79 -35.66 24.49 -30.81
C SER K 79 -35.28 23.49 -31.88
N ARG K 80 -36.03 22.39 -32.00
CA ARG K 80 -35.75 21.43 -33.06
C ARG K 80 -35.92 22.01 -34.44
N TYR K 81 -36.71 23.08 -34.57
CA TYR K 81 -37.04 23.65 -35.87
C TYR K 81 -36.38 25.00 -36.10
N GLU K 82 -35.98 25.68 -35.04
CA GLU K 82 -35.21 26.90 -35.22
C GLU K 82 -33.81 26.55 -35.72
N SER K 83 -33.26 27.44 -36.54
CA SER K 83 -31.88 27.36 -36.97
C SER K 83 -31.04 28.21 -36.03
N GLU K 84 -29.74 28.28 -36.35
CA GLU K 84 -28.83 29.09 -35.54
C GLU K 84 -29.21 30.57 -35.60
N LYS K 85 -29.78 31.01 -36.71
CA LYS K 85 -30.15 32.42 -36.84
C LYS K 85 -31.31 32.78 -35.94
N ASN K 86 -32.23 31.85 -35.71
CA ASN K 86 -33.41 32.07 -34.89
C ASN K 86 -33.45 31.17 -33.66
N ASN K 87 -32.30 30.65 -33.25
CA ASN K 87 -32.26 29.78 -32.08
C ASN K 87 -32.67 30.55 -30.84
N GLY K 88 -33.24 29.82 -29.88
CA GLY K 88 -33.71 30.43 -28.66
C GLY K 88 -34.98 31.25 -28.79
N ALA K 89 -35.51 31.38 -30.00
CA ALA K 89 -36.57 32.35 -30.23
C ALA K 89 -37.87 31.92 -29.56
N GLY K 90 -38.23 30.65 -29.70
CA GLY K 90 -39.49 30.18 -29.14
C GLY K 90 -39.58 30.37 -27.65
N TYR K 91 -38.44 30.35 -26.96
CA TYR K 91 -38.42 30.73 -25.56
C TYR K 91 -38.65 32.22 -25.40
N PHE K 92 -38.08 33.01 -26.30
CA PHE K 92 -38.31 34.45 -26.26
C PHE K 92 -39.76 34.78 -26.56
N VAL K 93 -40.45 33.92 -27.30
CA VAL K 93 -41.88 34.09 -27.52
C VAL K 93 -42.62 33.95 -26.20
N GLU K 94 -42.11 33.08 -25.30
CA GLU K 94 -42.83 32.77 -24.09
C GLU K 94 -43.03 33.99 -23.21
N HIS K 95 -42.12 34.96 -23.28
CA HIS K 95 -42.10 36.04 -22.32
C HIS K 95 -42.86 37.28 -22.78
N LEU K 96 -43.13 37.39 -24.08
CA LEU K 96 -43.86 38.53 -24.61
C LEU K 96 -45.32 38.22 -24.93
N ALA K 97 -45.66 36.94 -25.07
CA ALA K 97 -47.02 36.57 -25.41
C ALA K 97 -48.02 37.03 -24.37
N PHE K 98 -47.58 37.13 -23.11
CA PHE K 98 -48.41 37.62 -22.02
C PHE K 98 -48.11 39.08 -21.66
N LYS K 99 -47.46 39.81 -22.56
CA LYS K 99 -47.02 41.17 -22.30
C LYS K 99 -47.31 42.07 -23.49
N GLY K 100 -48.51 41.94 -24.05
CA GLY K 100 -48.95 42.78 -25.13
C GLY K 100 -49.74 42.06 -26.20
N THR K 101 -50.93 42.57 -26.51
CA THR K 101 -51.81 42.01 -27.52
C THR K 101 -52.49 43.16 -28.24
N LYS K 102 -53.41 42.82 -29.15
CA LYS K 102 -54.09 43.81 -29.96
C LYS K 102 -55.39 44.32 -29.34
N ASN K 103 -55.99 43.51 -28.45
CA ASN K 103 -57.25 43.87 -27.81
C ASN K 103 -57.16 43.93 -26.29
N ARG K 104 -56.06 43.47 -25.70
CA ARG K 104 -55.87 43.50 -24.25
C ARG K 104 -54.41 43.84 -23.99
N PRO K 105 -54.00 45.06 -24.33
CA PRO K 105 -52.58 45.39 -24.31
C PRO K 105 -52.01 45.47 -22.91
N GLY K 106 -50.70 45.27 -22.84
CA GLY K 106 -49.99 45.41 -21.58
C GLY K 106 -50.45 44.41 -20.55
N ASN K 107 -50.48 44.86 -19.30
CA ASN K 107 -50.90 44.04 -18.18
C ASN K 107 -52.41 43.84 -18.11
N ALA K 108 -53.17 44.42 -19.04
CA ALA K 108 -54.60 44.18 -19.08
C ALA K 108 -54.92 42.70 -19.23
N LEU K 109 -54.17 42.02 -20.09
CA LEU K 109 -54.31 40.57 -20.22
C LEU K 109 -54.01 39.87 -18.90
N GLU K 110 -52.82 40.14 -18.35
CA GLU K 110 -52.44 39.59 -17.06
C GLU K 110 -53.47 39.93 -15.99
N LYS K 111 -54.13 41.08 -16.11
CA LYS K 111 -55.08 41.53 -15.11
C LYS K 111 -56.32 40.65 -15.07
N GLU K 112 -56.86 40.31 -16.23
CA GLU K 112 -58.15 39.64 -16.29
C GLU K 112 -58.15 38.27 -15.64
N VAL K 113 -57.00 37.62 -15.54
CA VAL K 113 -56.91 36.34 -14.86
C VAL K 113 -57.01 36.53 -13.37
N GLU K 114 -56.18 37.44 -12.85
CA GLU K 114 -56.18 37.70 -11.42
C GLU K 114 -57.53 38.22 -10.97
N SER K 115 -58.23 38.94 -11.84
CA SER K 115 -59.61 39.31 -11.54
C SER K 115 -60.51 38.09 -11.51
N MET K 116 -60.19 37.11 -12.35
CA MET K 116 -60.96 35.88 -12.41
C MET K 116 -60.56 34.90 -11.32
N GLY K 117 -59.38 35.07 -10.73
CA GLY K 117 -58.93 34.22 -9.64
C GLY K 117 -58.13 33.01 -10.06
N ALA K 118 -57.78 32.90 -11.33
CA ALA K 118 -57.11 31.72 -11.85
C ALA K 118 -55.60 31.90 -11.85
N HIS K 119 -54.90 30.79 -12.10
CA HIS K 119 -53.46 30.81 -12.35
C HIS K 119 -53.19 30.88 -13.84
N LEU K 120 -51.92 31.03 -14.17
CA LEU K 120 -51.47 30.98 -15.55
C LEU K 120 -50.03 30.51 -15.55
N ASN K 121 -49.70 29.65 -16.51
CA ASN K 121 -48.40 29.00 -16.53
C ASN K 121 -48.09 28.57 -17.95
N ALA K 122 -46.81 28.38 -18.21
CA ALA K 122 -46.35 28.06 -19.55
C ALA K 122 -45.00 27.36 -19.45
N TYR K 123 -44.66 26.65 -20.52
CA TYR K 123 -43.31 26.12 -20.65
C TYR K 123 -43.08 25.75 -22.10
N SER K 124 -41.80 25.53 -22.41
CA SER K 124 -41.37 25.13 -23.73
C SER K 124 -40.43 23.94 -23.61
N THR K 125 -40.34 23.20 -24.72
CA THR K 125 -39.43 22.06 -24.80
C THR K 125 -38.74 22.12 -26.15
N ARG K 126 -37.90 21.14 -26.42
CA ARG K 126 -37.16 21.11 -27.66
C ARG K 126 -38.04 20.76 -28.85
N GLU K 127 -39.20 20.16 -28.60
CA GLU K 127 -40.18 19.86 -29.64
C GLU K 127 -41.51 20.54 -29.40
N HIS K 128 -41.93 20.65 -28.14
CA HIS K 128 -43.27 21.05 -27.79
C HIS K 128 -43.26 22.27 -26.89
N THR K 129 -44.31 23.06 -27.03
CA THR K 129 -44.49 24.26 -26.23
C THR K 129 -45.94 24.32 -25.81
N ALA K 130 -46.19 24.91 -24.64
CA ALA K 130 -47.49 24.80 -24.02
C ALA K 130 -47.79 26.04 -23.17
N TYR K 131 -48.93 26.64 -23.45
CA TYR K 131 -49.57 27.60 -22.57
C TYR K 131 -50.82 26.94 -21.99
N TYR K 132 -51.14 27.25 -20.74
CA TYR K 132 -52.31 26.64 -20.15
C TYR K 132 -52.76 27.40 -18.91
N ILE K 133 -54.02 27.14 -18.54
CA ILE K 133 -54.72 27.85 -17.48
C ILE K 133 -55.29 26.84 -16.51
N LYS K 134 -55.39 27.24 -15.24
CA LYS K 134 -56.17 26.54 -14.24
C LYS K 134 -57.23 27.50 -13.73
N ALA K 135 -58.49 27.11 -13.88
CA ALA K 135 -59.60 28.01 -13.53
C ALA K 135 -60.80 27.16 -13.13
N LEU K 136 -61.93 27.81 -12.98
CA LEU K 136 -63.18 27.16 -12.62
C LEU K 136 -64.04 26.93 -13.87
N SER K 137 -65.08 26.14 -13.67
CA SER K 137 -65.88 25.67 -14.80
C SER K 137 -66.66 26.81 -15.44
N LYS K 138 -67.36 27.61 -14.63
CA LYS K 138 -68.29 28.58 -15.20
C LYS K 138 -67.57 29.71 -15.92
N ASP K 139 -66.39 30.10 -15.45
CA ASP K 139 -65.62 31.16 -16.09
C ASP K 139 -64.78 30.65 -17.25
N LEU K 140 -64.95 29.39 -17.64
CA LEU K 140 -64.17 28.84 -18.75
C LEU K 140 -64.32 29.61 -20.06
N PRO K 141 -65.51 30.08 -20.47
CA PRO K 141 -65.61 30.74 -21.78
C PRO K 141 -64.73 31.95 -21.92
N LYS K 142 -64.53 32.69 -20.83
CA LYS K 142 -63.63 33.84 -20.88
C LYS K 142 -62.21 33.40 -21.18
N ALA K 143 -61.85 32.17 -20.81
CA ALA K 143 -60.48 31.72 -20.98
C ALA K 143 -60.15 31.54 -22.46
N VAL K 144 -60.99 30.82 -23.18
CA VAL K 144 -60.71 30.49 -24.57
C VAL K 144 -60.66 31.76 -25.41
N GLU K 145 -61.40 32.79 -25.01
CA GLU K 145 -61.37 34.04 -25.72
C GLU K 145 -59.98 34.69 -25.65
N LEU K 146 -59.22 34.37 -24.61
CA LEU K 146 -57.91 34.98 -24.46
C LEU K 146 -56.90 34.37 -25.41
N LEU K 147 -56.84 33.04 -25.45
CA LEU K 147 -55.79 32.35 -26.18
C LEU K 147 -55.84 32.64 -27.67
N ALA K 148 -56.99 33.08 -28.19
CA ALA K 148 -57.02 33.65 -29.53
C ALA K 148 -56.34 35.00 -29.55
N ASP K 149 -56.52 35.79 -28.49
CA ASP K 149 -55.85 37.08 -28.39
C ASP K 149 -54.37 36.94 -28.07
N ILE K 150 -53.92 35.75 -27.67
CA ILE K 150 -52.54 35.52 -27.26
C ILE K 150 -51.80 34.89 -28.42
N VAL K 151 -52.26 33.70 -28.82
CA VAL K 151 -51.61 32.96 -29.89
C VAL K 151 -51.61 33.76 -31.17
N GLN K 152 -52.81 34.08 -31.67
CA GLN K 152 -52.92 34.73 -32.97
C GLN K 152 -52.48 36.19 -32.90
N ASN K 153 -53.07 36.96 -31.99
CA ASN K 153 -53.00 38.42 -32.04
C ASN K 153 -51.99 38.99 -31.06
N CYS K 154 -50.84 38.34 -30.91
CA CYS K 154 -49.78 38.91 -30.10
C CYS K 154 -49.24 40.17 -30.74
N SER K 155 -48.92 41.17 -29.92
CA SER K 155 -48.51 42.49 -30.39
C SER K 155 -47.00 42.67 -30.42
N LEU K 156 -46.30 42.17 -29.40
CA LEU K 156 -44.83 42.18 -29.36
C LEU K 156 -44.28 43.61 -29.42
N GLU K 157 -44.57 44.36 -28.37
CA GLU K 157 -44.12 45.74 -28.28
C GLU K 157 -42.60 45.80 -28.19
N ASP K 158 -42.01 46.71 -28.97
CA ASP K 158 -40.56 46.80 -29.08
C ASP K 158 -39.90 47.11 -27.75
N SER K 159 -40.59 47.86 -26.88
CA SER K 159 -40.06 48.10 -25.55
C SER K 159 -39.88 46.80 -24.79
N GLN K 160 -40.93 46.00 -24.72
CA GLN K 160 -40.83 44.71 -24.02
C GLN K 160 -39.87 43.78 -24.73
N ILE K 161 -39.76 43.88 -26.05
CA ILE K 161 -38.77 43.10 -26.77
C ILE K 161 -37.38 43.41 -26.24
N GLU K 162 -37.12 44.69 -25.96
CA GLU K 162 -35.79 45.08 -25.48
C GLU K 162 -35.64 44.82 -23.99
N LYS K 163 -36.71 45.01 -23.22
CA LYS K 163 -36.63 44.73 -21.80
C LYS K 163 -36.39 43.25 -21.55
N GLU K 164 -37.18 42.40 -22.20
CA GLU K 164 -37.03 40.96 -22.01
C GLU K 164 -35.68 40.49 -22.51
N ARG K 165 -35.17 41.11 -23.57
CA ARG K 165 -33.85 40.81 -24.09
C ARG K 165 -32.76 40.94 -23.02
N ASP K 166 -33.01 41.74 -21.99
CA ASP K 166 -32.17 41.76 -20.80
C ASP K 166 -32.54 40.67 -19.82
N VAL K 167 -33.84 40.38 -19.71
CA VAL K 167 -34.29 39.35 -18.79
C VAL K 167 -33.70 38.01 -19.15
N ILE K 168 -33.59 37.74 -20.45
CA ILE K 168 -33.04 36.47 -20.90
C ILE K 168 -31.58 36.38 -20.46
N LEU K 169 -30.80 37.41 -20.78
CA LEU K 169 -29.39 37.41 -20.43
C LEU K 169 -29.17 37.40 -18.93
N GLN K 170 -30.16 37.82 -18.15
CA GLN K 170 -30.09 37.64 -16.72
C GLN K 170 -30.17 36.16 -16.35
N GLU K 171 -30.93 35.37 -17.11
CA GLU K 171 -31.18 33.99 -16.74
C GLU K 171 -30.05 33.06 -17.14
N LEU K 172 -29.42 33.31 -18.29
CA LEU K 172 -28.30 32.49 -18.69
C LEU K 172 -27.13 32.61 -17.71
N GLN K 173 -27.12 33.67 -16.89
CA GLN K 173 -26.27 33.67 -15.71
C GLN K 173 -26.85 32.80 -14.62
N GLU K 174 -28.18 32.79 -14.47
CA GLU K 174 -28.80 32.00 -13.42
C GLU K 174 -28.63 30.51 -13.67
N ASN K 175 -28.86 30.07 -14.90
CA ASN K 175 -28.80 28.65 -15.20
C ASN K 175 -27.40 28.08 -15.10
N ASP K 176 -26.37 28.92 -15.00
CA ASP K 176 -25.07 28.43 -14.55
C ASP K 176 -25.18 27.74 -13.21
N THR K 177 -26.07 28.24 -12.36
CA THR K 177 -26.32 27.62 -11.06
C THR K 177 -27.16 26.35 -11.19
N SER K 178 -28.03 26.29 -12.20
CA SER K 178 -28.93 25.15 -12.38
C SER K 178 -28.16 24.00 -13.00
N MET K 179 -27.26 23.42 -12.20
CA MET K 179 -26.29 22.46 -12.69
C MET K 179 -26.95 21.27 -13.35
N ARG K 180 -28.11 20.86 -12.87
CA ARG K 180 -28.83 19.77 -13.53
C ARG K 180 -29.18 20.16 -14.96
N ASP K 181 -29.70 21.37 -15.14
CA ASP K 181 -30.07 21.83 -16.47
C ASP K 181 -28.84 22.06 -17.34
N VAL K 182 -27.67 22.29 -16.73
CA VAL K 182 -26.45 22.40 -17.52
C VAL K 182 -26.18 21.10 -18.23
N VAL K 183 -26.36 19.99 -17.53
CA VAL K 183 -25.92 18.70 -18.04
C VAL K 183 -26.76 18.30 -19.24
N PHE K 184 -28.07 18.24 -19.05
CA PHE K 184 -28.96 17.84 -20.14
C PHE K 184 -28.82 18.76 -21.33
N ASN K 185 -28.52 20.03 -21.10
CA ASN K 185 -28.19 20.91 -22.21
C ASN K 185 -26.93 20.46 -22.92
N TYR K 186 -25.89 20.11 -22.15
CA TYR K 186 -24.69 19.57 -22.78
C TYR K 186 -25.00 18.24 -23.45
N LEU K 187 -25.76 17.39 -22.79
CA LEU K 187 -25.96 16.04 -23.27
C LEU K 187 -26.66 16.03 -24.62
N HIS K 188 -27.78 16.74 -24.72
CA HIS K 188 -28.46 16.85 -26.00
C HIS K 188 -27.56 17.48 -27.05
N ALA K 189 -26.60 18.31 -26.62
CA ALA K 189 -25.74 18.99 -27.57
C ALA K 189 -24.66 18.08 -28.14
N THR K 190 -24.42 16.92 -27.54
CA THR K 190 -23.40 16.00 -28.01
C THR K 190 -23.96 14.94 -28.94
N ALA K 191 -24.90 14.14 -28.43
CA ALA K 191 -25.39 13.00 -29.19
C ALA K 191 -26.04 13.43 -30.48
N PHE K 192 -26.64 14.62 -30.48
CA PHE K 192 -27.36 15.15 -31.63
C PHE K 192 -26.60 16.31 -32.27
N GLN K 193 -25.27 16.27 -32.16
CA GLN K 193 -24.42 17.32 -32.69
C GLN K 193 -24.60 17.46 -34.19
N GLY K 194 -24.49 18.70 -34.66
CA GLY K 194 -24.69 19.02 -36.06
C GLY K 194 -26.14 19.15 -36.47
N THR K 195 -27.07 18.65 -35.67
CA THR K 195 -28.49 18.71 -35.96
C THR K 195 -29.11 19.90 -35.26
N PRO K 196 -30.37 20.21 -35.57
CA PRO K 196 -31.05 21.26 -34.82
C PRO K 196 -31.21 20.93 -33.36
N LEU K 197 -31.37 19.65 -33.05
CA LEU K 197 -31.73 19.25 -31.69
C LEU K 197 -30.62 19.51 -30.70
N ALA K 198 -29.37 19.61 -31.16
CA ALA K 198 -28.28 19.96 -30.27
C ALA K 198 -28.44 21.36 -29.71
N GLN K 199 -29.25 22.20 -30.35
CA GLN K 199 -29.51 23.53 -29.84
C GLN K 199 -30.09 23.46 -28.44
N SER K 200 -29.88 24.53 -27.68
CA SER K 200 -30.59 24.71 -26.42
C SER K 200 -32.00 25.18 -26.75
N VAL K 201 -32.79 25.43 -25.72
CA VAL K 201 -34.15 25.90 -25.87
C VAL K 201 -34.23 27.41 -25.72
N GLU K 202 -33.38 27.96 -24.87
CA GLU K 202 -33.30 29.40 -24.67
C GLU K 202 -32.33 30.04 -25.65
N GLY K 203 -31.35 29.28 -26.14
CA GLY K 203 -30.49 29.71 -27.20
C GLY K 203 -29.24 30.40 -26.71
N PRO K 204 -28.27 30.62 -27.61
CA PRO K 204 -27.08 31.39 -27.24
C PRO K 204 -27.41 32.83 -26.92
N SER K 205 -26.54 33.44 -26.13
CA SER K 205 -26.63 34.88 -25.86
C SER K 205 -26.60 35.69 -27.14
N GLU K 206 -25.78 35.26 -28.10
CA GLU K 206 -25.56 36.05 -29.30
C GLU K 206 -26.85 36.25 -30.07
N ASN K 207 -27.56 35.16 -30.39
CA ASN K 207 -28.79 35.26 -31.15
C ASN K 207 -29.85 36.05 -30.40
N VAL K 208 -29.81 36.00 -29.07
CA VAL K 208 -30.74 36.79 -28.28
C VAL K 208 -30.40 38.26 -28.38
N ARG K 209 -29.14 38.58 -28.68
CA ARG K 209 -28.71 39.95 -28.91
C ARG K 209 -28.68 40.31 -30.39
N LYS K 210 -29.31 39.50 -31.24
CA LYS K 210 -29.50 39.81 -32.64
C LYS K 210 -30.91 39.55 -33.13
N LEU K 211 -31.77 38.99 -32.30
CA LEU K 211 -33.11 38.59 -32.68
C LEU K 211 -33.93 39.78 -33.17
N SER K 212 -34.95 39.48 -33.96
CA SER K 212 -35.77 40.48 -34.61
C SER K 212 -37.25 40.19 -34.38
N ARG K 213 -38.05 41.24 -34.53
CA ARG K 213 -39.49 41.08 -34.58
C ARG K 213 -39.90 40.19 -35.75
N ALA K 214 -39.16 40.29 -36.86
CA ALA K 214 -39.58 39.64 -38.10
C ALA K 214 -39.28 38.14 -38.08
N ASP K 215 -38.13 37.74 -37.55
CA ASP K 215 -37.83 36.32 -37.42
C ASP K 215 -38.89 35.62 -36.57
N LEU K 216 -39.37 36.33 -35.54
CA LEU K 216 -40.47 35.82 -34.74
C LEU K 216 -41.76 35.81 -35.53
N THR K 217 -41.98 36.86 -36.32
CA THR K 217 -43.15 36.90 -37.20
C THR K 217 -43.13 35.70 -38.14
N GLU K 218 -42.00 35.46 -38.79
CA GLU K 218 -41.87 34.29 -39.65
C GLU K 218 -42.04 33.02 -38.84
N TYR K 219 -41.35 32.93 -37.70
CA TYR K 219 -41.46 31.75 -36.84
C TYR K 219 -42.90 31.54 -36.40
N LEU K 220 -43.55 32.62 -35.98
CA LEU K 220 -44.97 32.56 -35.67
C LEU K 220 -45.78 32.21 -36.91
N SER K 221 -45.36 32.72 -38.07
CA SER K 221 -46.16 32.60 -39.28
C SER K 221 -46.15 31.21 -39.88
N ARG K 222 -45.37 30.28 -39.32
CA ARG K 222 -45.19 28.96 -39.90
C ARG K 222 -45.57 27.83 -38.96
N HIS K 223 -45.29 27.97 -37.67
CA HIS K 223 -45.46 26.88 -36.73
C HIS K 223 -46.83 26.88 -36.05
N TYR K 224 -47.33 28.07 -35.69
CA TYR K 224 -48.66 28.15 -35.11
C TYR K 224 -49.72 27.99 -36.20
N LYS K 225 -50.06 26.75 -36.52
CA LYS K 225 -51.04 26.45 -37.56
C LYS K 225 -51.90 25.28 -37.11
N ALA K 226 -53.18 25.35 -37.47
CA ALA K 226 -54.17 24.38 -36.97
C ALA K 226 -53.80 22.92 -37.17
N PRO K 227 -53.29 22.48 -38.32
CA PRO K 227 -53.01 21.04 -38.50
C PRO K 227 -51.94 20.49 -37.56
N ARG K 228 -51.21 21.34 -36.84
CA ARG K 228 -50.12 20.93 -35.97
C ARG K 228 -50.28 21.53 -34.58
N MET K 229 -51.52 21.66 -34.13
CA MET K 229 -51.83 22.23 -32.84
C MET K 229 -52.90 21.39 -32.17
N VAL K 230 -52.98 21.51 -30.86
CA VAL K 230 -53.93 20.75 -30.06
C VAL K 230 -54.49 21.63 -28.96
N LEU K 231 -55.77 21.45 -28.70
CA LEU K 231 -56.44 22.00 -27.53
C LEU K 231 -56.89 20.83 -26.68
N ALA K 232 -56.80 20.99 -25.36
CA ALA K 232 -57.26 19.96 -24.46
C ALA K 232 -57.64 20.59 -23.13
N ALA K 233 -58.52 19.92 -22.41
CA ALA K 233 -58.98 20.41 -21.13
C ALA K 233 -59.57 19.25 -20.34
N ALA K 234 -59.74 19.47 -19.05
CA ALA K 234 -60.32 18.49 -18.16
C ALA K 234 -61.03 19.22 -17.03
N GLY K 235 -61.88 18.48 -16.32
CA GLY K 235 -62.63 19.00 -15.20
C GLY K 235 -64.13 18.91 -15.39
N GLY K 236 -64.87 19.72 -14.62
CA GLY K 236 -66.31 19.74 -14.71
C GLY K 236 -66.79 20.60 -15.86
N LEU K 237 -66.66 20.06 -17.07
CA LEU K 237 -67.12 20.72 -18.28
C LEU K 237 -67.79 19.69 -19.16
N GLU K 238 -68.15 20.11 -20.36
CA GLU K 238 -68.62 19.22 -21.41
C GLU K 238 -67.87 19.50 -22.69
N HIS K 239 -67.69 18.44 -23.49
CA HIS K 239 -66.93 18.52 -24.72
C HIS K 239 -67.59 19.42 -25.77
N ARG K 240 -68.88 19.71 -25.61
CA ARG K 240 -69.61 20.52 -26.57
C ARG K 240 -69.72 21.98 -26.17
N GLN K 241 -69.67 22.30 -24.87
CA GLN K 241 -69.44 23.67 -24.45
C GLN K 241 -68.19 24.22 -25.10
N LEU K 242 -67.17 23.40 -25.19
CA LEU K 242 -65.87 23.74 -25.72
C LEU K 242 -65.87 23.81 -27.23
N LEU K 243 -66.58 22.88 -27.88
CA LEU K 243 -66.50 22.77 -29.33
C LEU K 243 -66.98 24.04 -30.01
N ASP K 244 -67.93 24.76 -29.39
CA ASP K 244 -68.39 26.00 -29.98
C ASP K 244 -67.33 27.08 -29.86
N LEU K 245 -66.62 27.11 -28.74
CA LEU K 245 -65.63 28.16 -28.52
C LEU K 245 -64.48 28.05 -29.51
N ALA K 246 -64.07 26.83 -29.83
CA ALA K 246 -63.06 26.66 -30.87
C ALA K 246 -63.63 27.05 -32.23
N GLN K 247 -64.89 26.68 -32.47
CA GLN K 247 -65.57 27.12 -33.67
C GLN K 247 -65.89 28.61 -33.63
N LYS K 248 -65.86 29.21 -32.44
CA LYS K 248 -66.01 30.65 -32.32
C LYS K 248 -64.70 31.37 -32.58
N HIS K 249 -63.70 31.10 -31.75
CA HIS K 249 -62.48 31.90 -31.72
C HIS K 249 -61.43 31.38 -32.70
N PHE K 250 -61.01 30.14 -32.53
CA PHE K 250 -59.96 29.58 -33.36
C PHE K 250 -60.44 29.17 -34.74
N SER K 251 -61.74 29.31 -35.03
CA SER K 251 -62.21 29.09 -36.39
C SER K 251 -61.59 30.10 -37.36
N GLY K 252 -61.23 31.28 -36.87
CA GLY K 252 -60.52 32.25 -37.66
C GLY K 252 -59.05 31.96 -37.85
N LEU K 253 -58.56 30.85 -37.31
CA LEU K 253 -57.16 30.50 -37.46
C LEU K 253 -56.83 30.17 -38.90
N SER K 254 -55.57 30.43 -39.27
CA SER K 254 -55.07 30.07 -40.59
C SER K 254 -54.83 28.56 -40.67
N GLY K 255 -55.78 27.84 -41.27
CA GLY K 255 -55.71 26.39 -41.34
C GLY K 255 -55.00 25.89 -42.58
N THR K 256 -53.86 26.48 -42.92
CA THR K 256 -53.09 26.05 -44.06
C THR K 256 -51.67 26.61 -44.00
N VAL K 262 -44.36 24.58 -44.33
CA VAL K 262 -44.62 23.55 -43.32
C VAL K 262 -43.74 22.35 -43.64
N PRO K 263 -42.47 22.39 -43.23
CA PRO K 263 -41.58 21.26 -43.48
C PRO K 263 -41.84 20.11 -42.51
N THR K 264 -41.38 18.93 -42.92
CA THR K 264 -41.43 17.73 -42.11
C THR K 264 -40.06 17.50 -41.49
N LEU K 265 -39.87 16.34 -40.86
CA LEU K 265 -38.71 16.09 -40.04
C LEU K 265 -37.55 15.53 -40.84
N SER K 266 -36.37 15.95 -40.46
CA SER K 266 -35.15 15.22 -40.76
C SER K 266 -34.91 14.20 -39.66
N PRO K 267 -34.64 12.93 -39.97
CA PRO K 267 -34.31 12.00 -38.88
C PRO K 267 -33.06 12.41 -38.14
N CYS K 268 -33.23 12.83 -36.89
CA CYS K 268 -32.12 13.25 -36.08
C CYS K 268 -31.34 12.02 -35.63
N ARG K 269 -30.10 11.93 -36.08
CA ARG K 269 -29.30 10.74 -35.80
C ARG K 269 -28.91 10.71 -34.33
N PHE K 270 -28.11 9.71 -33.99
CA PHE K 270 -27.53 9.58 -32.67
C PHE K 270 -26.03 9.42 -32.80
N THR K 271 -25.33 9.94 -31.80
CA THR K 271 -23.89 9.83 -31.72
C THR K 271 -23.51 9.25 -30.37
N GLY K 272 -22.43 8.48 -30.36
CA GLY K 272 -21.76 8.12 -29.14
C GLY K 272 -20.51 8.95 -28.97
N SER K 273 -20.60 9.96 -28.11
CA SER K 273 -19.51 10.90 -27.92
C SER K 273 -19.44 11.29 -26.46
N GLN K 274 -18.27 11.77 -26.07
CA GLN K 274 -17.99 12.18 -24.70
C GLN K 274 -17.75 13.68 -24.67
N ILE K 275 -18.23 14.28 -23.59
CA ILE K 275 -17.99 15.68 -23.29
C ILE K 275 -17.69 15.79 -21.81
N CYS K 276 -16.88 16.76 -21.46
CA CYS K 276 -16.38 16.87 -20.09
C CYS K 276 -15.96 18.31 -19.84
N HIS K 277 -16.68 18.99 -18.96
CA HIS K 277 -16.36 20.36 -18.55
C HIS K 277 -15.72 20.28 -17.18
N ARG K 278 -14.43 19.96 -17.19
CA ARG K 278 -13.66 19.78 -15.97
C ARG K 278 -13.67 21.06 -15.14
N GLU K 279 -13.98 20.92 -13.85
CA GLU K 279 -14.05 22.07 -12.95
C GLU K 279 -13.86 21.57 -11.53
N ASP K 280 -12.66 21.73 -10.99
CA ASP K 280 -12.34 21.21 -9.67
C ASP K 280 -12.74 22.14 -8.54
N GLY K 281 -13.07 23.38 -8.84
CA GLY K 281 -13.36 24.33 -7.79
C GLY K 281 -14.71 24.20 -7.13
N LEU K 282 -15.52 23.22 -7.52
CA LEU K 282 -16.85 23.04 -7.00
C LEU K 282 -16.90 21.98 -5.93
N PRO K 283 -18.00 21.88 -5.20
CA PRO K 283 -18.14 20.79 -4.22
C PRO K 283 -18.21 19.43 -4.87
N LEU K 284 -19.13 19.28 -5.83
CA LEU K 284 -19.49 18.00 -6.39
C LEU K 284 -19.56 18.10 -7.90
N ALA K 285 -19.94 17.00 -8.53
CA ALA K 285 -20.00 16.90 -9.98
C ALA K 285 -21.29 16.23 -10.38
N HIS K 286 -22.20 16.99 -10.96
CA HIS K 286 -23.33 16.40 -11.65
C HIS K 286 -22.84 15.69 -12.90
N VAL K 287 -23.34 14.47 -13.09
CA VAL K 287 -22.88 13.59 -14.16
C VAL K 287 -24.09 12.98 -14.83
N ALA K 288 -23.93 12.67 -16.11
CA ALA K 288 -24.97 12.03 -16.87
C ALA K 288 -24.37 11.11 -17.91
N ILE K 289 -25.14 10.10 -18.28
CA ILE K 289 -24.77 9.20 -19.34
C ILE K 289 -26.05 8.64 -19.93
N ALA K 290 -26.02 8.36 -21.22
CA ALA K 290 -27.23 7.89 -21.88
C ALA K 290 -26.86 7.32 -23.25
N VAL K 291 -27.88 6.76 -23.88
CA VAL K 291 -27.74 6.05 -25.14
C VAL K 291 -28.88 6.49 -26.06
N GLU K 292 -28.92 5.86 -27.23
CA GLU K 292 -30.04 6.07 -28.13
C GLU K 292 -31.33 5.59 -27.48
N GLY K 293 -32.39 6.37 -27.64
CA GLY K 293 -33.72 5.95 -27.31
C GLY K 293 -34.46 5.58 -28.58
N PRO K 294 -35.49 4.73 -28.47
CA PRO K 294 -36.22 4.36 -29.69
C PRO K 294 -37.13 5.45 -30.21
N GLY K 295 -37.89 6.10 -29.32
CA GLY K 295 -38.84 7.12 -29.68
C GLY K 295 -40.21 6.82 -29.13
N TRP K 296 -41.19 7.57 -29.61
CA TRP K 296 -42.53 7.54 -29.05
C TRP K 296 -43.28 6.25 -29.39
N ALA K 297 -43.56 6.07 -30.68
CA ALA K 297 -44.46 4.99 -31.09
C ALA K 297 -43.85 3.62 -30.87
N HIS K 298 -42.55 3.54 -30.67
CA HIS K 298 -41.92 2.25 -30.54
C HIS K 298 -42.38 1.63 -29.23
N PRO K 299 -42.97 0.43 -29.24
CA PRO K 299 -43.70 -0.04 -28.05
C PRO K 299 -42.80 -0.41 -26.90
N ASP K 300 -41.54 -0.74 -27.13
CA ASP K 300 -40.71 -1.23 -26.04
C ASP K 300 -40.37 -0.16 -25.02
N ASN K 301 -40.74 1.11 -25.28
CA ASN K 301 -40.59 2.15 -24.27
C ASN K 301 -41.30 1.79 -22.98
N VAL K 302 -42.39 1.03 -23.08
CA VAL K 302 -43.06 0.53 -21.89
C VAL K 302 -42.08 -0.28 -21.04
N ALA K 303 -41.30 -1.13 -21.70
CA ALA K 303 -40.38 -1.98 -20.97
C ALA K 303 -39.27 -1.16 -20.32
N LEU K 304 -38.80 -0.14 -21.01
CA LEU K 304 -37.65 0.59 -20.50
C LEU K 304 -38.01 1.43 -19.29
N GLN K 305 -39.23 1.98 -19.27
CA GLN K 305 -39.66 2.73 -18.11
C GLN K 305 -39.68 1.86 -16.87
N VAL K 306 -39.85 0.57 -17.04
CA VAL K 306 -39.72 -0.35 -15.92
C VAL K 306 -38.27 -0.43 -15.48
N ALA K 307 -37.37 -0.69 -16.44
CA ALA K 307 -35.97 -0.93 -16.11
C ALA K 307 -35.34 0.28 -15.45
N ASN K 308 -35.74 1.48 -15.87
CA ASN K 308 -35.36 2.67 -15.14
C ASN K 308 -35.84 2.58 -13.69
N ALA K 309 -37.03 2.01 -13.49
CA ALA K 309 -37.57 1.86 -12.15
C ALA K 309 -37.06 0.60 -11.46
N ILE K 310 -36.61 -0.39 -12.22
CA ILE K 310 -35.90 -1.50 -11.60
C ILE K 310 -34.67 -0.97 -10.90
N ILE K 311 -33.98 -0.04 -11.53
CA ILE K 311 -32.84 0.60 -10.92
C ILE K 311 -33.29 1.72 -10.00
N GLY K 312 -34.36 2.39 -10.40
CA GLY K 312 -35.00 3.34 -9.50
C GLY K 312 -34.18 4.59 -9.33
N HIS K 313 -34.03 5.00 -8.07
CA HIS K 313 -33.47 6.29 -7.75
C HIS K 313 -33.17 6.32 -6.27
N TYR K 314 -32.41 7.33 -5.86
CA TYR K 314 -32.04 7.51 -4.47
C TYR K 314 -31.40 8.88 -4.33
N ASP K 315 -31.77 9.61 -3.28
CA ASP K 315 -31.08 10.86 -2.99
C ASP K 315 -31.11 11.14 -1.50
N CYS K 316 -30.09 10.63 -0.80
CA CYS K 316 -29.59 11.14 0.48
C CYS K 316 -30.63 11.40 1.55
N THR K 317 -31.85 10.87 1.41
CA THR K 317 -32.94 11.16 2.34
C THR K 317 -33.76 9.95 2.72
N TYR K 318 -33.69 8.86 1.97
CA TYR K 318 -34.62 7.76 2.16
C TYR K 318 -34.11 6.84 3.26
N GLY K 319 -34.86 6.73 4.35
CA GLY K 319 -34.45 5.97 5.50
C GLY K 319 -34.34 4.48 5.26
N GLY K 320 -34.81 3.99 4.11
CA GLY K 320 -34.61 2.58 3.78
C GLY K 320 -33.15 2.21 3.81
N GLY K 321 -32.32 3.00 3.12
CA GLY K 321 -30.88 2.83 3.20
C GLY K 321 -30.45 1.44 2.76
N ALA K 322 -29.88 0.70 3.71
CA ALA K 322 -29.43 -0.65 3.44
C ALA K 322 -30.59 -1.57 3.06
N HIS K 323 -31.76 -1.33 3.63
CA HIS K 323 -32.90 -2.20 3.43
C HIS K 323 -33.54 -2.07 2.07
N LEU K 324 -33.07 -1.18 1.22
CA LEU K 324 -33.77 -0.91 -0.02
C LEU K 324 -33.67 -2.10 -0.97
N SER K 325 -34.40 -1.98 -2.08
CA SER K 325 -34.55 -3.06 -3.04
C SER K 325 -33.60 -2.93 -4.22
N SER K 326 -33.49 -1.74 -4.79
CA SER K 326 -32.53 -1.50 -5.85
C SER K 326 -31.12 -1.78 -5.32
N PRO K 327 -30.41 -2.79 -5.83
CA PRO K 327 -29.07 -3.05 -5.29
C PRO K 327 -28.13 -1.88 -5.44
N LEU K 328 -28.31 -1.08 -6.51
CA LEU K 328 -27.55 0.15 -6.64
C LEU K 328 -27.79 1.05 -5.45
N ALA K 329 -29.05 1.26 -5.10
CA ALA K 329 -29.39 2.21 -4.06
C ALA K 329 -28.84 1.77 -2.71
N SER K 330 -28.89 0.46 -2.44
CA SER K 330 -28.44 -0.04 -1.15
C SER K 330 -26.96 0.22 -0.96
N ILE K 331 -26.17 -0.01 -2.00
CA ILE K 331 -24.73 0.21 -1.90
C ILE K 331 -24.45 1.70 -1.74
N ALA K 332 -25.18 2.53 -2.46
CA ALA K 332 -25.00 3.97 -2.34
C ALA K 332 -25.35 4.46 -0.94
N ALA K 333 -26.26 3.77 -0.27
CA ALA K 333 -26.57 4.09 1.12
C ALA K 333 -25.59 3.44 2.07
N THR K 334 -25.09 2.27 1.70
CA THR K 334 -24.14 1.55 2.52
C THR K 334 -22.87 2.37 2.71
N ASN K 335 -22.15 2.62 1.63
CA ASN K 335 -20.85 3.28 1.67
C ASN K 335 -20.93 4.78 1.42
N LYS K 336 -22.13 5.32 1.18
CA LYS K 336 -22.31 6.76 0.97
C LYS K 336 -21.46 7.25 -0.19
N LEU K 337 -21.49 6.47 -1.28
CA LEU K 337 -20.74 6.82 -2.46
C LEU K 337 -21.23 8.12 -3.08
N CYS K 338 -22.50 8.13 -3.49
CA CYS K 338 -23.10 9.28 -4.14
C CYS K 338 -24.00 10.02 -3.16
N GLN K 339 -24.69 11.04 -3.67
CA GLN K 339 -25.65 11.81 -2.90
C GLN K 339 -27.01 11.78 -3.57
N SER K 340 -27.03 11.61 -4.89
CA SER K 340 -28.30 11.55 -5.59
C SER K 340 -28.08 11.05 -7.00
N PHE K 341 -29.04 10.28 -7.50
CA PHE K 341 -29.09 9.96 -8.91
C PHE K 341 -30.52 9.73 -9.33
N GLN K 342 -30.73 9.86 -10.64
CA GLN K 342 -32.03 9.69 -11.25
C GLN K 342 -31.86 9.04 -12.60
N THR K 343 -32.93 8.43 -13.08
CA THR K 343 -33.01 7.90 -14.42
C THR K 343 -34.08 8.65 -15.19
N PHE K 344 -34.27 8.26 -16.43
CA PHE K 344 -35.22 8.94 -17.29
C PHE K 344 -35.49 8.08 -18.51
N ASN K 345 -36.45 8.53 -19.32
CA ASN K 345 -36.65 7.96 -20.65
C ASN K 345 -37.30 9.05 -21.49
N ILE K 346 -36.50 9.75 -22.24
CA ILE K 346 -37.02 10.78 -23.13
C ILE K 346 -37.54 10.11 -24.39
N CYS K 347 -38.59 10.70 -24.96
CA CYS K 347 -39.17 10.25 -26.21
C CYS K 347 -39.16 11.41 -27.18
N TYR K 348 -38.48 11.25 -28.30
CA TYR K 348 -38.60 12.13 -29.46
C TYR K 348 -39.10 11.31 -30.63
N ALA K 349 -39.22 11.94 -31.80
CA ALA K 349 -40.01 11.38 -32.89
C ALA K 349 -39.53 9.99 -33.31
N ASP K 350 -38.32 9.92 -33.84
CA ASP K 350 -37.71 8.66 -34.25
C ASP K 350 -36.70 8.14 -33.24
N THR K 351 -36.53 8.83 -32.12
CA THR K 351 -35.51 8.46 -31.15
C THR K 351 -35.89 9.03 -29.80
N GLY K 352 -35.04 8.75 -28.82
CA GLY K 352 -35.20 9.34 -27.52
C GLY K 352 -33.85 9.36 -26.84
N LEU K 353 -33.86 9.38 -25.51
CA LEU K 353 -32.64 9.15 -24.75
C LEU K 353 -32.95 8.32 -23.54
N LEU K 354 -32.22 7.23 -23.38
CA LEU K 354 -32.26 6.41 -22.19
C LEU K 354 -30.92 6.54 -21.48
N GLY K 355 -30.98 6.75 -20.18
CA GLY K 355 -29.75 6.87 -19.43
C GLY K 355 -29.98 7.16 -17.97
N ALA K 356 -29.12 7.98 -17.40
CA ALA K 356 -29.26 8.34 -16.00
C ALA K 356 -28.42 9.55 -15.69
N HIS K 357 -28.70 10.14 -14.55
CA HIS K 357 -28.00 11.29 -14.02
C HIS K 357 -27.62 10.96 -12.60
N PHE K 358 -26.36 11.15 -12.25
CA PHE K 358 -25.92 10.85 -10.90
C PHE K 358 -24.92 11.87 -10.44
N VAL K 359 -24.79 11.96 -9.13
CA VAL K 359 -24.20 13.09 -8.45
C VAL K 359 -23.40 12.57 -7.26
N CYS K 360 -22.09 12.74 -7.30
CA CYS K 360 -21.24 12.17 -6.26
C CYS K 360 -19.97 13.00 -6.16
N ASP K 361 -19.09 12.58 -5.26
CA ASP K 361 -17.83 13.25 -5.00
C ASP K 361 -16.73 12.65 -5.87
N HIS K 362 -15.66 13.42 -6.03
CA HIS K 362 -14.62 13.08 -6.99
C HIS K 362 -13.84 11.82 -6.64
N MET K 363 -14.03 11.26 -5.45
CA MET K 363 -13.36 10.03 -5.05
C MET K 363 -14.29 8.83 -5.08
N SER K 364 -15.37 8.90 -5.85
CA SER K 364 -16.35 7.83 -5.89
C SER K 364 -16.94 7.57 -7.27
N ILE K 365 -16.49 8.27 -8.30
CA ILE K 365 -17.18 8.24 -9.58
C ILE K 365 -17.05 6.87 -10.23
N ASP K 366 -15.82 6.33 -10.23
CA ASP K 366 -15.54 5.12 -10.98
C ASP K 366 -16.38 3.95 -10.49
N ASP K 367 -16.53 3.85 -9.17
CA ASP K 367 -17.19 2.69 -8.60
C ASP K 367 -18.68 2.70 -8.91
N MET K 368 -19.31 3.87 -8.86
CA MET K 368 -20.73 3.96 -9.18
C MET K 368 -21.00 3.48 -10.59
N MET K 369 -20.17 3.93 -11.54
CA MET K 369 -20.34 3.49 -12.92
C MET K 369 -20.12 2.00 -13.04
N PHE K 370 -19.11 1.48 -12.35
CA PHE K 370 -18.84 0.04 -12.38
C PHE K 370 -20.03 -0.73 -11.85
N VAL K 371 -20.67 -0.20 -10.81
CA VAL K 371 -21.87 -0.83 -10.29
C VAL K 371 -23.04 -0.56 -11.23
N LEU K 372 -23.10 0.65 -11.79
CA LEU K 372 -24.22 1.02 -12.62
C LEU K 372 -24.30 0.15 -13.86
N GLN K 373 -23.22 0.10 -14.61
CA GLN K 373 -23.10 -0.87 -15.69
C GLN K 373 -23.32 -2.28 -15.18
N GLY K 374 -22.90 -2.55 -13.94
CA GLY K 374 -23.12 -3.85 -13.34
C GLY K 374 -24.58 -4.22 -13.21
N GLN K 375 -25.48 -3.23 -13.26
CA GLN K 375 -26.91 -3.50 -13.23
C GLN K 375 -27.48 -3.68 -14.64
N TRP K 376 -27.01 -2.89 -15.59
CA TRP K 376 -27.54 -2.99 -16.94
C TRP K 376 -27.25 -4.34 -17.55
N MET K 377 -26.00 -4.78 -17.45
CA MET K 377 -25.63 -6.09 -17.97
C MET K 377 -26.39 -7.19 -17.25
N ARG K 378 -26.70 -6.97 -15.97
CA ARG K 378 -27.46 -7.96 -15.23
C ARG K 378 -28.83 -8.16 -15.86
N LEU K 379 -29.46 -7.06 -16.28
CA LEU K 379 -30.79 -7.15 -16.85
C LEU K 379 -30.76 -7.58 -18.30
N CYS K 380 -29.68 -7.29 -19.01
CA CYS K 380 -29.51 -7.82 -20.34
C CYS K 380 -29.52 -9.34 -20.35
N THR K 381 -29.04 -9.95 -19.27
CA THR K 381 -28.79 -11.38 -19.21
C THR K 381 -29.61 -12.09 -18.16
N SER K 382 -29.60 -11.59 -16.92
CA SER K 382 -30.15 -12.29 -15.77
C SER K 382 -31.14 -11.38 -15.06
N ALA K 383 -32.41 -11.51 -15.43
CA ALA K 383 -33.48 -10.68 -14.90
C ALA K 383 -34.48 -11.57 -14.20
N THR K 384 -34.56 -11.45 -12.87
CA THR K 384 -35.44 -12.29 -12.08
C THR K 384 -36.89 -11.85 -12.25
N GLU K 385 -37.77 -12.83 -12.44
CA GLU K 385 -39.18 -12.54 -12.69
C GLU K 385 -39.79 -11.75 -11.56
N SER K 386 -39.47 -12.09 -10.32
CA SER K 386 -40.04 -11.39 -9.18
C SER K 386 -39.63 -9.93 -9.17
N GLU K 387 -38.39 -9.65 -9.59
CA GLU K 387 -37.92 -8.28 -9.67
C GLU K 387 -38.61 -7.51 -10.78
N VAL K 388 -39.10 -8.20 -11.80
CA VAL K 388 -39.88 -7.53 -12.82
C VAL K 388 -41.21 -7.09 -12.25
N LEU K 389 -41.84 -7.95 -11.43
CA LEU K 389 -43.12 -7.60 -10.84
C LEU K 389 -42.99 -6.41 -9.92
N ARG K 390 -41.81 -6.21 -9.35
CA ARG K 390 -41.54 -4.98 -8.61
C ARG K 390 -41.81 -3.77 -9.49
N GLY K 391 -41.13 -3.71 -10.62
CA GLY K 391 -41.21 -2.53 -11.46
C GLY K 391 -42.54 -2.41 -12.17
N LYS K 392 -43.14 -3.54 -12.55
CA LYS K 392 -44.47 -3.49 -13.15
C LYS K 392 -45.46 -2.84 -12.20
N ASN K 393 -45.30 -3.09 -10.91
CA ASN K 393 -46.15 -2.50 -9.91
C ASN K 393 -45.63 -1.15 -9.44
N LEU K 394 -44.41 -0.76 -9.82
CA LEU K 394 -44.00 0.64 -9.68
C LEU K 394 -44.66 1.51 -10.72
N LEU K 395 -44.66 1.04 -11.96
CA LEU K 395 -45.05 1.89 -13.06
C LEU K 395 -46.54 2.17 -13.04
N ARG K 396 -47.34 1.23 -12.55
CA ARG K 396 -48.77 1.48 -12.40
C ARG K 396 -49.02 2.68 -11.50
N ASN K 397 -48.47 2.62 -10.28
CA ASN K 397 -48.59 3.75 -9.37
C ASN K 397 -47.90 5.00 -9.87
N ALA K 398 -47.03 4.89 -10.86
CA ALA K 398 -46.41 6.08 -11.43
C ALA K 398 -47.40 6.86 -12.28
N LEU K 399 -47.92 6.22 -13.32
CA LEU K 399 -48.79 6.93 -14.26
C LEU K 399 -50.08 7.36 -13.59
N VAL K 400 -50.58 6.55 -12.65
CA VAL K 400 -51.80 6.91 -11.95
C VAL K 400 -51.54 8.10 -11.04
N SER K 401 -50.57 7.97 -10.14
CA SER K 401 -50.25 9.06 -9.23
C SER K 401 -49.78 10.30 -9.98
N HIS K 402 -49.12 10.09 -11.14
CA HIS K 402 -48.86 11.19 -12.05
C HIS K 402 -50.16 11.89 -12.44
N LEU K 403 -51.23 11.11 -12.58
CA LEU K 403 -52.54 11.63 -12.96
C LEU K 403 -53.39 11.83 -11.70
N ASP K 404 -53.09 12.91 -10.99
CA ASP K 404 -53.80 13.31 -9.79
C ASP K 404 -54.21 14.77 -9.96
N GLY K 405 -55.37 14.98 -10.58
CA GLY K 405 -55.88 16.31 -10.85
C GLY K 405 -56.40 16.43 -12.26
N THR K 406 -56.19 17.60 -12.87
CA THR K 406 -56.57 17.88 -14.25
C THR K 406 -55.39 18.30 -15.09
N THR K 407 -54.53 19.15 -14.56
CA THR K 407 -53.36 19.61 -15.31
C THR K 407 -52.48 18.47 -15.77
N PRO K 408 -52.14 17.47 -14.95
CA PRO K 408 -51.38 16.33 -15.49
C PRO K 408 -52.12 15.60 -16.57
N VAL K 409 -53.44 15.54 -16.50
CA VAL K 409 -54.21 14.83 -17.51
C VAL K 409 -54.02 15.48 -18.86
N CYS K 410 -54.01 16.80 -18.89
CA CYS K 410 -53.91 17.51 -20.15
C CYS K 410 -52.47 17.64 -20.63
N GLU K 411 -51.50 17.43 -19.74
CA GLU K 411 -50.13 17.22 -20.20
C GLU K 411 -50.06 16.01 -21.11
N ASP K 412 -50.63 14.90 -20.65
CA ASP K 412 -50.61 13.67 -21.43
C ASP K 412 -51.38 13.84 -22.73
N ILE K 413 -52.58 14.44 -22.64
CA ILE K 413 -53.43 14.58 -23.82
C ILE K 413 -52.76 15.45 -24.86
N GLY K 414 -52.38 16.67 -24.47
CA GLY K 414 -51.72 17.57 -25.39
C GLY K 414 -50.39 17.06 -25.90
N ARG K 415 -49.82 16.06 -25.25
CA ARG K 415 -48.58 15.44 -25.68
C ARG K 415 -48.84 14.21 -26.54
N SER K 416 -49.73 13.32 -26.09
CA SER K 416 -50.04 12.12 -26.85
C SER K 416 -50.66 12.47 -28.19
N LEU K 417 -51.42 13.56 -28.25
CA LEU K 417 -52.07 13.96 -29.48
C LEU K 417 -51.15 14.70 -30.43
N LEU K 418 -49.84 14.66 -30.18
CA LEU K 418 -48.85 15.05 -31.16
C LEU K 418 -47.83 13.96 -31.41
N THR K 419 -47.81 12.91 -30.59
CA THR K 419 -46.79 11.88 -30.65
C THR K 419 -47.37 10.52 -31.02
N TYR K 420 -48.29 10.03 -30.21
CA TYR K 420 -48.89 8.72 -30.41
C TYR K 420 -50.07 8.76 -31.37
N GLY K 421 -50.52 9.94 -31.77
CA GLY K 421 -51.75 10.04 -32.52
C GLY K 421 -52.91 10.12 -31.54
N ARG K 422 -53.51 8.98 -31.25
CA ARG K 422 -54.61 8.92 -30.31
C ARG K 422 -54.11 9.16 -28.88
N ARG K 423 -55.08 9.26 -27.97
CA ARG K 423 -54.80 9.00 -26.57
C ARG K 423 -54.87 7.51 -26.32
N ILE K 424 -54.09 7.05 -25.34
CA ILE K 424 -54.09 5.66 -24.91
C ILE K 424 -54.81 5.60 -23.56
N PRO K 425 -55.91 4.88 -23.43
CA PRO K 425 -56.51 4.71 -22.11
C PRO K 425 -55.65 3.89 -21.18
N LEU K 426 -55.91 4.04 -19.89
CA LEU K 426 -55.10 3.40 -18.87
C LEU K 426 -55.32 1.90 -18.84
N ALA K 427 -56.51 1.45 -19.22
CA ALA K 427 -56.70 0.01 -19.38
C ALA K 427 -55.82 -0.55 -20.49
N GLU K 428 -55.45 0.28 -21.46
CA GLU K 428 -54.58 -0.19 -22.53
C GLU K 428 -53.11 -0.17 -22.09
N TRP K 429 -52.72 0.82 -21.29
CA TRP K 429 -51.37 0.82 -20.74
C TRP K 429 -51.12 -0.42 -19.91
N GLU K 430 -52.17 -0.89 -19.22
CA GLU K 430 -52.02 -2.06 -18.37
C GLU K 430 -51.84 -3.32 -19.19
N SER K 431 -52.67 -3.49 -20.23
CA SER K 431 -52.63 -4.71 -21.02
C SER K 431 -51.29 -4.89 -21.70
N ARG K 432 -50.68 -3.79 -22.14
CA ARG K 432 -49.34 -3.86 -22.70
C ARG K 432 -48.34 -4.35 -21.66
N ILE K 433 -48.46 -3.85 -20.44
CA ILE K 433 -47.52 -4.23 -19.39
C ILE K 433 -47.70 -5.69 -19.02
N ALA K 434 -48.93 -6.15 -18.97
CA ALA K 434 -49.20 -7.51 -18.55
C ALA K 434 -48.63 -8.54 -19.52
N GLU K 435 -48.38 -8.14 -20.78
CA GLU K 435 -47.68 -9.03 -21.70
C GLU K 435 -46.21 -9.18 -21.33
N VAL K 436 -45.67 -8.29 -20.52
CA VAL K 436 -44.24 -8.24 -20.30
C VAL K 436 -43.80 -9.39 -19.42
N ASP K 437 -42.60 -9.90 -19.68
CA ASP K 437 -41.91 -10.78 -18.78
C ASP K 437 -40.41 -10.65 -19.03
N ALA K 438 -39.63 -11.42 -18.29
CA ALA K 438 -38.18 -11.29 -18.35
C ALA K 438 -37.63 -11.66 -19.71
N ARG K 439 -38.35 -12.46 -20.48
CA ARG K 439 -37.94 -12.77 -21.84
C ARG K 439 -37.87 -11.50 -22.68
N VAL K 440 -38.82 -10.59 -22.46
CA VAL K 440 -38.83 -9.36 -23.24
C VAL K 440 -37.64 -8.50 -22.88
N VAL K 441 -37.37 -8.38 -21.58
CA VAL K 441 -36.37 -7.42 -21.10
C VAL K 441 -35.00 -7.81 -21.62
N ARG K 442 -34.67 -9.10 -21.54
CA ARG K 442 -33.40 -9.58 -22.04
C ARG K 442 -33.22 -9.33 -23.52
N GLU K 443 -34.32 -9.17 -24.27
CA GLU K 443 -34.21 -8.79 -25.67
C GLU K 443 -34.03 -7.28 -25.82
N VAL K 444 -34.73 -6.51 -25.00
CA VAL K 444 -34.72 -5.07 -25.16
C VAL K 444 -33.39 -4.49 -24.69
N CYS K 445 -33.01 -4.82 -23.46
CA CYS K 445 -31.75 -4.30 -22.93
C CYS K 445 -30.58 -4.73 -23.79
N SER K 446 -30.64 -5.93 -24.34
CA SER K 446 -29.60 -6.37 -25.26
C SER K 446 -29.60 -5.52 -26.52
N LYS K 447 -30.71 -4.88 -26.84
CA LYS K 447 -30.83 -4.14 -28.07
C LYS K 447 -30.34 -2.70 -27.93
N TYR K 448 -30.47 -2.11 -26.73
CA TYR K 448 -30.24 -0.69 -26.54
C TYR K 448 -29.18 -0.35 -25.50
N PHE K 449 -28.91 -1.22 -24.54
CA PHE K 449 -27.75 -1.02 -23.67
C PHE K 449 -26.50 -1.66 -24.27
N TYR K 450 -26.60 -2.94 -24.60
CA TYR K 450 -25.44 -3.80 -24.77
C TYR K 450 -24.58 -3.35 -25.93
N ASP K 451 -23.34 -2.97 -25.61
CA ASP K 451 -22.27 -2.75 -26.57
C ASP K 451 -22.51 -1.53 -27.44
N GLN K 452 -23.52 -0.72 -27.12
CA GLN K 452 -23.84 0.42 -27.96
C GLN K 452 -22.78 1.50 -27.77
N CYS K 453 -23.01 2.66 -28.39
CA CYS K 453 -22.09 3.77 -28.38
C CYS K 453 -22.67 4.88 -27.52
N PRO K 454 -22.51 4.81 -26.20
CA PRO K 454 -23.21 5.75 -25.32
C PRO K 454 -22.71 7.17 -25.46
N ALA K 455 -23.41 8.05 -24.74
CA ALA K 455 -23.11 9.46 -24.70
C ALA K 455 -22.93 9.86 -23.23
N VAL K 456 -21.89 10.63 -22.97
CA VAL K 456 -21.43 10.92 -21.62
C VAL K 456 -21.41 12.43 -21.47
N ALA K 457 -21.44 12.88 -20.22
CA ALA K 457 -21.25 14.28 -19.89
C ALA K 457 -20.72 14.40 -18.48
N GLY K 458 -20.20 15.59 -18.16
CA GLY K 458 -19.64 15.84 -16.85
C GLY K 458 -19.27 17.28 -16.62
N PHE K 459 -19.64 17.79 -15.44
CA PHE K 459 -19.39 19.18 -15.06
C PHE K 459 -19.01 19.19 -13.59
N GLY K 460 -17.71 19.16 -13.31
CA GLY K 460 -17.24 19.17 -11.95
C GLY K 460 -15.89 18.52 -11.81
N PRO K 461 -15.51 18.20 -10.57
CA PRO K 461 -14.24 17.50 -10.36
C PRO K 461 -14.34 16.06 -10.83
N ILE K 462 -14.12 15.90 -12.13
CA ILE K 462 -14.27 14.63 -12.82
C ILE K 462 -12.92 13.96 -12.98
N GLU K 463 -11.99 14.30 -12.08
CA GLU K 463 -10.62 13.81 -12.15
C GLU K 463 -10.57 12.29 -12.20
N GLN K 464 -11.51 11.63 -11.53
CA GLN K 464 -11.61 10.18 -11.53
C GLN K 464 -12.37 9.65 -12.73
N LEU K 465 -12.99 10.51 -13.52
CA LEU K 465 -13.91 10.06 -14.55
C LEU K 465 -13.17 9.27 -15.61
N PRO K 466 -13.44 7.98 -15.80
CA PRO K 466 -12.67 7.21 -16.76
C PRO K 466 -12.98 7.63 -18.19
N ASP K 467 -12.24 7.01 -19.10
CA ASP K 467 -12.36 7.30 -20.52
C ASP K 467 -13.51 6.53 -21.14
N TYR K 468 -14.06 7.11 -22.21
CA TYR K 468 -15.16 6.51 -22.94
C TYR K 468 -14.85 5.09 -23.38
N ASN K 469 -13.59 4.82 -23.71
CA ASN K 469 -13.22 3.47 -24.12
C ASN K 469 -13.38 2.48 -22.97
N ARG K 470 -12.81 2.80 -21.82
CA ARG K 470 -12.97 1.94 -20.65
C ARG K 470 -14.43 1.80 -20.29
N ILE K 471 -15.20 2.86 -20.47
CA ILE K 471 -16.62 2.81 -20.12
C ILE K 471 -17.34 1.84 -21.05
N ARG K 472 -17.01 1.89 -22.33
CA ARG K 472 -17.62 0.96 -23.26
C ARG K 472 -17.11 -0.45 -23.01
N SER K 473 -15.84 -0.61 -22.67
CA SER K 473 -15.35 -1.94 -22.36
C SER K 473 -15.99 -2.48 -21.10
N GLY K 474 -16.44 -1.61 -20.21
CA GLY K 474 -17.26 -2.02 -19.10
C GLY K 474 -18.71 -2.23 -19.44
N MET K 475 -19.09 -2.01 -20.70
CA MET K 475 -20.50 -2.07 -21.06
C MET K 475 -20.96 -3.51 -21.29
N PHE K 476 -20.10 -4.35 -21.85
CA PHE K 476 -20.47 -5.73 -22.13
C PHE K 476 -19.82 -6.66 -21.11
N TRP K 477 -20.67 -7.32 -20.33
CA TRP K 477 -20.27 -8.40 -19.44
C TRP K 477 -19.40 -9.40 -20.19
N LEU K 478 -18.30 -9.78 -19.56
CA LEU K 478 -17.30 -10.66 -20.16
C LEU K 478 -16.74 -10.04 -21.43
N LEU L 38 -68.90 11.39 1.14
CA LEU L 38 -67.83 11.20 2.10
C LEU L 38 -68.39 10.75 3.44
N GLU L 39 -68.16 9.49 3.78
CA GLU L 39 -68.44 9.03 5.13
C GLU L 39 -67.62 9.85 6.13
N PHE L 40 -68.14 9.93 7.35
CA PHE L 40 -67.44 10.64 8.42
C PHE L 40 -68.08 10.21 9.73
N THR L 41 -67.28 9.61 10.62
CA THR L 41 -67.80 8.97 11.81
C THR L 41 -66.92 9.36 12.98
N ARG L 42 -67.12 8.66 14.10
CA ARG L 42 -66.34 8.87 15.30
C ARG L 42 -66.63 7.71 16.25
N LEU L 43 -65.58 7.20 16.85
CA LEU L 43 -65.73 6.14 17.83
C LEU L 43 -65.84 6.73 19.22
N PRO L 44 -66.27 5.95 20.21
CA PRO L 44 -66.30 6.47 21.58
C PRO L 44 -64.95 6.84 22.12
N ASN L 45 -63.88 6.26 21.57
CA ASN L 45 -62.53 6.54 22.01
C ASN L 45 -61.98 7.85 21.44
N GLY L 46 -62.80 8.66 20.78
CA GLY L 46 -62.32 9.89 20.20
C GLY L 46 -61.56 9.71 18.92
N LEU L 47 -61.71 8.58 18.26
CA LEU L 47 -60.93 8.22 17.07
C LEU L 47 -61.81 8.39 15.85
N VAL L 48 -61.47 9.35 15.01
CA VAL L 48 -62.27 9.66 13.84
C VAL L 48 -61.93 8.71 12.71
N ILE L 49 -62.92 8.44 11.86
CA ILE L 49 -62.72 7.73 10.60
C ILE L 49 -63.52 8.45 9.53
N ALA L 50 -62.97 8.48 8.32
CA ALA L 50 -63.70 8.87 7.13
C ALA L 50 -63.27 7.97 5.99
N SER L 51 -63.95 8.13 4.86
CA SER L 51 -63.69 7.27 3.72
C SER L 51 -64.48 7.80 2.53
N LEU L 52 -63.90 7.66 1.34
CA LEU L 52 -64.54 8.15 0.13
C LEU L 52 -64.22 7.17 -1.00
N GLU L 53 -65.11 6.22 -1.21
CA GLU L 53 -64.97 5.23 -2.27
C GLU L 53 -65.32 5.88 -3.60
N ASN L 54 -64.33 6.57 -4.16
CA ASN L 54 -64.47 7.20 -5.47
C ASN L 54 -64.40 6.21 -6.63
N TYR L 55 -64.24 4.91 -6.37
CA TYR L 55 -64.00 3.92 -7.42
C TYR L 55 -62.77 4.26 -8.24
N ALA L 56 -61.77 4.89 -7.61
CA ALA L 56 -60.54 5.21 -8.30
C ALA L 56 -59.57 4.04 -8.22
N PRO L 57 -58.54 4.00 -9.07
CA PRO L 57 -57.54 2.93 -8.95
C PRO L 57 -56.63 3.09 -7.75
N ALA L 58 -56.13 4.31 -7.52
CA ALA L 58 -55.08 4.54 -6.54
C ALA L 58 -55.70 4.67 -5.18
N SER L 59 -55.64 3.61 -4.39
CA SER L 59 -55.97 3.74 -3.00
C SER L 59 -54.97 4.67 -2.32
N ARG L 60 -55.39 5.26 -1.21
CA ARG L 60 -54.59 6.26 -0.54
C ARG L 60 -55.11 6.41 0.88
N ILE L 61 -54.18 6.41 1.82
CA ILE L 61 -54.51 6.52 3.24
C ILE L 61 -53.61 7.57 3.85
N GLY L 62 -54.18 8.33 4.77
CA GLY L 62 -53.42 9.29 5.54
C GLY L 62 -53.92 9.30 6.96
N LEU L 63 -53.00 9.25 7.91
CA LEU L 63 -53.31 9.19 9.33
C LEU L 63 -52.85 10.48 9.97
N PHE L 64 -53.71 11.49 9.91
CA PHE L 64 -53.39 12.78 10.52
C PHE L 64 -53.47 12.67 12.03
N ILE L 65 -52.46 13.23 12.69
CA ILE L 65 -52.27 13.09 14.12
C ILE L 65 -51.81 14.45 14.65
N LYS L 66 -52.10 14.71 15.91
CA LYS L 66 -51.56 15.88 16.62
C LYS L 66 -50.25 15.46 17.28
N ALA L 67 -49.15 15.59 16.54
CA ALA L 67 -47.83 15.28 17.10
C ALA L 67 -46.75 16.24 16.63
N GLY L 68 -47.13 17.41 16.14
CA GLY L 68 -46.15 18.42 15.78
C GLY L 68 -45.31 18.83 16.98
N SER L 69 -44.22 19.54 16.67
CA SER L 69 -43.23 19.82 17.69
C SER L 69 -43.69 20.85 18.71
N ARG L 70 -44.91 21.37 18.60
CA ARG L 70 -45.45 22.19 19.67
C ARG L 70 -45.55 21.40 20.96
N TYR L 71 -45.84 20.11 20.86
CA TYR L 71 -45.94 19.25 22.02
C TYR L 71 -44.59 18.91 22.63
N GLU L 72 -43.49 19.29 21.98
CA GLU L 72 -42.17 19.09 22.56
C GLU L 72 -41.91 20.12 23.65
N ASN L 73 -41.25 19.69 24.71
CA ASN L 73 -40.75 20.61 25.73
C ASN L 73 -39.32 20.99 25.38
N SER L 74 -38.62 21.63 26.33
CA SER L 74 -37.27 22.06 26.06
C SER L 74 -36.30 20.90 25.89
N ASN L 75 -36.53 19.81 26.61
CA ASN L 75 -35.54 18.74 26.68
C ASN L 75 -35.65 17.76 25.53
N ASN L 76 -36.81 17.70 24.86
CA ASN L 76 -37.05 16.73 23.80
C ASN L 76 -37.06 17.37 22.42
N LEU L 77 -36.29 18.42 22.23
CA LEU L 77 -36.35 19.15 20.97
C LEU L 77 -35.57 18.41 19.89
N GLY L 78 -35.91 18.73 18.65
CA GLY L 78 -35.36 17.98 17.53
C GLY L 78 -35.78 16.53 17.52
N THR L 79 -36.91 16.21 18.16
CA THR L 79 -37.36 14.83 18.25
C THR L 79 -38.21 14.45 17.06
N SER L 80 -39.21 15.26 16.74
CA SER L 80 -40.09 14.94 15.62
C SER L 80 -39.32 14.88 14.32
N HIS L 81 -38.25 15.66 14.19
CA HIS L 81 -37.34 15.57 13.05
C HIS L 81 -36.77 14.16 12.95
N LEU L 82 -36.56 13.51 14.07
CA LEU L 82 -36.11 12.13 14.07
C LEU L 82 -37.27 11.18 13.85
N LEU L 83 -38.36 11.40 14.59
CA LEU L 83 -39.53 10.56 14.46
C LEU L 83 -40.09 10.60 13.06
N ARG L 84 -39.97 11.75 12.40
CA ARG L 84 -40.41 11.86 11.03
C ARG L 84 -39.61 10.96 10.11
N LEU L 85 -38.39 10.59 10.50
CA LEU L 85 -37.59 9.62 9.80
C LEU L 85 -37.56 8.27 10.48
N ALA L 86 -38.09 8.17 11.70
CA ALA L 86 -38.13 6.89 12.40
C ALA L 86 -39.03 5.88 11.73
N SER L 87 -39.82 6.29 10.75
CA SER L 87 -40.49 5.35 9.88
C SER L 87 -39.47 4.44 9.23
N SER L 88 -39.90 3.26 8.80
CA SER L 88 -39.03 2.27 8.18
C SER L 88 -38.01 1.71 9.15
N LEU L 89 -38.42 1.50 10.40
CA LEU L 89 -37.58 0.88 11.42
C LEU L 89 -38.28 -0.35 11.97
N THR L 90 -37.65 -0.97 12.96
CA THR L 90 -38.17 -2.20 13.53
C THR L 90 -39.55 -1.99 14.14
N THR L 91 -40.37 -3.03 14.03
CA THR L 91 -41.64 -3.11 14.72
C THR L 91 -41.69 -4.44 15.45
N LYS L 92 -42.85 -4.77 16.02
CA LYS L 92 -43.08 -6.10 16.56
C LYS L 92 -43.66 -7.03 15.49
N GLY L 93 -44.70 -6.57 14.81
CA GLY L 93 -45.32 -7.35 13.77
C GLY L 93 -44.49 -7.48 12.51
N ALA L 94 -43.38 -6.76 12.41
CA ALA L 94 -42.56 -6.82 11.22
C ALA L 94 -41.20 -6.20 11.51
N SER L 95 -40.29 -6.41 10.58
CA SER L 95 -38.95 -5.85 10.63
C SER L 95 -38.86 -4.62 9.75
N SER L 96 -37.76 -3.88 9.92
CA SER L 96 -37.50 -2.75 9.06
C SER L 96 -37.31 -3.20 7.61
N PHE L 97 -36.61 -4.32 7.42
CA PHE L 97 -36.31 -4.78 6.08
C PHE L 97 -37.57 -5.13 5.31
N LYS L 98 -38.41 -5.98 5.91
CA LYS L 98 -39.57 -6.52 5.22
C LYS L 98 -40.50 -5.41 4.77
N ILE L 99 -40.62 -4.36 5.57
CA ILE L 99 -41.52 -3.27 5.24
C ILE L 99 -40.97 -2.49 4.05
N THR L 100 -39.65 -2.31 4.03
CA THR L 100 -39.03 -1.60 2.93
C THR L 100 -39.27 -2.31 1.61
N ARG L 101 -39.30 -3.63 1.63
CA ARG L 101 -39.51 -4.41 0.41
C ARG L 101 -40.98 -4.68 0.15
N GLY L 102 -41.75 -4.93 1.21
CA GLY L 102 -43.14 -5.26 1.04
C GLY L 102 -43.94 -4.16 0.37
N ILE L 103 -43.47 -2.92 0.49
CA ILE L 103 -44.13 -1.80 -0.14
C ILE L 103 -43.71 -1.70 -1.60
N GLU L 104 -42.41 -1.77 -1.84
CA GLU L 104 -41.90 -1.61 -3.18
C GLU L 104 -42.25 -2.79 -4.07
N ALA L 105 -42.62 -3.92 -3.49
CA ALA L 105 -43.14 -5.02 -4.31
C ALA L 105 -44.46 -4.62 -4.95
N VAL L 106 -45.42 -4.19 -4.14
CA VAL L 106 -46.65 -3.61 -4.68
C VAL L 106 -46.39 -2.25 -5.28
N GLY L 107 -45.25 -1.63 -4.97
CA GLY L 107 -44.88 -0.39 -5.61
C GLY L 107 -45.51 0.83 -5.00
N GLY L 108 -45.83 0.80 -3.73
CA GLY L 108 -46.47 1.90 -3.06
C GLY L 108 -45.50 2.96 -2.62
N LYS L 109 -45.85 3.62 -1.52
CA LYS L 109 -45.03 4.67 -0.96
C LYS L 109 -45.23 4.68 0.54
N LEU L 110 -44.40 5.47 1.21
CA LEU L 110 -44.64 5.79 2.61
C LEU L 110 -44.06 7.18 2.85
N SER L 111 -44.91 8.18 2.69
CA SER L 111 -44.52 9.57 2.84
C SER L 111 -45.06 10.11 4.15
N VAL L 112 -44.38 11.13 4.65
CA VAL L 112 -44.64 11.66 5.98
C VAL L 112 -44.63 13.17 5.92
N THR L 113 -45.81 13.77 6.00
CA THR L 113 -45.94 15.19 6.22
C THR L 113 -45.96 15.46 7.71
N SER L 114 -45.39 16.59 8.11
CA SER L 114 -45.36 16.94 9.51
C SER L 114 -45.32 18.45 9.64
N THR L 115 -46.19 18.96 10.52
CA THR L 115 -46.33 20.39 10.78
C THR L 115 -46.04 20.65 12.24
N ARG L 116 -46.02 21.94 12.59
CA ARG L 116 -45.86 22.33 13.97
C ARG L 116 -47.02 21.84 14.82
N GLU L 117 -48.18 21.62 14.23
CA GLU L 117 -49.30 20.97 14.89
C GLU L 117 -49.28 19.47 14.73
N ASN L 118 -49.17 19.01 13.50
CA ASN L 118 -49.60 17.67 13.14
C ASN L 118 -48.44 16.83 12.60
N MET L 119 -48.76 15.55 12.34
CA MET L 119 -47.77 14.60 11.85
C MET L 119 -48.54 13.51 11.12
N ALA L 120 -48.43 13.53 9.79
CA ALA L 120 -49.22 12.65 8.94
C ALA L 120 -48.37 11.52 8.41
N TYR L 121 -48.98 10.32 8.33
CA TYR L 121 -48.37 9.16 7.69
C TYR L 121 -49.20 8.85 6.45
N THR L 122 -48.87 9.54 5.38
CA THR L 122 -49.48 9.31 4.08
C THR L 122 -48.86 8.08 3.42
N VAL L 123 -49.67 7.39 2.63
CA VAL L 123 -49.22 6.25 1.84
C VAL L 123 -49.92 6.30 0.49
N GLU L 124 -49.55 5.34 -0.35
CA GLU L 124 -50.17 5.17 -1.66
C GLU L 124 -50.01 3.71 -2.06
N CYS L 125 -50.97 3.24 -2.85
CA CYS L 125 -50.92 1.89 -3.41
C CYS L 125 -52.05 1.75 -4.41
N LEU L 126 -52.10 0.59 -5.03
CA LEU L 126 -53.26 0.18 -5.80
C LEU L 126 -54.24 -0.52 -4.89
N ARG L 127 -55.53 -0.40 -5.21
CA ARG L 127 -56.56 -0.87 -4.30
C ARG L 127 -56.55 -2.39 -4.14
N ASP L 128 -55.84 -3.13 -4.98
CA ASP L 128 -55.86 -4.58 -4.91
C ASP L 128 -55.05 -5.14 -3.75
N ASP L 129 -54.24 -4.31 -3.07
CA ASP L 129 -53.32 -4.80 -2.05
C ASP L 129 -53.32 -3.88 -0.83
N VAL L 130 -54.46 -3.28 -0.54
CA VAL L 130 -54.55 -2.35 0.59
C VAL L 130 -54.37 -3.09 1.90
N ASP L 131 -54.84 -4.34 1.97
CA ASP L 131 -54.83 -5.07 3.23
C ASP L 131 -53.42 -5.28 3.75
N ILE L 132 -52.46 -5.47 2.84
CA ILE L 132 -51.08 -5.66 3.27
C ILE L 132 -50.52 -4.36 3.81
N LEU L 133 -50.64 -3.29 3.02
CA LEU L 133 -50.02 -2.03 3.37
C LEU L 133 -50.63 -1.43 4.64
N MET L 134 -51.90 -1.75 4.89
CA MET L 134 -52.51 -1.37 6.17
C MET L 134 -51.68 -1.89 7.33
N GLU L 135 -51.36 -3.18 7.29
CA GLU L 135 -50.65 -3.80 8.41
C GLU L 135 -49.26 -3.20 8.58
N PHE L 136 -48.61 -2.82 7.48
CA PHE L 136 -47.30 -2.21 7.59
C PHE L 136 -47.38 -0.88 8.32
N LEU L 137 -48.45 -0.11 8.07
CA LEU L 137 -48.57 1.21 8.66
C LEU L 137 -48.65 1.12 10.17
N LEU L 138 -49.67 0.43 10.68
CA LEU L 138 -50.00 0.47 12.09
C LEU L 138 -48.87 -0.06 12.94
N ASN L 139 -48.08 -0.99 12.39
CA ASN L 139 -46.93 -1.50 13.12
C ASN L 139 -45.89 -0.43 13.34
N VAL L 140 -45.86 0.60 12.50
CA VAL L 140 -44.95 1.72 12.73
C VAL L 140 -45.44 2.53 13.92
N THR L 141 -46.74 2.78 13.97
CA THR L 141 -47.29 3.67 14.97
C THR L 141 -47.70 2.94 16.25
N THR L 142 -48.10 1.68 16.13
CA THR L 142 -48.69 0.96 17.25
C THR L 142 -47.69 0.09 17.97
N ALA L 143 -46.81 -0.59 17.24
CA ALA L 143 -45.73 -1.40 17.83
C ALA L 143 -44.38 -1.01 17.24
N PRO L 144 -43.92 0.23 17.46
CA PRO L 144 -42.52 0.54 17.23
C PRO L 144 -41.67 0.24 18.45
N GLU L 145 -40.60 -0.53 18.26
CA GLU L 145 -39.70 -0.83 19.36
C GLU L 145 -38.78 0.35 19.66
N PHE L 146 -38.32 1.04 18.61
CA PHE L 146 -37.29 2.07 18.74
C PHE L 146 -36.08 1.52 19.49
N ARG L 147 -35.45 0.54 18.87
CA ARG L 147 -34.25 -0.04 19.44
C ARG L 147 -33.10 0.96 19.39
N ARG L 148 -31.95 0.52 19.87
CA ARG L 148 -30.83 1.43 20.02
C ARG L 148 -30.08 1.62 18.71
N TRP L 149 -29.63 0.53 18.10
CA TRP L 149 -28.61 0.65 17.06
C TRP L 149 -29.15 1.23 15.78
N GLU L 150 -30.39 0.91 15.43
CA GLU L 150 -30.97 1.48 14.22
C GLU L 150 -31.06 2.98 14.31
N VAL L 151 -31.26 3.50 15.53
CA VAL L 151 -31.35 4.93 15.70
C VAL L 151 -30.01 5.60 15.47
N ALA L 152 -28.94 5.02 16.03
CA ALA L 152 -27.62 5.63 15.96
C ALA L 152 -27.18 5.80 14.52
N ALA L 153 -27.53 4.85 13.66
CA ALA L 153 -27.27 5.02 12.25
C ALA L 153 -28.16 6.11 11.65
N LEU L 154 -29.35 6.29 12.22
CA LEU L 154 -30.31 7.21 11.65
C LEU L 154 -30.17 8.64 12.17
N GLN L 155 -29.51 8.84 13.31
CA GLN L 155 -29.27 10.20 13.80
C GLN L 155 -28.52 11.07 12.79
N PRO L 156 -27.31 10.70 12.34
CA PRO L 156 -26.55 11.62 11.49
C PRO L 156 -27.22 11.96 10.17
N GLN L 157 -28.26 11.21 9.80
CA GLN L 157 -29.11 11.61 8.69
C GLN L 157 -29.69 13.00 8.91
N LEU L 158 -29.90 13.38 10.17
CA LEU L 158 -30.49 14.69 10.46
C LEU L 158 -29.63 15.82 9.93
N ARG L 159 -28.32 15.68 10.01
CA ARG L 159 -27.43 16.71 9.48
C ARG L 159 -27.67 16.90 8.01
N ILE L 160 -27.97 15.81 7.30
CA ILE L 160 -28.26 15.91 5.88
C ILE L 160 -29.59 16.61 5.66
N ASP L 161 -30.65 16.04 6.21
CA ASP L 161 -32.00 16.58 6.00
C ASP L 161 -32.10 18.02 6.46
N LYS L 162 -31.40 18.37 7.54
CA LYS L 162 -31.42 19.73 8.03
C LYS L 162 -30.85 20.69 7.00
N ALA L 163 -29.89 20.23 6.21
CA ALA L 163 -29.19 21.11 5.30
C ALA L 163 -29.82 21.16 3.93
N VAL L 164 -30.59 20.14 3.54
CA VAL L 164 -31.27 20.18 2.26
C VAL L 164 -32.26 21.33 2.24
N ALA L 165 -32.95 21.52 3.35
CA ALA L 165 -33.87 22.64 3.46
C ALA L 165 -33.13 23.96 3.33
N LEU L 166 -32.07 24.13 4.10
CA LEU L 166 -31.39 25.41 4.19
C LEU L 166 -30.56 25.73 2.96
N GLN L 167 -30.48 24.82 1.99
CA GLN L 167 -30.18 25.26 0.64
C GLN L 167 -31.29 26.15 0.13
N ASN L 168 -32.52 25.90 0.57
CA ASN L 168 -33.65 26.77 0.30
C ASN L 168 -33.73 27.70 1.51
N PRO L 169 -33.17 28.91 1.44
CA PRO L 169 -32.83 29.65 2.68
C PRO L 169 -34.04 30.07 3.52
N GLN L 170 -35.26 29.87 3.06
CA GLN L 170 -36.42 30.32 3.80
C GLN L 170 -36.54 29.64 5.15
N ALA L 171 -36.03 28.42 5.27
CA ALA L 171 -36.42 27.51 6.33
C ALA L 171 -35.60 27.67 7.60
N HIS L 172 -34.85 28.75 7.74
CA HIS L 172 -34.37 29.19 9.04
C HIS L 172 -34.74 30.62 9.34
N VAL L 173 -34.99 31.43 8.32
CA VAL L 173 -35.72 32.68 8.52
C VAL L 173 -37.05 32.38 9.18
N ILE L 174 -37.81 31.47 8.57
CA ILE L 174 -39.21 31.29 8.94
C ILE L 174 -39.31 30.65 10.31
N GLU L 175 -38.39 29.75 10.64
CA GLU L 175 -38.40 29.16 11.97
C GLU L 175 -38.16 30.22 13.02
N ASN L 176 -37.32 31.20 12.72
CA ASN L 176 -36.95 32.21 13.70
C ASN L 176 -38.13 33.11 14.06
N LEU L 177 -39.10 33.26 13.16
CA LEU L 177 -40.30 34.03 13.50
C LEU L 177 -41.00 33.42 14.68
N HIS L 178 -41.34 32.14 14.57
CA HIS L 178 -41.94 31.42 15.67
C HIS L 178 -41.07 31.51 16.91
N ALA L 179 -39.77 31.28 16.74
CA ALA L 179 -38.84 31.36 17.85
C ALA L 179 -38.67 32.78 18.35
N ALA L 180 -38.99 33.78 17.54
CA ALA L 180 -38.96 35.17 17.97
C ALA L 180 -40.28 35.59 18.59
N ALA L 181 -41.37 35.35 17.86
CA ALA L 181 -42.68 35.82 18.31
C ALA L 181 -43.17 34.98 19.47
N TYR L 182 -43.39 33.70 19.22
CA TYR L 182 -43.88 32.78 20.22
C TYR L 182 -42.71 32.24 21.02
N ARG L 183 -43.04 31.60 22.14
CA ARG L 183 -42.06 31.26 23.15
C ARG L 183 -41.84 29.75 23.29
N ASN L 184 -42.90 29.02 23.62
CA ASN L 184 -42.77 27.69 24.19
C ASN L 184 -43.04 26.59 23.17
N ALA L 185 -44.23 26.59 22.57
CA ALA L 185 -44.65 25.44 21.77
C ALA L 185 -44.32 25.64 20.30
N LEU L 186 -44.93 26.64 19.67
CA LEU L 186 -44.73 26.81 18.23
C LEU L 186 -43.36 27.35 17.92
N ALA L 187 -42.70 27.97 18.90
CA ALA L 187 -41.31 28.39 18.71
C ALA L 187 -40.41 27.22 18.37
N ASN L 188 -40.76 26.04 18.84
CA ASN L 188 -39.96 24.86 18.57
C ASN L 188 -40.02 24.53 17.10
N SER L 189 -38.86 24.48 16.45
CA SER L 189 -38.81 24.21 15.04
C SER L 189 -39.18 22.76 14.75
N LEU L 190 -39.60 22.53 13.50
CA LEU L 190 -39.74 21.17 13.01
C LEU L 190 -38.44 20.43 13.11
N TYR L 191 -37.38 21.04 12.62
CA TYR L 191 -36.10 20.38 12.51
C TYR L 191 -35.39 20.37 13.86
N CYS L 192 -34.18 19.85 13.86
CA CYS L 192 -33.43 19.51 15.04
C CYS L 192 -32.20 20.38 15.15
N PRO L 193 -31.91 20.99 16.31
CA PRO L 193 -30.62 21.65 16.47
C PRO L 193 -29.47 20.67 16.34
N ASP L 194 -28.28 21.24 16.14
CA ASP L 194 -27.08 20.43 15.94
C ASP L 194 -26.78 19.60 17.17
N TYR L 195 -26.58 20.29 18.30
CA TYR L 195 -26.11 19.64 19.54
C TYR L 195 -27.00 18.49 19.97
N ARG L 196 -28.30 18.57 19.70
CA ARG L 196 -29.20 17.49 20.05
C ARG L 196 -28.79 16.18 19.40
N ILE L 197 -28.14 16.26 18.24
CA ILE L 197 -27.70 15.08 17.54
C ILE L 197 -26.66 14.36 18.40
N GLY L 198 -26.67 13.04 18.34
CA GLY L 198 -25.77 12.28 19.16
C GLY L 198 -26.11 12.26 20.62
N LYS L 199 -27.28 12.81 21.00
CA LYS L 199 -27.71 12.86 22.38
C LYS L 199 -29.14 12.35 22.56
N VAL L 200 -29.79 11.94 21.50
CA VAL L 200 -31.18 11.51 21.58
C VAL L 200 -31.30 10.09 22.09
N THR L 201 -32.36 9.85 22.84
CA THR L 201 -32.61 8.61 23.54
C THR L 201 -33.84 7.90 22.96
N PRO L 202 -33.85 6.57 22.91
CA PRO L 202 -35.09 5.91 22.48
C PRO L 202 -36.20 5.96 23.53
N VAL L 203 -35.84 5.82 24.81
CA VAL L 203 -36.80 5.98 25.89
C VAL L 203 -37.51 7.31 25.78
N GLU L 204 -36.76 8.34 25.39
CA GLU L 204 -37.31 9.68 25.21
C GLU L 204 -38.43 9.72 24.18
N LEU L 205 -38.50 8.73 23.30
CA LEU L 205 -39.58 8.65 22.33
C LEU L 205 -40.79 7.92 22.90
N HIS L 206 -40.57 6.81 23.62
CA HIS L 206 -41.68 6.05 24.17
C HIS L 206 -42.57 6.91 25.05
N ASP L 207 -41.95 7.80 25.83
CA ASP L 207 -42.73 8.80 26.55
C ASP L 207 -43.48 9.69 25.57
N TYR L 208 -42.83 10.07 24.47
CA TYR L 208 -43.46 10.93 23.50
C TYR L 208 -44.55 10.20 22.74
N VAL L 209 -44.30 8.94 22.40
CA VAL L 209 -45.25 8.18 21.62
C VAL L 209 -46.47 7.83 22.45
N GLN L 210 -46.24 7.26 23.63
CA GLN L 210 -47.34 6.83 24.49
C GLN L 210 -48.22 7.99 24.93
N ASN L 211 -47.73 9.22 24.84
CA ASN L 211 -48.49 10.38 25.27
C ASN L 211 -49.23 11.07 24.13
N HIS L 212 -48.90 10.76 22.87
CA HIS L 212 -49.36 11.59 21.75
C HIS L 212 -49.88 10.83 20.55
N PHE L 213 -49.61 9.53 20.42
CA PHE L 213 -50.25 8.71 19.39
C PHE L 213 -51.36 7.95 20.10
N THR L 214 -52.49 8.63 20.21
CA THR L 214 -53.54 8.28 21.15
C THR L 214 -54.88 8.31 20.47
N SER L 215 -55.73 7.33 20.79
CA SER L 215 -57.01 7.16 20.13
C SER L 215 -57.93 8.36 20.28
N ALA L 216 -57.64 9.28 21.19
CA ALA L 216 -58.48 10.46 21.39
C ALA L 216 -58.15 11.60 20.44
N ARG L 217 -56.93 11.63 19.89
CA ARG L 217 -56.45 12.77 19.12
C ARG L 217 -55.80 12.30 17.83
N MET L 218 -56.51 11.44 17.11
CA MET L 218 -56.04 10.90 15.84
C MET L 218 -57.19 10.90 14.85
N ALA L 219 -56.86 10.53 13.60
CA ALA L 219 -57.85 10.58 12.53
C ALA L 219 -57.43 9.61 11.45
N LEU L 220 -58.10 8.46 11.40
CA LEU L 220 -57.76 7.40 10.45
C LEU L 220 -58.50 7.64 9.14
N ILE L 221 -58.06 8.68 8.44
CA ILE L 221 -58.63 8.96 7.13
C ILE L 221 -58.16 7.90 6.15
N GLY L 222 -58.99 7.66 5.14
CA GLY L 222 -58.64 6.80 4.02
C GLY L 222 -59.18 7.38 2.74
N LEU L 223 -58.97 6.64 1.65
CA LEU L 223 -59.44 7.07 0.35
C LEU L 223 -59.29 5.92 -0.62
N GLY L 224 -60.14 5.92 -1.65
CA GLY L 224 -60.19 4.79 -2.57
C GLY L 224 -60.49 3.48 -1.87
N VAL L 225 -61.29 3.53 -0.81
CA VAL L 225 -61.46 2.38 0.07
C VAL L 225 -62.82 2.50 0.75
N SER L 226 -63.39 1.38 1.13
CA SER L 226 -64.67 1.36 1.80
C SER L 226 -64.52 1.65 3.28
N HIS L 227 -65.61 2.05 3.89
CA HIS L 227 -65.64 2.50 5.28
C HIS L 227 -65.63 1.36 6.29
N PRO L 228 -66.40 0.28 6.12
CA PRO L 228 -66.40 -0.77 7.15
C PRO L 228 -65.05 -1.43 7.34
N VAL L 229 -64.21 -1.43 6.31
CA VAL L 229 -62.88 -1.99 6.45
C VAL L 229 -62.10 -1.23 7.51
N LEU L 230 -61.97 0.08 7.32
CA LEU L 230 -61.29 0.93 8.28
C LEU L 230 -61.93 0.81 9.66
N LYS L 231 -63.25 0.65 9.69
CA LYS L 231 -63.93 0.43 10.96
C LYS L 231 -63.46 -0.86 11.62
N GLN L 232 -63.07 -1.85 10.81
CA GLN L 232 -62.59 -3.11 11.36
C GLN L 232 -61.16 -3.00 11.85
N VAL L 233 -60.34 -2.19 11.18
CA VAL L 233 -58.92 -2.14 11.49
C VAL L 233 -58.69 -1.49 12.84
N ALA L 234 -59.24 -0.29 13.01
CA ALA L 234 -58.93 0.51 14.19
C ALA L 234 -59.38 -0.18 15.46
N GLU L 235 -60.55 -0.83 15.41
CA GLU L 235 -61.10 -1.49 16.59
C GLU L 235 -60.22 -2.64 17.07
N GLN L 236 -59.31 -3.13 16.23
CA GLN L 236 -58.44 -4.25 16.58
C GLN L 236 -57.06 -3.80 17.02
N PHE L 237 -56.54 -2.73 16.43
CA PHE L 237 -55.14 -2.34 16.58
C PHE L 237 -54.95 -0.99 17.25
N LEU L 238 -55.72 0.00 16.86
CA LEU L 238 -55.70 1.30 17.53
C LEU L 238 -56.60 1.34 18.75
N ASN L 239 -57.08 0.18 19.22
CA ASN L 239 -57.90 0.11 20.42
C ASN L 239 -57.01 0.32 21.63
N ILE L 240 -56.61 1.58 21.82
CA ILE L 240 -55.79 2.01 22.94
C ILE L 240 -56.40 3.29 23.48
N ARG L 241 -55.72 3.93 24.44
CA ARG L 241 -56.24 5.16 25.04
C ARG L 241 -56.47 6.25 23.98
N GLY L 248 -50.06 20.01 25.95
CA GLY L 248 -49.06 21.05 25.81
C GLY L 248 -49.62 22.43 26.07
N ALA L 249 -48.73 23.40 26.22
CA ALA L 249 -49.12 24.74 26.60
C ALA L 249 -49.68 25.50 25.39
N LYS L 250 -49.96 26.78 25.62
CA LYS L 250 -50.44 27.69 24.59
C LYS L 250 -49.28 28.46 23.96
N ALA L 251 -49.58 29.13 22.86
CA ALA L 251 -48.60 29.92 22.13
C ALA L 251 -48.69 31.35 22.60
N LYS L 252 -48.04 31.63 23.73
CA LYS L 252 -48.02 32.98 24.28
C LYS L 252 -47.22 33.89 23.35
N TYR L 253 -47.92 34.78 22.65
CA TYR L 253 -47.24 35.79 21.85
C TYR L 253 -46.55 36.79 22.76
N HIS L 254 -45.34 37.18 22.40
CA HIS L 254 -44.55 38.12 23.17
C HIS L 254 -44.10 39.33 22.37
N GLY L 255 -43.69 39.13 21.13
CA GLY L 255 -43.05 40.18 20.36
C GLY L 255 -41.55 40.06 20.44
N GLY L 256 -40.93 39.55 19.37
CA GLY L 256 -39.51 39.30 19.36
C GLY L 256 -38.90 39.68 18.03
N GLU L 257 -37.57 39.59 17.97
CA GLU L 257 -36.84 40.06 16.81
C GLU L 257 -35.51 39.32 16.74
N ILE L 258 -35.19 38.81 15.56
CA ILE L 258 -33.99 38.02 15.32
C ILE L 258 -33.33 38.52 14.04
N ARG L 259 -32.02 38.42 13.99
CA ARG L 259 -31.24 38.92 12.87
C ARG L 259 -30.11 37.95 12.57
N GLU L 260 -29.78 37.81 11.29
CA GLU L 260 -28.81 36.82 10.82
C GLU L 260 -27.97 37.46 9.71
N GLN L 261 -26.87 38.08 10.12
CA GLN L 261 -25.87 38.54 9.16
C GLN L 261 -25.08 37.31 8.74
N ASN L 262 -25.46 36.74 7.59
CA ASN L 262 -24.88 35.49 7.10
C ASN L 262 -23.92 35.68 5.95
N GLY L 263 -23.73 36.91 5.48
CA GLY L 263 -22.90 37.17 4.32
C GLY L 263 -23.54 36.82 2.99
N ASP L 264 -24.73 36.25 2.98
CA ASP L 264 -25.38 35.94 1.72
C ASP L 264 -25.72 37.22 0.99
N SER L 265 -25.49 37.22 -0.33
CA SER L 265 -25.61 38.44 -1.11
C SER L 265 -27.03 39.00 -1.06
N LEU L 266 -28.03 38.13 -1.09
CA LEU L 266 -29.41 38.55 -1.14
C LEU L 266 -30.01 38.58 0.25
N VAL L 267 -31.20 39.18 0.33
CA VAL L 267 -31.87 39.43 1.60
C VAL L 267 -33.13 38.58 1.66
N HIS L 268 -33.48 38.20 2.88
CA HIS L 268 -34.75 37.58 3.18
C HIS L 268 -35.23 38.14 4.50
N ALA L 269 -36.47 38.58 4.55
CA ALA L 269 -36.99 39.23 5.74
C ALA L 269 -38.49 39.03 5.83
N ALA L 270 -38.99 39.24 7.04
CA ALA L 270 -40.40 39.05 7.31
C ALA L 270 -40.80 39.89 8.51
N LEU L 271 -41.93 40.57 8.39
CA LEU L 271 -42.55 41.30 9.48
C LEU L 271 -43.99 40.84 9.58
N VAL L 272 -44.42 40.56 10.80
CA VAL L 272 -45.71 39.94 11.05
C VAL L 272 -46.37 40.63 12.23
N ALA L 273 -47.58 40.14 12.56
CA ALA L 273 -48.26 40.53 13.77
C ALA L 273 -49.11 39.36 14.24
N GLU L 274 -49.54 39.44 15.49
CA GLU L 274 -50.37 38.39 16.05
C GLU L 274 -51.67 38.29 15.30
N SER L 275 -51.87 37.15 14.65
CA SER L 275 -53.08 36.86 13.91
C SER L 275 -54.10 36.15 14.79
N ALA L 276 -55.13 35.59 14.17
CA ALA L 276 -56.16 34.81 14.83
C ALA L 276 -56.10 33.37 14.38
N ALA L 277 -56.65 32.49 15.20
CA ALA L 277 -56.66 31.07 14.88
C ALA L 277 -57.76 30.75 13.87
N ILE L 278 -57.72 29.53 13.36
CA ILE L 278 -58.68 29.06 12.38
C ILE L 278 -60.04 28.88 13.05
N GLY L 279 -61.06 28.64 12.25
CA GLY L 279 -62.42 28.49 12.73
C GLY L 279 -63.15 29.79 12.75
N SER L 280 -62.52 30.81 13.35
CA SER L 280 -63.07 32.15 13.29
C SER L 280 -63.12 32.63 11.85
N ALA L 281 -64.25 33.24 11.48
CA ALA L 281 -64.32 33.90 10.18
C ALA L 281 -63.33 35.05 10.09
N GLU L 282 -62.88 35.59 11.22
CA GLU L 282 -61.80 36.55 11.22
C GLU L 282 -60.55 35.99 10.55
N ALA L 283 -60.33 34.67 10.67
CA ALA L 283 -59.20 34.05 10.01
C ALA L 283 -59.30 34.21 8.51
N ASN L 284 -60.48 33.94 7.95
CA ASN L 284 -60.67 34.12 6.52
C ASN L 284 -60.52 35.57 6.10
N ALA L 285 -60.78 36.50 7.03
CA ALA L 285 -60.62 37.91 6.71
C ALA L 285 -59.17 38.22 6.38
N PHE L 286 -58.23 37.54 7.02
CA PHE L 286 -56.84 37.66 6.62
C PHE L 286 -56.60 36.92 5.32
N SER L 287 -57.13 35.72 5.19
CA SER L 287 -56.86 34.89 4.02
C SER L 287 -57.44 35.51 2.74
N VAL L 288 -58.42 36.39 2.86
CA VAL L 288 -58.83 37.18 1.71
C VAL L 288 -57.93 38.39 1.56
N LEU L 289 -57.56 39.00 2.68
CA LEU L 289 -56.62 40.13 2.64
C LEU L 289 -55.30 39.71 2.01
N GLN L 290 -54.91 38.46 2.26
CA GLN L 290 -53.77 37.84 1.59
C GLN L 290 -53.82 38.06 0.09
N HIS L 291 -54.97 37.80 -0.50
CA HIS L 291 -55.12 37.95 -1.95
C HIS L 291 -55.30 39.40 -2.35
N VAL L 292 -55.88 40.22 -1.47
CA VAL L 292 -55.94 41.65 -1.75
C VAL L 292 -54.54 42.21 -1.90
N LEU L 293 -53.65 41.83 -0.99
CA LEU L 293 -52.36 42.44 -0.80
C LEU L 293 -51.33 41.86 -1.76
N GLY L 294 -51.20 40.55 -1.76
CA GLY L 294 -50.36 39.84 -2.71
C GLY L 294 -50.31 38.39 -2.32
N ALA L 295 -50.53 37.49 -3.29
CA ALA L 295 -50.60 36.06 -3.02
C ALA L 295 -49.55 35.27 -3.78
N GLY L 296 -48.53 35.92 -4.32
CA GLY L 296 -47.57 35.27 -5.17
C GLY L 296 -48.04 35.28 -6.60
N PRO L 297 -47.19 34.89 -7.52
CA PRO L 297 -47.56 34.96 -8.93
C PRO L 297 -48.58 33.91 -9.33
N HIS L 298 -49.82 34.35 -9.53
CA HIS L 298 -50.78 33.52 -10.27
C HIS L 298 -50.34 33.34 -11.71
N VAL L 299 -49.56 34.29 -12.22
CA VAL L 299 -49.08 34.28 -13.60
C VAL L 299 -47.58 34.05 -13.59
N LYS L 300 -47.12 33.15 -14.44
CA LYS L 300 -45.69 32.96 -14.60
C LYS L 300 -45.08 34.21 -15.20
N ARG L 301 -44.02 34.70 -14.55
CA ARG L 301 -43.32 35.91 -14.99
C ARG L 301 -44.23 37.12 -15.01
N GLY L 302 -45.26 37.11 -14.17
CA GLY L 302 -46.21 38.19 -14.12
C GLY L 302 -45.77 39.31 -13.19
N SER L 303 -46.12 40.53 -13.58
CA SER L 303 -45.78 41.70 -12.79
C SER L 303 -46.71 41.93 -11.61
N ASN L 304 -47.66 41.02 -11.36
CA ASN L 304 -48.52 41.05 -10.17
C ASN L 304 -49.19 42.42 -10.02
N ALA L 305 -49.61 42.99 -11.15
CA ALA L 305 -50.05 44.38 -11.17
C ALA L 305 -51.25 44.60 -10.25
N THR L 306 -52.17 43.65 -10.21
CA THR L 306 -53.33 43.79 -9.34
C THR L 306 -52.95 43.78 -7.87
N SER L 307 -51.86 43.12 -7.51
CA SER L 307 -51.45 43.09 -6.11
C SER L 307 -51.08 44.48 -5.65
N SER L 308 -51.78 44.94 -4.62
CA SER L 308 -51.59 46.32 -4.15
C SER L 308 -50.19 46.53 -3.62
N LEU L 309 -49.51 45.47 -3.18
CA LEU L 309 -48.19 45.64 -2.59
C LEU L 309 -47.11 45.75 -3.65
N TYR L 310 -46.92 44.70 -4.44
CA TYR L 310 -45.84 44.67 -5.41
C TYR L 310 -45.96 45.82 -6.41
N GLN L 311 -47.19 46.22 -6.71
CA GLN L 311 -47.41 47.45 -7.46
C GLN L 311 -46.86 48.65 -6.72
N ALA L 312 -47.06 48.69 -5.40
CA ALA L 312 -46.73 49.87 -4.64
C ALA L 312 -45.22 50.09 -4.54
N VAL L 313 -44.44 49.03 -4.67
CA VAL L 313 -42.98 49.16 -4.66
C VAL L 313 -42.44 49.38 -6.06
N ALA L 314 -43.20 49.03 -7.09
CA ALA L 314 -42.74 49.17 -8.47
C ALA L 314 -42.34 50.61 -8.80
N LYS L 315 -42.93 51.58 -8.10
CA LYS L 315 -42.51 52.97 -8.23
C LYS L 315 -41.23 53.20 -7.44
N GLY L 316 -40.37 54.05 -7.98
CA GLY L 316 -39.13 54.40 -7.29
C GLY L 316 -38.07 53.36 -7.37
N VAL L 317 -38.38 52.12 -7.00
CA VAL L 317 -37.44 51.03 -7.19
C VAL L 317 -37.24 50.79 -8.68
N HIS L 318 -36.01 50.41 -9.05
CA HIS L 318 -35.65 50.13 -10.43
C HIS L 318 -34.77 48.89 -10.51
N GLU L 319 -35.00 47.93 -9.63
CA GLU L 319 -34.18 46.73 -9.57
C GLU L 319 -35.06 45.56 -9.13
N PRO L 320 -34.56 44.32 -9.23
CA PRO L 320 -35.40 43.18 -8.86
C PRO L 320 -35.75 43.18 -7.38
N PHE L 321 -36.86 42.52 -7.08
CA PHE L 321 -37.28 42.22 -5.73
C PHE L 321 -38.50 41.33 -5.85
N ASP L 322 -38.77 40.57 -4.79
CA ASP L 322 -39.90 39.66 -4.78
C ASP L 322 -40.45 39.61 -3.37
N VAL L 323 -41.77 39.58 -3.27
CA VAL L 323 -42.44 39.76 -1.99
C VAL L 323 -43.88 39.35 -2.12
N SER L 324 -44.47 38.87 -1.03
CA SER L 324 -45.86 38.45 -1.04
C SER L 324 -46.35 38.40 0.39
N ALA L 325 -47.66 38.19 0.53
CA ALA L 325 -48.26 38.10 1.83
C ALA L 325 -47.85 36.80 2.51
N PHE L 326 -47.81 36.85 3.83
CA PHE L 326 -47.56 35.68 4.67
C PHE L 326 -48.77 35.46 5.54
N ASN L 327 -49.39 34.29 5.41
CA ASN L 327 -50.56 33.93 6.20
C ASN L 327 -50.32 32.56 6.81
N ALA L 328 -50.37 32.48 8.12
CA ALA L 328 -50.32 31.23 8.86
C ALA L 328 -51.46 31.22 9.86
N SER L 329 -52.04 30.03 10.07
CA SER L 329 -53.23 29.92 10.89
C SER L 329 -53.22 28.56 11.56
N TYR L 330 -52.76 28.52 12.80
CA TYR L 330 -52.70 27.30 13.60
C TYR L 330 -53.98 27.19 14.43
N SER L 331 -53.98 26.27 15.40
CA SER L 331 -55.16 26.04 16.23
C SER L 331 -55.25 27.04 17.36
N ASP L 332 -54.18 27.18 18.13
CA ASP L 332 -54.16 28.14 19.22
C ASP L 332 -54.22 29.57 18.69
N SER L 333 -53.56 29.81 17.57
CA SER L 333 -53.41 31.15 17.02
C SER L 333 -53.01 31.01 15.56
N GLY L 334 -52.54 32.10 14.99
CA GLY L 334 -51.98 32.09 13.65
C GLY L 334 -50.86 33.08 13.57
N LEU L 335 -50.46 33.43 12.35
CA LEU L 335 -49.55 34.55 12.13
C LEU L 335 -49.85 35.14 10.77
N PHE L 336 -49.63 36.44 10.66
CA PHE L 336 -49.92 37.17 9.43
C PHE L 336 -48.88 38.25 9.22
N GLY L 337 -48.55 38.48 7.96
CA GLY L 337 -47.60 39.49 7.58
C GLY L 337 -47.17 39.37 6.13
N PHE L 338 -45.86 39.41 5.88
CA PHE L 338 -45.35 39.24 4.54
C PHE L 338 -43.91 38.74 4.62
N TYR L 339 -43.36 38.42 3.45
CA TYR L 339 -42.03 37.86 3.34
C TYR L 339 -41.31 38.55 2.19
N THR L 340 -40.14 39.09 2.49
CA THR L 340 -39.45 40.01 1.59
C THR L 340 -38.24 39.35 0.95
N ILE L 341 -37.96 39.76 -0.28
CA ILE L 341 -36.71 39.45 -0.94
C ILE L 341 -36.24 40.71 -1.65
N SER L 342 -34.96 41.03 -1.52
CA SER L 342 -34.39 42.21 -2.15
C SER L 342 -32.88 42.14 -2.03
N GLN L 343 -32.22 43.21 -2.43
CA GLN L 343 -30.80 43.40 -2.23
C GLN L 343 -30.54 43.94 -0.82
N ALA L 344 -29.26 44.09 -0.49
CA ALA L 344 -28.89 44.53 0.84
C ALA L 344 -29.32 45.97 1.09
N ALA L 345 -28.89 46.89 0.24
CA ALA L 345 -29.18 48.31 0.45
C ALA L 345 -30.66 48.62 0.28
N SER L 346 -31.44 47.73 -0.32
CA SER L 346 -32.82 47.99 -0.68
C SER L 346 -33.79 47.15 0.16
N ALA L 347 -33.47 46.97 1.44
CA ALA L 347 -34.38 46.26 2.33
C ALA L 347 -35.43 47.19 2.91
N GLY L 348 -35.01 48.17 3.69
CA GLY L 348 -35.95 49.07 4.32
C GLY L 348 -36.61 49.99 3.32
N ASP L 349 -35.93 50.28 2.22
CA ASP L 349 -36.53 51.05 1.14
C ASP L 349 -37.77 50.36 0.59
N VAL L 350 -37.84 49.04 0.69
CA VAL L 350 -38.98 48.27 0.20
C VAL L 350 -40.00 48.07 1.31
N ILE L 351 -39.53 47.71 2.50
CA ILE L 351 -40.42 47.40 3.61
C ILE L 351 -41.26 48.61 3.95
N LYS L 352 -40.67 49.81 3.86
CA LYS L 352 -41.38 51.02 4.20
C LYS L 352 -42.41 51.42 3.15
N ALA L 353 -42.53 50.65 2.07
CA ALA L 353 -43.73 50.69 1.26
C ALA L 353 -44.80 49.78 1.83
N ALA L 354 -44.40 48.55 2.20
CA ALA L 354 -45.35 47.58 2.70
C ALA L 354 -45.96 48.05 4.00
N TYR L 355 -45.12 48.45 4.96
CA TYR L 355 -45.62 48.93 6.24
C TYR L 355 -46.45 50.20 6.06
N ASN L 356 -46.24 50.93 4.97
CA ASN L 356 -47.11 52.05 4.64
C ASN L 356 -48.35 51.60 3.88
N GLN L 357 -48.17 50.65 2.96
CA GLN L 357 -49.28 50.22 2.11
C GLN L 357 -50.40 49.63 2.95
N VAL L 358 -50.05 48.89 3.99
CA VAL L 358 -51.07 48.31 4.85
C VAL L 358 -51.78 49.40 5.61
N LYS L 359 -51.06 50.46 6.00
CA LYS L 359 -51.69 51.56 6.73
C LYS L 359 -52.73 52.25 5.86
N THR L 360 -52.45 52.34 4.56
CA THR L 360 -53.45 52.89 3.64
C THR L 360 -54.74 52.11 3.72
N ILE L 361 -54.64 50.78 3.79
CA ILE L 361 -55.81 49.95 3.91
C ILE L 361 -56.49 50.21 5.25
N ALA L 362 -55.71 50.25 6.32
CA ALA L 362 -56.27 50.47 7.65
C ALA L 362 -56.92 51.83 7.79
N GLN L 363 -56.52 52.79 6.96
CA GLN L 363 -57.13 54.11 6.94
C GLN L 363 -58.37 54.17 6.05
N GLY L 364 -58.91 53.01 5.64
CA GLY L 364 -60.14 52.96 4.89
C GLY L 364 -59.98 53.04 3.39
N ASN L 365 -58.83 53.48 2.90
CA ASN L 365 -58.61 53.60 1.47
C ASN L 365 -58.66 52.22 0.82
N LEU L 366 -59.73 51.96 0.07
CA LEU L 366 -59.95 50.64 -0.49
C LEU L 366 -61.11 50.70 -1.48
N SER L 367 -61.12 49.74 -2.41
CA SER L 367 -62.21 49.57 -3.35
C SER L 367 -62.76 48.15 -3.23
N ASN L 368 -63.99 47.97 -3.71
CA ASN L 368 -64.69 46.70 -3.61
C ASN L 368 -64.30 45.66 -4.66
N PRO L 369 -64.09 46.02 -5.93
CA PRO L 369 -63.72 44.99 -6.91
C PRO L 369 -62.43 44.27 -6.59
N ASP L 370 -61.44 44.98 -6.02
CA ASP L 370 -60.22 44.30 -5.57
C ASP L 370 -60.55 43.25 -4.53
N VAL L 371 -61.52 43.54 -3.67
CA VAL L 371 -61.92 42.58 -2.64
C VAL L 371 -62.56 41.36 -3.30
N GLN L 372 -63.62 41.60 -4.07
CA GLN L 372 -64.27 40.50 -4.78
C GLN L 372 -63.31 39.79 -5.72
N ALA L 373 -62.36 40.53 -6.29
CA ALA L 373 -61.27 39.89 -7.00
C ALA L 373 -60.46 39.03 -6.06
N ALA L 374 -60.10 39.58 -4.90
CA ALA L 374 -59.31 38.83 -3.93
C ALA L 374 -60.08 37.63 -3.41
N LYS L 375 -61.40 37.76 -3.25
CA LYS L 375 -62.21 36.62 -2.87
C LYS L 375 -62.14 35.55 -3.95
N ASN L 376 -62.33 35.95 -5.20
CA ASN L 376 -62.29 35.00 -6.30
C ASN L 376 -60.95 34.29 -6.38
N LYS L 377 -59.88 34.97 -5.98
CA LYS L 377 -58.60 34.29 -5.84
C LYS L 377 -58.67 33.24 -4.74
N LEU L 378 -59.23 33.62 -3.59
CA LEU L 378 -59.31 32.70 -2.46
C LEU L 378 -60.18 31.51 -2.82
N LYS L 379 -61.35 31.77 -3.38
CA LYS L 379 -62.27 30.70 -3.76
C LYS L 379 -61.62 29.74 -4.75
N ALA L 380 -60.68 30.24 -5.55
CA ALA L 380 -59.99 29.40 -6.50
C ALA L 380 -58.98 28.49 -5.82
N GLY L 381 -58.06 29.10 -5.06
CA GLY L 381 -56.93 28.36 -4.54
C GLY L 381 -57.33 27.24 -3.60
N TYR L 382 -58.48 27.38 -2.94
CA TYR L 382 -58.96 26.31 -2.09
C TYR L 382 -59.29 25.08 -2.91
N LEU L 383 -60.16 25.25 -3.91
CA LEU L 383 -60.55 24.13 -4.76
C LEU L 383 -59.36 23.61 -5.55
N MET L 384 -58.50 24.51 -6.04
CA MET L 384 -57.35 24.10 -6.79
C MET L 384 -56.37 23.32 -5.93
N SER L 385 -56.34 23.62 -4.63
CA SER L 385 -55.46 22.86 -3.73
C SER L 385 -55.98 21.43 -3.55
N VAL L 386 -57.30 21.28 -3.44
CA VAL L 386 -57.90 19.97 -3.17
C VAL L 386 -58.30 19.29 -4.48
N GLU L 387 -57.93 19.89 -5.61
CA GLU L 387 -58.09 19.22 -6.89
C GLU L 387 -57.39 17.87 -6.86
N SER L 388 -56.19 17.84 -6.30
CA SER L 388 -55.45 16.59 -6.16
C SER L 388 -55.92 15.84 -4.92
N SER L 389 -55.89 14.51 -5.02
CA SER L 389 -56.27 13.68 -3.89
C SER L 389 -55.39 13.97 -2.68
N GLU L 390 -54.09 14.15 -2.91
CA GLU L 390 -53.18 14.47 -1.82
C GLU L 390 -53.58 15.78 -1.16
N GLY L 391 -53.64 16.85 -1.95
CA GLY L 391 -54.07 18.12 -1.42
C GLY L 391 -55.49 18.09 -0.93
N PHE L 392 -56.33 17.25 -1.52
CA PHE L 392 -57.64 17.00 -0.96
C PHE L 392 -57.52 16.40 0.42
N LEU L 393 -56.75 15.30 0.51
CA LEU L 393 -56.54 14.62 1.78
C LEU L 393 -55.99 15.56 2.82
N ASP L 394 -55.12 16.49 2.41
CA ASP L 394 -54.51 17.44 3.34
C ASP L 394 -55.55 18.29 4.07
N GLU L 395 -56.73 18.44 3.49
CA GLU L 395 -57.80 19.23 4.09
C GLU L 395 -58.77 18.40 4.90
N VAL L 396 -58.92 17.11 4.57
CA VAL L 396 -60.00 16.32 5.14
C VAL L 396 -59.82 16.18 6.64
N GLY L 397 -58.69 15.64 7.06
CA GLY L 397 -58.49 15.33 8.46
C GLY L 397 -57.97 16.51 9.25
N SER L 398 -57.35 17.47 8.57
CA SER L 398 -56.92 18.69 9.24
C SER L 398 -58.10 19.38 9.90
N GLN L 399 -59.27 19.31 9.28
CA GLN L 399 -60.48 19.77 9.94
C GLN L 399 -60.91 18.79 11.02
N ALA L 400 -60.72 17.50 10.77
CA ALA L 400 -61.13 16.48 11.72
C ALA L 400 -60.37 16.56 13.03
N LEU L 401 -59.18 17.16 13.03
CA LEU L 401 -58.41 17.33 14.24
C LEU L 401 -58.77 18.64 14.93
N ALA L 402 -58.65 19.76 14.22
CA ALA L 402 -59.02 21.04 14.79
C ALA L 402 -60.50 21.05 15.14
N ALA L 403 -61.35 20.75 14.17
CA ALA L 403 -62.76 20.54 14.39
C ALA L 403 -63.01 19.05 14.60
N GLY L 404 -64.28 18.66 14.57
CA GLY L 404 -64.65 17.26 14.49
C GLY L 404 -65.66 17.08 13.38
N SER L 405 -65.49 17.84 12.31
CA SER L 405 -66.45 17.87 11.21
C SER L 405 -65.75 18.30 9.95
N TYR L 406 -66.14 17.70 8.83
CA TYR L 406 -65.67 18.11 7.53
C TYR L 406 -66.65 19.09 6.90
N THR L 407 -66.11 20.19 6.40
CA THR L 407 -66.90 21.17 5.67
C THR L 407 -66.68 20.96 4.19
N PRO L 408 -67.68 20.60 3.40
CA PRO L 408 -67.48 20.56 1.95
C PRO L 408 -67.16 21.94 1.42
N PRO L 409 -66.51 22.03 0.26
CA PRO L 409 -66.07 23.35 -0.23
C PRO L 409 -67.20 24.33 -0.49
N SER L 410 -68.39 23.85 -0.82
CA SER L 410 -69.50 24.74 -1.12
C SER L 410 -69.83 25.61 0.09
N THR L 411 -69.89 24.99 1.27
CA THR L 411 -70.16 25.75 2.49
C THR L 411 -69.03 26.70 2.79
N VAL L 412 -67.80 26.35 2.41
CA VAL L 412 -66.66 27.24 2.63
C VAL L 412 -66.85 28.52 1.84
N LEU L 413 -67.32 28.40 0.61
CA LEU L 413 -67.45 29.55 -0.26
C LEU L 413 -68.51 30.53 0.26
N GLN L 414 -69.52 30.01 0.95
CA GLN L 414 -70.55 30.89 1.51
C GLN L 414 -69.99 31.74 2.63
N GLN L 415 -69.15 31.15 3.48
CA GLN L 415 -68.50 31.94 4.53
C GLN L 415 -67.56 32.97 3.94
N ILE L 416 -66.99 32.68 2.77
CA ILE L 416 -66.20 33.68 2.06
C ILE L 416 -67.12 34.76 1.51
N ASP L 417 -68.30 34.37 1.06
CA ASP L 417 -69.26 35.34 0.53
C ASP L 417 -69.70 36.33 1.61
N ALA L 418 -69.71 35.89 2.87
CA ALA L 418 -70.26 36.68 3.97
C ALA L 418 -69.19 37.49 4.71
N VAL L 419 -68.14 37.90 4.02
CA VAL L 419 -67.04 38.65 4.63
C VAL L 419 -67.28 40.14 4.46
N ALA L 420 -66.85 40.91 5.45
CA ALA L 420 -67.10 42.35 5.52
C ALA L 420 -65.81 43.12 5.30
N ASP L 421 -65.90 44.18 4.48
CA ASP L 421 -64.78 45.08 4.30
C ASP L 421 -64.37 45.73 5.60
N ALA L 422 -65.33 46.00 6.48
CA ALA L 422 -65.03 46.55 7.80
C ALA L 422 -64.31 45.55 8.70
N ASP L 423 -64.20 44.28 8.29
CA ASP L 423 -63.33 43.32 8.94
C ASP L 423 -61.99 43.19 8.24
N VAL L 424 -61.97 43.40 6.93
CA VAL L 424 -60.73 43.37 6.19
C VAL L 424 -59.85 44.57 6.53
N ILE L 425 -60.45 45.64 7.02
CA ILE L 425 -59.69 46.82 7.38
C ILE L 425 -58.83 46.52 8.60
CA ASN L 426 -59.91 45.79 11.81
C ASN L 426 -58.74 44.84 11.62
N ALA L 427 -58.77 44.10 10.53
CA ALA L 427 -57.72 43.13 10.24
C ALA L 427 -56.38 43.81 10.11
N ALA L 428 -56.22 44.64 9.08
CA ALA L 428 -54.99 45.38 8.92
C ALA L 428 -54.77 46.34 10.08
N LYS L 429 -55.85 46.83 10.68
CA LYS L 429 -55.70 47.65 11.87
C LYS L 429 -55.11 46.83 13.01
N LYS L 430 -55.58 45.59 13.15
CA LYS L 430 -54.96 44.71 14.15
C LYS L 430 -53.50 44.48 13.84
N PHE L 431 -53.17 44.38 12.55
CA PHE L 431 -51.79 44.21 12.15
C PHE L 431 -50.97 45.44 12.54
N VAL L 432 -51.40 46.61 12.08
CA VAL L 432 -50.65 47.82 12.35
C VAL L 432 -50.72 48.17 13.83
N SER L 433 -51.93 48.20 14.39
CA SER L 433 -52.07 48.54 15.80
C SER L 433 -51.50 47.47 16.71
N GLY L 434 -51.31 46.24 16.21
CA GLY L 434 -50.86 45.17 17.06
C GLY L 434 -49.35 45.15 17.25
N ARG L 435 -48.96 44.44 18.30
CA ARG L 435 -47.55 44.18 18.57
C ARG L 435 -46.93 43.41 17.41
N LYS L 436 -45.62 43.55 17.25
CA LYS L 436 -44.91 43.11 16.06
C LYS L 436 -43.81 42.12 16.39
N SER L 437 -43.51 41.30 15.40
CA SER L 437 -42.38 40.38 15.44
C SER L 437 -41.77 40.32 14.05
N MET L 438 -40.45 40.14 14.02
CA MET L 438 -39.70 40.36 12.80
C MET L 438 -38.50 39.43 12.78
N ALA L 439 -38.04 39.14 11.57
CA ALA L 439 -36.83 38.37 11.41
C ALA L 439 -36.33 38.57 10.00
N ALA L 440 -35.03 38.33 9.81
CA ALA L 440 -34.46 38.47 8.48
C ALA L 440 -33.08 37.84 8.46
N SER L 441 -32.57 37.71 7.23
CA SER L 441 -31.28 37.11 6.99
C SER L 441 -30.72 37.71 5.71
N GLY L 442 -29.48 37.34 5.41
CA GLY L 442 -28.75 37.92 4.30
C GLY L 442 -27.70 38.87 4.82
N ASN L 443 -27.34 39.86 4.02
CA ASN L 443 -26.62 41.01 4.51
C ASN L 443 -27.61 41.98 5.13
N LEU L 444 -27.15 42.72 6.13
CA LEU L 444 -28.01 43.59 6.92
C LEU L 444 -27.36 44.95 7.12
N GLY L 445 -26.60 45.41 6.12
CA GLY L 445 -25.99 46.72 6.23
C GLY L 445 -26.96 47.87 6.21
N HIS L 446 -28.20 47.64 5.75
CA HIS L 446 -29.21 48.68 5.65
C HIS L 446 -30.60 48.16 6.05
N THR L 447 -30.65 47.13 6.88
CA THR L 447 -31.93 46.62 7.35
C THR L 447 -32.33 47.36 8.62
N PRO L 448 -33.49 48.02 8.67
CA PRO L 448 -33.95 48.64 9.91
C PRO L 448 -34.70 47.66 10.80
N PHE L 449 -35.01 48.14 12.01
CA PHE L 449 -35.76 47.38 12.99
C PHE L 449 -37.25 47.68 12.85
N ILE L 450 -38.03 47.20 13.83
CA ILE L 450 -39.47 47.46 13.84
C ILE L 450 -39.72 48.95 13.97
N ASP L 451 -39.28 49.55 15.08
CA ASP L 451 -39.65 50.91 15.42
C ASP L 451 -39.18 51.92 14.38
N GLU L 452 -38.15 51.61 13.62
CA GLU L 452 -37.68 52.50 12.58
C GLU L 452 -38.62 52.48 11.39
N LEU M 10 -7.59 -10.40 -1.93
CA LEU M 10 -7.50 -9.03 -2.40
C LEU M 10 -6.05 -8.59 -2.58
N MET M 11 -5.36 -9.28 -3.49
CA MET M 11 -4.14 -8.76 -4.09
C MET M 11 -4.43 -8.16 -5.47
N LYS M 12 -5.67 -7.75 -5.67
CA LYS M 12 -6.12 -7.13 -6.90
C LYS M 12 -5.89 -5.63 -6.91
N ILE M 13 -5.54 -5.04 -5.77
CA ILE M 13 -5.35 -3.59 -5.68
C ILE M 13 -3.94 -3.17 -6.04
N VAL M 14 -2.96 -4.04 -5.85
CA VAL M 14 -1.58 -3.76 -6.25
C VAL M 14 -1.40 -3.85 -7.76
N ASN M 15 -2.17 -4.69 -8.44
CA ASN M 15 -2.10 -4.82 -9.89
C ASN M 15 -2.94 -3.77 -10.60
N ASN M 16 -3.28 -2.68 -9.93
CA ASN M 16 -3.81 -1.51 -10.61
C ASN M 16 -2.70 -0.67 -11.22
N ALA M 17 -1.49 -0.78 -10.69
CA ALA M 17 -0.36 -0.06 -11.25
C ALA M 17 -0.09 -0.46 -12.69
N PHE M 18 -0.53 -1.65 -13.10
CA PHE M 18 -0.43 -2.10 -14.48
C PHE M 18 -1.78 -2.10 -15.19
N ILE M 19 -2.82 -1.56 -14.57
CA ILE M 19 -4.15 -1.55 -15.18
C ILE M 19 -4.73 -0.14 -15.15
N ASP M 20 -4.84 0.43 -13.94
CA ASP M 20 -5.53 1.69 -13.73
C ASP M 20 -4.59 2.78 -13.24
N LEU M 21 -3.40 2.82 -13.83
CA LEU M 21 -2.37 3.72 -13.35
C LEU M 21 -2.44 5.03 -14.12
N PRO M 22 -2.31 6.17 -13.45
CA PRO M 22 -2.17 7.41 -14.18
C PRO M 22 -0.86 7.45 -14.94
N ALA M 23 -0.91 7.93 -16.18
CA ALA M 23 0.30 8.11 -16.97
C ALA M 23 0.00 9.09 -18.08
N PRO M 24 1.02 9.72 -18.64
CA PRO M 24 0.78 10.80 -19.61
C PRO M 24 0.15 10.34 -20.91
N SER M 25 0.01 11.29 -21.84
CA SER M 25 -0.63 11.07 -23.12
C SER M 25 0.18 11.54 -24.31
N ASN M 26 1.29 12.25 -24.09
CA ASN M 26 2.13 12.73 -25.18
C ASN M 26 3.24 11.75 -25.50
N ILE M 27 2.97 10.48 -25.33
CA ILE M 27 4.01 9.49 -25.22
C ILE M 27 4.34 8.94 -26.60
N SER M 28 5.62 8.79 -26.84
CA SER M 28 6.14 8.36 -28.13
C SER M 28 6.00 6.86 -28.27
N SER M 29 6.64 6.31 -29.30
CA SER M 29 6.85 4.88 -29.39
C SER M 29 8.12 4.43 -28.68
N TRP M 30 8.92 5.35 -28.15
CA TRP M 30 10.15 4.96 -27.47
C TRP M 30 9.84 4.11 -26.24
N TRP M 31 8.80 4.47 -25.50
CA TRP M 31 8.53 3.83 -24.23
C TRP M 31 7.90 2.47 -24.37
N ASN M 32 7.70 1.98 -25.59
CA ASN M 32 7.57 0.55 -25.78
C ASN M 32 8.76 -0.15 -25.15
N PHE M 33 9.96 0.39 -25.38
CA PHE M 33 11.18 -0.26 -24.93
C PHE M 33 11.24 -0.39 -23.42
N GLY M 34 10.56 0.50 -22.71
CA GLY M 34 10.61 0.44 -21.27
C GLY M 34 10.00 -0.82 -20.67
N SER M 35 9.14 -1.50 -21.43
CA SER M 35 8.47 -2.70 -20.97
C SER M 35 8.89 -3.94 -21.74
N LEU M 36 9.53 -3.79 -22.89
CA LEU M 36 10.00 -4.96 -23.62
C LEU M 36 10.97 -5.77 -22.80
N LEU M 37 11.72 -5.13 -21.91
CA LEU M 37 12.63 -5.88 -21.06
C LEU M 37 11.87 -6.87 -20.20
N GLY M 38 10.69 -6.47 -19.72
CA GLY M 38 9.84 -7.40 -19.03
C GLY M 38 9.47 -8.58 -19.90
N ILE M 39 9.43 -8.36 -21.21
CA ILE M 39 9.14 -9.41 -22.17
C ILE M 39 10.42 -10.12 -22.59
N CYS M 40 11.50 -9.37 -22.74
CA CYS M 40 12.78 -10.00 -23.02
C CYS M 40 13.19 -10.89 -21.88
N LEU M 41 13.07 -10.35 -20.66
CA LEU M 41 13.56 -11.04 -19.49
C LEU M 41 12.78 -12.33 -19.25
N ILE M 42 11.45 -12.22 -19.29
CA ILE M 42 10.62 -13.40 -19.07
C ILE M 42 10.84 -14.41 -20.18
N LEU M 43 10.83 -13.92 -21.42
CA LEU M 43 11.11 -14.79 -22.56
C LEU M 43 12.48 -15.41 -22.44
N GLN M 44 13.49 -14.60 -22.18
CA GLN M 44 14.85 -15.09 -22.10
C GLN M 44 14.98 -16.13 -21.01
N ILE M 45 14.40 -15.84 -19.85
CA ILE M 45 14.37 -16.81 -18.75
C ILE M 45 13.64 -18.06 -19.19
N LEU M 46 12.45 -17.87 -19.75
CA LEU M 46 11.66 -19.00 -20.21
C LEU M 46 12.43 -19.84 -21.20
N THR M 47 13.10 -19.19 -22.15
CA THR M 47 13.92 -19.91 -23.10
C THR M 47 15.04 -20.64 -22.40
N GLY M 48 15.86 -19.89 -21.68
CA GLY M 48 17.03 -20.48 -21.04
C GLY M 48 16.68 -21.59 -20.08
N LEU M 49 15.51 -21.50 -19.46
CA LEU M 49 15.16 -22.51 -18.47
C LEU M 49 14.91 -23.84 -19.15
N PHE M 50 14.04 -23.83 -20.16
CA PHE M 50 13.91 -25.01 -21.00
C PHE M 50 15.24 -25.37 -21.65
N LEU M 51 16.10 -24.40 -21.86
CA LEU M 51 17.36 -24.67 -22.52
C LEU M 51 18.29 -25.45 -21.61
N ALA M 52 18.31 -25.11 -20.34
CA ALA M 52 19.21 -25.79 -19.41
C ALA M 52 18.74 -27.18 -19.05
N MET M 53 17.61 -27.63 -19.59
CA MET M 53 17.21 -29.01 -19.44
C MET M 53 18.20 -29.99 -20.05
N HIS M 54 19.09 -29.53 -20.92
CA HIS M 54 20.06 -30.39 -21.56
C HIS M 54 21.47 -29.82 -21.56
N TYR M 55 21.70 -28.71 -20.89
CA TYR M 55 23.06 -28.26 -20.68
C TYR M 55 23.74 -29.14 -19.64
N THR M 56 25.06 -29.18 -19.72
CA THR M 56 25.89 -29.92 -18.79
C THR M 56 27.04 -29.02 -18.37
N SER M 57 27.36 -29.05 -17.09
CA SER M 57 28.35 -28.15 -16.50
C SER M 57 29.71 -28.80 -16.40
N ASP M 58 30.07 -29.64 -17.35
CA ASP M 58 31.35 -30.31 -17.37
C ASP M 58 32.08 -30.00 -18.67
N THR M 59 33.39 -29.78 -18.55
CA THR M 59 34.20 -29.40 -19.69
C THR M 59 34.14 -30.47 -20.77
N THR M 60 34.20 -31.72 -20.37
CA THR M 60 34.33 -32.82 -21.33
C THR M 60 33.07 -33.03 -22.15
N THR M 61 31.95 -32.40 -21.78
CA THR M 61 30.68 -32.66 -22.42
C THR M 61 29.85 -31.42 -22.73
N ALA M 62 30.21 -30.26 -22.18
CA ALA M 62 29.35 -29.09 -22.30
C ALA M 62 29.18 -28.68 -23.75
N PHE M 63 30.30 -28.46 -24.44
CA PHE M 63 30.25 -28.12 -25.86
C PHE M 63 29.47 -29.16 -26.63
N SER M 64 29.71 -30.43 -26.32
CA SER M 64 28.91 -31.49 -26.93
C SER M 64 27.46 -31.37 -26.48
N SER M 65 27.24 -31.02 -25.23
CA SER M 65 25.88 -30.94 -24.70
C SER M 65 25.08 -29.85 -25.40
N VAL M 66 25.75 -28.84 -25.93
CA VAL M 66 25.08 -27.91 -26.82
C VAL M 66 24.67 -28.64 -28.10
N THR M 67 25.56 -29.46 -28.63
CA THR M 67 25.26 -30.18 -29.86
C THR M 67 24.15 -31.18 -29.65
N HIS M 68 24.00 -31.68 -28.42
CA HIS M 68 22.85 -32.50 -28.06
C HIS M 68 21.55 -31.77 -28.37
N ILE M 69 21.57 -30.45 -28.29
CA ILE M 69 20.38 -29.66 -28.54
C ILE M 69 20.18 -29.47 -30.02
N CYS M 70 21.14 -28.78 -30.66
CA CYS M 70 20.94 -28.26 -32.00
C CYS M 70 20.70 -29.34 -33.03
N ARG M 71 20.98 -30.61 -32.71
CA ARG M 71 20.83 -31.72 -33.61
C ARG M 71 19.66 -32.62 -33.24
N ASP M 72 19.63 -33.09 -31.99
CA ASP M 72 18.81 -34.23 -31.63
C ASP M 72 17.50 -33.86 -30.95
N VAL M 73 17.35 -32.62 -30.52
CA VAL M 73 16.14 -32.20 -29.83
C VAL M 73 15.11 -31.74 -30.86
N ASN M 74 13.84 -32.03 -30.56
CA ASN M 74 12.74 -31.67 -31.44
C ASN M 74 12.50 -30.17 -31.32
N TYR M 75 12.92 -29.43 -32.34
CA TYR M 75 12.75 -27.98 -32.42
C TYR M 75 13.45 -27.26 -31.28
N GLY M 76 14.40 -27.91 -30.62
CA GLY M 76 15.16 -27.24 -29.59
C GLY M 76 16.26 -26.36 -30.14
N TRP M 77 16.69 -26.62 -31.37
CA TRP M 77 17.79 -25.87 -31.95
C TRP M 77 17.47 -24.38 -32.02
N ILE M 78 16.18 -24.06 -32.16
CA ILE M 78 15.75 -22.67 -32.14
C ILE M 78 16.10 -22.03 -30.80
N ILE M 79 16.01 -22.80 -29.73
CA ILE M 79 16.07 -22.21 -28.41
C ILE M 79 17.47 -21.68 -28.12
N ARG M 80 18.49 -22.21 -28.80
CA ARG M 80 19.83 -21.68 -28.62
C ARG M 80 19.89 -20.23 -29.07
N TYR M 81 19.03 -19.84 -29.99
CA TYR M 81 19.13 -18.57 -30.68
C TYR M 81 18.07 -17.57 -30.24
N MET M 82 16.85 -18.03 -29.97
CA MET M 82 15.88 -17.19 -29.28
C MET M 82 16.47 -16.65 -27.99
N HIS M 83 17.28 -17.46 -27.34
CA HIS M 83 17.94 -17.03 -26.12
C HIS M 83 19.16 -16.19 -26.42
N ALA M 84 20.07 -16.72 -27.25
CA ALA M 84 21.35 -16.07 -27.44
C ALA M 84 21.19 -14.73 -28.13
N ASN M 85 20.70 -14.74 -29.36
CA ASN M 85 20.46 -13.48 -30.04
C ASN M 85 19.36 -12.68 -29.37
N GLY M 86 18.52 -13.32 -28.57
CA GLY M 86 17.62 -12.58 -27.71
C GLY M 86 18.38 -11.65 -26.79
N ALA M 87 19.52 -12.11 -26.30
CA ALA M 87 20.33 -11.28 -25.42
C ALA M 87 20.91 -10.09 -26.15
N SER M 88 21.01 -10.15 -27.48
CA SER M 88 21.43 -8.98 -28.22
C SER M 88 20.28 -7.99 -28.34
N MET M 89 19.09 -8.49 -28.69
CA MET M 89 17.93 -7.63 -28.74
C MET M 89 17.63 -7.03 -27.38
N PHE M 90 18.00 -7.74 -26.32
CA PHE M 90 17.90 -7.19 -24.97
C PHE M 90 18.69 -5.90 -24.86
N PHE M 91 19.99 -5.97 -25.17
CA PHE M 91 20.83 -4.79 -25.06
C PHE M 91 20.43 -3.70 -26.03
N ILE M 92 19.85 -4.06 -27.17
CA ILE M 92 19.40 -3.04 -28.10
C ILE M 92 18.30 -2.20 -27.47
N CYS M 93 17.54 -2.78 -26.56
CA CYS M 93 16.53 -2.00 -25.85
C CYS M 93 17.20 -1.02 -24.90
N LEU M 94 18.21 -1.49 -24.16
CA LEU M 94 18.75 -0.70 -23.06
C LEU M 94 19.35 0.60 -23.54
N TYR M 95 20.31 0.52 -24.44
CA TYR M 95 20.91 1.73 -24.94
C TYR M 95 20.00 2.49 -25.89
N MET M 96 18.77 2.03 -26.10
CA MET M 96 17.67 2.86 -26.53
C MET M 96 16.75 3.24 -25.38
N HIS M 97 16.81 2.49 -24.29
CA HIS M 97 16.08 2.81 -23.08
C HIS M 97 16.78 3.86 -22.23
N VAL M 98 18.10 3.91 -22.27
CA VAL M 98 18.86 4.69 -21.31
C VAL M 98 19.23 6.05 -21.87
N GLY M 99 19.77 6.09 -23.08
CA GLY M 99 20.05 7.35 -23.73
C GLY M 99 18.81 8.22 -23.82
N ARG M 100 17.66 7.57 -23.92
CA ARG M 100 16.36 8.20 -23.71
C ARG M 100 16.37 9.11 -22.49
N GLY M 101 16.67 8.53 -21.32
CA GLY M 101 16.62 9.27 -20.08
C GLY M 101 17.48 10.51 -20.07
N LEU M 102 18.51 10.52 -20.90
CA LEU M 102 19.33 11.71 -21.11
C LEU M 102 18.66 12.66 -22.10
N TYR M 103 18.14 12.12 -23.20
CA TYR M 103 17.48 12.94 -24.21
C TYR M 103 16.16 13.50 -23.74
N TYR M 104 15.61 12.97 -22.64
CA TYR M 104 14.36 13.44 -22.08
C TYR M 104 14.48 13.92 -20.64
N GLY M 105 15.45 13.41 -19.88
CA GLY M 105 15.65 13.87 -18.53
C GLY M 105 14.96 13.00 -17.51
N SER M 106 15.05 11.69 -17.69
CA SER M 106 14.61 10.77 -16.64
C SER M 106 15.52 10.86 -15.43
N TYR M 107 16.77 11.26 -15.62
CA TYR M 107 17.79 11.04 -14.61
C TYR M 107 17.63 11.92 -13.38
N THR M 108 16.70 12.87 -13.40
CA THR M 108 16.44 13.64 -12.19
C THR M 108 15.85 12.77 -11.09
N PHE M 109 15.17 11.69 -11.46
CA PHE M 109 14.63 10.77 -10.46
C PHE M 109 15.79 9.96 -9.90
N LEU M 110 16.49 10.59 -8.95
CA LEU M 110 17.73 10.05 -8.43
C LEU M 110 17.54 8.69 -7.78
N GLU M 111 16.40 8.49 -7.12
CA GLU M 111 16.16 7.23 -6.45
C GLU M 111 15.96 6.09 -7.44
N THR M 112 15.59 6.41 -8.67
CA THR M 112 15.38 5.42 -9.71
C THR M 112 16.60 5.22 -10.58
N TRP M 113 17.28 6.31 -10.92
CA TRP M 113 18.37 6.23 -11.88
C TRP M 113 19.49 5.34 -11.39
N ASN M 114 19.75 5.36 -10.08
CA ASN M 114 20.77 4.50 -9.52
C ASN M 114 20.39 3.04 -9.68
N ILE M 115 19.11 2.74 -9.52
CA ILE M 115 18.63 1.38 -9.73
C ILE M 115 18.89 0.97 -11.17
N GLY M 116 18.73 1.90 -12.09
CA GLY M 116 18.98 1.62 -13.50
C GLY M 116 20.41 1.29 -13.79
N VAL M 117 21.32 1.60 -12.87
CA VAL M 117 22.72 1.24 -13.03
C VAL M 117 22.96 -0.18 -12.54
N ILE M 118 22.46 -0.49 -11.35
CA ILE M 118 22.79 -1.74 -10.70
C ILE M 118 22.28 -2.91 -11.52
N LEU M 119 21.20 -2.70 -12.26
CA LEU M 119 20.80 -3.66 -13.27
C LEU M 119 21.89 -3.87 -14.29
N LEU M 120 22.45 -2.78 -14.79
CA LEU M 120 23.35 -2.86 -15.93
C LEU M 120 24.61 -3.63 -15.56
N LEU M 121 25.18 -3.30 -14.41
CA LEU M 121 26.33 -4.05 -13.95
C LEU M 121 25.94 -5.45 -13.53
N THR M 122 24.69 -5.65 -13.12
CA THR M 122 24.23 -7.00 -12.85
C THR M 122 24.18 -7.80 -14.13
N VAL M 123 23.74 -7.15 -15.21
CA VAL M 123 23.58 -7.86 -16.48
C VAL M 123 24.91 -8.02 -17.18
N MET M 124 25.65 -6.92 -17.33
CA MET M 124 26.90 -6.98 -18.07
C MET M 124 27.93 -7.86 -17.41
N ALA M 125 27.78 -8.12 -16.11
CA ALA M 125 28.53 -9.17 -15.44
C ALA M 125 27.82 -10.51 -15.52
N THR M 126 26.51 -10.49 -15.70
CA THR M 126 25.80 -11.73 -15.97
C THR M 126 26.14 -12.27 -17.35
N ALA M 127 25.83 -11.48 -18.38
CA ALA M 127 26.05 -11.88 -19.77
C ALA M 127 27.46 -12.37 -20.01
N PHE M 128 28.43 -11.76 -19.32
CA PHE M 128 29.80 -12.22 -19.37
C PHE M 128 29.91 -13.67 -18.94
N MET M 129 29.04 -14.12 -18.04
CA MET M 129 29.01 -15.51 -17.64
C MET M 129 28.15 -16.37 -18.56
N GLY M 130 27.50 -15.78 -19.56
CA GLY M 130 26.61 -16.52 -20.42
C GLY M 130 27.23 -16.87 -21.75
N TYR M 131 28.14 -16.04 -22.21
CA TYR M 131 28.86 -16.35 -23.44
C TYR M 131 29.88 -17.44 -23.24
N VAL M 132 30.22 -17.75 -21.99
CA VAL M 132 31.37 -18.59 -21.71
C VAL M 132 31.02 -20.07 -21.62
N LEU M 133 29.77 -20.39 -21.32
CA LEU M 133 29.37 -21.78 -21.10
C LEU M 133 29.74 -22.75 -22.21
N PRO M 134 29.60 -22.44 -23.50
CA PRO M 134 29.79 -23.47 -24.51
C PRO M 134 31.25 -23.78 -24.86
N TRP M 135 32.22 -23.09 -24.28
CA TRP M 135 33.64 -23.38 -24.51
C TRP M 135 34.00 -23.23 -25.99
N GLY M 136 33.81 -22.03 -26.48
CA GLY M 136 33.88 -21.74 -27.88
C GLY M 136 35.25 -21.39 -28.43
N GLN M 137 36.29 -21.39 -27.59
CA GLN M 137 37.63 -20.88 -27.88
C GLN M 137 37.66 -19.35 -27.84
N MET M 138 36.48 -18.72 -27.76
CA MET M 138 36.34 -17.33 -27.34
C MET M 138 35.68 -17.22 -25.99
N SER M 139 34.96 -18.25 -25.57
CA SER M 139 34.55 -18.38 -24.20
C SER M 139 35.74 -18.28 -23.28
N PHE M 140 36.70 -19.17 -23.50
CA PHE M 140 37.88 -19.29 -22.64
C PHE M 140 38.64 -17.98 -22.58
N TRP M 141 39.17 -17.55 -23.73
CA TRP M 141 39.91 -16.31 -23.76
C TRP M 141 39.04 -15.11 -23.47
N GLY M 142 37.75 -15.19 -23.84
CA GLY M 142 36.84 -14.12 -23.47
C GLY M 142 36.69 -14.00 -21.97
N ALA M 143 36.89 -15.11 -21.27
CA ALA M 143 36.90 -15.10 -19.81
C ALA M 143 38.27 -14.81 -19.26
N THR M 144 39.31 -15.18 -19.99
CA THR M 144 40.67 -14.97 -19.52
C THR M 144 40.98 -13.49 -19.45
N VAL M 145 40.85 -12.80 -20.59
CA VAL M 145 41.35 -11.44 -20.73
C VAL M 145 40.69 -10.53 -19.72
N ILE M 146 39.35 -10.53 -19.72
CA ILE M 146 38.59 -9.64 -18.87
C ILE M 146 38.91 -9.91 -17.41
N THR M 147 38.83 -11.18 -17.02
CA THR M 147 39.06 -11.53 -15.63
C THR M 147 40.52 -11.33 -15.25
N ASN M 148 41.43 -11.47 -16.20
CA ASN M 148 42.85 -11.26 -15.92
C ASN M 148 43.11 -9.85 -15.43
N LEU M 149 42.32 -8.89 -15.91
CA LEU M 149 42.54 -7.49 -15.60
C LEU M 149 42.48 -7.23 -14.11
N LEU M 150 41.67 -8.00 -13.38
CA LEU M 150 41.53 -7.78 -11.96
C LEU M 150 42.81 -8.09 -11.20
N SER M 151 43.80 -8.68 -11.86
CA SER M 151 45.16 -8.69 -11.34
C SER M 151 45.81 -7.32 -11.37
N ALA M 152 45.18 -6.33 -12.01
CA ALA M 152 45.77 -5.00 -12.08
C ALA M 152 45.92 -4.37 -10.70
N ILE M 153 45.04 -4.72 -9.78
CA ILE M 153 45.10 -4.18 -8.42
C ILE M 153 46.39 -4.65 -7.78
N PRO M 154 47.07 -3.85 -6.94
CA PRO M 154 48.21 -4.38 -6.20
C PRO M 154 47.78 -5.11 -4.94
N TYR M 155 48.48 -6.22 -4.68
CA TYR M 155 48.45 -6.94 -3.40
C TYR M 155 47.17 -7.73 -3.15
N ILE M 156 46.15 -7.58 -3.98
CA ILE M 156 44.96 -8.43 -3.89
C ILE M 156 44.52 -8.95 -5.25
N GLY M 157 44.98 -8.34 -6.33
CA GLY M 157 44.52 -8.72 -7.65
C GLY M 157 44.81 -10.17 -7.97
N THR M 158 45.98 -10.65 -7.56
CA THR M 158 46.31 -12.05 -7.79
C THR M 158 45.43 -12.97 -6.96
N ASN M 159 44.95 -12.49 -5.82
CA ASN M 159 44.20 -13.35 -4.92
C ASN M 159 42.79 -13.58 -5.44
N LEU M 160 42.02 -12.50 -5.62
CA LEU M 160 40.63 -12.62 -6.04
C LEU M 160 40.50 -13.32 -7.39
N VAL M 161 41.48 -13.13 -8.27
CA VAL M 161 41.42 -13.74 -9.58
C VAL M 161 41.65 -15.23 -9.49
N GLU M 162 42.74 -15.62 -8.83
CA GLU M 162 42.95 -17.03 -8.52
C GLU M 162 41.78 -17.57 -7.72
N TRP M 163 41.22 -16.75 -6.84
CA TRP M 163 40.11 -17.16 -6.02
C TRP M 163 38.87 -17.47 -6.84
N ILE M 164 38.65 -16.70 -7.91
CA ILE M 164 37.50 -16.92 -8.75
C ILE M 164 37.78 -17.99 -9.80
N TRP M 165 39.01 -18.10 -10.27
CA TRP M 165 39.38 -19.14 -11.20
C TRP M 165 39.34 -20.53 -10.60
N GLY M 166 39.18 -20.64 -9.28
CA GLY M 166 39.18 -21.94 -8.66
C GLY M 166 40.49 -22.65 -8.82
N GLY M 167 41.58 -21.93 -8.71
CA GLY M 167 42.90 -22.48 -8.97
C GLY M 167 43.87 -21.40 -9.33
N PHE M 168 44.60 -21.64 -10.42
CA PHE M 168 45.52 -20.67 -10.97
C PHE M 168 45.16 -20.26 -12.38
N SER M 169 44.12 -20.83 -12.96
CA SER M 169 43.71 -20.53 -14.31
C SER M 169 42.37 -21.19 -14.55
N VAL M 170 41.74 -20.79 -15.64
CA VAL M 170 40.39 -21.25 -15.93
C VAL M 170 40.40 -22.75 -16.14
N ASP M 171 39.32 -23.39 -15.73
CA ASP M 171 39.22 -24.83 -15.68
C ASP M 171 37.74 -25.17 -15.47
N LYS M 172 37.46 -26.47 -15.42
CA LYS M 172 36.13 -26.97 -15.06
C LYS M 172 35.57 -26.26 -13.83
N ALA M 173 36.41 -26.04 -12.83
CA ALA M 173 35.94 -25.40 -11.62
C ALA M 173 35.49 -23.97 -11.89
N THR M 174 36.04 -23.34 -12.92
CA THR M 174 35.59 -22.00 -13.25
C THR M 174 34.20 -22.01 -13.85
N LEU M 175 33.86 -23.07 -14.54
CA LEU M 175 32.62 -23.13 -15.30
C LEU M 175 31.41 -23.16 -14.40
N THR M 176 31.30 -24.22 -13.60
CA THR M 176 30.13 -24.44 -12.77
C THR M 176 29.85 -23.26 -11.87
N ARG M 177 30.92 -22.60 -11.42
CA ARG M 177 30.77 -21.46 -10.54
C ARG M 177 30.07 -20.31 -11.25
N PHE M 178 30.16 -20.25 -12.57
CA PHE M 178 29.42 -19.25 -13.32
C PHE M 178 28.00 -19.70 -13.61
N PHE M 179 27.84 -20.97 -13.96
CA PHE M 179 26.54 -21.45 -14.40
C PHE M 179 25.48 -21.27 -13.33
N ALA M 180 25.88 -21.36 -12.07
CA ALA M 180 24.95 -21.07 -10.99
C ALA M 180 24.82 -19.57 -10.79
N PHE M 181 25.94 -18.85 -10.84
CA PHE M 181 25.88 -17.39 -10.78
C PHE M 181 25.15 -16.81 -11.96
N HIS M 182 24.98 -17.57 -13.04
CA HIS M 182 24.38 -17.05 -14.25
C HIS M 182 22.94 -17.47 -14.43
N PHE M 183 22.56 -18.58 -13.83
CA PHE M 183 21.21 -19.08 -13.88
C PHE M 183 20.29 -18.39 -12.89
N ILE M 184 20.81 -17.45 -12.11
CA ILE M 184 20.19 -16.99 -10.88
C ILE M 184 19.88 -15.50 -10.92
N LEU M 185 20.82 -14.71 -11.41
CA LEU M 185 20.69 -13.27 -11.35
C LEU M 185 19.46 -12.70 -12.04
N PRO M 186 18.97 -13.25 -13.14
CA PRO M 186 17.72 -12.76 -13.69
C PRO M 186 16.58 -12.77 -12.69
N PHE M 187 16.54 -13.77 -11.84
CA PHE M 187 15.56 -13.77 -10.77
C PHE M 187 15.85 -12.66 -9.78
N ILE M 188 17.12 -12.42 -9.50
CA ILE M 188 17.47 -11.24 -8.71
C ILE M 188 17.07 -9.99 -9.44
N ILE M 189 17.18 -10.00 -10.77
CA ILE M 189 16.71 -8.89 -11.56
C ILE M 189 15.18 -8.86 -11.55
N MET M 190 14.56 -10.04 -11.54
CA MET M 190 13.11 -10.12 -11.61
C MET M 190 12.45 -9.39 -10.45
N ALA M 191 13.08 -9.40 -9.28
CA ALA M 191 12.55 -8.70 -8.12
C ALA M 191 12.98 -7.25 -8.12
N ILE M 192 14.23 -6.99 -8.51
CA ILE M 192 14.72 -5.63 -8.61
C ILE M 192 13.93 -4.86 -9.66
N ALA M 193 13.40 -5.57 -10.65
CA ALA M 193 12.48 -4.95 -11.59
C ALA M 193 11.31 -4.31 -10.86
N MET M 194 10.73 -5.02 -9.90
CA MET M 194 9.63 -4.47 -9.14
C MET M 194 10.08 -3.28 -8.31
N VAL M 195 11.28 -3.36 -7.75
CA VAL M 195 11.83 -2.24 -7.02
C VAL M 195 11.99 -1.05 -7.94
N HIS M 196 12.47 -1.29 -9.15
CA HIS M 196 12.68 -0.22 -10.09
C HIS M 196 11.37 0.46 -10.46
N LEU M 197 10.28 -0.29 -10.40
CA LEU M 197 8.95 0.28 -10.61
C LEU M 197 8.36 0.85 -9.34
N LEU M 198 8.89 0.50 -8.17
CA LEU M 198 8.28 0.97 -6.94
C LEU M 198 8.56 2.45 -6.74
N PHE M 199 9.84 2.83 -6.71
CA PHE M 199 10.20 4.24 -6.55
C PHE M 199 9.60 5.08 -7.67
N LEU M 200 9.40 4.48 -8.83
CA LEU M 200 8.60 5.14 -9.86
C LEU M 200 7.21 5.44 -9.34
N HIS M 201 6.57 4.45 -8.73
CA HIS M 201 5.14 4.48 -8.45
C HIS M 201 4.75 5.67 -7.59
N GLU M 202 5.67 6.17 -6.77
CA GLU M 202 5.40 7.35 -5.98
C GLU M 202 5.39 8.62 -6.81
N THR M 203 5.91 8.58 -8.04
CA THR M 203 6.01 9.76 -8.89
C THR M 203 5.57 9.55 -10.32
N GLY M 204 5.54 8.32 -10.81
CA GLY M 204 5.13 8.08 -12.17
C GLY M 204 6.17 8.49 -13.19
N SER M 205 5.73 8.46 -14.45
CA SER M 205 6.63 8.57 -15.58
C SER M 205 7.02 10.02 -15.82
N ASN M 206 7.63 10.29 -16.98
CA ASN M 206 8.36 11.53 -17.22
C ASN M 206 8.35 11.82 -18.71
N ASN M 207 7.44 12.67 -19.15
CA ASN M 207 7.20 12.95 -20.56
C ASN M 207 8.43 13.35 -21.35
N PRO M 208 8.37 13.33 -22.68
CA PRO M 208 9.49 13.87 -23.47
C PRO M 208 9.74 15.35 -23.24
N THR M 209 8.69 16.13 -23.04
CA THR M 209 8.88 17.56 -22.81
C THR M 209 9.61 17.82 -21.51
N GLY M 210 9.46 16.92 -20.54
CA GLY M 210 10.03 17.11 -19.23
C GLY M 210 9.12 17.83 -18.26
N ILE M 211 7.96 18.22 -18.69
CA ILE M 211 7.02 18.97 -17.88
C ILE M 211 6.27 18.01 -16.99
N SER M 212 5.98 18.45 -15.77
CA SER M 212 5.14 17.70 -14.86
C SER M 212 3.73 17.70 -15.43
N SER M 213 3.33 16.57 -15.99
CA SER M 213 2.08 16.46 -16.73
C SER M 213 0.95 15.94 -15.88
N ASP M 214 0.92 16.32 -14.60
CA ASP M 214 -0.07 15.79 -13.66
C ASP M 214 -1.49 15.97 -14.16
N VAL M 215 -1.75 17.04 -14.91
CA VAL M 215 -3.10 17.34 -15.36
C VAL M 215 -3.62 16.34 -16.38
N ASP M 216 -2.74 15.67 -17.11
CA ASP M 216 -3.10 14.88 -18.28
C ASP M 216 -2.59 13.46 -18.13
N LYS M 217 -2.89 12.87 -17.00
CA LYS M 217 -2.58 11.47 -16.73
C LYS M 217 -3.82 10.65 -16.98
N ILE M 218 -3.64 9.51 -17.65
CA ILE M 218 -4.75 8.78 -18.25
C ILE M 218 -4.66 7.30 -17.94
N PRO M 219 -5.66 6.48 -18.27
CA PRO M 219 -5.58 5.06 -17.98
C PRO M 219 -4.52 4.33 -18.76
N PHE M 220 -4.47 3.02 -18.56
CA PHE M 220 -3.37 2.20 -19.01
C PHE M 220 -3.76 0.88 -19.66
N HIS M 221 -4.94 0.32 -19.39
CA HIS M 221 -5.26 -1.01 -19.89
C HIS M 221 -5.52 -1.05 -21.38
N PRO M 222 -6.27 -0.10 -21.96
CA PRO M 222 -6.46 -0.16 -23.41
C PRO M 222 -5.28 0.39 -24.19
N TYR M 223 -4.70 1.48 -23.69
CA TYR M 223 -3.85 2.32 -24.51
C TYR M 223 -2.42 1.81 -24.59
N TYR M 224 -1.72 1.79 -23.48
CA TYR M 224 -0.31 1.48 -23.51
C TYR M 224 -0.05 -0.02 -23.47
N THR M 225 -1.03 -0.79 -23.01
CA THR M 225 -0.94 -2.23 -23.07
C THR M 225 -0.73 -2.69 -24.50
N ILE M 226 -1.70 -2.41 -25.37
CA ILE M 226 -1.63 -2.82 -26.76
C ILE M 226 -0.44 -2.17 -27.45
N LYS M 227 -0.15 -0.92 -27.07
CA LYS M 227 0.99 -0.22 -27.64
C LYS M 227 2.27 -0.95 -27.34
N ASP M 228 2.42 -1.45 -26.12
CA ASP M 228 3.57 -2.26 -25.79
C ASP M 228 3.54 -3.58 -26.54
N ILE M 229 2.36 -4.20 -26.64
CA ILE M 229 2.23 -5.44 -27.39
C ILE M 229 2.65 -5.22 -28.83
N LEU M 230 2.28 -4.07 -29.39
CA LEU M 230 2.72 -3.73 -30.72
C LEU M 230 4.24 -3.67 -30.79
N GLY M 231 4.87 -3.16 -29.74
CA GLY M 231 6.32 -3.15 -29.70
C GLY M 231 6.87 -4.54 -29.53
N ALA M 232 6.22 -5.35 -28.70
CA ALA M 232 6.65 -6.73 -28.50
C ALA M 232 6.60 -7.49 -29.80
N LEU M 233 5.60 -7.17 -30.63
CA LEU M 233 5.53 -7.77 -31.94
C LEU M 233 6.76 -7.42 -32.76
N LEU M 234 7.11 -6.13 -32.79
CA LEU M 234 8.32 -5.72 -33.49
C LEU M 234 9.55 -6.40 -32.90
N LEU M 235 9.57 -6.58 -31.58
CA LEU M 235 10.66 -7.30 -30.96
C LEU M 235 10.69 -8.73 -31.44
N ILE M 236 9.56 -9.43 -31.32
CA ILE M 236 9.51 -10.82 -31.75
C ILE M 236 9.82 -10.91 -33.23
N LEU M 237 9.37 -9.92 -34.01
CA LEU M 237 9.71 -9.90 -35.42
C LEU M 237 11.21 -9.79 -35.59
N ALA M 238 11.79 -8.70 -35.08
CA ALA M 238 13.22 -8.48 -35.17
C ALA M 238 14.03 -9.57 -34.49
N LEU M 239 13.40 -10.37 -33.64
CA LEU M 239 14.05 -11.54 -33.06
C LEU M 239 13.86 -12.76 -33.94
N MET M 240 12.63 -13.01 -34.39
CA MET M 240 12.39 -14.14 -35.28
C MET M 240 13.15 -13.99 -36.59
N LEU M 241 13.37 -12.76 -37.04
CA LEU M 241 14.12 -12.56 -38.27
C LEU M 241 15.52 -13.11 -38.13
N LEU M 242 16.23 -12.67 -37.10
CA LEU M 242 17.64 -12.98 -36.96
C LEU M 242 17.85 -14.48 -36.83
N VAL M 243 17.13 -15.10 -35.92
CA VAL M 243 17.27 -16.53 -35.69
C VAL M 243 16.96 -17.31 -36.95
N LEU M 244 15.98 -16.85 -37.73
CA LEU M 244 15.59 -17.61 -38.92
C LEU M 244 16.47 -17.28 -40.12
N PHE M 245 16.99 -16.06 -40.19
CA PHE M 245 17.66 -15.59 -41.39
C PHE M 245 19.14 -15.26 -41.20
N ALA M 246 19.57 -14.92 -39.99
CA ALA M 246 20.98 -14.60 -39.81
C ALA M 246 21.43 -14.83 -38.38
N PRO M 247 21.30 -16.06 -37.88
CA PRO M 247 21.69 -16.32 -36.48
C PRO M 247 23.17 -16.23 -36.26
N ASP M 248 23.98 -16.46 -37.29
CA ASP M 248 25.43 -16.35 -37.20
C ASP M 248 25.91 -14.91 -37.25
N LEU M 249 25.01 -13.94 -37.25
CA LEU M 249 25.41 -12.56 -37.47
C LEU M 249 26.25 -12.04 -36.31
N LEU M 250 25.65 -11.97 -35.12
CA LEU M 250 26.30 -11.36 -33.98
C LEU M 250 27.16 -12.36 -33.22
N GLY M 251 26.57 -13.49 -32.86
CA GLY M 251 27.33 -14.57 -32.26
C GLY M 251 28.48 -14.98 -33.15
N ASP M 252 29.70 -14.67 -32.70
CA ASP M 252 30.87 -14.78 -33.55
C ASP M 252 31.05 -16.22 -34.03
N PRO M 253 31.71 -16.42 -35.17
CA PRO M 253 31.85 -17.79 -35.67
C PRO M 253 32.69 -18.64 -34.77
N ASP M 254 33.74 -18.07 -34.18
CA ASP M 254 34.73 -18.87 -33.46
C ASP M 254 34.11 -19.69 -32.35
N ASN M 255 33.03 -19.18 -31.74
CA ASN M 255 32.48 -19.82 -30.56
C ASN M 255 31.94 -21.22 -30.83
N TYR M 256 31.78 -21.60 -32.09
CA TYR M 256 31.50 -22.98 -32.42
C TYR M 256 32.75 -23.85 -32.40
N THR M 257 33.90 -23.29 -32.12
CA THR M 257 35.10 -24.08 -32.01
C THR M 257 35.20 -24.68 -30.62
N PRO M 258 35.75 -25.88 -30.46
CA PRO M 258 36.03 -26.39 -29.13
C PRO M 258 37.09 -25.56 -28.43
N ALA M 259 37.10 -25.67 -27.12
CA ALA M 259 38.07 -24.93 -26.33
C ALA M 259 39.42 -25.61 -26.35
N ASN M 260 40.45 -24.81 -26.40
CA ASN M 260 41.83 -25.29 -26.32
C ASN M 260 42.71 -24.15 -25.83
N PRO M 261 43.29 -24.22 -24.63
CA PRO M 261 44.15 -23.12 -24.19
C PRO M 261 45.43 -22.98 -24.97
N LEU M 262 45.87 -24.02 -25.68
CA LEU M 262 47.16 -24.02 -26.36
C LEU M 262 47.10 -23.40 -27.74
N ASN M 263 46.07 -22.61 -28.04
CA ASN M 263 46.02 -21.91 -29.30
C ASN M 263 44.99 -20.80 -29.19
N THR M 264 45.32 -19.65 -29.71
CA THR M 264 44.46 -18.50 -29.74
C THR M 264 44.06 -18.17 -31.18
N PRO M 265 42.99 -17.42 -31.37
CA PRO M 265 42.75 -16.81 -32.67
C PRO M 265 43.69 -15.65 -32.90
N PRO M 266 43.96 -15.28 -34.15
CA PRO M 266 44.76 -14.07 -34.38
C PRO M 266 44.09 -12.83 -33.84
N HIS M 267 42.77 -12.74 -33.95
CA HIS M 267 42.01 -11.59 -33.50
C HIS M 267 41.09 -12.01 -32.36
N ILE M 268 41.11 -11.22 -31.30
CA ILE M 268 40.24 -11.42 -30.15
C ILE M 268 39.26 -10.27 -30.11
N LYS M 269 38.04 -10.58 -29.78
CA LYS M 269 37.09 -9.58 -29.35
C LYS M 269 35.97 -10.32 -28.62
N PRO M 270 35.51 -9.81 -27.49
CA PRO M 270 34.28 -10.37 -26.92
C PRO M 270 33.08 -10.01 -27.75
N GLU M 271 31.88 -10.36 -27.27
CA GLU M 271 30.67 -10.04 -27.99
C GLU M 271 30.57 -8.53 -28.21
N TRP M 272 29.79 -8.18 -29.24
CA TRP M 272 29.79 -6.82 -29.79
C TRP M 272 29.50 -5.76 -28.75
N TYR M 273 28.72 -6.10 -27.72
CA TYR M 273 28.16 -5.06 -26.88
C TYR M 273 29.16 -4.50 -25.87
N PHE M 274 30.14 -5.29 -25.43
CA PHE M 274 31.23 -4.74 -24.63
C PHE M 274 31.97 -3.63 -25.36
N LEU M 275 31.99 -3.69 -26.69
CA LEU M 275 33.10 -3.11 -27.45
C LEU M 275 33.22 -1.61 -27.27
N PHE M 276 32.12 -0.91 -26.96
CA PHE M 276 32.26 0.50 -26.66
C PHE M 276 33.11 0.68 -25.41
N ALA M 277 33.01 -0.26 -24.48
CA ALA M 277 33.68 -0.19 -23.19
C ALA M 277 35.05 -0.82 -23.24
N TYR M 278 35.15 -1.97 -23.89
CA TYR M 278 36.43 -2.66 -24.00
C TYR M 278 37.44 -1.79 -24.74
N ALA M 279 36.97 -1.01 -25.70
CA ALA M 279 37.88 -0.16 -26.46
C ALA M 279 38.49 0.91 -25.59
N ILE M 280 37.75 1.38 -24.59
CA ILE M 280 38.26 2.43 -23.71
C ILE M 280 39.49 1.93 -22.99
N LEU M 281 39.44 0.70 -22.50
CA LEU M 281 40.58 0.11 -21.84
C LEU M 281 41.71 -0.12 -22.81
N ARG M 282 41.39 -0.75 -23.96
CA ARG M 282 42.39 -1.06 -24.97
C ARG M 282 43.10 0.19 -25.46
N SER M 283 42.46 1.36 -25.36
CA SER M 283 43.12 2.59 -25.72
C SER M 283 44.31 2.85 -24.82
N ILE M 284 44.15 2.64 -23.53
CA ILE M 284 45.18 2.99 -22.55
C ILE M 284 46.31 1.98 -22.67
N PRO M 285 47.56 2.38 -22.96
CA PRO M 285 48.65 1.40 -22.90
C PRO M 285 48.90 0.91 -21.50
N ASN M 286 48.75 1.79 -20.51
CA ASN M 286 48.88 1.37 -19.12
C ASN M 286 47.80 0.33 -18.80
N LYS M 287 48.09 -0.49 -17.80
CA LYS M 287 47.15 -1.55 -17.44
C LYS M 287 46.05 -1.00 -16.55
N LEU M 288 46.41 -0.53 -15.37
CA LEU M 288 45.43 -0.09 -14.40
C LEU M 288 44.80 1.24 -14.79
N GLY M 289 45.57 2.10 -15.47
CA GLY M 289 45.13 3.44 -15.78
C GLY M 289 43.87 3.51 -16.63
N GLY M 290 43.48 2.40 -17.25
CA GLY M 290 42.27 2.34 -18.03
C GLY M 290 41.16 1.56 -17.36
N VAL M 291 41.52 0.66 -16.44
CA VAL M 291 40.52 -0.15 -15.77
C VAL M 291 39.57 0.73 -14.98
N LEU M 292 40.12 1.61 -14.15
CA LEU M 292 39.28 2.51 -13.39
C LEU M 292 38.47 3.42 -14.29
N ALA M 293 38.96 3.71 -15.50
CA ALA M 293 38.17 4.46 -16.45
C ALA M 293 36.99 3.64 -16.95
N LEU M 294 37.12 2.32 -17.01
CA LEU M 294 36.07 1.47 -17.53
C LEU M 294 34.81 1.58 -16.68
N ALA M 295 34.90 1.17 -15.43
CA ALA M 295 33.75 1.24 -14.54
C ALA M 295 33.32 2.68 -14.33
N PHE M 296 34.28 3.61 -14.36
CA PHE M 296 33.92 5.02 -14.31
C PHE M 296 33.09 5.42 -15.51
N SER M 297 33.37 4.84 -16.67
CA SER M 297 32.57 5.12 -17.85
C SER M 297 31.13 4.67 -17.68
N ILE M 298 30.92 3.62 -16.89
CA ILE M 298 29.58 3.16 -16.57
C ILE M 298 29.02 3.91 -15.39
N LEU M 299 29.80 3.95 -14.30
CA LEU M 299 29.35 4.58 -13.07
C LEU M 299 29.28 6.09 -13.16
N ILE M 300 29.69 6.69 -14.28
CA ILE M 300 29.44 8.10 -14.51
C ILE M 300 27.94 8.37 -14.48
N LEU M 301 27.14 7.39 -14.87
CA LEU M 301 25.69 7.57 -14.88
C LEU M 301 25.16 7.93 -13.52
N ALA M 302 25.70 7.31 -12.47
CA ALA M 302 25.35 7.73 -11.12
C ALA M 302 25.83 9.15 -10.84
N LEU M 303 26.83 9.62 -11.57
CA LEU M 303 27.42 10.93 -11.34
C LEU M 303 26.80 12.03 -12.18
N ILE M 304 26.03 11.69 -13.22
CA ILE M 304 25.39 12.70 -14.06
C ILE M 304 24.43 13.57 -13.25
N PRO M 305 23.49 13.06 -12.48
CA PRO M 305 22.40 13.89 -11.96
C PRO M 305 22.85 15.03 -11.06
N LEU M 306 24.11 15.05 -10.64
CA LEU M 306 24.71 16.25 -10.09
C LEU M 306 25.20 17.21 -11.16
N LEU M 307 24.83 16.99 -12.42
CA LEU M 307 25.23 17.82 -13.53
C LEU M 307 24.02 18.18 -14.39
N HIS M 308 22.88 18.38 -13.76
CA HIS M 308 21.69 18.87 -14.43
C HIS M 308 21.66 20.38 -14.30
N THR M 309 22.48 21.05 -15.10
CA THR M 309 22.68 22.47 -14.93
C THR M 309 21.44 23.26 -15.32
N SER M 310 20.81 22.89 -16.42
CA SER M 310 19.62 23.59 -16.85
C SER M 310 18.50 23.41 -15.86
N LYS M 311 17.80 24.51 -15.54
CA LYS M 311 16.57 24.40 -14.80
C LYS M 311 15.40 23.99 -15.67
N GLN M 312 15.64 23.67 -16.94
CA GLN M 312 14.73 22.84 -17.70
C GLN M 312 15.03 21.39 -17.38
N ARG M 313 14.29 20.48 -18.02
CA ARG M 313 14.53 19.06 -17.89
C ARG M 313 14.95 18.44 -19.22
N SER M 314 14.13 18.56 -20.24
CA SER M 314 14.27 17.75 -21.43
C SER M 314 15.37 18.30 -22.33
N MET M 315 15.43 17.77 -23.54
CA MET M 315 16.31 18.24 -24.59
C MET M 315 15.59 18.45 -25.91
N MET M 316 14.30 18.12 -25.97
CA MET M 316 13.50 18.60 -27.09
C MET M 316 13.44 20.12 -27.09
N PHE M 317 13.60 20.74 -25.93
CA PHE M 317 13.65 22.19 -25.78
C PHE M 317 15.03 22.66 -25.34
N ARG M 318 16.07 21.97 -25.80
CA ARG M 318 17.45 22.43 -25.63
C ARG M 318 18.21 22.02 -26.88
N PRO M 319 18.07 22.79 -27.96
CA PRO M 319 18.65 22.35 -29.25
C PRO M 319 20.14 22.09 -29.19
N LEU M 320 20.89 22.86 -28.40
CA LEU M 320 22.32 22.65 -28.32
C LEU M 320 22.63 21.30 -27.69
N SER M 321 21.83 20.87 -26.73
CA SER M 321 22.04 19.57 -26.12
C SER M 321 21.93 18.47 -27.16
N GLN M 322 21.03 18.65 -28.12
CA GLN M 322 20.87 17.65 -29.17
C GLN M 322 22.11 17.58 -30.04
N CYS M 323 22.79 18.71 -30.24
CA CYS M 323 24.02 18.70 -31.02
C CYS M 323 25.08 17.86 -30.34
N LEU M 324 25.13 17.90 -29.01
CA LEU M 324 26.09 17.09 -28.28
C LEU M 324 25.63 15.65 -28.16
N PHE M 325 24.36 15.47 -27.85
CA PHE M 325 23.86 14.16 -27.47
C PHE M 325 24.03 13.17 -28.61
N TRP M 326 23.52 13.53 -29.78
CA TRP M 326 23.69 12.67 -30.93
C TRP M 326 25.15 12.58 -31.35
N ALA M 327 26.00 13.49 -30.90
CA ALA M 327 27.42 13.34 -31.12
C ALA M 327 28.01 12.28 -30.22
N LEU M 328 27.45 12.13 -29.01
CA LEU M 328 27.89 11.07 -28.12
C LEU M 328 27.65 9.71 -28.75
N VAL M 329 26.54 9.58 -29.47
CA VAL M 329 26.19 8.31 -30.08
C VAL M 329 27.25 7.92 -31.11
N ALA M 330 27.79 8.92 -31.80
CA ALA M 330 28.89 8.65 -32.72
C ALA M 330 30.05 8.01 -32.00
N ASP M 331 30.38 8.52 -30.82
CA ASP M 331 31.51 7.99 -30.08
C ASP M 331 31.26 6.56 -29.65
N LEU M 332 30.10 6.28 -29.07
CA LEU M 332 29.79 4.92 -28.66
C LEU M 332 29.76 3.98 -29.86
N LEU M 333 29.00 4.33 -30.88
CA LEU M 333 28.92 3.50 -32.07
C LEU M 333 30.27 3.41 -32.77
N THR M 334 31.14 4.40 -32.55
CA THR M 334 32.51 4.29 -33.03
C THR M 334 33.30 3.30 -32.18
N LEU M 335 33.36 3.54 -30.87
CA LEU M 335 34.07 2.64 -29.97
C LEU M 335 33.55 1.23 -30.07
N THR M 336 32.27 1.07 -30.37
CA THR M 336 31.72 -0.23 -30.72
C THR M 336 32.53 -0.87 -31.83
N TRP M 337 32.71 -0.14 -32.94
CA TRP M 337 33.40 -0.71 -34.08
C TRP M 337 34.90 -0.72 -33.87
N ILE M 338 35.43 0.38 -33.34
CA ILE M 338 36.86 0.47 -33.11
C ILE M 338 37.30 -0.57 -32.09
N GLY M 339 36.42 -0.91 -31.15
CA GLY M 339 36.75 -1.93 -30.18
C GLY M 339 36.89 -3.30 -30.81
N GLY M 340 35.99 -3.63 -31.72
CA GLY M 340 36.00 -4.94 -32.35
C GLY M 340 37.05 -5.11 -33.42
N GLN M 341 37.90 -4.12 -33.61
CA GLN M 341 38.98 -4.17 -34.58
C GLN M 341 40.32 -4.15 -33.86
N PRO M 342 41.38 -4.58 -34.52
CA PRO M 342 42.64 -4.80 -33.79
C PRO M 342 43.43 -3.55 -33.50
N VAL M 343 44.62 -3.74 -32.96
CA VAL M 343 45.47 -2.67 -32.46
C VAL M 343 46.44 -2.31 -33.58
N GLU M 344 46.15 -1.23 -34.28
CA GLU M 344 47.09 -0.71 -35.27
C GLU M 344 46.98 0.80 -35.32
N HIS M 345 47.94 1.41 -36.02
CA HIS M 345 48.13 2.85 -35.92
C HIS M 345 46.92 3.67 -36.34
N PRO M 346 46.19 3.34 -37.42
CA PRO M 346 45.03 4.15 -37.78
C PRO M 346 43.92 4.10 -36.75
N TYR M 347 43.92 3.09 -35.87
CA TYR M 347 42.85 2.91 -34.90
C TYR M 347 43.24 3.34 -33.50
N ILE M 348 44.51 3.24 -33.14
CA ILE M 348 44.94 3.69 -31.82
C ILE M 348 44.73 5.19 -31.72
N THR M 349 45.01 5.91 -32.81
CA THR M 349 44.84 7.36 -32.82
C THR M 349 43.39 7.74 -32.53
N ILE M 350 42.46 6.85 -32.82
CA ILE M 350 41.05 7.13 -32.61
C ILE M 350 40.70 6.98 -31.13
N GLY M 351 40.94 5.80 -30.59
CA GLY M 351 40.50 5.52 -29.23
C GLY M 351 41.16 6.41 -28.20
N GLN M 352 42.37 6.88 -28.48
CA GLN M 352 42.98 7.86 -27.60
C GLN M 352 42.19 9.15 -27.56
N LEU M 353 41.42 9.43 -28.60
CA LEU M 353 40.51 10.58 -28.64
C LEU M 353 39.10 10.19 -28.22
N ALA M 354 38.59 9.11 -28.79
CA ALA M 354 37.21 8.73 -28.58
C ALA M 354 36.93 8.45 -27.12
N SER M 355 37.88 7.81 -26.44
CA SER M 355 37.74 7.59 -25.00
C SER M 355 37.65 8.91 -24.26
N VAL M 356 38.49 9.87 -24.65
CA VAL M 356 38.50 11.15 -23.98
C VAL M 356 37.23 11.91 -24.33
N LEU M 357 36.78 11.78 -25.58
CA LEU M 357 35.57 12.45 -26.01
C LEU M 357 34.38 12.03 -25.17
N TYR M 358 34.29 10.74 -24.85
CA TYR M 358 33.19 10.21 -24.04
C TYR M 358 33.11 10.93 -22.71
N PHE M 359 34.18 10.87 -21.94
CA PHE M 359 34.24 11.60 -20.69
C PHE M 359 34.09 13.10 -20.90
N LEU M 360 34.52 13.60 -22.05
CA LEU M 360 34.52 15.04 -22.27
C LEU M 360 33.12 15.55 -22.52
N LEU M 361 32.38 14.89 -23.41
CA LEU M 361 31.03 15.34 -23.74
C LEU M 361 30.14 15.35 -22.52
N ILE M 362 30.36 14.43 -21.60
CA ILE M 362 29.45 14.24 -20.48
C ILE M 362 29.70 15.29 -19.40
N LEU M 363 30.96 15.50 -19.06
CA LEU M 363 31.32 16.22 -17.85
C LEU M 363 31.71 17.66 -18.09
N VAL M 364 31.64 18.14 -19.33
CA VAL M 364 32.08 19.50 -19.65
C VAL M 364 30.98 20.22 -20.40
N LEU M 365 30.49 19.61 -21.46
CA LEU M 365 29.70 20.32 -22.44
C LEU M 365 28.20 20.23 -22.21
N MET M 366 27.69 19.09 -21.75
CA MET M 366 26.29 19.05 -21.33
C MET M 366 26.06 19.96 -20.13
N PRO M 367 26.91 19.98 -19.10
CA PRO M 367 26.76 21.01 -18.06
C PRO M 367 26.86 22.41 -18.61
N THR M 368 27.86 22.64 -19.47
CA THR M 368 28.08 23.95 -20.06
C THR M 368 26.86 24.47 -20.78
N ALA M 369 26.04 23.57 -21.30
CA ALA M 369 24.86 23.98 -22.05
C ALA M 369 23.89 24.73 -21.15
N GLY M 370 23.46 24.09 -20.07
CA GLY M 370 22.46 24.70 -19.20
C GLY M 370 22.95 25.97 -18.56
N THR M 371 24.25 26.04 -18.26
CA THR M 371 24.81 27.27 -17.75
C THR M 371 24.70 28.39 -18.77
N ILE M 372 24.69 28.03 -20.05
CA ILE M 372 24.53 29.00 -21.12
C ILE M 372 23.06 29.22 -21.44
N GLU M 373 22.33 28.12 -21.61
CA GLU M 373 20.93 28.21 -22.02
C GLU M 373 20.10 28.93 -20.98
N ASN M 374 20.46 28.80 -19.71
CA ASN M 374 19.86 29.66 -18.70
C ASN M 374 20.18 31.12 -18.99
N LYS M 375 21.41 31.41 -19.40
CA LYS M 375 21.79 32.78 -19.68
C LYS M 375 21.22 33.27 -20.99
N LEU M 376 21.00 32.37 -21.94
CA LEU M 376 20.34 32.75 -23.18
C LEU M 376 18.91 33.17 -22.96
N LEU M 377 18.30 32.78 -21.84
CA LEU M 377 16.91 33.09 -21.55
C LEU M 377 16.72 33.60 -20.12
N LYS M 378 17.81 34.00 -19.47
CA LYS M 378 17.75 34.82 -18.27
C LYS M 378 17.04 34.10 -17.11
N TRP M 379 17.65 33.03 -16.65
CA TRP M 379 17.42 32.56 -15.29
C TRP M 379 18.59 31.70 -14.83
N GLU N 88 45.12 -11.31 -44.53
CA GLU N 88 43.90 -12.05 -44.81
C GLU N 88 43.60 -12.03 -46.30
N LEU N 89 42.61 -12.82 -46.70
CA LEU N 89 42.04 -12.72 -48.03
C LEU N 89 40.54 -12.98 -47.92
N HIS N 90 39.76 -12.10 -48.49
CA HIS N 90 38.31 -12.21 -48.40
C HIS N 90 37.81 -13.06 -49.56
N PRO N 91 37.15 -14.20 -49.31
CA PRO N 91 36.55 -14.93 -50.42
C PRO N 91 35.40 -14.15 -51.03
N PRO N 92 35.01 -14.43 -52.26
CA PRO N 92 33.84 -13.77 -52.83
C PRO N 92 32.56 -14.36 -52.27
N SER N 93 31.45 -13.83 -52.77
CA SER N 93 30.12 -14.32 -52.44
C SER N 93 29.64 -15.17 -53.61
N TYR N 94 30.11 -16.42 -53.64
CA TYR N 94 29.66 -17.31 -54.69
C TYR N 94 28.18 -17.64 -54.46
N PRO N 95 27.36 -17.66 -55.51
CA PRO N 95 25.97 -18.04 -55.31
C PRO N 95 25.86 -19.50 -54.94
N TRP N 96 24.65 -19.90 -54.58
CA TRP N 96 24.38 -21.27 -54.21
C TRP N 96 22.94 -21.58 -54.55
N SER N 97 22.59 -22.85 -54.41
CA SER N 97 21.20 -23.26 -54.47
C SER N 97 20.45 -22.96 -53.18
N HIS N 98 21.11 -22.38 -52.17
CA HIS N 98 20.51 -22.15 -50.87
C HIS N 98 20.79 -20.76 -50.33
N ARG N 99 21.43 -19.88 -51.10
CA ARG N 99 21.72 -18.55 -50.59
C ARG N 99 20.47 -17.73 -50.38
N GLY N 100 19.44 -17.97 -51.20
CA GLY N 100 18.23 -17.19 -51.08
C GLY N 100 17.54 -17.42 -49.75
N LEU N 101 16.97 -16.34 -49.22
CA LEU N 101 16.39 -16.37 -47.89
C LEU N 101 15.15 -17.22 -47.78
N LEU N 102 14.70 -17.84 -48.87
CA LEU N 102 13.77 -18.95 -48.83
C LEU N 102 14.26 -20.10 -49.70
N SER N 103 15.58 -20.21 -49.87
CA SER N 103 16.17 -21.26 -50.68
C SER N 103 16.64 -22.38 -49.77
N SER N 104 16.54 -23.61 -50.27
CA SER N 104 16.89 -24.80 -49.53
C SER N 104 18.12 -25.45 -50.15
N LEU N 105 18.50 -26.59 -49.62
CA LEU N 105 19.65 -27.35 -50.11
C LEU N 105 19.24 -28.38 -51.14
N ASP N 106 20.04 -28.50 -52.18
CA ASP N 106 19.86 -29.54 -53.19
C ASP N 106 20.29 -30.86 -52.57
N HIS N 107 19.32 -31.65 -52.10
CA HIS N 107 19.65 -32.89 -51.42
C HIS N 107 20.33 -33.87 -52.34
N THR N 108 20.07 -33.78 -53.64
CA THR N 108 20.81 -34.60 -54.58
C THR N 108 22.29 -34.27 -54.52
N SER N 109 22.61 -32.99 -54.33
CA SER N 109 24.01 -32.61 -54.22
C SER N 109 24.62 -33.16 -52.94
N ILE N 110 23.81 -33.26 -51.89
CA ILE N 110 24.30 -33.82 -50.63
C ILE N 110 24.62 -35.29 -50.80
N ARG N 111 23.80 -36.00 -51.58
CA ARG N 111 23.91 -37.45 -51.69
C ARG N 111 25.28 -37.83 -52.23
N ARG N 112 25.76 -37.08 -53.21
CA ARG N 112 27.11 -37.32 -53.71
C ARG N 112 28.15 -36.73 -52.78
N GLY N 113 27.78 -35.68 -52.03
CA GLY N 113 28.74 -35.07 -51.12
C GLY N 113 29.19 -36.02 -50.03
N PHE N 114 28.28 -36.86 -49.54
CA PHE N 114 28.64 -37.78 -48.47
C PHE N 114 29.64 -38.83 -48.94
N GLN N 115 29.57 -39.19 -50.22
CA GLN N 115 30.55 -40.13 -50.78
C GLN N 115 31.95 -39.60 -50.59
N VAL N 116 32.11 -38.29 -50.70
CA VAL N 116 33.43 -37.68 -50.68
C VAL N 116 34.06 -37.85 -49.31
N TYR N 117 33.30 -37.54 -48.26
CA TYR N 117 33.85 -37.57 -46.91
C TYR N 117 34.35 -38.95 -46.55
N LYS N 118 33.66 -39.98 -47.04
CA LYS N 118 34.04 -41.34 -46.69
C LYS N 118 35.25 -41.78 -47.50
N GLN N 119 35.32 -41.38 -48.76
CA GLN N 119 36.38 -41.85 -49.63
C GLN N 119 37.66 -41.04 -49.45
N VAL N 120 37.54 -39.80 -48.96
CA VAL N 120 38.64 -38.86 -49.00
C VAL N 120 38.96 -38.35 -47.61
N CYS N 121 38.00 -37.68 -46.99
CA CYS N 121 38.28 -36.87 -45.82
C CYS N 121 38.26 -37.68 -44.54
N SER N 122 37.56 -38.80 -44.53
CA SER N 122 37.47 -39.61 -43.32
C SER N 122 38.75 -40.33 -42.96
N SER N 123 39.82 -40.16 -43.73
CA SER N 123 41.11 -40.71 -43.34
C SER N 123 41.79 -39.87 -42.27
N CYS N 124 41.49 -38.57 -42.20
CA CYS N 124 42.17 -37.67 -41.29
C CYS N 124 41.28 -36.60 -40.67
N HIS N 125 39.97 -36.65 -40.89
CA HIS N 125 39.05 -35.68 -40.30
C HIS N 125 38.08 -36.41 -39.38
N SER N 126 37.98 -35.91 -38.15
CA SER N 126 37.25 -36.57 -37.08
C SER N 126 35.94 -35.82 -36.86
N MET N 127 34.92 -36.19 -37.61
CA MET N 127 33.58 -35.67 -37.41
C MET N 127 32.89 -36.51 -36.34
N ASP N 128 32.83 -35.98 -35.13
CA ASP N 128 32.35 -36.72 -33.97
C ASP N 128 30.92 -36.38 -33.58
N TYR N 129 30.34 -35.35 -34.17
CA TYR N 129 29.05 -34.83 -33.73
C TYR N 129 27.91 -35.24 -34.65
N VAL N 130 28.07 -36.37 -35.36
CA VAL N 130 27.14 -36.78 -36.40
C VAL N 130 27.02 -38.29 -36.37
N ALA N 131 25.86 -38.79 -36.80
CA ALA N 131 25.65 -40.21 -37.02
C ALA N 131 24.93 -40.43 -38.33
N TYR N 132 24.99 -41.67 -38.80
CA TYR N 132 24.34 -42.05 -40.05
C TYR N 132 22.84 -41.80 -40.00
N ARG N 133 22.24 -41.87 -38.82
CA ARG N 133 20.80 -41.73 -38.72
C ARG N 133 20.34 -40.35 -39.13
N HIS N 134 21.15 -39.33 -38.86
CA HIS N 134 20.80 -37.98 -39.26
C HIS N 134 20.71 -37.82 -40.76
N LEU N 135 21.31 -38.74 -41.53
CA LEU N 135 21.20 -38.69 -42.97
C LEU N 135 19.83 -39.12 -43.46
N VAL N 136 19.02 -39.75 -42.60
CA VAL N 136 17.70 -40.16 -43.00
C VAL N 136 16.85 -38.92 -43.29
N GLY N 137 15.99 -39.03 -44.28
CA GLY N 137 15.19 -37.91 -44.70
C GLY N 137 15.97 -36.79 -45.35
N VAL N 138 17.25 -37.02 -45.64
CA VAL N 138 18.14 -35.98 -46.14
C VAL N 138 18.78 -36.43 -47.45
N CYS N 139 19.56 -37.51 -47.40
CA CYS N 139 20.24 -38.04 -48.58
C CYS N 139 20.02 -39.53 -48.79
N TYR N 140 20.00 -40.30 -47.72
CA TYR N 140 19.84 -41.75 -47.77
C TYR N 140 18.62 -42.16 -46.97
N THR N 141 18.30 -43.44 -47.08
CA THR N 141 17.17 -44.04 -46.37
C THR N 141 17.67 -44.77 -45.15
N GLU N 142 16.75 -45.47 -44.48
CA GLU N 142 17.11 -46.25 -43.31
C GLU N 142 17.99 -47.42 -43.69
N ASP N 143 17.46 -48.31 -44.54
CA ASP N 143 18.17 -49.54 -44.87
C ASP N 143 19.47 -49.24 -45.61
N GLU N 144 19.42 -48.29 -46.53
CA GLU N 144 20.60 -48.01 -47.35
C GLU N 144 21.74 -47.47 -46.50
N ALA N 145 21.47 -46.41 -45.75
CA ALA N 145 22.49 -45.85 -44.88
C ALA N 145 22.94 -46.87 -43.84
N LYS N 146 22.02 -47.74 -43.42
CA LYS N 146 22.39 -48.81 -42.51
C LYS N 146 23.41 -49.75 -43.15
N ALA N 147 23.36 -49.89 -44.47
CA ALA N 147 24.34 -50.72 -45.16
C ALA N 147 25.76 -50.22 -44.94
N LEU N 148 25.92 -48.92 -44.69
CA LEU N 148 27.22 -48.36 -44.39
C LEU N 148 27.61 -48.61 -42.95
N ALA N 149 26.63 -48.68 -42.05
CA ALA N 149 26.93 -49.06 -40.68
C ALA N 149 27.41 -50.49 -40.61
N GLU N 150 26.86 -51.37 -41.45
CA GLU N 150 27.37 -52.72 -41.56
C GLU N 150 28.76 -52.76 -42.16
N GLU N 151 29.15 -51.71 -42.89
CA GLU N 151 30.42 -51.74 -43.60
C GLU N 151 31.59 -51.60 -42.65
N VAL N 152 31.50 -50.68 -41.70
CA VAL N 152 32.63 -50.30 -40.87
C VAL N 152 32.51 -50.96 -39.51
N GLU N 153 33.66 -51.33 -38.95
CA GLU N 153 33.70 -51.89 -37.60
C GLU N 153 33.79 -50.77 -36.57
N VAL N 154 33.22 -51.02 -35.40
CA VAL N 154 33.18 -50.04 -34.33
C VAL N 154 33.53 -50.72 -33.02
N GLN N 155 34.29 -50.03 -32.18
CA GLN N 155 34.66 -50.54 -30.87
C GLN N 155 33.54 -50.25 -29.88
N ASP N 156 32.82 -51.30 -29.49
CA ASP N 156 31.73 -51.18 -28.53
C ASP N 156 31.64 -52.47 -27.73
N GLY N 157 31.15 -52.36 -26.51
CA GLY N 157 30.72 -53.50 -25.77
C GLY N 157 31.80 -54.08 -24.89
N PRO N 158 31.65 -53.96 -23.57
CA PRO N 158 32.47 -54.77 -22.67
C PRO N 158 32.03 -56.23 -22.67
N ASN N 159 32.90 -57.09 -23.19
CA ASN N 159 32.67 -58.53 -23.17
C ASN N 159 32.49 -59.02 -21.75
N GLU N 160 31.78 -60.14 -21.60
CA GLU N 160 31.62 -60.73 -20.27
C GLU N 160 32.95 -61.21 -19.71
N ASP N 161 33.92 -61.51 -20.57
CA ASP N 161 35.28 -61.75 -20.11
C ASP N 161 35.85 -60.55 -19.39
N GLY N 162 35.37 -59.35 -19.70
CA GLY N 162 35.93 -58.11 -19.19
C GLY N 162 36.77 -57.36 -20.19
N GLU N 163 36.64 -57.65 -21.48
CA GLU N 163 37.40 -57.02 -22.53
C GLU N 163 36.44 -56.33 -23.48
N MET N 164 37.01 -55.66 -24.48
CA MET N 164 36.26 -54.97 -25.51
C MET N 164 36.62 -55.54 -26.87
N PHE N 165 35.77 -55.26 -27.85
CA PHE N 165 35.85 -55.92 -29.14
C PHE N 165 35.43 -54.93 -30.22
N MET N 166 35.21 -55.46 -31.42
CA MET N 166 34.74 -54.70 -32.57
C MET N 166 33.48 -55.34 -33.11
N ARG N 167 32.53 -54.52 -33.51
CA ARG N 167 31.30 -54.96 -34.15
C ARG N 167 31.02 -54.11 -35.38
N PRO N 168 30.15 -54.58 -36.26
CA PRO N 168 29.57 -53.67 -37.26
C PRO N 168 28.69 -52.63 -36.59
N GLY N 169 28.86 -51.38 -37.00
CA GLY N 169 28.12 -50.31 -36.39
C GLY N 169 26.65 -50.34 -36.75
N LYS N 170 25.94 -49.32 -36.27
CA LYS N 170 24.53 -49.15 -36.56
C LYS N 170 24.19 -47.68 -36.74
N LEU N 171 22.90 -47.38 -36.87
CA LEU N 171 22.49 -46.02 -37.18
C LEU N 171 22.68 -45.09 -35.99
N SER N 172 22.63 -45.62 -34.77
CA SER N 172 22.91 -44.81 -33.59
C SER N 172 24.38 -44.43 -33.50
N ASP N 173 25.26 -45.21 -34.12
CA ASP N 173 26.68 -44.96 -33.97
C ASP N 173 27.10 -43.74 -34.75
N TYR N 174 27.87 -42.87 -34.10
CA TYR N 174 28.46 -41.73 -34.79
C TYR N 174 29.49 -42.22 -35.80
N PHE N 175 30.04 -41.28 -36.56
CA PHE N 175 30.94 -41.64 -37.64
C PHE N 175 32.19 -42.31 -37.10
N PRO N 176 32.88 -43.13 -37.90
CA PRO N 176 34.16 -43.66 -37.47
C PRO N 176 35.18 -42.53 -37.30
N LYS N 177 35.66 -42.37 -36.10
CA LYS N 177 36.75 -41.45 -35.87
C LYS N 177 38.00 -41.98 -36.56
N PRO N 178 38.74 -41.17 -37.32
CA PRO N 178 39.94 -41.69 -37.97
C PRO N 178 40.99 -42.15 -36.99
N TYR N 179 41.36 -41.27 -36.08
CA TYR N 179 42.45 -41.51 -35.14
C TYR N 179 41.94 -41.38 -33.71
N PRO N 180 42.49 -42.17 -32.77
CA PRO N 180 41.91 -42.19 -31.43
C PRO N 180 42.08 -40.89 -30.67
N ASN N 181 43.07 -40.09 -31.01
CA ASN N 181 43.35 -38.87 -30.28
C ASN N 181 43.97 -37.85 -31.22
N PRO N 182 44.01 -36.58 -30.83
CA PRO N 182 44.62 -35.58 -31.71
C PRO N 182 46.09 -35.83 -32.00
N GLU N 183 46.84 -36.26 -30.99
CA GLU N 183 48.29 -36.33 -31.11
C GLU N 183 48.69 -37.29 -32.23
N ALA N 184 47.96 -38.39 -32.39
CA ALA N 184 48.25 -39.31 -33.48
C ALA N 184 48.09 -38.63 -34.83
N ALA N 185 47.16 -37.69 -34.93
CA ALA N 185 46.99 -36.98 -36.19
C ALA N 185 48.15 -36.05 -36.44
N ARG N 186 48.63 -35.39 -35.40
CA ARG N 186 49.84 -34.60 -35.53
C ARG N 186 51.02 -35.47 -35.94
N ALA N 187 51.05 -36.69 -35.42
CA ALA N 187 52.13 -37.62 -35.76
C ALA N 187 51.98 -38.12 -37.18
N ALA N 188 50.76 -38.33 -37.64
CA ALA N 188 50.52 -38.75 -39.01
C ALA N 188 50.78 -37.64 -40.01
N ASN N 189 50.95 -36.41 -39.56
CA ASN N 189 51.20 -35.27 -40.42
C ASN N 189 52.54 -34.65 -40.06
N ASN N 190 52.87 -33.53 -40.69
CA ASN N 190 54.13 -32.84 -40.43
C ASN N 190 53.97 -31.93 -39.21
N GLY N 191 53.61 -32.56 -38.09
CA GLY N 191 53.36 -31.87 -36.85
C GLY N 191 52.04 -31.14 -36.77
N ALA N 192 51.26 -31.11 -37.86
CA ALA N 192 50.05 -30.31 -37.93
C ALA N 192 48.83 -31.18 -37.69
N LEU N 193 47.77 -30.52 -37.23
CA LEU N 193 46.53 -31.15 -36.84
C LEU N 193 45.42 -30.90 -37.87
N PRO N 194 44.64 -31.90 -38.25
CA PRO N 194 43.38 -31.62 -38.94
C PRO N 194 42.33 -31.16 -37.97
N PRO N 195 41.65 -30.05 -38.24
CA PRO N 195 40.49 -29.71 -37.43
C PRO N 195 39.32 -30.61 -37.73
N ASP N 196 38.37 -30.61 -36.79
CA ASP N 196 37.09 -31.21 -37.06
C ASP N 196 36.39 -30.44 -38.16
N LEU N 197 35.40 -31.07 -38.78
CA LEU N 197 34.64 -30.47 -39.85
C LEU N 197 33.14 -30.50 -39.58
N SER N 198 32.75 -30.74 -38.34
CA SER N 198 31.34 -30.64 -37.97
C SER N 198 30.83 -29.21 -38.14
N TYR N 199 31.40 -28.29 -37.36
CA TYR N 199 30.96 -26.91 -37.32
C TYR N 199 32.00 -25.96 -37.90
N ILE N 200 32.90 -26.47 -38.73
CA ILE N 200 33.98 -25.63 -39.25
C ILE N 200 33.44 -24.53 -40.14
N VAL N 201 32.33 -24.79 -40.84
CA VAL N 201 31.79 -23.80 -41.75
C VAL N 201 31.39 -22.56 -40.99
N ARG N 202 30.56 -22.73 -39.97
CA ARG N 202 30.11 -21.61 -39.17
C ARG N 202 31.18 -21.10 -38.23
N ALA N 203 32.32 -21.78 -38.14
CA ALA N 203 33.44 -21.36 -37.32
C ALA N 203 34.58 -20.78 -38.15
N ARG N 204 34.30 -20.33 -39.36
CA ARG N 204 35.29 -19.72 -40.23
C ARG N 204 34.58 -18.68 -41.08
N HIS N 205 35.16 -17.47 -41.14
CA HIS N 205 34.51 -16.37 -41.83
C HIS N 205 34.25 -16.72 -43.28
N GLY N 206 33.03 -16.42 -43.73
CA GLY N 206 32.59 -16.76 -45.06
C GLY N 206 32.01 -18.15 -45.19
N GLY N 207 32.39 -19.06 -44.31
CA GLY N 207 31.86 -20.40 -44.34
C GLY N 207 32.19 -21.15 -45.61
N GLU N 208 31.15 -21.43 -46.40
CA GLU N 208 31.31 -22.22 -47.63
C GLU N 208 32.31 -21.57 -48.56
N ASP N 209 32.11 -20.28 -48.84
CA ASP N 209 32.87 -19.61 -49.87
C ASP N 209 34.35 -19.61 -49.57
N TYR N 210 34.71 -19.61 -48.28
CA TYR N 210 36.08 -19.86 -47.89
C TYR N 210 36.52 -21.22 -48.39
N VAL N 211 35.73 -22.24 -48.10
CA VAL N 211 36.18 -23.61 -48.30
C VAL N 211 36.29 -23.93 -49.78
N PHE N 212 35.28 -23.54 -50.54
CA PHE N 212 35.26 -23.87 -51.96
C PHE N 212 36.42 -23.23 -52.68
N SER N 213 36.71 -21.98 -52.31
CA SER N 213 37.85 -21.29 -52.89
C SER N 213 39.16 -21.74 -52.26
N LEU N 214 39.11 -22.39 -51.10
CA LEU N 214 40.33 -22.87 -50.48
C LEU N 214 40.94 -23.98 -51.30
N LEU N 215 40.16 -25.01 -51.58
CA LEU N 215 40.64 -26.12 -52.38
C LEU N 215 41.03 -25.66 -53.78
N THR N 216 40.23 -24.78 -54.35
CA THR N 216 40.45 -24.27 -55.70
C THR N 216 41.27 -22.99 -55.70
N GLY N 217 42.10 -22.81 -54.69
CA GLY N 217 43.04 -21.71 -54.61
C GLY N 217 44.47 -22.17 -54.66
N TYR N 218 44.69 -23.48 -54.81
CA TYR N 218 46.03 -23.98 -54.98
C TYR N 218 46.65 -23.43 -56.25
N CYS N 219 47.90 -23.00 -56.14
CA CYS N 219 48.66 -22.55 -57.29
C CYS N 219 50.13 -22.68 -56.96
N GLU N 220 50.95 -22.37 -57.94
CA GLU N 220 52.38 -22.37 -57.72
C GLU N 220 52.71 -21.25 -56.72
N PRO N 221 53.69 -21.44 -55.83
CA PRO N 221 54.09 -20.35 -54.95
C PRO N 221 54.62 -19.18 -55.76
N PRO N 222 54.58 -17.96 -55.22
CA PRO N 222 55.17 -16.83 -55.95
C PRO N 222 56.67 -16.75 -55.76
N THR N 223 57.29 -15.82 -56.48
CA THR N 223 58.72 -15.62 -56.36
C THR N 223 59.06 -15.11 -54.96
N GLY N 224 60.22 -15.53 -54.48
CA GLY N 224 60.72 -15.06 -53.20
C GLY N 224 60.10 -15.70 -51.99
N VAL N 225 59.45 -16.85 -52.15
CA VAL N 225 58.82 -17.57 -51.05
C VAL N 225 59.49 -18.93 -50.91
N SER N 226 59.55 -19.39 -49.66
CA SER N 226 60.15 -20.66 -49.32
C SER N 226 59.31 -21.34 -48.26
N LEU N 227 59.22 -22.66 -48.34
CA LEU N 227 58.37 -23.43 -47.45
C LEU N 227 59.03 -24.75 -47.11
N ARG N 228 58.89 -25.16 -45.86
CA ARG N 228 59.35 -26.47 -45.43
C ARG N 228 58.59 -27.56 -46.19
N GLU N 229 59.13 -28.76 -46.15
CA GLU N 229 58.42 -29.90 -46.70
C GLU N 229 57.17 -30.16 -45.89
N GLY N 230 56.15 -30.67 -46.56
CA GLY N 230 54.85 -30.92 -45.96
C GLY N 230 53.96 -29.72 -46.02
N LEU N 231 54.51 -28.53 -45.79
CA LEU N 231 53.75 -27.32 -45.99
C LEU N 231 53.44 -27.14 -47.47
N TYR N 232 52.41 -26.35 -47.75
CA TYR N 232 52.02 -26.03 -49.11
C TYR N 232 51.48 -24.62 -49.12
N PHE N 233 51.22 -24.12 -50.33
CA PHE N 233 50.75 -22.77 -50.53
C PHE N 233 49.27 -22.75 -50.84
N ASN N 234 48.56 -21.82 -50.22
CA ASN N 234 47.17 -21.58 -50.52
C ASN N 234 46.85 -20.19 -49.98
N PRO N 235 46.41 -19.24 -50.81
CA PRO N 235 46.31 -17.87 -50.32
C PRO N 235 45.21 -17.68 -49.28
N TYR N 236 44.16 -18.49 -49.33
CA TYR N 236 43.02 -18.24 -48.46
C TYR N 236 43.33 -18.60 -47.01
N PHE N 237 44.26 -19.47 -46.78
CA PHE N 237 44.60 -19.82 -45.42
C PHE N 237 45.42 -18.71 -44.79
N PRO N 238 45.20 -18.37 -43.52
CA PRO N 238 46.01 -17.31 -42.90
C PRO N 238 47.47 -17.69 -42.84
N GLY N 239 48.32 -16.73 -43.17
CA GLY N 239 49.73 -16.98 -43.34
C GLY N 239 50.11 -17.55 -44.67
N GLN N 240 49.14 -18.00 -45.47
CA GLN N 240 49.39 -18.53 -46.80
C GLN N 240 50.38 -19.69 -46.76
N ALA N 241 50.34 -20.45 -45.67
CA ALA N 241 51.27 -21.53 -45.43
C ALA N 241 50.54 -22.58 -44.64
N ILE N 242 50.51 -23.81 -45.15
CA ILE N 242 49.64 -24.83 -44.60
C ILE N 242 50.20 -26.20 -44.90
N GLY N 243 49.99 -27.11 -43.96
CA GLY N 243 50.39 -28.50 -44.12
C GLY N 243 49.30 -29.33 -44.77
N MET N 244 48.51 -28.69 -45.63
CA MET N 244 47.41 -29.34 -46.30
C MET N 244 47.94 -30.01 -47.54
N ALA N 245 48.05 -31.33 -47.50
CA ALA N 245 48.29 -32.06 -48.71
C ALA N 245 47.11 -31.84 -49.65
N PRO N 246 47.33 -31.73 -50.96
CA PRO N 246 46.19 -31.57 -51.85
C PRO N 246 45.29 -32.79 -51.79
N PRO N 247 44.06 -32.66 -51.28
CA PRO N 247 43.22 -33.84 -51.09
C PRO N 247 42.45 -34.22 -52.34
N ILE N 248 42.19 -33.22 -53.17
CA ILE N 248 41.20 -33.30 -54.23
C ILE N 248 41.89 -33.04 -55.56
N TYR N 249 41.46 -33.77 -56.58
CA TYR N 249 41.86 -33.48 -57.93
C TYR N 249 40.89 -34.16 -58.87
N ASN N 250 40.93 -33.72 -60.12
CA ASN N 250 40.04 -34.26 -61.15
C ASN N 250 40.26 -35.76 -61.32
N GLU N 251 39.16 -36.51 -61.32
CA GLU N 251 39.21 -37.97 -61.47
C GLU N 251 40.00 -38.59 -60.34
N VAL N 252 39.72 -38.14 -59.12
CA VAL N 252 40.27 -38.79 -57.93
C VAL N 252 39.38 -39.93 -57.47
N LEU N 253 38.09 -39.87 -57.75
CA LEU N 253 37.21 -41.01 -57.53
C LEU N 253 36.05 -40.94 -58.52
N GLU N 254 35.02 -41.73 -58.26
CA GLU N 254 33.81 -41.77 -59.07
C GLU N 254 32.62 -41.83 -58.14
N PHE N 255 31.47 -41.35 -58.63
CA PHE N 255 30.25 -41.27 -57.88
C PHE N 255 29.20 -42.21 -58.45
N ASP N 256 28.06 -42.29 -57.74
CA ASP N 256 27.08 -43.34 -57.98
C ASP N 256 26.34 -43.13 -59.30
N ASP N 257 25.59 -42.03 -59.39
CA ASP N 257 24.77 -41.80 -60.58
C ASP N 257 25.63 -41.59 -61.83
N GLY N 258 26.87 -41.14 -61.65
CA GLY N 258 27.81 -41.01 -62.73
C GLY N 258 28.08 -39.60 -63.20
N THR N 259 27.78 -38.59 -62.39
CA THR N 259 28.08 -37.23 -62.77
C THR N 259 29.59 -37.02 -62.83
N PRO N 260 30.04 -35.94 -63.46
CA PRO N 260 31.49 -35.74 -63.60
C PRO N 260 32.18 -35.58 -62.26
N ALA N 261 33.32 -36.26 -62.12
CA ALA N 261 34.15 -36.15 -60.92
C ALA N 261 35.24 -35.09 -61.12
N THR N 262 34.79 -33.91 -61.51
CA THR N 262 35.71 -32.80 -61.65
C THR N 262 36.14 -32.30 -60.28
N MET N 263 37.21 -31.51 -60.28
CA MET N 263 37.62 -30.85 -59.05
C MET N 263 36.60 -29.83 -58.57
N SER N 264 35.66 -29.41 -59.43
CA SER N 264 34.72 -28.36 -59.10
C SER N 264 33.40 -28.89 -58.55
N GLN N 265 32.73 -29.76 -59.31
CA GLN N 265 31.45 -30.31 -58.87
C GLN N 265 31.61 -31.02 -57.54
N VAL N 266 32.72 -31.73 -57.37
CA VAL N 266 33.01 -32.36 -56.10
C VAL N 266 33.13 -31.30 -55.03
N ALA N 267 33.81 -30.21 -55.35
CA ALA N 267 33.95 -29.13 -54.40
C ALA N 267 32.62 -28.45 -54.10
N LYS N 268 31.63 -28.62 -54.97
CA LYS N 268 30.31 -28.05 -54.71
C LYS N 268 29.54 -28.90 -53.70
N ASP N 269 29.46 -30.20 -53.95
CA ASP N 269 28.67 -31.08 -53.10
C ASP N 269 29.24 -31.11 -51.69
N VAL N 270 30.56 -31.03 -51.57
CA VAL N 270 31.19 -31.16 -50.27
C VAL N 270 30.87 -29.95 -49.41
N CYS N 271 30.89 -28.75 -49.99
CA CYS N 271 30.59 -27.58 -49.20
C CYS N 271 29.10 -27.50 -48.91
N THR N 272 28.28 -27.98 -49.84
CA THR N 272 26.88 -28.18 -49.55
C THR N 272 26.71 -29.14 -48.39
N PHE N 273 27.59 -30.14 -48.31
CA PHE N 273 27.47 -31.16 -47.29
C PHE N 273 27.78 -30.59 -45.91
N LEU N 274 28.80 -29.74 -45.83
CA LEU N 274 29.27 -29.28 -44.54
C LEU N 274 28.34 -28.25 -43.94
N ARG N 275 27.69 -27.44 -44.78
CA ARG N 275 26.69 -26.52 -44.27
C ARG N 275 25.57 -27.28 -43.58
N TRP N 276 25.23 -28.45 -44.13
CA TRP N 276 24.23 -29.28 -43.48
C TRP N 276 24.71 -29.78 -42.12
N ALA N 277 26.03 -29.94 -41.98
CA ALA N 277 26.59 -30.42 -40.73
C ALA N 277 26.22 -29.51 -39.58
N ALA N 278 26.58 -28.25 -39.69
CA ALA N 278 26.24 -27.25 -38.69
C ALA N 278 24.89 -26.63 -38.94
N GLU N 279 24.07 -27.24 -39.77
CA GLU N 279 22.68 -26.84 -39.88
C GLU N 279 21.87 -28.01 -40.38
N PRO N 280 21.51 -28.96 -39.52
CA PRO N 280 20.52 -29.98 -39.87
C PRO N 280 19.08 -29.47 -39.93
N GLU N 281 18.87 -28.16 -39.82
CA GLU N 281 17.57 -27.55 -39.69
C GLU N 281 17.20 -26.66 -40.87
N HIS N 282 18.07 -26.58 -41.88
CA HIS N 282 17.89 -25.62 -42.96
C HIS N 282 16.56 -25.84 -43.65
N ASP N 283 16.22 -27.10 -43.91
CA ASP N 283 14.96 -27.42 -44.55
C ASP N 283 13.77 -26.92 -43.73
N HIS N 284 13.93 -26.86 -42.41
CA HIS N 284 12.86 -26.45 -41.53
C HIS N 284 12.97 -25.00 -41.08
N ARG N 285 14.18 -24.44 -41.06
CA ARG N 285 14.33 -23.05 -40.64
C ARG N 285 13.57 -22.13 -41.58
N LYS N 286 13.68 -22.39 -42.88
CA LYS N 286 12.97 -21.57 -43.84
C LYS N 286 11.47 -21.79 -43.77
N ARG N 287 11.05 -22.99 -43.38
CA ARG N 287 9.62 -23.26 -43.26
C ARG N 287 9.00 -22.36 -42.20
N MET N 288 9.57 -22.36 -41.00
CA MET N 288 9.20 -21.33 -40.03
C MET N 288 9.70 -19.97 -40.51
N GLY N 289 10.75 -19.96 -41.33
CA GLY N 289 11.18 -18.74 -41.98
C GLY N 289 10.09 -18.08 -42.80
N LEU N 290 9.14 -18.86 -43.29
CA LEU N 290 8.07 -18.37 -44.15
C LEU N 290 6.76 -18.23 -43.41
N LYS N 291 6.42 -19.20 -42.57
CA LYS N 291 5.22 -19.11 -41.75
C LYS N 291 5.20 -17.84 -40.94
N MET N 292 6.38 -17.37 -40.50
CA MET N 292 6.46 -16.19 -39.67
C MET N 292 5.93 -14.97 -40.41
N LEU N 293 6.36 -14.79 -41.66
CA LEU N 293 6.08 -13.55 -42.36
C LEU N 293 4.59 -13.40 -42.64
N LEU N 294 3.99 -14.40 -43.23
CA LEU N 294 2.58 -14.31 -43.59
C LEU N 294 1.67 -14.32 -42.38
N MET N 295 2.20 -14.50 -41.18
CA MET N 295 1.51 -14.18 -39.94
C MET N 295 1.85 -12.77 -39.48
N MET N 296 3.14 -12.52 -39.25
CA MET N 296 3.54 -11.25 -38.65
C MET N 296 3.29 -10.11 -39.63
N GLY N 297 3.47 -10.37 -40.91
CA GLY N 297 3.08 -9.39 -41.91
C GLY N 297 1.59 -9.18 -41.95
N LEU N 298 0.82 -10.17 -41.51
CA LEU N 298 -0.63 -10.09 -41.51
C LEU N 298 -1.17 -9.53 -40.19
N LEU N 299 -0.53 -9.88 -39.08
CA LEU N 299 -0.98 -9.36 -37.78
C LEU N 299 -0.66 -7.89 -37.64
N LEU N 300 0.58 -7.54 -37.92
CA LEU N 300 1.17 -6.24 -37.65
C LEU N 300 0.30 -5.08 -38.13
N PRO N 301 -0.34 -5.15 -39.30
CA PRO N 301 -1.33 -4.11 -39.61
C PRO N 301 -2.51 -4.13 -38.67
N LEU N 302 -3.01 -5.33 -38.35
CA LEU N 302 -4.22 -5.43 -37.56
C LEU N 302 -4.02 -4.88 -36.16
N VAL N 303 -2.92 -5.25 -35.53
CA VAL N 303 -2.61 -4.70 -34.22
C VAL N 303 -2.36 -3.20 -34.33
N TYR N 304 -1.66 -2.80 -35.39
CA TYR N 304 -1.46 -1.38 -35.65
C TYR N 304 -2.77 -0.65 -35.88
N ALA N 305 -3.81 -1.37 -36.30
CA ALA N 305 -5.13 -0.77 -36.42
C ALA N 305 -5.84 -0.73 -35.07
N MET N 306 -5.78 -1.83 -34.32
CA MET N 306 -6.38 -1.85 -33.00
C MET N 306 -5.75 -0.80 -32.10
N LYS N 307 -4.44 -0.58 -32.28
CA LYS N 307 -3.82 0.58 -31.67
C LYS N 307 -4.53 1.84 -32.11
N ARG N 308 -4.47 2.15 -33.41
CA ARG N 308 -5.08 3.34 -33.94
C ARG N 308 -6.58 3.36 -33.70
N HIS N 309 -7.19 2.20 -33.47
CA HIS N 309 -8.59 2.17 -33.12
C HIS N 309 -8.84 2.82 -31.78
N LYS N 310 -8.17 2.32 -30.73
CA LYS N 310 -8.40 2.84 -29.39
C LYS N 310 -7.93 4.27 -29.26
N TRP N 311 -6.72 4.56 -29.74
CA TRP N 311 -6.17 5.90 -29.66
C TRP N 311 -6.95 6.93 -30.44
N SER N 312 -7.87 6.51 -31.32
CA SER N 312 -8.57 7.45 -32.18
C SER N 312 -9.37 8.46 -31.38
N VAL N 313 -9.73 8.13 -30.14
CA VAL N 313 -10.39 9.09 -29.28
C VAL N 313 -9.52 10.32 -29.09
N LEU N 314 -8.21 10.10 -28.99
CA LEU N 314 -7.27 11.16 -28.66
C LEU N 314 -6.56 11.69 -29.88
N LYS N 315 -6.44 10.86 -30.92
CA LYS N 315 -6.07 11.39 -32.23
C LYS N 315 -7.11 12.36 -32.74
N SER N 316 -8.35 12.28 -32.24
CA SER N 316 -9.37 13.29 -32.47
C SER N 316 -9.94 13.68 -31.11
N ARG N 317 -9.25 14.59 -30.43
CA ARG N 317 -9.76 15.19 -29.21
C ARG N 317 -9.49 16.67 -29.24
N LYS N 318 -10.53 17.46 -28.99
CA LYS N 318 -10.46 18.91 -29.02
C LYS N 318 -10.71 19.47 -27.63
N LEU N 319 -10.32 20.73 -27.44
CA LEU N 319 -10.39 21.40 -26.15
C LEU N 319 -10.85 22.83 -26.36
N ALA N 320 -10.93 23.56 -25.26
CA ALA N 320 -11.30 24.97 -25.27
C ALA N 320 -11.05 25.51 -23.86
N TYR N 321 -11.38 26.78 -23.67
CA TYR N 321 -10.99 27.50 -22.46
C TYR N 321 -12.00 28.62 -22.24
N ARG N 322 -12.99 28.38 -21.39
CA ARG N 322 -14.12 29.28 -21.21
C ARG N 322 -14.29 29.72 -19.76
N PRO N 323 -13.32 30.46 -19.22
CA PRO N 323 -13.56 31.18 -17.98
C PRO N 323 -14.20 32.53 -18.27
N PRO N 324 -14.68 33.22 -17.24
CA PRO N 324 -15.27 34.55 -17.46
C PRO N 324 -14.24 35.63 -17.77
N SER O 79 -21.41 31.54 -22.42
CA SER O 79 -21.70 30.76 -21.23
C SER O 79 -21.69 29.28 -21.55
N HIS O 80 -22.36 28.49 -20.71
CA HIS O 80 -22.55 27.06 -20.95
C HIS O 80 -23.59 26.76 -22.01
N THR O 81 -24.15 27.75 -22.69
CA THR O 81 -25.07 27.55 -23.81
C THR O 81 -24.58 28.17 -25.10
N ASP O 82 -23.86 29.29 -25.03
CA ASP O 82 -23.09 29.78 -26.17
C ASP O 82 -22.11 28.75 -26.67
N ILE O 83 -21.71 27.82 -25.81
CA ILE O 83 -20.90 26.65 -26.12
C ILE O 83 -21.39 25.97 -27.39
N LYS O 84 -20.45 25.51 -28.21
CA LYS O 84 -20.78 24.82 -29.45
C LYS O 84 -19.78 23.70 -29.67
N VAL O 85 -20.23 22.66 -30.35
CA VAL O 85 -19.40 21.50 -30.69
C VAL O 85 -18.88 21.69 -32.11
N PRO O 86 -17.57 21.54 -32.36
CA PRO O 86 -17.09 21.62 -33.73
C PRO O 86 -17.45 20.39 -34.56
N ASP O 87 -16.94 20.34 -35.79
CA ASP O 87 -17.25 19.29 -36.73
C ASP O 87 -16.06 18.36 -36.85
N PHE O 88 -16.35 17.06 -36.86
CA PHE O 88 -15.36 16.02 -37.09
C PHE O 88 -15.49 15.40 -38.46
N SER O 89 -16.18 16.07 -39.39
CA SER O 89 -16.41 15.52 -40.71
C SER O 89 -15.11 15.26 -41.47
N ASP O 90 -14.02 15.90 -41.06
CA ASP O 90 -12.72 15.57 -41.59
C ASP O 90 -12.22 14.22 -41.09
N TYR O 91 -12.81 13.69 -40.01
CA TYR O 91 -12.35 12.46 -39.38
C TYR O 91 -13.37 11.34 -39.37
N ARG O 92 -14.67 11.64 -39.38
CA ARG O 92 -15.68 10.63 -39.22
C ARG O 92 -15.62 9.60 -40.35
N ARG O 93 -16.41 8.53 -40.17
CA ARG O 93 -16.60 7.55 -41.22
C ARG O 93 -17.54 8.12 -42.29
N PRO O 94 -17.40 7.70 -43.55
CA PRO O 94 -18.32 8.20 -44.58
C PRO O 94 -19.77 7.84 -44.33
N GLU O 95 -20.03 6.77 -43.60
CA GLU O 95 -21.38 6.24 -43.49
C GLU O 95 -22.26 7.04 -42.54
N VAL O 96 -21.71 8.03 -41.85
CA VAL O 96 -22.44 8.80 -40.84
C VAL O 96 -22.39 10.29 -41.10
N LEU O 97 -21.72 10.74 -42.14
CA LEU O 97 -21.55 12.17 -42.37
C LEU O 97 -22.86 12.88 -42.64
N ASP O 98 -23.89 12.16 -43.10
CA ASP O 98 -25.17 12.77 -43.41
C ASP O 98 -25.96 12.85 -42.11
N SER O 99 -25.95 14.03 -41.49
CA SER O 99 -26.64 14.22 -40.22
C SER O 99 -28.14 13.99 -40.36
N THR O 100 -28.69 14.21 -41.56
CA THR O 100 -30.12 14.02 -41.77
C THR O 100 -30.53 12.56 -41.69
N LYS O 101 -29.61 11.63 -41.91
CA LYS O 101 -29.91 10.22 -41.79
C LYS O 101 -29.94 9.85 -40.30
N SER O 102 -29.94 8.56 -40.01
CA SER O 102 -29.84 8.08 -38.65
C SER O 102 -28.85 6.92 -38.61
N SER O 103 -28.32 6.69 -37.41
CA SER O 103 -27.52 5.49 -37.15
C SER O 103 -28.49 4.33 -36.96
N LYS O 104 -27.97 3.20 -36.48
CA LYS O 104 -28.63 1.91 -36.31
C LYS O 104 -28.75 1.18 -37.64
N GLU O 105 -28.44 1.81 -38.77
CA GLU O 105 -28.42 1.14 -40.05
C GLU O 105 -27.01 0.77 -40.48
N SER O 106 -26.00 1.41 -39.91
CA SER O 106 -24.61 1.05 -40.11
C SER O 106 -23.89 0.67 -38.83
N SER O 107 -24.49 0.96 -37.66
CA SER O 107 -23.83 0.66 -36.39
C SER O 107 -23.53 -0.82 -36.27
N GLU O 108 -24.48 -1.66 -36.68
CA GLU O 108 -24.27 -3.10 -36.67
C GLU O 108 -23.07 -3.48 -37.52
N ALA O 109 -22.79 -2.72 -38.58
CA ALA O 109 -21.62 -2.99 -39.40
C ALA O 109 -20.38 -2.35 -38.80
N ARG O 110 -20.51 -1.11 -38.34
CA ARG O 110 -19.35 -0.40 -37.80
C ARG O 110 -18.79 -1.13 -36.59
N LYS O 111 -19.66 -1.75 -35.80
CA LYS O 111 -19.20 -2.54 -34.67
C LYS O 111 -18.67 -3.89 -35.10
N GLY O 112 -18.93 -4.31 -36.34
CA GLY O 112 -18.51 -5.60 -36.81
C GLY O 112 -17.11 -5.56 -37.41
N PHE O 113 -16.85 -4.53 -38.21
CA PHE O 113 -15.57 -4.46 -38.91
C PHE O 113 -14.42 -4.34 -37.95
N SER O 114 -14.63 -3.67 -36.82
CA SER O 114 -13.53 -3.44 -35.89
C SER O 114 -13.29 -4.63 -35.00
N TYR O 115 -14.36 -5.23 -34.47
CA TYR O 115 -14.19 -6.46 -33.71
C TYR O 115 -13.68 -7.59 -34.59
N LEU O 116 -13.94 -7.52 -35.89
CA LEU O 116 -13.32 -8.46 -36.81
C LEU O 116 -11.82 -8.38 -36.73
N VAL O 117 -11.30 -7.16 -36.62
CA VAL O 117 -9.86 -6.99 -36.45
C VAL O 117 -9.44 -7.57 -35.12
N THR O 118 -10.23 -7.34 -34.08
CA THR O 118 -9.93 -7.89 -32.77
C THR O 118 -9.93 -9.40 -32.81
N ALA O 119 -10.90 -9.98 -33.50
CA ALA O 119 -10.98 -11.42 -33.59
C ALA O 119 -9.87 -11.98 -34.46
N THR O 120 -9.75 -11.44 -35.67
CA THR O 120 -8.73 -11.90 -36.61
C THR O 120 -7.34 -11.81 -36.00
N THR O 121 -7.11 -10.77 -35.22
CA THR O 121 -5.90 -10.69 -34.40
C THR O 121 -5.81 -11.90 -33.49
N THR O 122 -6.90 -12.20 -32.79
CA THR O 122 -6.88 -13.26 -31.80
C THR O 122 -6.69 -14.62 -32.45
N VAL O 123 -7.07 -14.76 -33.72
CA VAL O 123 -6.84 -16.01 -34.43
C VAL O 123 -5.35 -16.28 -34.49
N GLY O 124 -4.61 -15.37 -35.11
CA GLY O 124 -3.22 -15.65 -35.41
C GLY O 124 -2.36 -15.81 -34.18
N VAL O 125 -2.71 -15.10 -33.11
CA VAL O 125 -2.01 -15.29 -31.85
C VAL O 125 -2.18 -16.72 -31.38
N ALA O 126 -3.38 -17.27 -31.53
CA ALA O 126 -3.60 -18.65 -31.16
C ALA O 126 -2.83 -19.59 -32.07
N TYR O 127 -2.69 -19.23 -33.34
CA TYR O 127 -1.85 -20.02 -34.24
C TYR O 127 -0.41 -20.00 -33.76
N ALA O 128 0.04 -18.86 -33.26
CA ALA O 128 1.39 -18.78 -32.74
C ALA O 128 1.54 -19.68 -31.52
N ALA O 129 0.52 -19.71 -30.67
CA ALA O 129 0.66 -20.38 -29.39
C ALA O 129 0.78 -21.89 -29.56
N LYS O 130 -0.01 -22.46 -30.47
CA LYS O 130 0.00 -23.90 -30.64
C LYS O 130 1.35 -24.39 -31.12
N ASN O 131 2.02 -23.61 -31.95
CA ASN O 131 3.29 -24.04 -32.51
C ASN O 131 4.45 -23.74 -31.57
N VAL O 132 4.48 -22.53 -31.03
CA VAL O 132 5.62 -22.08 -30.24
C VAL O 132 5.75 -22.91 -28.98
N VAL O 133 4.61 -23.27 -28.39
CA VAL O 133 4.63 -24.00 -27.13
C VAL O 133 5.04 -25.45 -27.39
N SER O 134 4.47 -26.03 -28.45
CA SER O 134 4.76 -27.42 -28.78
C SER O 134 6.23 -27.64 -29.06
N GLN O 135 6.94 -26.61 -29.50
CA GLN O 135 8.39 -26.71 -29.60
C GLN O 135 9.00 -26.97 -28.23
N PHE O 136 8.66 -26.13 -27.25
CA PHE O 136 9.19 -26.30 -25.90
C PHE O 136 8.77 -27.65 -25.35
N VAL O 137 7.49 -28.00 -25.50
CA VAL O 137 6.98 -29.23 -24.94
C VAL O 137 7.64 -30.41 -25.63
N SER O 138 7.78 -30.35 -26.95
CA SER O 138 8.47 -31.42 -27.66
C SER O 138 9.95 -31.44 -27.37
N SER O 139 10.49 -30.38 -26.78
CA SER O 139 11.86 -30.43 -26.30
C SER O 139 11.95 -31.25 -25.01
N MET O 140 10.96 -31.07 -24.13
CA MET O 140 10.86 -31.92 -22.95
C MET O 140 10.70 -33.37 -23.33
N SER O 141 10.16 -33.64 -24.52
CA SER O 141 9.93 -35.01 -24.95
C SER O 141 11.26 -35.73 -25.13
N ALA O 142 11.18 -37.02 -25.44
CA ALA O 142 12.38 -37.78 -25.70
C ALA O 142 13.10 -37.23 -26.92
N SER O 143 14.41 -37.06 -26.78
CA SER O 143 15.21 -36.55 -27.87
C SER O 143 15.28 -37.57 -29.00
N ALA O 144 15.95 -37.17 -30.08
CA ALA O 144 16.16 -38.08 -31.19
C ALA O 144 17.20 -39.14 -30.85
N ASP O 145 18.14 -38.80 -29.97
CA ASP O 145 19.21 -39.72 -29.63
C ASP O 145 18.68 -40.99 -28.99
N VAL O 146 17.57 -40.90 -28.28
CA VAL O 146 17.10 -42.04 -27.51
C VAL O 146 16.32 -42.99 -28.39
N LEU O 147 15.55 -42.45 -29.32
CA LEU O 147 14.76 -43.31 -30.20
C LEU O 147 15.64 -44.21 -31.05
N ALA O 148 16.87 -43.79 -31.32
CA ALA O 148 17.81 -44.65 -32.03
C ALA O 148 18.11 -45.91 -31.24
N MET O 149 18.13 -45.81 -29.92
CA MET O 149 18.41 -46.93 -29.04
C MET O 149 17.16 -47.70 -28.64
N SER O 150 15.99 -47.29 -29.09
CA SER O 150 14.75 -47.78 -28.52
C SER O 150 14.37 -49.15 -29.09
N LYS O 151 14.07 -49.18 -30.38
CA LYS O 151 13.52 -50.39 -30.98
C LYS O 151 14.60 -51.44 -31.23
N ILE O 152 15.86 -51.06 -31.21
CA ILE O 152 16.92 -51.91 -31.73
C ILE O 152 17.73 -52.50 -30.59
N GLU O 153 18.16 -53.74 -30.78
CA GLU O 153 18.98 -54.43 -29.81
C GLU O 153 19.58 -55.69 -30.43
N PHE O 167 20.24 -58.07 -20.32
CA PHE O 167 21.06 -56.96 -20.79
C PHE O 167 20.38 -55.63 -20.54
N LYS O 168 21.12 -54.54 -20.69
CA LYS O 168 20.57 -53.21 -20.53
C LYS O 168 19.94 -52.75 -21.84
N TRP O 169 18.74 -52.19 -21.74
CA TRP O 169 17.97 -51.86 -22.94
C TRP O 169 16.82 -50.93 -22.62
N ARG O 170 16.68 -49.85 -23.40
CA ARG O 170 15.75 -48.76 -23.08
C ARG O 170 15.99 -48.23 -21.67
N GLY O 171 17.24 -48.27 -21.24
CA GLY O 171 17.56 -48.01 -19.85
C GLY O 171 16.91 -48.95 -18.87
N LYS O 172 16.40 -50.09 -19.33
CA LYS O 172 15.77 -51.11 -18.52
C LYS O 172 16.49 -52.42 -18.76
N PRO O 173 16.31 -53.41 -17.88
CA PRO O 173 16.99 -54.68 -18.06
C PRO O 173 16.38 -55.48 -19.21
N LEU O 174 17.07 -56.56 -19.57
CA LEU O 174 16.63 -57.46 -20.64
C LEU O 174 16.97 -58.88 -20.19
N PHE O 175 15.99 -59.57 -19.61
CA PHE O 175 16.16 -60.95 -19.21
C PHE O 175 15.98 -61.86 -20.42
N VAL O 176 17.00 -62.65 -20.71
CA VAL O 176 16.96 -63.61 -21.81
C VAL O 176 17.57 -64.93 -21.34
N ILE O 184 11.79 -75.79 -21.13
CA ILE O 184 11.05 -76.32 -22.27
C ILE O 184 10.68 -77.77 -21.98
N ASP O 185 11.66 -78.54 -21.50
CA ASP O 185 11.40 -79.93 -21.14
C ASP O 185 10.35 -80.02 -20.05
N GLN O 186 10.56 -79.29 -18.95
CA GLN O 186 9.61 -79.21 -17.84
C GLN O 186 8.82 -77.91 -17.83
N GLU O 187 9.24 -76.91 -18.61
CA GLU O 187 8.51 -75.66 -18.65
C GLU O 187 7.09 -75.86 -19.16
N ALA O 188 6.92 -76.73 -20.14
CA ALA O 188 5.58 -77.04 -20.65
C ALA O 188 4.77 -77.84 -19.65
N ALA O 189 5.41 -78.44 -18.65
CA ALA O 189 4.70 -79.22 -17.63
C ALA O 189 3.84 -78.35 -16.72
N VAL O 190 3.96 -77.02 -16.78
CA VAL O 190 3.20 -76.17 -15.89
C VAL O 190 1.73 -76.18 -16.30
N GLU O 191 0.86 -76.39 -15.32
CA GLU O 191 -0.58 -76.39 -15.56
C GLU O 191 -1.10 -74.95 -15.54
N VAL O 192 -1.58 -74.49 -16.69
CA VAL O 192 -1.89 -73.06 -16.85
C VAL O 192 -3.08 -72.66 -15.98
N SER O 193 -4.12 -73.50 -15.94
CA SER O 193 -5.32 -73.15 -15.19
C SER O 193 -5.02 -73.03 -13.70
N GLN O 194 -4.12 -73.88 -13.20
CA GLN O 194 -3.72 -73.81 -11.80
C GLN O 194 -2.99 -72.53 -11.46
N LEU O 195 -2.39 -71.86 -12.45
CA LEU O 195 -1.64 -70.65 -12.20
C LEU O 195 -2.57 -69.46 -11.99
N ARG O 196 -1.98 -68.35 -11.54
CA ARG O 196 -2.73 -67.12 -11.36
C ARG O 196 -3.18 -66.57 -12.69
N ASP O 197 -2.24 -66.19 -13.55
CA ASP O 197 -2.54 -65.73 -14.90
C ASP O 197 -2.56 -66.95 -15.81
N PRO O 198 -3.73 -67.43 -16.27
CA PRO O 198 -3.71 -68.64 -17.12
C PRO O 198 -3.05 -68.33 -18.45
N GLN O 199 -1.83 -68.84 -18.63
CA GLN O 199 -0.99 -68.38 -19.74
C GLN O 199 -0.01 -69.49 -20.08
N HIS O 200 -0.27 -70.19 -21.17
CA HIS O 200 0.67 -71.18 -21.68
C HIS O 200 1.98 -70.50 -22.06
N ASP O 201 3.06 -71.28 -22.01
CA ASP O 201 4.39 -70.73 -22.24
C ASP O 201 4.53 -70.16 -23.65
N LEU O 202 4.30 -70.99 -24.67
CA LEU O 202 4.53 -70.58 -26.05
C LEU O 202 3.60 -69.46 -26.51
N GLU O 203 2.58 -69.11 -25.73
CA GLU O 203 1.87 -67.86 -25.97
C GLU O 203 2.78 -66.66 -25.73
N ARG O 204 3.81 -66.82 -24.89
CA ARG O 204 4.70 -65.74 -24.53
C ARG O 204 5.90 -65.60 -25.45
N VAL O 205 6.25 -66.66 -26.19
CA VAL O 205 7.41 -66.64 -27.08
C VAL O 205 7.00 -67.08 -28.48
N LYS O 206 7.89 -66.83 -29.44
CA LYS O 206 7.79 -67.35 -30.79
C LYS O 206 8.63 -68.61 -30.95
N LYS O 207 9.88 -68.57 -30.51
CA LYS O 207 10.71 -69.76 -30.38
C LYS O 207 10.60 -70.33 -28.96
N PRO O 208 10.50 -71.65 -28.78
CA PRO O 208 10.46 -72.17 -27.40
C PRO O 208 11.74 -71.93 -26.63
N GLU O 209 12.91 -72.13 -27.26
CA GLU O 209 14.19 -72.12 -26.57
C GLU O 209 14.86 -70.75 -26.60
N TRP O 210 14.09 -69.68 -26.73
CA TRP O 210 14.61 -68.31 -26.65
C TRP O 210 13.58 -67.48 -25.88
N VAL O 211 13.87 -67.23 -24.62
CA VAL O 211 12.93 -66.59 -23.72
C VAL O 211 13.24 -65.10 -23.65
N ILE O 212 12.19 -64.29 -23.61
CA ILE O 212 12.31 -62.84 -23.57
C ILE O 212 11.26 -62.30 -22.62
N LEU O 213 11.61 -61.24 -21.90
CA LEU O 213 10.62 -60.46 -21.15
C LEU O 213 11.29 -59.20 -20.63
N ILE O 214 10.48 -58.18 -20.38
CA ILE O 214 10.92 -57.00 -19.66
C ILE O 214 11.09 -57.41 -18.19
N GLY O 215 12.33 -57.41 -17.72
CA GLY O 215 12.62 -57.87 -16.37
C GLY O 215 12.28 -56.87 -15.29
N VAL O 216 10.98 -56.74 -15.00
CA VAL O 216 10.50 -55.80 -14.00
C VAL O 216 9.44 -56.52 -13.15
N CYS O 217 9.64 -56.54 -11.84
CA CYS O 217 8.70 -57.22 -10.94
C CYS O 217 7.34 -56.54 -11.03
N THR O 218 6.31 -57.34 -11.32
CA THR O 218 5.00 -56.80 -11.63
C THR O 218 4.41 -56.03 -10.47
N HIS O 219 4.73 -56.41 -9.23
CA HIS O 219 4.09 -55.81 -8.07
C HIS O 219 4.39 -54.33 -7.96
N LEU O 220 5.67 -53.98 -7.78
CA LEU O 220 6.06 -52.62 -7.45
C LEU O 220 7.17 -52.09 -8.36
N GLY O 221 7.68 -52.89 -9.29
CA GLY O 221 8.70 -52.41 -10.21
C GLY O 221 10.12 -52.47 -9.69
N CYS O 222 10.60 -53.69 -9.44
CA CYS O 222 11.99 -53.93 -9.07
C CYS O 222 12.59 -54.95 -10.03
N VAL O 223 13.76 -55.49 -9.71
CA VAL O 223 14.48 -56.43 -10.57
C VAL O 223 14.32 -57.82 -9.96
N PRO O 224 13.53 -58.71 -10.57
CA PRO O 224 13.61 -60.12 -10.17
C PRO O 224 14.97 -60.70 -10.50
N ILE O 225 15.36 -61.72 -9.73
CA ILE O 225 16.61 -62.43 -9.95
C ILE O 225 16.26 -63.75 -10.64
N ALA O 226 17.19 -64.23 -11.46
CA ALA O 226 16.98 -65.41 -12.28
C ALA O 226 17.32 -66.66 -11.48
N ASN O 227 16.32 -67.51 -11.27
CA ASN O 227 16.50 -68.82 -10.64
C ASN O 227 17.14 -68.70 -9.26
N TYR O 235 12.69 -64.01 -10.26
CA TYR O 235 12.34 -64.15 -8.85
C TYR O 235 12.40 -62.81 -8.11
N CYS O 236 11.24 -62.23 -7.83
CA CYS O 236 11.17 -60.89 -7.25
C CYS O 236 11.77 -60.93 -5.84
N PRO O 237 12.97 -60.39 -5.60
CA PRO O 237 13.58 -60.61 -4.28
C PRO O 237 12.90 -59.85 -3.16
N CYS O 238 12.51 -58.60 -3.40
CA CYS O 238 11.92 -57.79 -2.34
C CYS O 238 10.52 -58.25 -1.95
N HIS O 239 9.94 -59.18 -2.69
CA HIS O 239 8.69 -59.82 -2.31
C HIS O 239 8.73 -61.33 -2.42
N GLY O 240 9.80 -61.91 -2.97
CA GLY O 240 9.92 -63.35 -3.05
C GLY O 240 8.86 -63.98 -3.91
N SER O 241 8.85 -63.64 -5.20
CA SER O 241 7.80 -64.07 -6.12
C SER O 241 8.38 -65.12 -7.05
N HIS O 242 7.98 -66.37 -6.86
CA HIS O 242 8.58 -67.48 -7.59
C HIS O 242 8.17 -67.47 -9.06
N TYR O 243 9.18 -67.36 -9.94
CA TYR O 243 8.98 -67.41 -11.39
C TYR O 243 9.64 -68.66 -11.97
N ASP O 244 9.28 -68.92 -13.23
CA ASP O 244 9.94 -69.95 -14.01
C ASP O 244 11.22 -69.39 -14.64
N ALA O 245 11.99 -70.26 -15.31
CA ALA O 245 13.02 -69.77 -16.21
C ALA O 245 12.38 -69.00 -17.36
N SER O 246 11.18 -69.40 -17.77
CA SER O 246 10.42 -68.63 -18.75
C SER O 246 9.89 -67.33 -18.17
N GLY O 247 9.81 -67.23 -16.85
CA GLY O 247 9.38 -66.01 -16.19
C GLY O 247 7.93 -65.99 -15.79
N ARG O 248 7.22 -67.12 -15.89
CA ARG O 248 5.84 -67.17 -15.46
C ARG O 248 5.77 -67.31 -13.95
N ILE O 249 4.92 -66.50 -13.34
CA ILE O 249 4.79 -66.54 -11.88
C ILE O 249 4.19 -67.87 -11.45
N ARG O 250 4.77 -68.44 -10.41
CA ARG O 250 4.18 -69.55 -9.67
C ARG O 250 3.59 -69.09 -8.35
N LYS O 251 4.38 -68.41 -7.53
CA LYS O 251 3.95 -67.92 -6.24
C LYS O 251 4.51 -66.53 -6.03
N GLY O 252 3.70 -65.63 -5.45
CA GLY O 252 4.16 -64.32 -5.08
C GLY O 252 3.05 -63.28 -5.17
N PRO O 253 3.29 -62.09 -4.61
CA PRO O 253 2.32 -61.00 -4.81
C PRO O 253 2.22 -60.52 -6.25
N ALA O 254 3.21 -60.82 -7.09
CA ALA O 254 3.20 -60.43 -8.49
C ALA O 254 1.94 -60.89 -9.24
N PRO O 255 1.03 -59.98 -9.62
CA PRO O 255 -0.25 -60.45 -10.16
C PRO O 255 -0.15 -61.16 -11.50
N LEU O 256 0.74 -60.71 -12.38
CA LEU O 256 0.84 -61.24 -13.73
C LEU O 256 2.19 -61.92 -13.95
N ASN O 257 2.22 -62.82 -14.92
CA ASN O 257 3.48 -63.20 -15.51
C ASN O 257 4.09 -61.96 -16.17
N LEU O 258 5.41 -61.95 -16.26
CA LEU O 258 6.12 -60.70 -16.53
C LEU O 258 5.86 -60.22 -17.95
N GLU O 259 6.41 -59.05 -18.26
CA GLU O 259 6.09 -58.34 -19.49
C GLU O 259 6.87 -58.93 -20.66
N VAL O 260 6.14 -59.43 -21.65
CA VAL O 260 6.73 -59.83 -22.93
C VAL O 260 6.71 -58.61 -23.83
N PRO O 261 7.87 -58.11 -24.28
CA PRO O 261 7.85 -57.08 -25.32
C PRO O 261 7.67 -57.69 -26.70
N SER O 262 7.23 -56.85 -27.63
CA SER O 262 7.15 -57.24 -29.02
C SER O 262 8.55 -57.25 -29.63
N TYR O 263 8.73 -58.06 -30.67
CA TYR O 263 10.05 -58.22 -31.27
C TYR O 263 9.92 -58.99 -32.58
N GLU O 264 11.07 -59.25 -33.19
CA GLU O 264 11.16 -60.03 -34.41
C GLU O 264 12.59 -60.51 -34.56
N PHE O 265 12.75 -61.74 -35.05
CA PHE O 265 14.06 -62.34 -35.29
C PHE O 265 14.32 -62.27 -36.79
N THR O 266 15.28 -61.43 -37.18
CA THR O 266 15.69 -61.39 -38.57
C THR O 266 16.27 -62.73 -39.01
N SER O 267 16.94 -63.43 -38.09
CA SER O 267 17.60 -64.68 -38.41
C SER O 267 17.63 -65.55 -37.15
N ASP O 268 18.31 -66.69 -37.26
CA ASP O 268 18.44 -67.62 -36.15
C ASP O 268 19.56 -67.23 -35.18
N ASP O 269 20.14 -66.04 -35.33
CA ASP O 269 21.21 -65.59 -34.46
C ASP O 269 21.13 -64.11 -34.09
N MET O 270 20.08 -63.40 -34.50
CA MET O 270 19.96 -61.97 -34.26
C MET O 270 18.53 -61.64 -33.88
N VAL O 271 18.36 -60.46 -33.30
CA VAL O 271 17.10 -60.07 -32.67
C VAL O 271 16.82 -58.60 -32.96
N ILE O 272 15.53 -58.28 -33.05
CA ILE O 272 15.05 -56.90 -33.06
C ILE O 272 14.03 -56.81 -31.94
N VAL O 273 14.45 -56.32 -30.78
CA VAL O 273 13.59 -56.25 -29.60
C VAL O 273 12.77 -54.97 -29.71
N GLY O 274 11.49 -55.10 -30.03
CA GLY O 274 10.63 -53.95 -30.12
C GLY O 274 9.40 -54.19 -30.98
N TRP P 13 26.81 41.30 -32.53
CA TRP P 13 25.59 41.75 -31.87
C TRP P 13 24.87 40.58 -31.24
N LEU P 14 24.20 40.83 -30.11
CA LEU P 14 23.57 39.78 -29.33
C LEU P 14 22.10 39.59 -29.66
N GLU P 15 21.28 40.61 -29.41
CA GLU P 15 19.85 40.45 -29.20
C GLU P 15 19.15 39.69 -30.33
N GLY P 16 19.72 39.67 -31.52
CA GLY P 16 19.18 38.84 -32.58
C GLY P 16 19.22 37.36 -32.26
N ILE P 17 20.09 36.93 -31.35
CA ILE P 17 20.26 35.51 -31.09
C ILE P 17 19.22 35.00 -30.10
N ARG P 18 18.91 35.78 -29.08
CA ARG P 18 17.90 35.35 -28.12
C ARG P 18 16.57 35.15 -28.81
N LYS P 19 16.24 36.04 -29.75
CA LYS P 19 15.08 35.81 -30.58
C LYS P 19 15.26 34.58 -31.44
N TRP P 20 16.47 34.34 -31.92
CA TRP P 20 16.71 33.23 -32.83
C TRP P 20 16.65 31.91 -32.10
N TYR P 21 17.46 31.77 -31.06
CA TYR P 21 17.47 30.55 -30.26
C TYR P 21 16.09 30.26 -29.71
N TYR P 22 15.32 31.31 -29.40
CA TYR P 22 13.96 31.13 -28.96
C TYR P 22 13.09 30.48 -30.02
N ASN P 23 13.45 30.61 -31.29
CA ASN P 23 12.70 29.96 -32.35
C ASN P 23 13.15 28.53 -32.57
N ALA P 24 14.38 28.20 -32.19
CA ALA P 24 14.90 26.87 -32.43
C ALA P 24 14.55 25.88 -31.34
N ALA P 25 14.18 26.36 -30.16
CA ALA P 25 13.67 25.47 -29.12
C ALA P 25 12.39 24.80 -29.57
N GLY P 26 11.51 25.56 -30.19
CA GLY P 26 10.28 25.06 -30.75
C GLY P 26 9.06 25.25 -29.88
N PHE P 27 9.23 25.52 -28.60
CA PHE P 27 8.08 25.59 -27.72
C PHE P 27 7.19 26.80 -27.99
N ASN P 28 7.67 27.76 -28.77
CA ASN P 28 6.79 28.79 -29.29
C ASN P 28 5.86 28.28 -30.39
N LYS P 29 6.10 27.08 -30.90
CA LYS P 29 5.21 26.48 -31.88
C LYS P 29 4.09 25.67 -31.25
N LEU P 30 4.18 25.37 -29.96
CA LEU P 30 3.16 24.62 -29.25
C LEU P 30 2.38 25.52 -28.30
N GLY P 31 2.33 26.81 -28.59
CA GLY P 31 1.52 27.72 -27.81
C GLY P 31 1.96 27.87 -26.38
N LEU P 32 3.22 27.60 -26.09
CA LEU P 32 3.75 27.66 -24.74
C LEU P 32 4.57 28.91 -24.54
N MET P 33 5.04 29.08 -23.32
CA MET P 33 5.84 30.21 -22.91
C MET P 33 7.18 29.71 -22.37
N ARG P 34 7.99 30.67 -21.94
CA ARG P 34 9.28 30.36 -21.31
C ARG P 34 9.08 29.69 -19.96
N ASP P 35 8.23 30.26 -19.13
CA ASP P 35 8.07 29.79 -17.76
C ASP P 35 7.53 28.38 -17.71
N ASP P 36 6.70 28.00 -18.68
CA ASP P 36 5.98 26.74 -18.59
C ASP P 36 6.91 25.54 -18.65
N THR P 37 8.08 25.69 -19.24
CA THR P 37 8.99 24.59 -19.47
C THR P 37 9.97 24.38 -18.34
N ILE P 38 9.71 24.93 -17.19
CA ILE P 38 10.68 24.89 -16.11
C ILE P 38 10.64 23.54 -15.42
N HIS P 39 11.80 23.16 -14.90
CA HIS P 39 11.90 21.98 -14.06
C HIS P 39 11.33 22.27 -12.68
N GLU P 40 10.71 21.28 -12.09
CA GLU P 40 9.95 21.44 -10.86
C GLU P 40 10.77 20.92 -9.69
N ASN P 41 11.06 21.82 -8.74
CA ASN P 41 11.60 21.44 -7.45
C ASN P 41 10.77 22.12 -6.38
N ASP P 42 11.10 21.83 -5.12
CA ASP P 42 10.32 22.36 -4.01
C ASP P 42 10.34 23.89 -3.99
N ASP P 43 11.41 24.49 -4.49
CA ASP P 43 11.47 25.95 -4.52
C ASP P 43 10.41 26.51 -5.45
N VAL P 44 10.09 25.80 -6.52
CA VAL P 44 9.16 26.31 -7.51
C VAL P 44 7.73 25.88 -7.24
N LYS P 45 7.55 24.70 -6.62
CA LYS P 45 6.21 24.25 -6.27
C LYS P 45 5.52 25.26 -5.37
N GLU P 46 6.29 25.89 -4.49
CA GLU P 46 5.73 26.98 -3.69
C GLU P 46 5.27 28.11 -4.59
N ALA P 47 6.15 28.53 -5.52
CA ALA P 47 5.84 29.67 -6.35
C ALA P 47 4.61 29.42 -7.20
N ILE P 48 4.52 28.25 -7.80
CA ILE P 48 3.35 27.89 -8.59
C ILE P 48 2.12 27.91 -7.71
N ARG P 49 2.22 27.32 -6.53
CA ARG P 49 1.12 27.31 -5.56
C ARG P 49 0.70 28.71 -5.19
N ARG P 50 1.62 29.67 -5.26
CA ARG P 50 1.33 31.04 -4.90
C ARG P 50 0.66 31.83 -6.01
N LEU P 51 0.45 31.24 -7.17
CA LEU P 51 0.00 32.01 -8.30
C LEU P 51 -1.50 32.28 -8.24
N PRO P 52 -1.96 33.35 -8.88
CA PRO P 52 -3.39 33.65 -8.87
C PRO P 52 -4.16 32.82 -9.89
N GLU P 53 -5.45 32.68 -9.63
CA GLU P 53 -6.30 31.80 -10.42
C GLU P 53 -6.42 32.30 -11.86
N ASN P 54 -6.57 33.61 -12.04
CA ASN P 54 -6.75 34.17 -13.37
C ASN P 54 -5.58 33.85 -14.28
N LEU P 55 -4.39 33.71 -13.70
CA LEU P 55 -3.18 33.37 -14.42
C LEU P 55 -2.84 31.89 -14.32
N TYR P 56 -3.10 31.28 -13.16
CA TYR P 56 -2.77 29.89 -12.96
C TYR P 56 -3.54 29.00 -13.91
N ASP P 57 -4.85 29.21 -13.98
CA ASP P 57 -5.66 28.46 -14.93
C ASP P 57 -5.20 28.70 -16.35
N ASP P 58 -4.68 29.89 -16.63
CA ASP P 58 -4.16 30.18 -17.95
C ASP P 58 -2.87 29.43 -18.23
N ARG P 59 -2.21 28.93 -17.19
CA ARG P 59 -1.05 28.08 -17.41
C ARG P 59 -1.47 26.74 -17.98
N VAL P 60 -2.54 26.17 -17.43
CA VAL P 60 -2.85 24.77 -17.69
C VAL P 60 -3.28 24.59 -19.13
N PHE P 61 -4.17 25.46 -19.60
CA PHE P 61 -4.68 25.31 -20.96
C PHE P 61 -3.57 25.48 -21.99
N ARG P 62 -2.57 26.30 -21.68
CA ARG P 62 -1.40 26.35 -22.55
C ARG P 62 -0.71 25.00 -22.56
N ILE P 63 -0.52 24.41 -21.38
CA ILE P 63 0.18 23.15 -21.27
C ILE P 63 -0.66 22.03 -21.84
N LYS P 64 -1.94 22.01 -21.48
CA LYS P 64 -2.80 20.88 -21.75
C LYS P 64 -2.91 20.59 -23.23
N ARG P 65 -2.88 21.63 -24.07
CA ARG P 65 -3.05 21.43 -25.50
C ARG P 65 -1.73 21.06 -26.16
N ALA P 66 -0.63 21.62 -25.66
CA ALA P 66 0.67 21.28 -26.21
C ALA P 66 0.95 19.80 -26.03
N LEU P 67 0.47 19.22 -24.93
CA LEU P 67 0.62 17.79 -24.72
C LEU P 67 -0.11 17.02 -25.79
N ASP P 68 -1.39 17.34 -25.98
CA ASP P 68 -2.21 16.65 -26.96
C ASP P 68 -1.61 16.72 -28.36
N LEU P 69 -0.84 17.76 -28.65
CA LEU P 69 -0.18 17.87 -29.92
C LEU P 69 1.16 17.16 -29.94
N SER P 70 1.84 17.11 -28.79
CA SER P 70 3.01 16.27 -28.69
C SER P 70 2.66 14.81 -28.85
N MET P 71 1.46 14.43 -28.45
CA MET P 71 0.97 13.09 -28.72
C MET P 71 0.95 12.83 -30.22
N ARG P 72 0.34 13.74 -30.96
CA ARG P 72 0.24 13.62 -32.41
C ARG P 72 1.53 13.97 -33.14
N GLN P 73 2.51 14.52 -32.44
CA GLN P 73 3.67 15.21 -33.02
C GLN P 73 3.27 16.44 -33.83
N GLN P 74 2.04 16.90 -33.70
CA GLN P 74 1.57 18.06 -34.45
C GLN P 74 1.95 19.35 -33.73
N ILE P 75 1.66 20.46 -34.39
CA ILE P 75 1.89 21.79 -33.84
C ILE P 75 0.70 22.67 -34.15
N LEU P 76 0.81 23.93 -33.84
CA LEU P 76 -0.21 24.91 -34.18
C LEU P 76 0.17 25.67 -35.44
N PRO P 77 -0.79 26.32 -36.10
CA PRO P 77 -0.45 27.14 -37.26
C PRO P 77 0.41 28.32 -36.86
N LYS P 78 0.96 28.97 -37.89
CA LYS P 78 1.93 30.03 -37.66
C LYS P 78 1.35 31.20 -36.89
N GLU P 79 0.05 31.46 -37.04
CA GLU P 79 -0.55 32.59 -36.36
C GLU P 79 -0.58 32.36 -34.86
N GLN P 80 -0.94 31.14 -34.45
CA GLN P 80 -1.04 30.83 -33.03
C GLN P 80 0.31 30.75 -32.34
N TRP P 81 1.40 30.74 -33.09
CA TRP P 81 2.71 30.63 -32.47
C TRP P 81 2.95 31.78 -31.52
N THR P 82 3.93 31.60 -30.65
CA THR P 82 4.26 32.57 -29.65
C THR P 82 5.36 33.50 -30.15
N LYS P 83 5.19 34.78 -29.90
CA LYS P 83 6.15 35.79 -30.30
C LYS P 83 7.11 36.06 -29.15
N TYR P 84 8.35 36.39 -29.52
CA TYR P 84 9.39 36.62 -28.52
C TYR P 84 9.04 37.79 -27.63
N GLU P 85 8.51 38.86 -28.21
CA GLU P 85 8.20 40.06 -27.44
C GLU P 85 7.08 39.83 -26.45
N GLU P 86 6.20 38.87 -26.71
CA GLU P 86 5.11 38.53 -25.81
C GLU P 86 5.49 37.41 -24.84
N ASP P 87 6.76 36.99 -24.83
CA ASP P 87 7.24 35.97 -23.90
C ASP P 87 7.34 36.62 -22.51
N LYS P 88 6.18 36.80 -21.90
CA LYS P 88 6.10 37.55 -20.65
C LYS P 88 6.83 36.83 -19.53
N SER P 89 7.41 37.61 -18.63
CA SER P 89 8.12 37.09 -17.47
C SER P 89 7.21 37.10 -16.24
N TYR P 90 6.07 36.42 -16.38
CA TYR P 90 5.06 36.50 -15.34
C TYR P 90 5.46 35.77 -14.07
N LEU P 91 6.43 34.88 -14.14
CA LEU P 91 6.75 33.99 -13.04
C LEU P 91 7.95 34.44 -12.23
N GLU P 92 8.88 35.15 -12.85
CA GLU P 92 10.10 35.58 -12.15
C GLU P 92 9.84 36.39 -10.89
N PRO P 93 8.87 37.30 -10.83
CA PRO P 93 8.62 38.00 -9.56
C PRO P 93 8.30 37.06 -8.42
N TYR P 94 7.43 36.09 -8.65
CA TYR P 94 7.11 35.14 -7.61
C TYR P 94 8.30 34.26 -7.28
N LEU P 95 9.18 34.01 -8.25
CA LEU P 95 10.25 33.05 -8.03
C LEU P 95 11.33 33.62 -7.13
N LYS P 96 11.98 34.70 -7.57
CA LYS P 96 13.11 35.26 -6.83
C LYS P 96 12.70 35.66 -5.43
N GLU P 97 11.41 35.98 -5.25
CA GLU P 97 10.83 36.16 -3.93
C GLU P 97 11.12 34.96 -3.05
N VAL P 98 10.96 33.75 -3.61
CA VAL P 98 11.12 32.54 -2.81
C VAL P 98 12.56 32.40 -2.38
N ILE P 99 13.49 32.49 -3.33
CA ILE P 99 14.88 32.23 -3.02
C ILE P 99 15.44 33.33 -2.13
N ARG P 100 14.83 34.52 -2.15
CA ARG P 100 15.17 35.52 -1.16
C ARG P 100 14.83 35.02 0.24
N GLU P 101 13.83 34.15 0.36
CA GLU P 101 13.52 33.54 1.65
C GLU P 101 14.35 32.29 1.90
N ARG P 102 14.72 31.56 0.85
CA ARG P 102 15.56 30.39 1.03
C ARG P 102 16.92 30.78 1.59
N LYS P 103 17.61 31.71 0.93
CA LYS P 103 18.94 32.09 1.37
C LYS P 103 18.92 32.71 2.75
N GLU P 104 17.84 33.41 3.09
CA GLU P 104 17.67 33.86 4.47
C GLU P 104 17.42 32.69 5.39
N ARG P 105 16.75 31.64 4.91
CA ARG P 105 16.44 30.50 5.76
C ARG P 105 17.71 29.76 6.16
N GLU P 106 18.75 29.83 5.34
CA GLU P 106 19.95 29.04 5.53
C GLU P 106 21.05 29.83 6.24
N GLU P 107 21.41 30.99 5.69
CA GLU P 107 22.47 31.79 6.27
C GLU P 107 22.12 32.22 7.68
N TRP P 108 20.84 32.46 7.95
CA TRP P 108 20.42 32.75 9.31
C TRP P 108 20.63 31.54 10.20
N ALA P 109 20.44 30.34 9.65
CA ALA P 109 20.68 29.12 10.42
C ALA P 109 22.16 28.87 10.64
N LYS P 110 23.03 29.47 9.84
CA LYS P 110 24.47 29.33 10.03
C LYS P 110 24.94 30.13 11.24
N ARG Q 3 -0.82 6.24 -5.59
CA ARG Q 3 -1.41 7.38 -6.27
C ARG Q 3 -2.40 6.93 -7.32
N GLN Q 4 -3.37 7.77 -7.60
CA GLN Q 4 -4.40 7.47 -8.59
C GLN Q 4 -5.09 8.76 -8.97
N PHE Q 5 -6.16 8.64 -9.74
CA PHE Q 5 -6.97 9.79 -10.06
C PHE Q 5 -7.73 10.26 -8.83
N GLY Q 6 -7.78 11.57 -8.65
CA GLY Q 6 -8.73 12.19 -7.74
C GLY Q 6 -8.11 13.30 -6.91
N HIS Q 7 -6.86 13.13 -6.52
CA HIS Q 7 -6.17 14.07 -5.65
C HIS Q 7 -4.85 14.53 -6.25
N LEU Q 8 -4.79 14.68 -7.57
CA LEU Q 8 -3.55 15.10 -8.21
C LEU Q 8 -3.34 16.59 -8.10
N THR Q 9 -4.25 17.35 -8.69
CA THR Q 9 -4.05 18.79 -8.83
C THR Q 9 -5.40 19.45 -9.02
N ARG Q 10 -5.38 20.70 -9.46
CA ARG Q 10 -6.58 21.49 -9.67
C ARG Q 10 -6.74 21.78 -11.14
N VAL Q 11 -7.99 21.87 -11.56
CA VAL Q 11 -8.37 22.24 -12.91
C VAL Q 11 -9.58 23.14 -12.83
N ARG Q 12 -9.63 24.15 -13.68
CA ARG Q 12 -10.74 25.09 -13.69
C ARG Q 12 -11.00 25.58 -15.11
N HIS Q 13 -12.27 25.56 -15.50
CA HIS Q 13 -12.72 26.18 -16.74
C HIS Q 13 -12.02 25.55 -17.94
N VAL Q 14 -12.24 24.26 -18.09
CA VAL Q 14 -11.66 23.48 -19.17
C VAL Q 14 -12.71 22.53 -19.70
N ILE Q 15 -12.82 22.47 -21.01
CA ILE Q 15 -13.81 21.66 -21.70
C ILE Q 15 -13.08 20.66 -22.57
N THR Q 16 -13.63 19.46 -22.66
CA THR Q 16 -13.07 18.38 -23.44
C THR Q 16 -14.16 17.80 -24.31
N TYR Q 17 -13.91 17.80 -25.62
CA TYR Q 17 -14.78 17.17 -26.60
C TYR Q 17 -14.08 15.95 -27.15
N SER Q 18 -14.83 14.87 -27.35
CA SER Q 18 -14.25 13.68 -27.94
C SER Q 18 -15.36 12.75 -28.40
N LEU Q 19 -14.96 11.81 -29.26
CA LEU Q 19 -15.88 10.97 -29.99
C LEU Q 19 -15.49 9.50 -29.84
N SER Q 20 -16.48 8.64 -29.99
CA SER Q 20 -16.27 7.21 -30.13
C SER Q 20 -15.26 6.92 -31.23
N PRO Q 21 -14.60 5.76 -31.19
CA PRO Q 21 -13.81 5.35 -32.35
C PRO Q 21 -14.67 4.91 -33.50
N PHE Q 22 -15.78 4.25 -33.19
CA PHE Q 22 -16.62 3.65 -34.22
C PHE Q 22 -17.16 4.70 -35.18
N GLU Q 23 -17.34 5.93 -34.71
CA GLU Q 23 -17.88 6.99 -35.52
C GLU Q 23 -16.82 7.69 -36.35
N GLN Q 24 -15.64 7.11 -36.48
CA GLN Q 24 -14.62 7.71 -37.32
C GLN Q 24 -13.67 6.65 -37.83
N ARG Q 25 -13.25 6.83 -39.08
CA ARG Q 25 -12.23 6.00 -39.68
C ARG Q 25 -10.97 6.04 -38.83
N ALA Q 26 -10.25 4.93 -38.84
CA ALA Q 26 -9.01 4.85 -38.07
C ALA Q 26 -7.92 5.69 -38.69
N PHE Q 27 -7.75 5.57 -40.01
CA PHE Q 27 -6.66 6.21 -40.75
C PHE Q 27 -7.18 7.20 -41.78
N PRO Q 28 -7.78 8.31 -41.34
CA PRO Q 28 -8.10 9.39 -42.28
C PRO Q 28 -6.92 10.33 -42.41
N HIS Q 29 -6.74 10.83 -43.64
CA HIS Q 29 -5.70 11.83 -43.92
C HIS Q 29 -4.30 11.32 -43.57
N TYR Q 30 -4.12 10.01 -43.59
CA TYR Q 30 -2.81 9.44 -43.32
C TYR Q 30 -1.80 9.89 -44.36
N PHE Q 31 -2.04 9.56 -45.62
CA PHE Q 31 -1.20 10.07 -46.69
C PHE Q 31 -1.37 11.57 -46.86
N SER Q 32 -2.61 12.04 -46.82
CA SER Q 32 -2.91 13.40 -47.25
C SER Q 32 -2.27 14.43 -46.33
N LYS Q 33 -2.33 14.20 -45.02
CA LYS Q 33 -1.81 15.14 -44.03
C LYS Q 33 -0.59 14.63 -43.29
N GLY Q 34 -0.44 13.31 -43.18
CA GLY Q 34 0.67 12.78 -42.41
C GLY Q 34 2.01 13.11 -43.04
N ILE Q 35 2.10 12.96 -44.36
CA ILE Q 35 3.40 12.99 -45.03
C ILE Q 35 4.08 14.34 -44.88
N PRO Q 36 3.40 15.48 -45.02
CA PRO Q 36 4.05 16.75 -44.67
C PRO Q 36 4.49 16.79 -43.23
N ASN Q 37 3.67 16.28 -42.31
CA ASN Q 37 4.03 16.29 -40.91
C ASN Q 37 5.26 15.45 -40.64
N VAL Q 38 5.44 14.38 -41.44
CA VAL Q 38 6.68 13.61 -41.37
C VAL Q 38 7.85 14.50 -41.76
N LEU Q 39 7.71 15.21 -42.88
CA LEU Q 39 8.79 16.06 -43.35
C LEU Q 39 9.05 17.19 -42.38
N ARG Q 40 7.99 17.78 -41.84
CA ARG Q 40 8.18 18.82 -40.84
C ARG Q 40 8.89 18.27 -39.62
N ARG Q 41 8.50 17.06 -39.20
CA ARG Q 41 9.23 16.41 -38.11
C ARG Q 41 10.67 16.18 -38.50
N THR Q 42 10.93 15.94 -39.78
CA THR Q 42 12.28 15.67 -40.24
C THR Q 42 13.12 16.93 -40.23
N ARG Q 43 12.58 18.03 -40.76
CA ARG Q 43 13.35 19.25 -40.93
C ARG Q 43 13.76 19.88 -39.60
N ALA Q 44 13.15 19.44 -38.50
CA ALA Q 44 13.48 19.97 -37.18
C ALA Q 44 14.53 19.16 -36.46
N CYS Q 45 14.91 18.00 -36.98
CA CYS Q 45 15.79 17.07 -36.27
C CYS Q 45 17.02 16.64 -37.05
N ILE Q 46 17.00 16.70 -38.38
CA ILE Q 46 18.07 16.10 -39.16
C ILE Q 46 19.39 16.82 -38.90
N LEU Q 47 19.34 18.13 -38.73
CA LEU Q 47 20.57 18.91 -38.67
C LEU Q 47 21.33 18.68 -37.39
N ARG Q 48 20.66 18.16 -36.36
CA ARG Q 48 21.28 17.89 -35.07
C ARG Q 48 21.46 16.40 -34.81
N VAL Q 49 21.29 15.58 -35.85
CA VAL Q 49 21.35 14.13 -35.73
C VAL Q 49 22.31 13.59 -36.78
N ALA Q 50 22.11 14.02 -38.02
CA ALA Q 50 22.92 13.53 -39.13
C ALA Q 50 24.41 13.80 -38.99
N PRO Q 51 24.87 15.04 -38.79
CA PRO Q 51 26.29 15.39 -38.99
C PRO Q 51 27.24 14.54 -38.16
N PRO Q 52 26.86 14.12 -36.95
CA PRO Q 52 27.63 13.04 -36.30
C PRO Q 52 27.75 11.81 -37.18
N PHE Q 53 26.62 11.29 -37.65
CA PHE Q 53 26.66 10.09 -38.48
C PHE Q 53 27.33 10.36 -39.82
N VAL Q 54 27.30 11.61 -40.28
CA VAL Q 54 28.02 11.95 -41.51
C VAL Q 54 29.51 11.72 -41.32
N ALA Q 55 30.05 12.24 -40.21
CA ALA Q 55 31.46 12.06 -39.93
C ALA Q 55 31.78 10.59 -39.69
N PHE Q 56 30.85 9.89 -39.04
CA PHE Q 56 31.02 8.46 -38.77
C PHE Q 56 31.23 7.70 -40.07
N TYR Q 57 30.43 8.00 -41.08
CA TYR Q 57 30.59 7.39 -42.39
C TYR Q 57 31.95 7.68 -42.99
N LEU Q 58 32.48 8.88 -42.74
CA LEU Q 58 33.80 9.24 -43.26
C LEU Q 58 34.89 8.59 -42.43
N VAL Q 59 34.79 8.67 -41.11
CA VAL Q 59 35.78 8.03 -40.28
C VAL Q 59 35.73 6.54 -40.44
N TYR Q 60 34.55 6.00 -40.76
CA TYR Q 60 34.46 4.59 -41.14
C TYR Q 60 35.13 4.35 -42.48
N THR Q 61 35.13 5.36 -43.35
CA THR Q 61 35.79 5.22 -44.64
C THR Q 61 37.30 5.31 -44.49
N TRP Q 62 37.79 6.45 -44.02
CA TRP Q 62 39.22 6.66 -43.88
C TRP Q 62 39.84 5.67 -42.91
N GLY Q 63 39.06 5.14 -41.97
CA GLY Q 63 39.57 4.14 -41.06
C GLY Q 63 40.01 2.88 -41.78
N THR Q 64 39.35 2.55 -42.89
CA THR Q 64 39.70 1.37 -43.65
C THR Q 64 40.83 1.66 -44.64
N GLN Q 65 40.75 2.80 -45.33
CA GLN Q 65 41.68 3.08 -46.41
C GLN Q 65 43.10 3.19 -45.89
N GLU Q 66 43.30 3.99 -44.85
CA GLU Q 66 44.63 4.08 -44.24
C GLU Q 66 45.06 2.72 -43.70
N PHE Q 67 44.13 2.00 -43.08
CA PHE Q 67 44.42 0.64 -42.64
C PHE Q 67 44.67 -0.26 -43.84
N GLU Q 68 43.99 -0.01 -44.94
CA GLU Q 68 44.17 -0.80 -46.14
C GLU Q 68 45.57 -0.57 -46.72
N LYS Q 69 46.03 0.68 -46.72
CA LYS Q 69 47.33 0.99 -47.31
C LYS Q 69 48.46 0.45 -46.45
N SER Q 70 48.31 0.47 -45.13
CA SER Q 70 49.41 0.17 -44.24
C SER Q 70 49.91 -1.24 -44.42
N LYS Q 71 49.01 -2.18 -44.69
CA LYS Q 71 49.41 -3.56 -44.93
C LYS Q 71 50.02 -3.72 -46.32
N ARG Q 72 49.67 -2.85 -47.25
CA ARG Q 72 50.32 -2.85 -48.55
C ARG Q 72 51.73 -2.30 -48.39
N LYS Q 73 52.67 -2.86 -49.14
CA LYS Q 73 54.08 -2.65 -48.87
C LYS Q 73 54.52 -1.25 -49.29
N ASN Q 74 55.75 -0.92 -48.91
CA ASN Q 74 56.44 0.29 -49.29
C ASN Q 74 57.55 -0.02 -50.28
N PRO Q 75 58.03 0.96 -51.04
CA PRO Q 75 59.11 0.69 -51.99
C PRO Q 75 60.46 0.56 -51.31
N ALA Q 76 60.78 -0.63 -50.82
CA ALA Q 76 62.08 -0.89 -50.22
C ALA Q 76 62.29 -2.38 -50.05
N LEU R 26 38.49 -35.12 -70.86
CA LEU R 26 37.85 -34.54 -69.70
C LEU R 26 38.44 -33.16 -69.42
N VAL R 27 37.72 -32.34 -68.65
CA VAL R 27 38.08 -30.94 -68.45
C VAL R 27 37.63 -30.49 -67.07
N ASP R 28 38.36 -29.53 -66.52
CA ASP R 28 37.88 -28.73 -65.40
C ASP R 28 37.12 -27.54 -65.95
N PRO R 29 35.83 -27.38 -65.65
CA PRO R 29 35.14 -26.15 -66.07
C PRO R 29 35.70 -24.90 -65.42
N LEU R 30 36.41 -25.03 -64.30
CA LEU R 30 36.97 -23.86 -63.64
C LEU R 30 38.01 -23.18 -64.51
N THR R 31 38.89 -23.97 -65.12
CA THR R 31 39.92 -23.39 -65.98
C THR R 31 39.31 -22.65 -67.15
N THR R 32 38.18 -23.15 -67.65
CA THR R 32 37.47 -22.45 -68.71
C THR R 32 37.04 -21.07 -68.26
N VAL R 33 36.76 -20.91 -66.97
CA VAL R 33 36.28 -19.63 -66.45
C VAL R 33 37.43 -18.74 -66.02
N ARG R 34 38.43 -19.31 -65.35
CA ARG R 34 39.62 -18.55 -65.01
C ARG R 34 40.28 -17.99 -66.26
N GLU R 35 40.28 -18.78 -67.33
CA GLU R 35 40.92 -18.38 -68.58
C GLU R 35 40.32 -17.10 -69.12
N GLN R 36 38.98 -17.04 -69.16
CA GLN R 36 38.31 -15.87 -69.71
C GLN R 36 38.57 -14.63 -68.88
N CYS R 37 38.76 -14.81 -67.57
CA CYS R 37 38.78 -13.67 -66.67
C CYS R 37 40.14 -13.03 -66.55
N GLU R 38 41.21 -13.77 -66.87
CA GLU R 38 42.53 -13.15 -66.96
C GLU R 38 42.57 -12.05 -68.01
N GLN R 39 41.65 -12.08 -68.98
CA GLN R 39 41.56 -11.05 -70.00
C GLN R 39 40.93 -9.76 -69.48
N LEU R 40 40.06 -9.86 -68.49
CA LEU R 40 39.35 -8.68 -68.00
C LEU R 40 40.33 -7.72 -67.34
N GLU R 41 39.83 -6.51 -67.08
CA GLU R 41 40.69 -5.37 -66.79
C GLU R 41 41.52 -5.60 -65.53
N LYS R 42 40.86 -5.90 -64.41
CA LYS R 42 41.54 -5.93 -63.13
C LYS R 42 42.56 -7.05 -63.06
N CYS R 43 42.36 -8.13 -63.81
CA CYS R 43 43.32 -9.22 -63.82
C CYS R 43 44.56 -8.84 -64.63
N VAL R 44 44.36 -8.22 -65.78
CA VAL R 44 45.48 -7.84 -66.64
C VAL R 44 46.37 -6.84 -65.93
N LYS R 45 45.75 -5.87 -65.25
CA LYS R 45 46.53 -4.84 -64.57
C LYS R 45 47.30 -5.43 -63.39
N ALA R 46 46.64 -6.26 -62.58
CA ALA R 46 47.34 -6.95 -61.50
C ALA R 46 48.38 -7.91 -62.05
N ARG R 47 48.11 -8.49 -63.22
CA ARG R 47 49.09 -9.37 -63.84
C ARG R 47 50.35 -8.61 -64.17
N GLU R 48 50.21 -7.45 -64.81
CA GLU R 48 51.38 -6.65 -65.17
C GLU R 48 52.15 -6.21 -63.94
N ARG R 49 51.44 -5.85 -62.88
CA ARG R 49 52.11 -5.51 -61.63
C ARG R 49 52.86 -6.70 -61.07
N LEU R 50 52.26 -7.90 -61.19
CA LEU R 50 52.92 -9.10 -60.69
C LEU R 50 54.22 -9.36 -61.42
N GLU R 51 54.26 -9.04 -62.71
CA GLU R 51 55.45 -9.34 -63.50
C GLU R 51 56.62 -8.44 -63.09
N LEU R 52 56.36 -7.15 -62.87
CA LEU R 52 57.41 -6.27 -62.40
C LEU R 52 57.88 -6.67 -61.02
N CYS R 53 56.95 -7.09 -60.16
CA CYS R 53 57.33 -7.68 -58.88
C CYS R 53 58.25 -8.88 -59.08
N ASP R 54 57.84 -9.79 -59.97
CA ASP R 54 58.64 -10.98 -60.26
C ASP R 54 60.04 -10.61 -60.68
N GLU R 55 60.19 -9.57 -61.50
CA GLU R 55 61.50 -9.11 -61.90
C GLU R 55 62.12 -8.21 -60.86
N ARG R 56 61.31 -7.57 -60.01
CA ARG R 56 61.87 -6.83 -58.89
C ARG R 56 62.63 -7.75 -57.95
N VAL R 57 62.16 -8.98 -57.81
CA VAL R 57 62.76 -9.93 -56.89
C VAL R 57 63.87 -10.72 -57.56
N SER R 58 63.58 -11.29 -58.73
CA SER R 58 64.55 -12.15 -59.40
C SER R 58 65.80 -11.37 -59.78
N SER R 59 65.63 -10.11 -60.19
CA SER R 59 66.79 -9.30 -60.56
C SER R 59 67.70 -9.05 -59.36
N ARG R 60 67.10 -8.81 -58.19
CA ARG R 60 67.89 -8.62 -56.99
C ARG R 60 68.39 -9.95 -56.46
N SER R 61 69.47 -9.88 -55.69
CA SER R 61 70.14 -11.09 -55.20
C SER R 61 69.62 -11.49 -53.82
N GLN R 62 69.79 -10.61 -52.83
CA GLN R 62 69.37 -10.85 -51.46
C GLN R 62 68.15 -9.97 -51.18
N THR R 63 67.02 -10.61 -50.92
CA THR R 63 65.75 -9.90 -50.73
C THR R 63 64.91 -10.65 -49.73
N GLU R 64 64.47 -9.94 -48.69
CA GLU R 64 63.43 -10.42 -47.79
C GLU R 64 62.08 -9.87 -48.25
N GLU R 65 61.77 -10.18 -49.51
CA GLU R 65 60.59 -9.65 -50.18
C GLU R 65 60.08 -10.70 -51.15
N ASP R 66 58.79 -10.62 -51.46
CA ASP R 66 58.14 -11.60 -52.31
C ASP R 66 56.92 -10.98 -52.94
N CYS R 67 56.30 -11.73 -53.86
CA CYS R 67 55.15 -11.26 -54.61
C CYS R 67 53.83 -11.77 -54.05
N THR R 68 53.82 -12.19 -52.78
CA THR R 68 52.55 -12.30 -52.05
C THR R 68 51.82 -10.97 -52.08
N GLU R 69 52.56 -9.87 -52.11
CA GLU R 69 52.00 -8.53 -52.23
C GLU R 69 51.08 -8.43 -53.44
N GLU R 70 51.64 -8.58 -54.64
CA GLU R 70 50.87 -8.39 -55.86
C GLU R 70 50.00 -9.60 -56.19
N LEU R 71 50.30 -10.76 -55.62
CA LEU R 71 49.54 -11.96 -55.96
C LEU R 71 48.10 -11.84 -55.49
N LEU R 72 47.89 -11.42 -54.25
CA LEU R 72 46.55 -11.47 -53.67
C LEU R 72 45.61 -10.51 -54.38
N ASP R 73 46.09 -9.33 -54.74
CA ASP R 73 45.25 -8.39 -55.45
C ASP R 73 44.86 -8.93 -56.82
N PHE R 74 45.74 -9.70 -57.45
CA PHE R 74 45.37 -10.40 -58.68
C PHE R 74 44.25 -11.39 -58.43
N LEU R 75 44.20 -11.95 -57.23
CA LEU R 75 43.28 -13.04 -56.94
C LEU R 75 41.98 -12.53 -56.32
N HIS R 76 42.05 -11.52 -55.45
CA HIS R 76 40.82 -10.94 -54.93
C HIS R 76 40.02 -10.31 -56.05
N ALA R 77 40.70 -9.82 -57.09
CA ALA R 77 40.00 -9.32 -58.26
C ALA R 77 39.57 -10.46 -59.17
N ARG R 78 40.34 -11.54 -59.21
CA ARG R 78 39.96 -12.67 -60.06
C ARG R 78 38.64 -13.25 -59.59
N ASP R 79 38.62 -13.82 -58.40
CA ASP R 79 37.53 -14.68 -57.98
C ASP R 79 36.20 -13.94 -57.87
N HIS R 80 36.21 -12.61 -57.89
CA HIS R 80 34.95 -11.87 -57.82
C HIS R 80 34.12 -12.07 -59.07
N CYS R 81 34.76 -12.09 -60.25
CA CYS R 81 34.03 -12.39 -61.48
C CYS R 81 33.53 -13.82 -61.48
N VAL R 82 34.39 -14.75 -61.02
CA VAL R 82 34.04 -16.17 -60.97
C VAL R 82 32.78 -16.37 -60.13
N ALA R 83 32.62 -15.58 -59.09
CA ALA R 83 31.41 -15.62 -58.28
C ALA R 83 30.17 -15.41 -59.13
N HIS R 84 30.23 -14.51 -60.09
CA HIS R 84 29.05 -14.08 -60.82
C HIS R 84 28.35 -15.22 -61.56
N LYS R 85 29.10 -16.20 -62.08
CA LYS R 85 28.54 -17.09 -63.10
C LYS R 85 28.94 -18.56 -62.96
N LEU R 86 29.81 -18.93 -62.02
CA LEU R 86 30.43 -20.25 -62.11
C LEU R 86 29.44 -21.39 -61.95
N PHE R 87 28.48 -21.26 -61.03
CA PHE R 87 27.49 -22.30 -60.81
C PHE R 87 26.35 -22.25 -61.82
N ASN R 88 26.52 -21.54 -62.94
CA ASN R 88 25.59 -21.68 -64.05
C ASN R 88 25.83 -22.97 -64.82
N SER R 89 27.09 -23.39 -64.89
CA SER R 89 27.42 -24.62 -65.60
C SER R 89 26.95 -25.83 -64.82
N LEU R 90 27.25 -25.86 -63.53
CA LEU R 90 27.00 -27.02 -62.71
C LEU R 90 25.63 -26.98 -62.06
N ARG S 1 -44.18 31.73 3.43
CA ARG S 1 -45.26 30.78 3.18
C ARG S 1 -45.37 29.77 4.31
N PRO S 2 -46.53 29.10 4.45
CA PRO S 2 -46.68 28.15 5.57
C PRO S 2 -45.88 26.88 5.34
N VAL S 3 -44.60 26.90 5.72
CA VAL S 3 -43.69 25.84 5.31
C VAL S 3 -44.00 24.56 6.06
N VAL S 4 -43.79 23.45 5.36
CA VAL S 4 -44.02 22.12 5.89
C VAL S 4 -42.94 21.21 5.31
N ALA S 5 -42.47 20.28 6.12
CA ALA S 5 -41.48 19.31 5.69
C ALA S 5 -42.14 18.10 5.08
N SER S 6 -41.34 17.36 4.31
CA SER S 6 -41.85 16.17 3.63
C SER S 6 -40.67 15.31 3.23
N VAL S 7 -40.62 14.11 3.79
CA VAL S 7 -39.68 13.09 3.39
C VAL S 7 -40.45 11.82 3.12
N SER S 8 -39.73 10.75 2.83
CA SER S 8 -40.38 9.50 2.47
C SER S 8 -39.34 8.40 2.39
N LEU S 9 -39.80 7.24 1.95
CA LEU S 9 -38.95 6.17 1.50
C LEU S 9 -38.64 6.27 0.02
N ASN S 10 -39.56 6.83 -0.76
CA ASN S 10 -39.37 6.97 -2.19
C ASN S 10 -39.80 8.31 -2.78
N VAL S 11 -40.60 9.11 -2.09
CA VAL S 11 -40.80 10.49 -2.55
C VAL S 11 -39.54 11.29 -2.23
N PRO S 12 -38.96 12.03 -3.18
CA PRO S 12 -37.80 12.86 -2.81
C PRO S 12 -38.17 13.87 -1.75
N ALA S 13 -37.20 14.19 -0.90
CA ALA S 13 -37.42 15.17 0.15
C ALA S 13 -37.85 16.49 -0.45
N SER S 14 -38.61 17.26 0.32
CA SER S 14 -39.24 18.46 -0.19
C SER S 14 -39.51 19.42 0.96
N VAL S 15 -39.85 20.65 0.59
CA VAL S 15 -40.18 21.70 1.56
C VAL S 15 -41.33 22.51 0.96
N ARG S 16 -42.46 22.51 1.64
CA ARG S 16 -43.67 23.12 1.13
C ARG S 16 -43.54 24.64 1.01
N THR T 5 -25.66 -6.36 -45.27
CA THR T 5 -24.36 -6.79 -45.76
C THR T 5 -23.86 -8.01 -45.00
N LEU T 6 -22.77 -8.58 -45.52
CA LEU T 6 -22.13 -9.69 -44.82
C LEU T 6 -21.58 -9.23 -43.48
N THR T 7 -21.05 -8.02 -43.43
CA THR T 7 -20.47 -7.51 -42.19
C THR T 7 -21.52 -7.47 -41.09
N ALA T 8 -22.69 -6.90 -41.38
CA ALA T 8 -23.71 -6.75 -40.36
C ALA T 8 -24.26 -8.09 -39.94
N ARG T 9 -24.65 -8.92 -40.91
CA ARG T 9 -25.22 -10.23 -40.60
C ARG T 9 -24.24 -11.08 -39.80
N LEU T 10 -22.94 -10.86 -40.02
CA LEU T 10 -21.94 -11.53 -39.21
C LEU T 10 -22.00 -11.06 -37.77
N TYR T 11 -22.27 -9.77 -37.56
CA TYR T 11 -22.18 -9.19 -36.23
C TYR T 11 -23.23 -9.80 -35.31
N SER T 12 -24.49 -9.82 -35.77
CA SER T 12 -25.58 -10.26 -34.93
C SER T 12 -25.44 -11.72 -34.52
N LEU T 13 -24.74 -12.52 -35.30
CA LEU T 13 -24.67 -13.95 -35.05
C LEU T 13 -23.53 -14.31 -34.11
N LEU T 14 -22.34 -13.76 -34.32
CA LEU T 14 -21.14 -14.25 -33.66
C LEU T 14 -20.45 -13.20 -32.79
N PHE T 15 -20.11 -12.05 -33.34
CA PHE T 15 -19.33 -11.08 -32.58
C PHE T 15 -20.13 -10.31 -31.55
N ARG T 16 -21.42 -10.58 -31.43
CA ARG T 16 -22.23 -9.85 -30.46
C ARG T 16 -21.95 -10.34 -29.05
N ARG T 17 -22.24 -11.60 -28.78
CA ARG T 17 -22.13 -12.17 -27.45
C ARG T 17 -20.73 -12.72 -27.23
N THR T 18 -20.18 -12.47 -26.04
CA THR T 18 -18.79 -12.82 -25.77
C THR T 18 -18.59 -14.32 -25.73
N SER T 19 -19.52 -15.05 -25.11
CA SER T 19 -19.40 -16.49 -25.05
C SER T 19 -19.40 -17.10 -26.45
N THR T 20 -20.12 -16.47 -27.37
CA THR T 20 -20.06 -16.88 -28.77
C THR T 20 -18.78 -16.41 -29.44
N PHE T 21 -18.21 -15.31 -28.95
CA PHE T 21 -17.10 -14.66 -29.64
C PHE T 21 -15.89 -15.57 -29.71
N ALA T 22 -15.48 -16.10 -28.56
CA ALA T 22 -14.31 -16.98 -28.55
C ALA T 22 -14.57 -18.28 -29.28
N LEU T 23 -15.83 -18.66 -29.48
CA LEU T 23 -16.12 -19.89 -30.19
C LEU T 23 -15.67 -19.79 -31.64
N THR T 24 -15.95 -18.67 -32.28
CA THR T 24 -15.58 -18.48 -33.67
C THR T 24 -14.08 -18.61 -33.85
N ILE T 25 -13.31 -18.12 -32.89
CA ILE T 25 -11.90 -17.90 -33.10
C ILE T 25 -11.16 -19.23 -33.14
N VAL T 26 -11.32 -20.04 -32.11
CA VAL T 26 -10.62 -21.31 -32.04
C VAL T 26 -11.08 -22.22 -33.17
N VAL T 27 -12.36 -22.15 -33.52
CA VAL T 27 -12.89 -22.93 -34.63
C VAL T 27 -12.23 -22.48 -35.93
N GLY T 28 -12.38 -21.21 -36.26
CA GLY T 28 -11.75 -20.69 -37.46
C GLY T 28 -10.24 -20.84 -37.42
N ALA T 29 -9.65 -20.69 -36.24
CA ALA T 29 -8.21 -20.88 -36.11
C ALA T 29 -7.82 -22.31 -36.43
N LEU T 30 -8.62 -23.26 -35.95
CA LEU T 30 -8.39 -24.66 -36.27
C LEU T 30 -8.45 -24.89 -37.77
N PHE T 31 -9.53 -24.43 -38.41
CA PHE T 31 -9.63 -24.51 -39.85
C PHE T 31 -8.57 -23.64 -40.53
N PHE T 32 -8.12 -22.58 -39.86
CA PHE T 32 -7.08 -21.74 -40.42
C PHE T 32 -5.72 -22.43 -40.37
N GLU T 33 -5.46 -23.17 -39.30
CA GLU T 33 -4.20 -23.88 -39.17
C GLU T 33 -4.01 -24.88 -40.31
N ARG T 34 -5.05 -25.64 -40.62
CA ARG T 34 -4.98 -26.65 -41.67
C ARG T 34 -4.60 -26.07 -43.01
N ALA T 35 -4.91 -24.80 -43.25
CA ALA T 35 -4.65 -24.14 -44.53
C ALA T 35 -3.30 -23.46 -44.59
N PHE T 36 -2.89 -22.82 -43.49
CA PHE T 36 -1.71 -21.99 -43.53
C PHE T 36 -0.46 -22.82 -43.74
N ASP T 37 -0.37 -23.98 -43.07
CA ASP T 37 0.76 -24.86 -43.28
C ASP T 37 0.80 -25.36 -44.72
N GLN T 38 -0.37 -25.76 -45.25
CA GLN T 38 -0.43 -26.24 -46.62
C GLN T 38 -0.09 -25.13 -47.60
N GLY T 39 -0.43 -23.89 -47.29
CA GLY T 39 -0.06 -22.79 -48.16
C GLY T 39 1.43 -22.58 -48.20
N ALA T 40 2.07 -22.56 -47.03
CA ALA T 40 3.49 -22.26 -46.97
C ALA T 40 4.31 -23.38 -47.57
N ASP T 41 4.08 -24.61 -47.13
CA ASP T 41 4.93 -25.73 -47.51
C ASP T 41 4.94 -25.94 -49.02
N ALA T 42 3.77 -25.91 -49.64
CA ALA T 42 3.70 -26.08 -51.09
C ALA T 42 4.49 -24.99 -51.80
N ILE T 43 4.40 -23.77 -51.29
CA ILE T 43 5.16 -22.68 -51.88
C ILE T 43 6.65 -22.89 -51.65
N TYR T 44 7.01 -23.31 -50.45
CA TYR T 44 8.39 -23.64 -50.16
C TYR T 44 8.89 -24.76 -51.04
N GLU T 45 7.99 -25.68 -51.40
CA GLU T 45 8.32 -26.71 -52.39
C GLU T 45 8.33 -26.12 -53.79
N HIS T 46 7.41 -25.20 -54.06
CA HIS T 46 7.31 -24.58 -55.39
C HIS T 46 8.58 -23.82 -55.72
N ILE T 47 9.18 -23.16 -54.73
CA ILE T 47 10.43 -22.45 -54.95
C ILE T 47 11.55 -23.43 -55.20
N ASN T 48 11.78 -24.32 -54.25
CA ASN T 48 12.97 -25.18 -54.22
C ASN T 48 12.67 -26.55 -54.79
N GLU T 49 11.86 -26.58 -55.84
CA GLU T 49 11.63 -27.80 -56.59
C GLU T 49 12.94 -28.46 -56.98
N GLY T 50 12.92 -29.78 -57.02
CA GLY T 50 14.10 -30.57 -57.32
C GLY T 50 15.25 -30.39 -56.36
N LYS T 51 14.97 -30.14 -55.09
CA LYS T 51 16.03 -29.98 -54.08
C LYS T 51 15.77 -30.75 -52.80
N LEU T 52 14.51 -31.00 -52.47
CA LEU T 52 14.15 -31.54 -51.18
C LEU T 52 14.08 -33.06 -51.20
N TRP T 53 13.84 -33.62 -50.01
CA TRP T 53 13.77 -35.07 -49.87
C TRP T 53 12.64 -35.64 -50.69
N LYS T 54 11.44 -35.07 -50.58
CA LYS T 54 10.27 -35.65 -51.20
C LYS T 54 10.37 -35.69 -52.73
N HIS T 55 11.29 -34.94 -53.30
CA HIS T 55 11.59 -35.00 -54.71
C HIS T 55 12.73 -35.96 -55.03
N ILE T 56 13.31 -36.60 -54.03
CA ILE T 56 14.25 -37.71 -54.20
C ILE T 56 13.80 -38.91 -53.38
N LYS T 57 12.59 -38.84 -52.83
CA LYS T 57 12.03 -39.84 -51.94
C LYS T 57 11.49 -41.05 -52.69
N HIS T 58 11.66 -41.09 -54.02
CA HIS T 58 11.25 -42.19 -54.86
C HIS T 58 12.42 -42.99 -55.40
N LYS T 59 13.57 -42.34 -55.63
CA LYS T 59 14.74 -43.07 -56.10
C LYS T 59 15.17 -44.13 -55.09
N TYR T 60 15.08 -43.79 -53.81
CA TYR T 60 15.42 -44.72 -52.74
C TYR T 60 14.19 -45.03 -51.91
CHA HEM U . 20.90 -32.22 -2.75
CHB HEM U . 16.34 -31.46 -1.37
CHC HEM U . 16.84 -26.88 -2.60
CHD HEM U . 20.87 -27.95 -4.99
C1A HEM U . 19.70 -32.33 -2.07
C2A HEM U . 19.39 -33.25 -0.99
C3A HEM U . 18.14 -33.01 -0.63
C4A HEM U . 17.60 -31.96 -1.45
CMA HEM U . 17.36 -33.74 0.48
CAA HEM U . 20.27 -34.32 -0.30
CBA HEM U . 21.27 -35.01 -1.21
CGA HEM U . 22.30 -35.70 -0.34
O1A HEM U . 22.25 -35.50 0.90
O2A HEM U . 23.17 -36.43 -0.88
C1B HEM U . 16.06 -30.13 -1.51
C2B HEM U . 14.88 -29.40 -1.11
C3B HEM U . 15.04 -28.13 -1.49
C4B HEM U . 16.34 -28.03 -2.10
CMB HEM U . 13.68 -30.01 -0.39
CAB HEM U . 14.14 -26.89 -1.29
CBB HEM U . 13.06 -26.88 -0.50
C1C HEM U . 18.01 -26.80 -3.29
C2C HEM U . 18.60 -25.54 -3.64
C3C HEM U . 19.71 -25.80 -4.30
C4C HEM U . 19.86 -27.24 -4.39
CMC HEM U . 17.93 -24.20 -3.26
CAC HEM U . 20.71 -24.79 -4.89
CBC HEM U . 20.63 -23.47 -4.66
C1D HEM U . 21.22 -29.23 -4.63
C2D HEM U . 22.31 -30.01 -5.15
C3D HEM U . 22.32 -31.19 -4.52
C4D HEM U . 21.22 -31.19 -3.58
CMD HEM U . 23.30 -29.58 -6.25
CAD HEM U . 23.29 -32.37 -4.74
CBD HEM U . 24.05 -32.60 -3.45
CGD HEM U . 23.85 -33.98 -2.93
O1D HEM U . 23.07 -34.76 -3.55
O2D HEM U . 24.46 -34.31 -1.87
NA HEM U . 18.59 -31.57 -2.33
NB HEM U . 16.92 -29.27 -2.15
NC HEM U . 18.79 -27.82 -3.75
ND HEM U . 20.59 -29.98 -3.67
FE HEM U . 18.70 -29.78 -3.27
CHA HEM V . 1.54 -18.29 9.20
CHB HEM V . 5.52 -18.10 6.47
CHC HEM V . 4.45 -22.48 4.87
CHD HEM V . -0.03 -22.00 6.57
C1A HEM V . 2.78 -17.95 8.72
C2A HEM V . 3.67 -16.98 9.30
C3A HEM V . 4.76 -16.92 8.57
C4A HEM V . 4.60 -17.85 7.47
CMA HEM V . 5.98 -16.03 8.82
CAA HEM V . 3.38 -16.18 10.59
CBA HEM V . 3.91 -16.97 11.76
CGA HEM V . 2.76 -17.64 12.47
O1A HEM V . 3.00 -18.37 13.47
O2A HEM V . 1.60 -17.42 12.04
C1B HEM V . 5.59 -19.28 5.79
C2B HEM V . 6.62 -19.67 4.86
C3B HEM V . 6.32 -20.90 4.41
C4B HEM V . 5.09 -21.30 5.05
CMB HEM V . 7.83 -18.78 4.48
CAB HEM V . 7.06 -21.81 3.42
CBB HEM V . 8.26 -21.51 2.90
C1C HEM V . 3.15 -22.72 5.21
C2C HEM V . 2.46 -23.96 4.96
C3C HEM V . 1.23 -23.85 5.43
C4C HEM V . 1.09 -22.52 5.98
CMC HEM V . 3.04 -25.22 4.28
CAC HEM V . 0.20 -25.00 5.32
CBC HEM V . -1.06 -24.88 5.74
C1D HEM V . -0.02 -20.92 7.41
C2D HEM V . -1.16 -20.32 8.06
C3D HEM V . -0.72 -19.30 8.79
C4D HEM V . 0.71 -19.21 8.62
CMD HEM V . -2.61 -20.79 7.93
CAD HEM V . -1.64 -18.39 9.63
CBD HEM V . -1.09 -18.19 11.03
CGD HEM V . -2.22 -17.93 11.97
O1D HEM V . -3.36 -18.30 11.61
O2D HEM V . -1.99 -17.37 13.07
NA HEM V . 3.38 -18.46 7.59
NB HEM V . 4.67 -20.29 5.89
NC HEM V . 2.29 -21.86 5.85
ND HEM V . 1.12 -20.22 7.77
FE HEM V . 3.10 -20.29 6.88
FE HEC W . 35.89 -58.51 -0.54
CHA HEC W . 32.63 -58.47 -1.23
CHB HEC W . 35.55 -56.14 1.82
CHC HEC W . 39.31 -58.78 0.38
CHD HEC W . 36.65 -60.09 -3.43
NA HEC W . 34.39 -57.52 0.18
C1A HEC W . 33.09 -57.61 -0.26
C2A HEC W . 32.30 -56.65 0.47
C3A HEC W . 33.12 -56.00 1.31
C4A HEC W . 34.44 -56.54 1.14
CMA HEC W . 32.77 -54.88 2.30
CAA HEC W . 30.79 -56.41 0.28
CBA HEC W . 30.06 -56.47 1.62
CGA HEC W . 28.64 -56.00 1.42
O1A HEC W . 28.20 -55.87 0.26
O2A HEC W . 27.94 -55.75 2.44
NB HEC W . 37.28 -57.49 0.75
C1B HEC W . 36.75 -56.80 1.81
C2B HEC W . 37.65 -56.91 2.94
C3B HEC W . 38.69 -57.65 2.57
C4B HEC W . 38.49 -58.01 1.18
CMB HEC W . 37.41 -56.29 4.33
CAB HEC W . 39.92 -58.03 3.42
CBB HEC W . 39.57 -58.58 4.81
NC HEC W . 37.64 -59.25 -1.35
C1C HEC W . 38.91 -59.33 -0.81
C2C HEC W . 39.73 -60.15 -1.68
C3C HEC W . 39.01 -60.41 -2.76
C4C HEC W . 37.68 -59.92 -2.55
CMC HEC W . 41.25 -60.37 -1.52
CAC HEC W . 39.48 -61.22 -3.99
CBC HEC W . 39.87 -62.63 -3.54
ND HEC W . 34.80 -59.14 -2.11
C1D HEC W . 35.32 -59.87 -3.17
C2D HEC W . 34.24 -60.36 -3.99
C3D HEC W . 32.97 -59.86 -3.30
C4D HEC W . 33.41 -59.11 -2.15
CMD HEC W . 34.34 -61.22 -5.26
CAD HEC W . 31.55 -60.14 -3.81
CBD HEC W . 30.60 -60.48 -2.67
CGD HEC W . 29.27 -60.78 -3.29
O1D HEC W . 28.28 -60.98 -2.54
O2D HEC W . 29.20 -60.83 -4.55
CHA HEM X . 23.83 -19.30 -23.25
CHB HEM X . 23.74 -14.67 -21.90
CHC HEM X . 20.18 -15.75 -18.91
CHD HEM X . 21.12 -20.43 -19.43
C1A HEM X . 23.94 -17.93 -23.30
C2A HEM X . 24.32 -17.11 -24.43
C3A HEM X . 24.28 -15.84 -24.03
C4A HEM X . 23.89 -15.81 -22.64
CMA HEM X . 24.61 -14.62 -24.89
CAA HEM X . 24.70 -17.52 -25.87
CBA HEM X . 25.50 -18.81 -25.96
CGA HEM X . 25.47 -19.28 -27.40
O1A HEM X . 24.77 -18.64 -28.22
O2A HEM X . 26.13 -20.30 -27.72
C1B HEM X . 22.71 -14.51 -21.01
C2B HEM X . 22.20 -13.30 -20.42
C3B HEM X . 21.23 -13.63 -19.57
C4B HEM X . 21.08 -15.05 -19.63
CMB HEM X . 22.72 -11.88 -20.73
CAB HEM X . 20.30 -12.75 -18.71
CBB HEM X . 20.20 -11.43 -18.82
C1C HEM X . 20.11 -17.11 -18.86
C2C HEM X . 19.03 -17.79 -18.21
C3C HEM X . 19.27 -19.10 -18.33
C4C HEM X . 20.51 -19.26 -19.07
CMC HEM X . 17.88 -17.04 -17.53
CAC HEM X . 18.41 -20.25 -17.81
CBC HEM X . 17.19 -20.08 -17.28
C1D HEM X . 22.00 -20.54 -20.49
C2D HEM X . 22.65 -21.74 -20.95
C3D HEM X . 23.38 -21.42 -22.01
C4D HEM X . 23.23 -20.01 -22.25
CMD HEM X . 22.52 -23.15 -20.33
CAD HEM X . 24.28 -22.36 -22.85
CBD HEM X . 23.71 -22.39 -24.27
CGD HEM X . 24.73 -21.91 -25.27
O1D HEM X . 25.85 -21.54 -24.86
O2D HEM X . 24.40 -21.90 -26.48
NA HEM X . 23.67 -17.11 -22.21
NB HEM X . 22.02 -15.58 -20.47
NC HEM X . 21.00 -18.01 -19.38
ND HEM X . 22.37 -19.51 -21.31
FE HEM X . 22.52 -17.68 -20.66
CHA HEM Y . 11.38 3.35 -16.75
CHB HEM Y . 11.41 -1.45 -16.37
CHC HEM Y . 16.17 -1.29 -16.89
CHD HEM Y . 16.11 3.43 -15.97
C1A HEM Y . 10.98 2.04 -16.76
C2A HEM Y . 9.67 1.57 -17.10
C3A HEM Y . 9.67 0.24 -17.00
C4A HEM Y . 10.99 -0.16 -16.59
CMA HEM Y . 8.47 -0.69 -17.28
CAA HEM Y . 8.48 2.45 -17.52
CBA HEM Y . 8.51 2.57 -19.04
CGA HEM Y . 9.07 3.92 -19.42
O1A HEM Y . 9.21 4.21 -20.63
O2A HEM Y . 9.39 4.71 -18.49
C1B HEM Y . 12.72 -1.85 -16.48
C2B HEM Y . 13.21 -3.20 -16.42
C3B HEM Y . 14.55 -3.16 -16.56
C4B HEM Y . 14.91 -1.77 -16.71
CMB HEM Y . 12.32 -4.45 -16.23
CAB HEM Y . 15.58 -4.29 -16.60
CBB HEM Y . 15.26 -5.59 -16.58
C1C HEM Y . 16.55 0.00 -16.70
C2C HEM Y . 17.90 0.48 -16.83
C3C HEM Y . 17.91 1.77 -16.60
C4C HEM Y . 16.55 2.17 -16.28
CMC HEM Y . 19.14 -0.36 -17.19
CAC HEM Y . 19.21 2.62 -16.65
CBC HEM Y . 19.24 3.92 -16.36
C1D HEM Y . 14.81 3.83 -16.07
C2D HEM Y . 14.29 5.13 -15.75
C3D HEM Y . 12.99 5.12 -15.97
C4D HEM Y . 12.63 3.79 -16.43
CMD HEM Y . 15.11 6.34 -15.26
CAD HEM Y . 12.05 6.33 -15.74
CBD HEM Y . 11.13 6.54 -16.93
CGD HEM Y . 10.79 8.00 -17.02
O1D HEM Y . 11.56 8.81 -16.45
O2D HEM Y . 9.77 8.36 -17.66
NA HEM Y . 11.77 0.96 -16.45
NB HEM Y . 13.77 -1.00 -16.65
NC HEM Y . 15.74 1.06 -16.36
ND HEM Y . 13.78 3.02 -16.47
FE HEM Y . 13.73 0.87 -16.70
FE HEC Z . 41.71 -31.42 -44.72
CHA HEC Z . 42.66 -28.94 -42.86
CHB HEC Z . 38.73 -29.88 -45.48
CHC HEC Z . 40.82 -33.95 -47.01
CHD HEC Z . 44.00 -33.53 -43.43
NA HEC Z . 40.86 -29.73 -44.32
C1A HEC Z . 41.42 -28.85 -43.44
C2A HEC Z . 40.49 -27.78 -43.21
C3A HEC Z . 39.39 -28.02 -43.93
C4A HEC Z . 39.61 -29.25 -44.63
CMA HEC Z . 38.12 -27.17 -44.03
CAA HEC Z . 40.78 -26.60 -42.27
CBA HEC Z . 40.79 -25.28 -43.01
CGA HEC Z . 41.57 -24.34 -42.15
O1A HEC Z . 42.51 -24.80 -41.46
O2A HEC Z . 41.25 -23.12 -42.15
NB HEC Z . 40.05 -31.89 -45.92
C1B HEC Z . 39.04 -31.00 -46.20
C2B HEC Z . 38.38 -31.42 -47.40
C3B HEC Z . 38.96 -32.53 -47.83
C4B HEC Z . 40.01 -32.85 -46.90
CMB HEC Z . 37.20 -30.69 -48.05
CAB HEC Z . 38.60 -33.36 -49.08
CBB HEC Z . 38.57 -32.47 -50.33
NC HEC Z . 42.23 -33.41 -45.09
C1C HEC Z . 41.86 -34.21 -46.15
C2C HEC Z . 42.85 -35.24 -46.31
C3C HEC Z . 43.59 -35.21 -45.22
C4C HEC Z . 43.31 -33.99 -44.51
CMC HEC Z . 42.72 -36.50 -47.19
CAC HEC Z . 44.73 -36.17 -44.90
CBC HEC Z . 45.88 -35.94 -45.87
ND HEC Z . 43.08 -31.28 -43.27
C1D HEC Z . 44.04 -32.24 -43.02
C2D HEC Z . 45.12 -31.66 -42.28
C3D HEC Z . 44.73 -30.19 -42.10
C4D HEC Z . 43.43 -30.06 -42.74
CMD HEC Z . 46.40 -32.38 -41.80
CAD HEC Z . 45.57 -29.16 -41.35
CBD HEC Z . 45.48 -27.81 -42.06
CGD HEC Z . 46.14 -26.81 -41.18
O1D HEC Z . 46.04 -25.59 -41.47
O2D HEC Z . 46.76 -27.25 -40.18
#